data_7TET
#
_entry.id   7TET
#
_cell.length_a   1.00
_cell.length_b   1.00
_cell.length_c   1.00
_cell.angle_alpha   90.00
_cell.angle_beta   90.00
_cell.angle_gamma   90.00
#
_symmetry.space_group_name_H-M   'P 1'
#
loop_
_entity.id
_entity.type
_entity.pdbx_description
1 polymer 'Glutamate receptor ionotropic, NMDA 1'
2 polymer 'Glutamate receptor ionotropic, NMDA 2B'
3 polymer 'Fab5 heavy chain'
4 polymer 'Fab5 light chain'
#
loop_
_entity_poly.entity_id
_entity_poly.type
_entity_poly.pdbx_seq_one_letter_code
_entity_poly.pdbx_strand_id
1 'polypeptide(L)'
;MSTMHLLTFALLFSCSFARAASDPKIVNIGAVLSTRKHEQMFREAVNQANKRHGSWKIQLQATSVTHKPNAIQMALSVCE
DLISSQVYAILVSHPPTPNDHFTPTPVSYTAGFYRIPVLGLTTRMSIYSDKSIHLSFLRTVPPYSHQSSVWFEMMRVYNW
NHIILLVSDDHEGRAAQKRLETLLEERESKSKKRNYENLDQLSYDNKRGPKAEKVLQFDPGTKNVTALLMEARELEARVI
ILSASEDDAATVYRAAAMLDMTGSGYVWLVGEREISGNALRYAPDGIIGLQLINGKNESAHISDAVGVVAQAVHELLEKE
NITDPPRGCVGNTNIWKTGPLFKRVLMSSKYADGVTGRVEFNEDGDRKFAQYSIMNLQNRKLVQVGIYNGTHVIPNDRKI
IWPGGETEKPRGYQMSTRLKIVTIHQEPFVYVKPTMSDGTCKEEFTVNGDPVKKVICTGPNDTSPGSPRHTVPQCCYGFC
IDLLIKLARTMQFTYEVHLVADGKFGTQERVQNSNKKEWNGMMGELLSGQADMIVAPLTINNERAQYIEFSKPFKYQGLT
ILVKKEIPRSTLDSFMQPFQSTLWLLVGLSVHVVAVMLYLLDRFSPFGRFKVNSQSESTDALTLSSAMWFSWGVLLNSGI
GEGAPRSFSARILGMVWAGFAMIIVASYTANLAAFLVLDRPEERITGINDPRLRNPSDKFIYATVKQSSVDIYFRRQVEL
STMYRHMEKHNYESAAEAIQAVRDNKLHAFIWDSAVLEFEASQKCDLVTTGELFFRSGFGIGMRKDSPWKQQVSLSILKS
HENGFMEDLDKTWVRYQECDSRSNAPATLTCENMAGVFMLVAGGIVAGIFLIFIEIAYKSRA
;
A,C
2 'polypeptide(L)'
;MGTMRLFLLAVLFLFSFARATGWSHPQFEKGGGSGGGSGGSAWSHPQFEKGALVPRGRSQKSPPSIGIAVILVGTSDEVA
IKDAHEKDDFHHLSVVPRVELVAMNETDPKSIITRICDLMSDRKIQGVVFADDTDQEAIAQILDFISAQTLTPILGIHGG
SSMIMADKDESSMFFQFGPSIEQQASVMLNIMEEYDWYIFSIVTTYFPGYQDFVNKIRSTIENSFVGWELEEVLLLDMSL
DDGDSKIQNQLKKLQSPIILLYCTKEEATYIFEVANSVGLTGYGYTWIVPSLVAGDTDTVPSEFPTGLISVSYDEWDYGL
PARVRDGIAIITTAASDMLSEHSFIPEPKSSCYNTHEKRIYQSNMLNRYLINVTFEGRDLSFSEDGYQMHPKLVIILLNK
ERKWERVGKWKDKSLQMKYYVWPRMCPETEEQEDDHLSIVTLEEAPFVIVESVDPLSGTCMRNTVPCQKRIISENKTDEE
PGYIKKCCKGFCIDILKKISKSVKFTYDLYLVTNGKHGKKINGTWNGMIGEVVMKRAYMAVGSLTINEERSEVVDFSVPF
IETGISVMVSRSNGTVSPSAFLEPFSACVWVMMFVMLLIVSAVAVFVFEYFSPVGYNRSLADGREPGGPSVTIGKAIWLL
WGLVFNNSVPVQNPKGTTSKIMVSVWAFFAVIFLASYTANLAAFMIQEEYVDQVSGLSDKKFQRPNDFSPPFRFGTVPNG
STERNIRNNYAEMHAYMGKFNQRGVDDALLSLKTGKLDAFIYDAAVLNYMAGRDEGCKLVTIGSGKVFASTGYGIAIQKD
SGWKRQVDLAILQLFGDGEMEELEALWLTGICHNEKNEVMSSQLDIDNMAGVFYMLGAAMALSLITFISEHLFYWQFRHS
FMG
;
B,D
3 'polypeptide(L)'
;DVKLQESGGGSVKLGGSLKLSCVVSGFTFSTYYMSWVRQTPEKRLELVAVINSNGGNTYYPDNVKGRFTISRDNAENTLY
LQMSSLKSEDTALYYCARRDYDGFAMDYWGQGTSVTVSSAKTTPPSVYPLAPGSAAQTNSMVTLGCLVKGYFPEPVTVTW
NSGSLSSGVHTFPAVLQSDLYTLSSSVTVPSSTWPSETVTCNVAHPASSTKVDKKIVPRDC
;
H,M
4 'polypeptide(L)'
;DIQLTQSPASLAVSLGQRATISCRASQSVSTSRYSYMHWYQHKPGQPPKLLIKYASNLESGVPARFSGSGSGTDFTLNIH
PVEEEDTATYYCQHSWENPYTFGGGTKLEIKRADAAPTVSIFPPSSEQLTSGGASVVCFLNNFYPKDINVKWKIDGSERQ
NGVLNSWTDQDSKDSTYSMSSTLTLTKDEYERHNSYTCEATHKTSTSPI
;
L,N
#
# COMPACT_ATOMS: atom_id res chain seq x y z
N LYS A 25 36.67 -39.05 -50.27
CA LYS A 25 35.55 -38.72 -49.38
C LYS A 25 34.34 -39.58 -49.68
N ILE A 26 34.40 -40.84 -49.26
CA ILE A 26 33.34 -41.81 -49.53
C ILE A 26 32.58 -42.07 -48.23
N VAL A 27 31.25 -42.00 -48.30
CA VAL A 27 30.39 -42.10 -47.12
C VAL A 27 29.42 -43.25 -47.34
N ASN A 28 29.40 -44.20 -46.39
CA ASN A 28 28.45 -45.30 -46.43
C ASN A 28 27.12 -44.87 -45.81
N ILE A 29 26.06 -45.55 -46.22
CA ILE A 29 24.71 -45.29 -45.72
C ILE A 29 23.98 -46.62 -45.61
N GLY A 30 23.49 -46.93 -44.40
CA GLY A 30 22.65 -48.09 -44.21
C GLY A 30 21.19 -47.79 -44.52
N ALA A 31 20.42 -48.84 -44.81
CA ALA A 31 19.00 -48.68 -45.10
C ALA A 31 18.30 -50.00 -44.84
N VAL A 32 17.54 -50.07 -43.75
CA VAL A 32 16.78 -51.27 -43.41
C VAL A 32 15.58 -51.38 -44.34
N LEU A 33 15.66 -52.28 -45.31
CA LEU A 33 14.64 -52.39 -46.34
C LEU A 33 14.12 -53.82 -46.41
N SER A 34 12.89 -53.95 -46.89
CA SER A 34 12.22 -55.26 -46.92
C SER A 34 12.78 -56.15 -48.03
N THR A 35 12.64 -55.74 -49.28
CA THR A 35 13.08 -56.58 -50.38
C THR A 35 14.38 -56.06 -50.98
N ARG A 36 14.96 -56.91 -51.84
CA ARG A 36 16.20 -56.58 -52.52
C ARG A 36 16.02 -55.54 -53.62
N LYS A 37 14.80 -55.42 -54.16
CA LYS A 37 14.53 -54.40 -55.17
C LYS A 37 14.65 -53.00 -54.58
N HIS A 38 14.23 -52.84 -53.33
CA HIS A 38 14.46 -51.61 -52.59
C HIS A 38 15.93 -51.32 -52.41
N GLU A 39 16.73 -52.34 -52.08
CA GLU A 39 18.16 -52.14 -51.95
C GLU A 39 18.84 -51.88 -53.29
N GLN A 40 18.25 -52.37 -54.37
CA GLN A 40 18.76 -52.06 -55.70
C GLN A 40 18.48 -50.63 -56.09
N MET A 41 17.25 -50.17 -55.87
CA MET A 41 16.92 -48.77 -56.15
C MET A 41 17.63 -47.83 -55.19
N PHE A 42 17.96 -48.33 -53.99
CA PHE A 42 18.79 -47.57 -53.05
C PHE A 42 20.20 -47.41 -53.62
N ARG A 43 20.75 -48.48 -54.21
CA ARG A 43 22.10 -48.41 -54.74
C ARG A 43 22.14 -47.52 -55.98
N GLU A 44 21.07 -47.57 -56.79
CA GLU A 44 21.03 -46.74 -58.00
C GLU A 44 20.88 -45.28 -57.62
N ALA A 45 20.13 -45.00 -56.55
CA ALA A 45 20.00 -43.62 -56.11
C ALA A 45 21.30 -43.12 -55.50
N VAL A 46 22.08 -44.03 -54.91
CA VAL A 46 23.41 -43.67 -54.41
C VAL A 46 24.33 -43.30 -55.58
N ASN A 47 24.29 -44.09 -56.66
CA ASN A 47 25.11 -43.77 -57.83
C ASN A 47 24.63 -42.51 -58.55
N GLN A 48 23.33 -42.21 -58.48
CA GLN A 48 22.85 -40.97 -59.07
C GLN A 48 23.25 -39.77 -58.22
N ALA A 49 23.21 -39.90 -56.90
CA ALA A 49 23.65 -38.83 -56.01
C ALA A 49 25.16 -38.79 -55.84
N ASN A 50 25.90 -39.68 -56.51
CA ASN A 50 27.35 -39.58 -56.58
C ASN A 50 27.84 -38.63 -57.66
N LYS A 51 26.96 -37.77 -58.18
CA LYS A 51 27.35 -36.76 -59.15
C LYS A 51 28.25 -35.69 -58.57
N ARG A 52 28.24 -35.51 -57.26
CA ARG A 52 28.98 -34.43 -56.62
C ARG A 52 30.31 -34.93 -56.07
N ILE A 58 33.73 -35.79 -53.03
CA ILE A 58 32.42 -36.10 -52.49
C ILE A 58 31.87 -37.36 -53.13
N GLN A 59 31.97 -38.47 -52.41
CA GLN A 59 31.50 -39.76 -52.91
C GLN A 59 30.63 -40.42 -51.85
N LEU A 60 29.80 -41.35 -52.31
CA LEU A 60 28.87 -42.07 -51.46
C LEU A 60 29.15 -43.56 -51.54
N GLN A 61 28.45 -44.32 -50.70
CA GLN A 61 28.65 -45.76 -50.63
C GLN A 61 27.37 -46.37 -50.09
N ALA A 62 26.93 -47.47 -50.69
CA ALA A 62 25.65 -48.07 -50.37
C ALA A 62 25.88 -49.45 -49.76
N THR A 63 25.55 -49.60 -48.49
CA THR A 63 25.46 -50.90 -47.85
C THR A 63 23.99 -51.29 -47.71
N SER A 64 23.73 -52.58 -47.85
CA SER A 64 22.37 -53.09 -47.92
C SER A 64 21.99 -53.75 -46.61
N VAL A 65 20.89 -53.30 -46.02
CA VAL A 65 20.39 -53.86 -44.78
C VAL A 65 19.01 -54.44 -45.04
N THR A 66 18.86 -55.72 -44.75
CA THR A 66 17.54 -56.32 -44.87
C THR A 66 16.66 -55.87 -43.71
N HIS A 67 15.36 -56.07 -43.87
CA HIS A 67 14.42 -55.84 -42.78
C HIS A 67 14.20 -57.17 -42.06
N LYS A 68 14.50 -57.20 -40.79
CA LYS A 68 14.39 -58.45 -40.08
C LYS A 68 12.92 -58.72 -39.76
N PRO A 69 12.49 -59.98 -39.82
CA PRO A 69 11.10 -60.28 -39.46
C PRO A 69 10.86 -60.25 -37.97
N ASN A 70 11.88 -60.45 -37.16
CA ASN A 70 11.71 -60.53 -35.72
C ASN A 70 12.39 -59.36 -35.03
N ALA A 71 11.94 -59.08 -33.81
CA ALA A 71 12.41 -57.91 -33.07
C ALA A 71 13.80 -58.11 -32.49
N ILE A 72 14.01 -59.25 -31.84
CA ILE A 72 15.28 -59.49 -31.19
C ILE A 72 16.35 -59.83 -32.21
N GLN A 73 15.97 -60.42 -33.33
CA GLN A 73 16.91 -60.64 -34.42
C GLN A 73 17.33 -59.35 -35.12
N MET A 74 16.43 -58.37 -35.19
CA MET A 74 16.84 -57.03 -35.62
C MET A 74 17.79 -56.40 -34.60
N ALA A 75 17.56 -56.65 -33.32
CA ALA A 75 18.52 -56.18 -32.33
C ALA A 75 19.76 -57.05 -32.28
N LEU A 76 19.74 -58.19 -32.95
CA LEU A 76 20.91 -59.03 -33.07
C LEU A 76 21.78 -58.49 -34.20
N SER A 77 21.18 -58.35 -35.38
CA SER A 77 21.88 -57.93 -36.58
C SER A 77 21.98 -56.41 -36.71
N VAL A 78 21.74 -55.65 -35.64
CA VAL A 78 21.72 -54.19 -35.77
C VAL A 78 23.14 -53.64 -35.97
N CYS A 79 24.13 -54.17 -35.25
CA CYS A 79 25.47 -53.58 -35.29
C CYS A 79 26.47 -54.45 -36.04
N GLU A 80 26.02 -55.50 -36.72
CA GLU A 80 26.85 -56.11 -37.74
C GLU A 80 26.98 -55.21 -38.96
N ASP A 81 26.04 -54.30 -39.16
CA ASP A 81 26.19 -53.27 -40.17
C ASP A 81 26.94 -52.07 -39.62
N LEU A 82 27.03 -51.94 -38.29
CA LEU A 82 27.81 -50.87 -37.69
C LEU A 82 29.29 -51.22 -37.59
N ILE A 83 29.70 -52.40 -38.06
CA ILE A 83 31.12 -52.70 -38.22
C ILE A 83 31.74 -51.73 -39.23
N SER A 84 31.02 -51.48 -40.32
CA SER A 84 31.32 -50.37 -41.23
C SER A 84 30.96 -49.09 -40.51
N SER A 85 31.97 -48.38 -40.00
CA SER A 85 31.71 -47.15 -39.26
C SER A 85 31.33 -45.97 -40.15
N GLN A 86 31.49 -46.11 -41.47
CA GLN A 86 31.21 -45.02 -42.38
C GLN A 86 29.71 -44.82 -42.62
N VAL A 87 28.85 -45.65 -42.02
CA VAL A 87 27.42 -45.37 -42.08
C VAL A 87 27.08 -44.19 -41.18
N TYR A 88 26.48 -43.16 -41.77
CA TYR A 88 26.14 -41.95 -41.05
C TYR A 88 24.63 -41.72 -40.97
N ALA A 89 23.83 -42.54 -41.65
CA ALA A 89 22.38 -42.48 -41.55
C ALA A 89 21.81 -43.82 -41.95
N ILE A 90 20.65 -44.15 -41.37
CA ILE A 90 20.01 -45.44 -41.59
C ILE A 90 18.55 -45.18 -41.93
N LEU A 91 18.12 -45.71 -43.07
CA LEU A 91 16.71 -45.73 -43.41
C LEU A 91 16.08 -47.00 -42.83
N VAL A 92 14.85 -46.85 -42.33
CA VAL A 92 14.12 -47.96 -41.73
C VAL A 92 12.73 -48.06 -42.35
N SER A 93 12.10 -49.21 -42.18
CA SER A 93 10.82 -49.51 -42.80
C SER A 93 10.10 -50.55 -41.96
N HIS A 94 8.94 -50.99 -42.45
CA HIS A 94 8.22 -52.09 -41.82
C HIS A 94 8.43 -53.43 -42.51
N THR A 103 6.83 -52.68 -35.67
CA THR A 103 7.33 -51.38 -35.22
C THR A 103 8.85 -51.36 -35.24
N PRO A 104 9.45 -50.26 -35.70
CA PRO A 104 10.92 -50.17 -35.74
C PRO A 104 11.57 -49.77 -34.42
N THR A 105 10.79 -49.88 -33.34
CA THR A 105 11.30 -49.67 -31.99
C THR A 105 12.56 -50.47 -31.65
N PRO A 106 12.71 -51.81 -31.99
CA PRO A 106 13.92 -52.49 -31.56
C PRO A 106 15.13 -52.23 -32.45
N VAL A 107 15.08 -51.18 -33.27
CA VAL A 107 16.27 -50.76 -34.00
C VAL A 107 16.49 -49.26 -33.95
N SER A 108 15.48 -48.45 -33.62
CA SER A 108 15.68 -47.00 -33.67
C SER A 108 16.43 -46.50 -32.45
N TYR A 109 16.34 -47.26 -31.36
CA TYR A 109 17.00 -46.87 -30.13
C TYR A 109 18.51 -46.94 -30.27
N THR A 110 19.02 -47.87 -31.08
CA THR A 110 20.46 -48.07 -31.14
C THR A 110 21.10 -46.91 -31.89
N ALA A 111 20.38 -46.44 -32.92
CA ALA A 111 20.82 -45.28 -33.68
C ALA A 111 20.72 -43.99 -32.87
N GLY A 112 19.64 -43.82 -32.09
CA GLY A 112 19.64 -42.66 -31.20
C GLY A 112 20.61 -42.79 -30.05
N PHE A 113 20.94 -44.02 -29.67
CA PHE A 113 21.99 -44.30 -28.71
C PHE A 113 23.34 -43.91 -29.25
N TYR A 114 23.53 -43.99 -30.56
CA TYR A 114 24.74 -43.48 -31.18
C TYR A 114 24.50 -42.16 -31.90
N ARG A 115 23.32 -41.57 -31.71
CA ARG A 115 22.94 -40.24 -32.18
C ARG A 115 22.99 -40.14 -33.70
N ILE A 116 22.76 -41.26 -34.37
CA ILE A 116 22.81 -41.30 -35.82
C ILE A 116 21.53 -40.65 -36.34
N PRO A 117 21.59 -39.78 -37.33
CA PRO A 117 20.34 -39.28 -37.93
C PRO A 117 19.64 -40.38 -38.71
N VAL A 118 18.36 -40.56 -38.44
CA VAL A 118 17.56 -41.62 -39.04
C VAL A 118 16.47 -41.00 -39.90
N LEU A 119 15.92 -41.82 -40.79
CA LEU A 119 14.63 -41.50 -41.41
C LEU A 119 13.69 -42.68 -41.23
N GLY A 120 12.61 -42.45 -40.48
CA GLY A 120 11.59 -43.46 -40.33
C GLY A 120 10.61 -43.31 -41.47
N LEU A 121 10.76 -44.09 -42.54
CA LEU A 121 10.02 -43.81 -43.77
C LEU A 121 8.56 -44.24 -43.67
N THR A 122 8.28 -45.36 -43.03
CA THR A 122 6.93 -45.93 -43.00
C THR A 122 6.29 -45.80 -41.63
N THR A 123 6.47 -44.66 -41.00
CA THR A 123 6.01 -44.43 -39.63
C THR A 123 4.69 -43.70 -39.69
N ARG A 124 3.64 -44.35 -39.21
CA ARG A 124 2.38 -43.67 -38.95
C ARG A 124 2.08 -43.59 -37.46
N MET A 125 3.05 -43.92 -36.62
CA MET A 125 2.90 -43.95 -35.18
C MET A 125 3.37 -42.62 -34.58
N SER A 126 2.58 -42.06 -33.68
CA SER A 126 2.88 -40.81 -33.02
C SER A 126 3.72 -40.95 -31.75
N ILE A 127 4.11 -42.17 -31.39
CA ILE A 127 4.97 -42.33 -30.21
C ILE A 127 6.38 -41.82 -30.50
N TYR A 128 6.85 -41.96 -31.73
CA TYR A 128 8.14 -41.42 -32.11
C TYR A 128 8.12 -39.91 -32.31
N SER A 129 6.93 -39.31 -32.41
CA SER A 129 6.84 -37.85 -32.52
C SER A 129 7.25 -37.14 -31.25
N ASP A 130 7.27 -37.83 -30.11
CA ASP A 130 7.95 -37.33 -28.94
C ASP A 130 9.45 -37.29 -29.23
N LYS A 131 9.98 -36.10 -29.44
CA LYS A 131 11.40 -35.95 -29.71
C LYS A 131 12.22 -35.73 -28.44
N SER A 132 11.61 -35.92 -27.27
CA SER A 132 12.37 -36.01 -26.03
C SER A 132 12.94 -37.40 -25.79
N ILE A 133 12.51 -38.39 -26.57
CA ILE A 133 13.11 -39.72 -26.51
C ILE A 133 14.51 -39.70 -27.09
N HIS A 134 14.76 -38.80 -28.06
CA HIS A 134 16.02 -38.66 -28.81
C HIS A 134 16.38 -39.91 -29.59
N LEU A 135 15.39 -40.76 -29.86
CA LEU A 135 15.54 -41.90 -30.75
C LEU A 135 14.65 -41.73 -31.97
N SER A 136 14.40 -40.48 -32.33
CA SER A 136 13.44 -40.11 -33.35
C SER A 136 14.17 -39.65 -34.60
N PHE A 137 13.41 -39.14 -35.56
CA PHE A 137 13.94 -38.80 -36.87
C PHE A 137 13.31 -37.49 -37.31
N LEU A 138 13.95 -36.86 -38.29
CA LEU A 138 13.28 -35.78 -39.02
C LEU A 138 12.22 -36.36 -39.94
N ARG A 139 11.02 -35.78 -39.85
CA ARG A 139 9.80 -36.45 -40.26
C ARG A 139 9.65 -36.58 -41.77
N THR A 140 9.09 -37.72 -42.18
CA THR A 140 8.51 -37.95 -43.49
C THR A 140 7.08 -37.41 -43.48
N VAL A 141 6.20 -38.02 -44.27
CA VAL A 141 4.75 -37.91 -44.15
C VAL A 141 4.30 -37.96 -42.68
N PRO A 142 3.26 -37.19 -42.31
CA PRO A 142 2.89 -37.08 -40.90
C PRO A 142 2.36 -38.39 -40.35
N PRO A 143 2.57 -38.66 -39.03
CA PRO A 143 2.19 -39.97 -38.47
C PRO A 143 0.70 -40.24 -38.48
N TYR A 144 -0.09 -39.53 -37.68
CA TYR A 144 -1.52 -39.59 -37.90
C TYR A 144 -2.20 -38.25 -37.67
N SER A 145 -1.76 -37.53 -36.65
CA SER A 145 -2.61 -36.51 -36.04
C SER A 145 -2.61 -35.20 -36.79
N HIS A 146 -1.74 -35.03 -37.77
CA HIS A 146 -1.54 -33.73 -38.39
C HIS A 146 -2.64 -33.39 -39.39
N GLN A 147 -3.50 -34.34 -39.72
CA GLN A 147 -4.68 -34.07 -40.53
C GLN A 147 -5.70 -33.23 -39.79
N SER A 148 -5.56 -33.11 -38.47
CA SER A 148 -6.50 -32.31 -37.71
C SER A 148 -6.30 -30.82 -37.97
N SER A 149 -5.13 -30.42 -38.47
CA SER A 149 -4.96 -29.07 -38.96
C SER A 149 -5.84 -28.82 -40.18
N VAL A 150 -5.95 -29.81 -41.07
CA VAL A 150 -6.89 -29.71 -42.19
C VAL A 150 -8.32 -29.73 -41.69
N TRP A 151 -8.56 -30.43 -40.59
CA TRP A 151 -9.89 -30.41 -39.98
C TRP A 151 -10.22 -29.05 -39.40
N PHE A 152 -9.21 -28.37 -38.87
CA PHE A 152 -9.38 -26.98 -38.46
C PHE A 152 -9.55 -26.06 -39.67
N GLU A 153 -8.92 -26.41 -40.81
CA GLU A 153 -9.14 -25.62 -42.00
C GLU A 153 -10.44 -25.99 -42.71
N MET A 154 -11.19 -26.94 -42.18
CA MET A 154 -12.51 -27.20 -42.73
C MET A 154 -13.48 -26.07 -42.39
N MET A 155 -13.24 -25.37 -41.28
CA MET A 155 -14.06 -24.20 -40.99
C MET A 155 -13.71 -23.01 -41.86
N ARG A 156 -12.60 -23.04 -42.59
CA ARG A 156 -12.42 -22.03 -43.62
C ARG A 156 -13.41 -22.23 -44.76
N VAL A 157 -13.87 -23.47 -44.95
CA VAL A 157 -14.99 -23.71 -45.85
C VAL A 157 -16.31 -23.44 -45.13
N TYR A 158 -16.35 -23.61 -43.81
CA TYR A 158 -17.64 -23.76 -43.15
C TYR A 158 -17.91 -22.76 -42.03
N ASN A 159 -16.90 -22.43 -41.21
CA ASN A 159 -17.06 -21.62 -39.99
C ASN A 159 -18.12 -22.19 -39.06
N TRP A 160 -18.19 -23.52 -39.00
CA TRP A 160 -19.11 -24.17 -38.10
C TRP A 160 -18.62 -24.03 -36.67
N ASN A 161 -19.56 -23.84 -35.74
CA ASN A 161 -19.21 -23.72 -34.33
C ASN A 161 -20.21 -24.53 -33.50
N HIS A 162 -20.60 -25.68 -34.00
CA HIS A 162 -21.33 -26.65 -33.21
C HIS A 162 -20.71 -28.01 -33.52
N ILE A 163 -19.63 -28.31 -32.81
CA ILE A 163 -18.71 -29.39 -33.16
C ILE A 163 -18.45 -30.22 -31.92
N ILE A 164 -18.67 -31.52 -32.03
CA ILE A 164 -18.44 -32.47 -30.95
C ILE A 164 -17.25 -33.35 -31.34
N LEU A 165 -16.41 -33.65 -30.38
CA LEU A 165 -15.20 -34.42 -30.61
C LEU A 165 -15.22 -35.64 -29.71
N LEU A 166 -15.04 -36.82 -30.31
CA LEU A 166 -14.88 -38.07 -29.59
C LEU A 166 -13.44 -38.53 -29.69
N VAL A 167 -12.82 -38.82 -28.55
CA VAL A 167 -11.45 -39.28 -28.48
C VAL A 167 -11.43 -40.65 -27.81
N SER A 168 -10.86 -41.64 -28.49
CA SER A 168 -10.50 -42.88 -27.82
C SER A 168 -9.34 -42.64 -26.88
N ASP A 169 -9.45 -43.16 -25.65
CA ASP A 169 -8.45 -42.84 -24.64
C ASP A 169 -7.14 -43.56 -24.91
N ASP A 170 -6.26 -42.88 -25.63
CA ASP A 170 -4.90 -43.34 -25.87
C ASP A 170 -3.99 -42.13 -25.87
N HIS A 171 -2.69 -42.40 -25.74
CA HIS A 171 -1.68 -41.36 -25.72
C HIS A 171 -1.64 -40.63 -27.07
N GLU A 172 -1.80 -41.37 -28.17
CA GLU A 172 -1.93 -40.75 -29.49
C GLU A 172 -3.19 -39.92 -29.61
N GLY A 173 -4.27 -40.37 -28.97
CA GLY A 173 -5.45 -39.54 -28.85
C GLY A 173 -5.21 -38.32 -27.98
N ARG A 174 -4.42 -38.47 -26.92
CA ARG A 174 -4.14 -37.33 -26.06
C ARG A 174 -3.26 -36.31 -26.78
N ALA A 175 -2.35 -36.80 -27.62
CA ALA A 175 -1.53 -35.89 -28.42
C ALA A 175 -2.40 -35.17 -29.44
N ALA A 176 -3.44 -35.86 -29.95
CA ALA A 176 -4.34 -35.15 -30.86
C ALA A 176 -5.19 -34.15 -30.09
N GLN A 177 -5.46 -34.42 -28.81
CA GLN A 177 -6.21 -33.47 -28.00
C GLN A 177 -5.43 -32.17 -27.85
N LYS A 178 -4.17 -32.28 -27.42
CA LYS A 178 -3.33 -31.08 -27.29
C LYS A 178 -3.04 -30.44 -28.63
N ARG A 179 -3.07 -31.21 -29.72
CA ARG A 179 -2.96 -30.61 -31.05
C ARG A 179 -4.17 -29.74 -31.36
N LEU A 180 -5.38 -30.22 -31.03
CA LEU A 180 -6.57 -29.41 -31.29
C LEU A 180 -6.64 -28.20 -30.37
N GLU A 181 -6.20 -28.35 -29.12
CA GLU A 181 -6.15 -27.21 -28.22
C GLU A 181 -5.14 -26.15 -28.67
N THR A 182 -4.03 -26.56 -29.28
CA THR A 182 -3.16 -25.59 -29.95
C THR A 182 -3.83 -24.98 -31.19
N LEU A 183 -4.59 -25.79 -31.93
CA LEU A 183 -5.24 -25.31 -33.14
C LEU A 183 -6.37 -24.33 -32.85
N LEU A 184 -7.00 -24.43 -31.69
CA LEU A 184 -8.14 -23.58 -31.37
C LEU A 184 -7.71 -22.21 -30.88
N GLU A 185 -6.50 -22.08 -30.35
CA GLU A 185 -6.04 -20.84 -29.72
C GLU A 185 -5.70 -19.81 -30.80
N GLU A 186 -6.63 -18.90 -31.05
CA GLU A 186 -6.45 -17.85 -32.05
C GLU A 186 -7.26 -16.61 -31.67
N GLY A 209 -15.47 -18.40 -33.46
CA GLY A 209 -14.66 -19.52 -33.88
C GLY A 209 -15.30 -20.85 -33.62
N PRO A 210 -14.65 -21.93 -34.07
CA PRO A 210 -15.16 -23.30 -33.83
C PRO A 210 -14.82 -23.83 -32.44
N LYS A 211 -15.27 -23.10 -31.42
CA LYS A 211 -14.92 -23.35 -30.02
C LYS A 211 -16.06 -23.99 -29.25
N ALA A 212 -16.86 -24.85 -29.90
CA ALA A 212 -18.11 -25.33 -29.35
C ALA A 212 -18.05 -26.20 -28.10
N GLU A 213 -17.52 -27.41 -28.22
CA GLU A 213 -17.64 -28.41 -27.16
C GLU A 213 -16.29 -29.03 -26.84
N LYS A 214 -16.10 -29.33 -25.56
CA LYS A 214 -14.80 -29.73 -25.04
C LYS A 214 -14.29 -31.06 -25.60
N VAL A 215 -14.90 -32.18 -25.25
CA VAL A 215 -14.38 -33.52 -25.52
C VAL A 215 -15.51 -34.50 -25.28
N LEU A 216 -15.35 -35.70 -25.83
CA LEU A 216 -16.01 -36.90 -25.33
C LEU A 216 -14.96 -37.99 -25.18
N GLN A 217 -14.91 -38.60 -24.00
CA GLN A 217 -13.92 -39.65 -23.80
C GLN A 217 -14.47 -41.01 -24.23
N PHE A 218 -13.55 -41.93 -24.46
CA PHE A 218 -13.91 -43.29 -24.86
C PHE A 218 -12.82 -44.25 -24.43
N ASP A 219 -13.21 -45.34 -23.77
CA ASP A 219 -12.27 -46.38 -23.42
C ASP A 219 -12.08 -47.37 -24.57
N PRO A 220 -10.88 -47.47 -25.14
CA PRO A 220 -10.64 -48.47 -26.19
C PRO A 220 -10.62 -49.89 -25.61
N GLY A 221 -11.24 -50.81 -26.32
CA GLY A 221 -11.28 -52.20 -25.90
C GLY A 221 -12.64 -52.76 -25.55
N THR A 222 -13.65 -51.92 -25.37
CA THR A 222 -15.02 -52.34 -25.11
C THR A 222 -15.89 -51.88 -26.26
N LYS A 223 -17.17 -52.22 -26.23
CA LYS A 223 -18.06 -51.71 -27.27
C LYS A 223 -18.70 -50.43 -26.74
N ASN A 224 -19.61 -50.57 -25.77
CA ASN A 224 -20.14 -49.54 -24.84
C ASN A 224 -20.31 -48.14 -25.44
N VAL A 225 -20.89 -48.06 -26.63
CA VAL A 225 -21.05 -46.76 -27.28
C VAL A 225 -22.36 -46.10 -26.90
N THR A 226 -23.45 -46.85 -27.01
CA THR A 226 -24.79 -46.29 -26.84
C THR A 226 -25.04 -45.81 -25.42
N ALA A 227 -24.55 -46.57 -24.43
CA ALA A 227 -24.66 -46.18 -23.03
C ALA A 227 -23.83 -44.95 -22.72
N LEU A 228 -22.76 -44.71 -23.46
CA LEU A 228 -21.97 -43.52 -23.22
C LEU A 228 -22.58 -42.37 -24.02
N LEU A 229 -22.66 -42.53 -25.32
CA LEU A 229 -22.87 -41.43 -26.25
C LEU A 229 -24.33 -41.28 -26.65
N MET A 230 -25.26 -41.79 -25.83
CA MET A 230 -26.66 -41.44 -26.02
C MET A 230 -26.90 -39.96 -25.69
N GLU A 231 -26.07 -39.41 -24.80
CA GLU A 231 -26.07 -37.97 -24.52
C GLU A 231 -25.73 -37.14 -25.75
N ALA A 232 -24.92 -37.67 -26.66
CA ALA A 232 -24.47 -36.89 -27.81
C ALA A 232 -25.58 -36.66 -28.83
N ARG A 233 -26.65 -37.44 -28.77
CA ARG A 233 -27.84 -37.11 -29.56
C ARG A 233 -28.44 -35.78 -29.14
N GLU A 234 -28.30 -35.40 -27.86
CA GLU A 234 -29.00 -34.25 -27.32
C GLU A 234 -28.18 -32.96 -27.30
N LEU A 235 -26.89 -33.02 -27.63
CA LEU A 235 -26.00 -31.89 -27.37
C LEU A 235 -25.91 -30.94 -28.56
N GLU A 236 -27.06 -30.58 -29.12
CA GLU A 236 -27.32 -29.37 -29.89
C GLU A 236 -26.41 -29.16 -31.10
N ALA A 237 -25.69 -30.18 -31.53
CA ALA A 237 -24.67 -29.99 -32.55
C ALA A 237 -24.73 -31.15 -33.53
N ARG A 238 -24.16 -30.91 -34.70
CA ARG A 238 -24.31 -31.84 -35.81
C ARG A 238 -22.98 -32.34 -36.36
N VAL A 239 -21.87 -31.77 -35.93
CA VAL A 239 -20.56 -32.13 -36.46
C VAL A 239 -19.91 -33.19 -35.59
N ILE A 240 -19.55 -34.32 -36.19
CA ILE A 240 -18.96 -35.44 -35.50
C ILE A 240 -17.56 -35.66 -36.05
N ILE A 241 -16.56 -35.69 -35.17
CA ILE A 241 -15.18 -35.95 -35.55
C ILE A 241 -14.72 -37.21 -34.83
N LEU A 242 -14.34 -38.23 -35.60
CA LEU A 242 -13.92 -39.51 -35.06
C LEU A 242 -12.40 -39.61 -35.07
N SER A 243 -11.82 -40.04 -33.95
CA SER A 243 -10.38 -40.25 -33.83
C SER A 243 -10.20 -41.49 -32.95
N ALA A 244 -10.09 -42.65 -33.60
CA ALA A 244 -9.95 -43.92 -32.88
C ALA A 244 -9.36 -44.95 -33.84
N SER A 245 -9.42 -46.21 -33.42
CA SER A 245 -9.05 -47.30 -34.30
C SER A 245 -10.20 -47.62 -35.26
N GLU A 246 -9.89 -48.51 -36.20
CA GLU A 246 -10.87 -48.91 -37.20
C GLU A 246 -11.93 -49.83 -36.61
N ASP A 247 -11.59 -50.55 -35.55
CA ASP A 247 -12.54 -51.48 -34.97
C ASP A 247 -13.53 -50.74 -34.10
N ASP A 248 -13.04 -49.73 -33.38
CA ASP A 248 -13.94 -48.86 -32.66
C ASP A 248 -14.77 -48.03 -33.63
N ALA A 249 -14.23 -47.76 -34.81
CA ALA A 249 -14.99 -47.08 -35.86
C ALA A 249 -16.15 -47.95 -36.32
N ALA A 250 -15.92 -49.25 -36.48
CA ALA A 250 -17.03 -50.12 -36.84
C ALA A 250 -18.03 -50.26 -35.70
N THR A 251 -17.54 -50.18 -34.46
CA THR A 251 -18.43 -50.26 -33.31
C THR A 251 -19.34 -49.04 -33.21
N VAL A 252 -18.78 -47.84 -33.40
CA VAL A 252 -19.60 -46.64 -33.47
C VAL A 252 -20.53 -46.70 -34.67
N TYR A 253 -20.05 -47.25 -35.81
CA TYR A 253 -20.86 -47.28 -37.01
C TYR A 253 -22.13 -48.09 -36.80
N ARG A 254 -22.00 -49.24 -36.15
CA ARG A 254 -23.19 -50.05 -35.86
C ARG A 254 -24.01 -49.48 -34.71
N ALA A 255 -23.39 -48.74 -33.80
CA ALA A 255 -24.21 -48.23 -32.70
C ALA A 255 -24.93 -46.96 -33.11
N ALA A 256 -24.29 -46.13 -33.93
CA ALA A 256 -24.93 -44.95 -34.49
C ALA A 256 -25.97 -45.33 -35.52
N ALA A 257 -25.81 -46.50 -36.17
CA ALA A 257 -26.90 -47.04 -36.97
C ALA A 257 -28.06 -47.45 -36.08
N MET A 258 -27.77 -48.03 -34.91
CA MET A 258 -28.84 -48.35 -33.99
C MET A 258 -29.50 -47.10 -33.41
N LEU A 259 -28.73 -46.03 -33.23
CA LEU A 259 -29.25 -44.80 -32.64
C LEU A 259 -29.71 -43.78 -33.66
N ASP A 260 -29.60 -44.08 -34.97
CA ASP A 260 -29.89 -43.15 -36.06
C ASP A 260 -29.10 -41.84 -35.91
N MET A 261 -27.83 -41.96 -35.59
CA MET A 261 -26.95 -40.80 -35.46
C MET A 261 -26.23 -40.50 -36.75
N THR A 262 -26.50 -41.25 -37.81
CA THR A 262 -25.95 -41.00 -39.14
C THR A 262 -27.09 -40.66 -40.09
N GLY A 263 -28.04 -39.87 -39.63
CA GLY A 263 -29.14 -39.42 -40.44
C GLY A 263 -28.95 -38.01 -40.95
N SER A 264 -30.07 -37.36 -41.26
CA SER A 264 -30.02 -36.01 -41.82
C SER A 264 -29.59 -35.00 -40.75
N GLY A 265 -28.89 -33.97 -41.21
CA GLY A 265 -28.24 -33.04 -40.32
C GLY A 265 -26.88 -33.49 -39.82
N TYR A 266 -26.77 -34.77 -39.47
CA TYR A 266 -25.54 -35.34 -38.92
C TYR A 266 -24.48 -35.38 -40.00
N VAL A 267 -23.55 -34.44 -39.95
CA VAL A 267 -22.37 -34.48 -40.80
C VAL A 267 -21.22 -35.12 -40.03
N TRP A 268 -20.43 -35.93 -40.72
CA TRP A 268 -19.45 -36.79 -40.08
C TRP A 268 -18.08 -36.58 -40.69
N LEU A 269 -17.08 -36.53 -39.84
CA LEU A 269 -15.71 -36.27 -40.26
C LEU A 269 -14.84 -37.35 -39.64
N VAL A 270 -14.01 -37.99 -40.45
CA VAL A 270 -13.15 -39.07 -39.99
C VAL A 270 -11.71 -38.76 -40.42
N GLY A 271 -10.79 -39.68 -40.16
CA GLY A 271 -9.43 -39.53 -40.62
C GLY A 271 -9.06 -40.48 -41.74
N GLU A 272 -7.93 -41.16 -41.65
CA GLU A 272 -7.55 -42.14 -42.67
C GLU A 272 -7.46 -43.57 -42.16
N ARG A 273 -6.89 -43.78 -40.98
CA ARG A 273 -6.73 -45.13 -40.45
C ARG A 273 -8.02 -45.75 -39.96
N GLU A 274 -9.07 -44.95 -39.76
CA GLU A 274 -10.37 -45.56 -39.52
C GLU A 274 -10.94 -46.18 -40.78
N ILE A 275 -10.53 -45.69 -41.95
CA ILE A 275 -11.06 -46.17 -43.22
C ILE A 275 -10.36 -47.49 -43.53
N SER A 276 -11.03 -48.61 -43.26
CA SER A 276 -10.59 -49.91 -43.74
C SER A 276 -11.84 -50.71 -44.08
N GLY A 277 -11.63 -51.90 -44.65
CA GLY A 277 -12.74 -52.65 -45.23
C GLY A 277 -13.75 -53.14 -44.21
N ASN A 278 -13.30 -53.37 -42.98
CA ASN A 278 -14.23 -53.73 -41.91
C ASN A 278 -15.13 -52.55 -41.58
N ALA A 279 -14.54 -51.35 -41.50
CA ALA A 279 -15.33 -50.14 -41.32
C ALA A 279 -16.07 -49.78 -42.59
N LEU A 280 -15.48 -50.10 -43.75
CA LEU A 280 -16.10 -49.76 -45.03
C LEU A 280 -17.39 -50.53 -45.25
N ARG A 281 -17.51 -51.73 -44.69
CA ARG A 281 -18.80 -52.41 -44.74
C ARG A 281 -19.83 -51.68 -43.88
N TYR A 282 -19.40 -51.08 -42.78
CA TYR A 282 -20.30 -50.41 -41.85
C TYR A 282 -20.33 -48.91 -42.01
N ALA A 283 -19.55 -48.35 -42.90
CA ALA A 283 -19.59 -46.90 -43.12
C ALA A 283 -20.83 -46.54 -43.91
N PRO A 284 -21.64 -45.60 -43.42
CA PRO A 284 -22.77 -45.12 -44.22
C PRO A 284 -22.28 -44.29 -45.39
N ASP A 285 -22.96 -44.44 -46.53
CA ASP A 285 -22.55 -43.77 -47.76
C ASP A 285 -22.78 -42.27 -47.64
N GLY A 286 -21.70 -41.50 -47.56
CA GLY A 286 -21.81 -40.07 -47.35
C GLY A 286 -20.71 -39.52 -46.46
N ILE A 287 -19.93 -40.41 -45.86
CA ILE A 287 -18.83 -40.00 -45.00
C ILE A 287 -17.70 -39.43 -45.84
N ILE A 288 -17.17 -38.29 -45.42
CA ILE A 288 -16.06 -37.65 -46.12
C ILE A 288 -14.77 -38.12 -45.47
N GLY A 289 -13.93 -38.77 -46.26
CA GLY A 289 -12.68 -39.32 -45.76
C GLY A 289 -11.42 -38.69 -46.36
N LEU A 290 -10.32 -38.80 -45.63
CA LEU A 290 -9.05 -38.25 -46.04
C LEU A 290 -8.14 -39.36 -46.56
N GLN A 291 -7.16 -38.97 -47.36
CA GLN A 291 -6.15 -39.90 -47.85
C GLN A 291 -4.88 -39.12 -48.13
N LEU A 292 -3.77 -39.61 -47.60
CA LEU A 292 -2.47 -38.99 -47.81
C LEU A 292 -1.96 -39.24 -49.22
N ILE A 293 -1.45 -38.19 -49.87
CA ILE A 293 -0.82 -38.33 -51.17
C ILE A 293 0.50 -39.09 -51.00
N ASN A 294 0.70 -40.11 -51.85
CA ASN A 294 1.89 -40.97 -51.88
C ASN A 294 2.08 -41.71 -50.56
N GLY A 295 1.02 -42.41 -50.14
CA GLY A 295 1.14 -43.27 -48.98
C GLY A 295 1.91 -44.55 -49.24
N LYS A 296 2.01 -44.96 -50.50
CA LYS A 296 2.59 -46.23 -50.86
C LYS A 296 3.79 -46.15 -51.80
N ASN A 297 4.05 -45.00 -52.42
CA ASN A 297 5.19 -44.84 -53.32
C ASN A 297 6.45 -44.69 -52.47
N GLU A 298 6.90 -45.83 -51.94
CA GLU A 298 8.04 -45.87 -51.04
C GLU A 298 9.34 -45.50 -51.74
N SER A 299 9.52 -45.98 -52.97
CA SER A 299 10.74 -45.73 -53.72
C SER A 299 10.92 -44.25 -54.05
N ALA A 300 9.81 -43.52 -54.19
CA ALA A 300 9.90 -42.07 -54.33
C ALA A 300 10.46 -41.42 -53.07
N HIS A 301 10.05 -41.91 -51.90
CA HIS A 301 10.62 -41.39 -50.67
C HIS A 301 12.04 -41.88 -50.48
N ILE A 302 12.37 -43.02 -51.07
CA ILE A 302 13.73 -43.54 -51.02
C ILE A 302 14.67 -42.61 -51.77
N SER A 303 14.29 -42.26 -53.00
CA SER A 303 15.17 -41.44 -53.84
C SER A 303 15.23 -40.02 -53.30
N ASP A 304 14.14 -39.54 -52.72
CA ASP A 304 14.20 -38.22 -52.12
C ASP A 304 15.04 -38.23 -50.86
N ALA A 305 15.00 -39.33 -50.10
CA ALA A 305 15.83 -39.42 -48.91
C ALA A 305 17.30 -39.50 -49.28
N VAL A 306 17.62 -40.13 -50.42
CA VAL A 306 19.00 -40.15 -50.87
C VAL A 306 19.42 -38.75 -51.30
N GLY A 307 18.49 -37.99 -51.90
CA GLY A 307 18.86 -36.63 -52.28
C GLY A 307 18.99 -35.68 -51.10
N VAL A 308 18.25 -35.92 -50.02
CA VAL A 308 18.38 -35.06 -48.85
C VAL A 308 19.67 -35.38 -48.11
N VAL A 309 20.01 -36.66 -47.97
CA VAL A 309 21.24 -36.98 -47.24
C VAL A 309 22.45 -36.62 -48.10
N ALA A 310 22.32 -36.67 -49.42
CA ALA A 310 23.39 -36.17 -50.29
C ALA A 310 23.52 -34.65 -50.23
N GLN A 311 22.42 -33.94 -49.97
CA GLN A 311 22.53 -32.51 -49.67
C GLN A 311 23.18 -32.27 -48.32
N ALA A 312 22.93 -33.17 -47.37
CA ALA A 312 23.50 -33.02 -46.04
C ALA A 312 24.99 -33.29 -46.06
N VAL A 313 25.41 -34.37 -46.71
CA VAL A 313 26.84 -34.68 -46.74
C VAL A 313 27.57 -33.76 -47.73
N HIS A 314 26.84 -33.11 -48.65
CA HIS A 314 27.43 -32.03 -49.44
C HIS A 314 27.80 -30.85 -48.54
N GLU A 315 26.94 -30.52 -47.58
CA GLU A 315 27.31 -29.49 -46.62
C GLU A 315 28.36 -30.01 -45.64
N LEU A 316 28.27 -31.28 -45.28
CA LEU A 316 29.07 -31.87 -44.20
C LEU A 316 30.52 -32.12 -44.61
N LEU A 317 30.80 -32.36 -45.88
CA LEU A 317 32.18 -32.58 -46.29
C LEU A 317 32.98 -31.28 -46.40
N GLU A 318 32.36 -30.13 -46.11
CA GLU A 318 33.02 -28.84 -46.09
C GLU A 318 33.05 -28.28 -44.67
N LYS A 319 33.16 -29.16 -43.68
CA LYS A 319 33.15 -28.80 -42.28
C LYS A 319 34.44 -29.23 -41.59
N GLU A 320 34.49 -29.00 -40.28
CA GLU A 320 35.62 -29.35 -39.44
C GLU A 320 35.20 -30.36 -38.37
N ASN A 321 36.21 -31.06 -37.83
CA ASN A 321 36.07 -32.01 -36.72
C ASN A 321 35.08 -33.12 -37.05
N ILE A 322 35.47 -33.95 -38.03
CA ILE A 322 34.58 -35.00 -38.51
C ILE A 322 34.37 -36.04 -37.42
N THR A 323 35.45 -36.67 -36.96
CA THR A 323 35.51 -37.59 -35.80
C THR A 323 34.53 -38.75 -35.97
N ASP A 324 34.84 -39.62 -36.93
CA ASP A 324 34.05 -40.78 -37.35
C ASP A 324 33.58 -41.69 -36.21
N PRO A 325 32.49 -42.43 -36.38
CA PRO A 325 32.04 -43.37 -35.34
C PRO A 325 33.03 -44.50 -35.14
N PRO A 326 32.95 -45.24 -34.05
CA PRO A 326 33.79 -46.44 -33.91
C PRO A 326 33.36 -47.54 -34.89
N ARG A 327 34.35 -48.24 -35.42
CA ARG A 327 34.10 -49.42 -36.23
C ARG A 327 33.63 -50.55 -35.34
N GLY A 328 32.43 -51.02 -35.58
CA GLY A 328 31.76 -51.90 -34.65
C GLY A 328 30.94 -51.12 -33.64
N CYS A 329 29.90 -51.77 -33.14
CA CYS A 329 29.02 -51.11 -32.19
C CYS A 329 29.68 -50.94 -30.82
N VAL A 330 30.64 -51.79 -30.47
CA VAL A 330 31.08 -51.88 -29.08
C VAL A 330 32.59 -51.94 -28.91
N GLY A 331 33.01 -52.19 -27.68
CA GLY A 331 34.42 -52.20 -27.33
C GLY A 331 35.01 -50.81 -27.28
N ASN A 332 34.17 -49.79 -27.21
CA ASN A 332 34.60 -48.41 -27.29
C ASN A 332 33.59 -47.53 -26.56
N THR A 333 33.87 -46.24 -26.55
CA THR A 333 32.96 -45.25 -26.02
C THR A 333 31.71 -45.16 -26.87
N ASN A 334 30.64 -44.64 -26.27
CA ASN A 334 29.35 -44.56 -26.92
C ASN A 334 28.79 -43.14 -26.96
N ILE A 335 29.64 -42.14 -26.78
CA ILE A 335 29.25 -40.75 -26.67
C ILE A 335 29.86 -40.02 -27.86
N TRP A 336 29.79 -40.65 -29.03
CA TRP A 336 30.22 -40.07 -30.30
C TRP A 336 29.56 -38.71 -30.54
N LYS A 337 30.38 -37.65 -30.52
CA LYS A 337 29.90 -36.31 -30.28
C LYS A 337 29.35 -35.62 -31.53
N THR A 338 29.81 -36.00 -32.71
CA THR A 338 29.29 -35.34 -33.91
C THR A 338 27.97 -35.91 -34.40
N GLY A 339 27.40 -36.87 -33.69
CA GLY A 339 26.05 -37.36 -33.87
C GLY A 339 24.95 -36.30 -33.91
N PRO A 340 24.72 -35.60 -32.78
CA PRO A 340 23.66 -34.59 -32.77
C PRO A 340 24.00 -33.41 -33.65
N LEU A 341 25.29 -33.13 -33.87
CA LEU A 341 25.64 -32.00 -34.72
C LEU A 341 25.29 -32.31 -36.17
N PHE A 342 25.41 -33.60 -36.56
CA PHE A 342 24.96 -34.00 -37.89
C PHE A 342 23.45 -33.95 -37.98
N LYS A 343 22.76 -34.24 -36.87
CA LYS A 343 21.31 -34.07 -36.88
C LYS A 343 20.91 -32.59 -36.96
N ARG A 344 21.71 -31.70 -36.37
CA ARG A 344 21.49 -30.26 -36.52
C ARG A 344 21.69 -29.82 -37.98
N VAL A 345 22.69 -30.38 -38.64
CA VAL A 345 22.89 -30.12 -40.07
C VAL A 345 21.74 -30.67 -40.88
N LEU A 346 21.25 -31.87 -40.53
CA LEU A 346 20.10 -32.43 -41.21
C LEU A 346 18.82 -31.64 -40.92
N MET A 347 18.75 -31.01 -39.74
CA MET A 347 17.64 -30.12 -39.43
C MET A 347 17.67 -28.87 -40.31
N SER A 348 18.87 -28.34 -40.58
CA SER A 348 19.02 -27.21 -41.47
C SER A 348 19.13 -27.59 -42.95
N SER A 349 19.26 -28.88 -43.26
CA SER A 349 19.27 -29.30 -44.66
C SER A 349 17.90 -29.12 -45.30
N LYS A 350 17.90 -28.68 -46.54
CA LYS A 350 16.67 -28.43 -47.26
C LYS A 350 16.66 -29.27 -48.53
N TYR A 351 15.59 -29.14 -49.30
CA TYR A 351 15.47 -29.86 -50.57
C TYR A 351 14.55 -29.06 -51.47
N ALA A 352 15.05 -28.67 -52.64
CA ALA A 352 14.30 -27.76 -53.51
C ALA A 352 13.07 -28.45 -54.11
N ASP A 353 13.25 -29.59 -54.76
CA ASP A 353 12.13 -30.27 -55.40
C ASP A 353 12.50 -31.72 -55.62
N GLY A 354 11.49 -32.58 -55.53
CA GLY A 354 11.65 -33.99 -55.81
C GLY A 354 10.48 -34.60 -56.54
N VAL A 355 10.45 -35.93 -56.64
CA VAL A 355 9.31 -36.61 -57.25
C VAL A 355 8.07 -36.51 -56.37
N THR A 356 8.25 -36.47 -55.05
CA THR A 356 7.14 -36.18 -54.16
C THR A 356 6.95 -34.68 -53.94
N GLY A 357 7.78 -33.85 -54.55
CA GLY A 357 7.66 -32.41 -54.47
C GLY A 357 8.77 -31.78 -53.66
N ARG A 358 8.47 -30.60 -53.14
CA ARG A 358 9.43 -29.89 -52.30
C ARG A 358 9.41 -30.47 -50.89
N VAL A 359 10.49 -31.15 -50.51
CA VAL A 359 10.62 -31.69 -49.16
C VAL A 359 11.26 -30.65 -48.27
N GLU A 360 10.54 -30.21 -47.24
CA GLU A 360 11.09 -29.30 -46.25
C GLU A 360 10.68 -29.80 -44.86
N PHE A 361 11.18 -29.12 -43.84
CA PHE A 361 11.11 -29.62 -42.46
C PHE A 361 10.47 -28.59 -41.56
N ASN A 362 9.53 -29.05 -40.74
CA ASN A 362 8.95 -28.26 -39.66
C ASN A 362 9.76 -28.51 -38.38
N GLU A 363 9.21 -28.14 -37.21
CA GLU A 363 9.94 -28.36 -35.96
C GLU A 363 10.09 -29.84 -35.65
N ASP A 364 9.12 -30.65 -36.02
CA ASP A 364 9.30 -32.09 -36.02
C ASP A 364 9.92 -32.59 -37.32
N GLY A 365 10.22 -31.70 -38.25
CA GLY A 365 10.69 -32.09 -39.55
C GLY A 365 9.60 -32.45 -40.54
N ASP A 366 8.36 -32.04 -40.29
CA ASP A 366 7.26 -32.59 -41.06
C ASP A 366 7.18 -31.96 -42.45
N ARG A 367 6.40 -32.60 -43.31
CA ARG A 367 6.45 -32.39 -44.75
C ARG A 367 5.39 -31.37 -45.18
N LYS A 368 5.65 -30.12 -44.79
CA LYS A 368 5.53 -28.92 -45.62
C LYS A 368 4.41 -28.97 -46.66
N PHE A 369 3.17 -28.94 -46.18
CA PHE A 369 1.95 -29.08 -46.99
C PHE A 369 1.93 -30.44 -47.69
N ALA A 370 1.91 -31.50 -46.88
CA ALA A 370 1.68 -32.83 -47.41
C ALA A 370 0.27 -32.89 -47.99
N GLN A 371 0.18 -33.14 -49.29
CA GLN A 371 -1.10 -33.03 -49.98
C GLN A 371 -2.03 -34.16 -49.58
N TYR A 372 -3.33 -33.89 -49.66
CA TYR A 372 -4.33 -34.79 -49.12
C TYR A 372 -5.44 -34.96 -50.14
N SER A 373 -5.47 -36.14 -50.75
CA SER A 373 -6.61 -36.56 -51.55
C SER A 373 -7.80 -36.88 -50.68
N ILE A 374 -8.95 -36.29 -50.98
CA ILE A 374 -10.14 -36.38 -50.15
C ILE A 374 -11.20 -37.14 -50.92
N MET A 375 -11.83 -38.10 -50.26
CA MET A 375 -12.77 -39.00 -50.90
C MET A 375 -14.11 -38.95 -50.18
N ASN A 376 -15.18 -39.22 -50.92
CA ASN A 376 -16.52 -39.35 -50.35
C ASN A 376 -17.05 -40.72 -50.72
N LEU A 377 -17.36 -41.52 -49.73
CA LEU A 377 -17.99 -42.81 -49.98
C LEU A 377 -19.42 -42.63 -50.45
N GLN A 378 -19.65 -42.77 -51.75
CA GLN A 378 -20.98 -42.64 -52.34
C GLN A 378 -21.30 -43.93 -53.07
N ASN A 379 -22.17 -44.75 -52.46
CA ASN A 379 -22.62 -46.05 -52.95
C ASN A 379 -21.45 -46.99 -53.22
N ARG A 380 -20.72 -47.26 -52.14
CA ARG A 380 -19.57 -48.15 -51.98
C ARG A 380 -18.29 -47.64 -52.67
N LYS A 381 -18.38 -46.58 -53.46
CA LYS A 381 -17.23 -46.07 -54.20
C LYS A 381 -16.75 -44.78 -53.57
N LEU A 382 -15.47 -44.75 -53.17
CA LEU A 382 -14.85 -43.53 -52.70
C LEU A 382 -14.58 -42.55 -53.83
N VAL A 383 -15.53 -41.66 -54.13
CA VAL A 383 -15.36 -40.67 -55.18
C VAL A 383 -14.36 -39.60 -54.70
N GLN A 384 -13.22 -39.53 -55.36
CA GLN A 384 -12.16 -38.61 -54.97
C GLN A 384 -12.63 -37.18 -55.17
N VAL A 385 -12.83 -36.47 -54.06
CA VAL A 385 -13.47 -35.15 -54.07
C VAL A 385 -12.52 -34.09 -54.60
N GLY A 386 -11.23 -34.26 -54.36
CA GLY A 386 -10.24 -33.29 -54.83
C GLY A 386 -9.10 -33.20 -53.85
N ILE A 387 -8.19 -32.28 -54.14
CA ILE A 387 -6.89 -32.25 -53.51
C ILE A 387 -6.79 -31.08 -52.55
N TYR A 388 -6.51 -31.38 -51.29
CA TYR A 388 -6.09 -30.37 -50.35
C TYR A 388 -4.61 -30.09 -50.56
N ASN A 389 -4.26 -28.83 -50.77
CA ASN A 389 -2.84 -28.43 -50.76
C ASN A 389 -2.70 -27.18 -49.89
N GLY A 390 -2.62 -27.39 -48.58
CA GLY A 390 -2.30 -26.32 -47.65
C GLY A 390 -3.24 -25.14 -47.61
N THR A 391 -2.79 -24.01 -48.14
CA THR A 391 -3.71 -22.88 -48.32
C THR A 391 -4.73 -23.18 -49.40
N HIS A 392 -4.35 -23.94 -50.43
CA HIS A 392 -5.26 -24.26 -51.51
C HIS A 392 -6.18 -25.41 -51.12
N VAL A 393 -7.42 -25.33 -51.59
CA VAL A 393 -8.50 -26.16 -51.08
C VAL A 393 -8.89 -27.12 -52.19
N ILE A 394 -9.69 -28.12 -51.85
CA ILE A 394 -10.46 -28.94 -52.78
C ILE A 394 -11.34 -28.02 -53.62
N PRO A 395 -11.02 -27.79 -54.90
CA PRO A 395 -11.54 -26.61 -55.60
C PRO A 395 -13.03 -26.62 -55.86
N ASN A 396 -13.51 -27.42 -56.80
CA ASN A 396 -14.93 -27.36 -57.13
C ASN A 396 -15.55 -28.66 -57.65
N ASP A 397 -14.72 -29.59 -58.12
CA ASP A 397 -15.11 -30.36 -59.31
C ASP A 397 -16.21 -31.39 -59.05
N ARG A 398 -16.25 -31.97 -57.86
CA ARG A 398 -17.11 -33.14 -57.68
C ARG A 398 -18.23 -32.81 -56.71
N LYS A 399 -19.39 -33.43 -56.92
CA LYS A 399 -20.56 -33.21 -56.09
C LYS A 399 -20.50 -33.99 -54.78
N ILE A 400 -20.92 -33.34 -53.70
CA ILE A 400 -20.82 -33.90 -52.35
C ILE A 400 -22.18 -34.48 -51.99
N ILE A 401 -22.23 -35.78 -51.76
CA ILE A 401 -23.39 -36.43 -51.16
C ILE A 401 -23.22 -36.50 -49.64
N TRP A 402 -24.16 -35.95 -48.92
CA TRP A 402 -24.14 -35.84 -47.47
C TRP A 402 -24.95 -36.97 -46.83
N PRO A 403 -24.58 -37.39 -45.61
CA PRO A 403 -25.20 -38.59 -45.03
C PRO A 403 -26.62 -38.46 -44.51
N GLY A 404 -27.49 -37.79 -45.26
CA GLY A 404 -28.90 -37.79 -44.92
C GLY A 404 -29.71 -37.77 -46.20
N GLY A 405 -29.06 -38.14 -47.30
CA GLY A 405 -29.62 -38.00 -48.63
C GLY A 405 -29.58 -36.59 -49.15
N GLU A 406 -28.86 -35.70 -48.49
CA GLU A 406 -28.85 -34.29 -48.82
C GLU A 406 -27.88 -34.02 -49.95
N THR A 407 -28.09 -32.89 -50.62
CA THR A 407 -27.19 -32.38 -51.64
C THR A 407 -26.42 -31.14 -51.22
N GLU A 408 -26.81 -30.49 -50.12
CA GLU A 408 -26.15 -29.29 -49.68
C GLU A 408 -25.55 -29.47 -48.29
N LYS A 409 -24.64 -28.57 -47.95
CA LYS A 409 -24.05 -28.57 -46.62
C LYS A 409 -25.08 -28.07 -45.60
N PRO A 410 -25.37 -28.82 -44.55
CA PRO A 410 -26.26 -28.32 -43.51
C PRO A 410 -25.60 -27.26 -42.65
N ARG A 411 -25.97 -26.02 -42.91
CA ARG A 411 -25.39 -24.84 -42.27
C ARG A 411 -26.30 -24.47 -41.10
N GLY A 412 -26.20 -25.22 -40.02
CA GLY A 412 -27.10 -24.96 -38.91
C GLY A 412 -26.95 -25.99 -37.81
N TYR A 413 -27.90 -25.90 -36.88
CA TYR A 413 -27.91 -26.66 -35.64
C TYR A 413 -29.32 -26.58 -35.08
N GLN A 414 -29.48 -27.04 -33.83
CA GLN A 414 -30.79 -27.27 -33.22
C GLN A 414 -30.81 -26.51 -31.90
N MET A 415 -31.17 -25.24 -31.95
CA MET A 415 -31.38 -24.46 -30.73
C MET A 415 -32.67 -24.95 -30.09
N SER A 416 -32.54 -25.61 -28.94
CA SER A 416 -33.67 -26.27 -28.32
C SER A 416 -34.60 -25.30 -27.62
N THR A 417 -35.86 -25.70 -27.58
CA THR A 417 -36.90 -25.06 -26.77
C THR A 417 -37.23 -25.91 -25.55
N ARG A 418 -36.17 -26.48 -24.96
CA ARG A 418 -36.30 -27.22 -23.70
C ARG A 418 -34.94 -27.20 -23.01
N LEU A 419 -34.78 -26.33 -22.01
CA LEU A 419 -33.51 -26.24 -21.33
C LEU A 419 -33.69 -26.56 -19.86
N LYS A 420 -32.61 -26.99 -19.23
CA LYS A 420 -32.64 -27.52 -17.88
C LYS A 420 -32.15 -26.45 -16.90
N ILE A 421 -33.01 -26.06 -15.96
CA ILE A 421 -32.70 -25.00 -14.99
C ILE A 421 -32.55 -25.65 -13.63
N VAL A 422 -31.30 -25.89 -13.23
CA VAL A 422 -30.98 -26.61 -12.01
C VAL A 422 -30.44 -25.63 -10.98
N THR A 423 -30.91 -25.76 -9.74
CA THR A 423 -30.46 -24.90 -8.65
C THR A 423 -30.68 -25.61 -7.33
N ILE A 424 -30.27 -24.96 -6.25
CA ILE A 424 -30.38 -25.53 -4.92
C ILE A 424 -31.54 -24.90 -4.18
N HIS A 425 -31.87 -25.46 -3.03
CA HIS A 425 -32.84 -24.84 -2.14
C HIS A 425 -32.23 -23.63 -1.45
N GLN A 426 -32.95 -22.51 -1.48
CA GLN A 426 -32.55 -21.32 -0.73
C GLN A 426 -33.81 -20.55 -0.37
N GLU A 427 -34.21 -20.64 0.91
CA GLU A 427 -35.15 -19.67 1.46
C GLU A 427 -34.55 -18.27 1.36
N PRO A 428 -35.38 -17.24 1.12
CA PRO A 428 -36.82 -17.27 0.86
C PRO A 428 -37.15 -17.62 -0.57
N PHE A 429 -36.14 -17.66 -1.44
CA PHE A 429 -36.40 -17.71 -2.87
C PHE A 429 -36.81 -19.10 -3.33
N VAL A 430 -36.54 -20.12 -2.52
CA VAL A 430 -36.96 -21.49 -2.78
C VAL A 430 -37.47 -22.06 -1.47
N TYR A 431 -38.69 -22.58 -1.48
CA TYR A 431 -39.21 -23.45 -0.42
C TYR A 431 -39.58 -24.79 -1.04
N VAL A 432 -38.75 -25.80 -0.81
CA VAL A 432 -38.98 -27.13 -1.35
C VAL A 432 -40.19 -27.75 -0.64
N LYS A 433 -41.29 -27.91 -1.37
CA LYS A 433 -42.44 -28.42 -0.66
C LYS A 433 -42.70 -29.87 -1.06
N PRO A 434 -43.06 -30.72 -0.09
CA PRO A 434 -43.45 -32.08 -0.44
C PRO A 434 -44.75 -32.10 -1.23
N THR A 435 -44.84 -33.02 -2.19
CA THR A 435 -46.01 -33.09 -3.03
C THR A 435 -47.19 -33.66 -2.26
N MET A 436 -48.36 -33.68 -2.90
CA MET A 436 -49.56 -34.21 -2.27
C MET A 436 -49.57 -35.73 -2.35
N SER A 437 -50.71 -36.33 -2.01
CA SER A 437 -50.81 -37.79 -2.07
C SER A 437 -50.81 -38.30 -3.51
N ASP A 438 -51.32 -37.52 -4.45
CA ASP A 438 -51.28 -37.85 -5.86
C ASP A 438 -50.05 -37.27 -6.55
N GLY A 439 -49.07 -36.78 -5.80
CA GLY A 439 -47.92 -36.13 -6.38
C GLY A 439 -48.14 -34.71 -6.84
N THR A 440 -49.33 -34.16 -6.64
CA THR A 440 -49.65 -32.80 -7.05
C THR A 440 -49.26 -31.82 -5.94
N CYS A 441 -49.66 -30.57 -6.10
CA CYS A 441 -49.39 -29.51 -5.15
C CYS A 441 -50.66 -29.12 -4.40
N LYS A 442 -50.47 -28.75 -3.15
CA LYS A 442 -51.53 -28.10 -2.39
C LYS A 442 -51.80 -26.72 -2.94
N GLU A 443 -53.08 -26.39 -3.17
CA GLU A 443 -53.46 -25.08 -3.68
C GLU A 443 -53.24 -24.03 -2.61
N GLU A 444 -52.24 -23.17 -2.82
CA GLU A 444 -51.87 -22.16 -1.85
C GLU A 444 -52.26 -20.78 -2.36
N PHE A 445 -52.85 -19.96 -1.50
CA PHE A 445 -53.34 -18.66 -1.91
C PHE A 445 -52.41 -17.55 -1.40
N THR A 446 -52.57 -16.37 -1.99
CA THR A 446 -51.84 -15.19 -1.55
C THR A 446 -52.55 -14.55 -0.36
N VAL A 447 -52.13 -13.33 -0.02
CA VAL A 447 -52.95 -12.53 0.88
C VAL A 447 -54.20 -12.04 0.17
N ASN A 448 -54.19 -12.01 -1.17
CA ASN A 448 -55.36 -11.70 -1.97
C ASN A 448 -55.99 -12.94 -2.58
N GLY A 449 -55.63 -14.13 -2.10
CA GLY A 449 -56.24 -15.33 -2.59
C GLY A 449 -55.80 -15.79 -3.97
N ASP A 450 -54.70 -15.26 -4.49
CA ASP A 450 -54.28 -15.63 -5.83
C ASP A 450 -53.48 -16.93 -5.79
N PRO A 451 -53.76 -17.88 -6.68
CA PRO A 451 -53.04 -19.17 -6.69
C PRO A 451 -51.58 -18.99 -7.10
N VAL A 452 -50.67 -19.32 -6.19
CA VAL A 452 -49.25 -19.14 -6.46
C VAL A 452 -48.75 -20.31 -7.29
N LYS A 453 -47.87 -20.01 -8.24
CA LYS A 453 -47.45 -20.99 -9.22
C LYS A 453 -46.51 -21.99 -8.56
N LYS A 454 -46.96 -23.24 -8.43
CA LYS A 454 -46.16 -24.32 -7.88
C LYS A 454 -45.81 -25.30 -9.00
N VAL A 455 -44.58 -25.19 -9.50
CA VAL A 455 -44.10 -26.05 -10.56
C VAL A 455 -43.21 -27.11 -9.95
N ILE A 456 -42.94 -28.18 -10.70
CA ILE A 456 -42.24 -29.33 -10.15
C ILE A 456 -40.74 -29.04 -10.09
N CYS A 457 -40.23 -28.82 -8.87
CA CYS A 457 -38.78 -28.81 -8.65
C CYS A 457 -38.32 -30.22 -8.35
N THR A 458 -37.99 -30.97 -9.41
CA THR A 458 -37.64 -32.39 -9.32
C THR A 458 -36.38 -32.57 -8.50
N GLY A 459 -36.54 -33.11 -7.28
CA GLY A 459 -35.45 -33.16 -6.34
C GLY A 459 -34.41 -34.20 -6.70
N PRO A 460 -33.39 -34.30 -5.85
CA PRO A 460 -32.38 -35.35 -6.01
C PRO A 460 -32.89 -36.68 -5.52
N ASN A 461 -32.02 -37.68 -5.46
CA ASN A 461 -32.40 -38.94 -4.82
C ASN A 461 -32.38 -38.86 -3.30
N ASP A 462 -32.13 -37.68 -2.73
CA ASP A 462 -32.08 -37.48 -1.29
C ASP A 462 -33.38 -36.83 -0.82
N THR A 463 -33.97 -37.40 0.22
CA THR A 463 -34.77 -36.61 1.15
C THR A 463 -33.91 -36.08 2.29
N SER A 464 -32.86 -36.80 2.63
CA SER A 464 -31.84 -36.44 3.61
C SER A 464 -30.46 -36.67 2.99
N PRO A 465 -29.48 -35.84 3.34
CA PRO A 465 -28.12 -36.03 2.80
C PRO A 465 -27.43 -37.27 3.36
N GLY A 466 -27.33 -38.31 2.53
CA GLY A 466 -26.80 -39.59 2.95
C GLY A 466 -27.71 -40.76 2.64
N SER A 467 -28.92 -40.47 2.16
CA SER A 467 -29.89 -41.47 1.71
C SER A 467 -30.19 -41.19 0.24
N PRO A 468 -29.29 -41.57 -0.68
CA PRO A 468 -29.49 -41.24 -2.09
C PRO A 468 -30.40 -42.22 -2.82
N ARG A 469 -31.64 -42.28 -2.40
CA ARG A 469 -32.63 -43.25 -2.84
C ARG A 469 -33.92 -42.60 -3.32
N HIS A 470 -34.36 -41.54 -2.65
CA HIS A 470 -35.72 -40.99 -2.83
C HIS A 470 -35.67 -39.92 -3.91
N THR A 471 -35.75 -40.36 -5.16
CA THR A 471 -35.91 -39.42 -6.26
C THR A 471 -37.29 -38.80 -6.20
N VAL A 472 -37.37 -37.60 -5.63
CA VAL A 472 -38.62 -37.00 -5.16
C VAL A 472 -39.11 -35.92 -6.11
N PRO A 473 -40.41 -35.82 -6.35
CA PRO A 473 -40.92 -34.79 -7.27
C PRO A 473 -40.83 -33.37 -6.72
N GLN A 474 -41.30 -33.14 -5.49
CA GLN A 474 -41.07 -31.92 -4.69
C GLN A 474 -41.45 -30.62 -5.41
N CYS A 475 -42.74 -30.41 -5.63
CA CYS A 475 -43.13 -29.25 -6.44
C CYS A 475 -42.93 -27.96 -5.67
N CYS A 476 -42.56 -26.91 -6.40
CA CYS A 476 -41.72 -25.85 -5.86
C CYS A 476 -42.56 -24.69 -5.34
N TYR A 477 -41.87 -23.78 -4.67
CA TYR A 477 -42.52 -22.62 -4.04
C TYR A 477 -41.45 -21.59 -3.77
N GLY A 478 -41.58 -20.40 -4.34
CA GLY A 478 -40.61 -19.38 -4.03
C GLY A 478 -40.67 -18.18 -4.95
N PHE A 479 -39.80 -17.23 -4.64
CA PHE A 479 -39.81 -15.90 -5.23
C PHE A 479 -39.43 -15.94 -6.71
N CYS A 480 -38.28 -16.51 -7.03
CA CYS A 480 -37.79 -16.51 -8.41
C CYS A 480 -38.51 -17.51 -9.29
N ILE A 481 -39.33 -18.38 -8.69
CA ILE A 481 -40.20 -19.27 -9.45
C ILE A 481 -41.12 -18.46 -10.33
N ASP A 482 -41.74 -17.42 -9.75
CA ASP A 482 -42.64 -16.58 -10.51
C ASP A 482 -41.87 -15.71 -11.49
N LEU A 483 -40.60 -15.45 -11.22
CA LEU A 483 -39.77 -14.70 -12.16
C LEU A 483 -39.53 -15.49 -13.43
N LEU A 484 -39.21 -16.78 -13.28
CA LEU A 484 -39.07 -17.66 -14.43
C LEU A 484 -40.41 -17.89 -15.13
N ILE A 485 -41.51 -17.95 -14.37
CA ILE A 485 -42.83 -18.02 -14.97
C ILE A 485 -43.12 -16.78 -15.83
N LYS A 486 -42.72 -15.61 -15.33
CA LYS A 486 -42.85 -14.37 -16.09
C LYS A 486 -42.00 -14.40 -17.36
N LEU A 487 -40.77 -14.92 -17.25
CA LEU A 487 -39.88 -14.89 -18.39
C LEU A 487 -40.32 -15.89 -19.46
N ALA A 488 -40.74 -17.08 -19.04
CA ALA A 488 -41.24 -18.07 -19.97
C ALA A 488 -42.57 -17.66 -20.61
N ARG A 489 -43.40 -16.90 -19.88
CA ARG A 489 -44.55 -16.28 -20.53
C ARG A 489 -44.15 -15.25 -21.58
N THR A 490 -43.13 -14.44 -21.29
CA THR A 490 -42.75 -13.37 -22.21
C THR A 490 -42.09 -13.91 -23.46
N MET A 491 -41.12 -14.80 -23.29
CA MET A 491 -40.19 -15.08 -24.38
C MET A 491 -40.04 -16.56 -24.69
N GLN A 492 -40.18 -17.43 -23.70
CA GLN A 492 -39.41 -18.67 -23.67
C GLN A 492 -40.29 -19.89 -23.44
N PHE A 493 -39.63 -20.98 -23.10
CA PHE A 493 -39.98 -22.34 -23.46
C PHE A 493 -40.59 -23.14 -22.31
N THR A 494 -40.77 -24.44 -22.57
CA THR A 494 -41.08 -25.42 -21.55
C THR A 494 -39.78 -25.91 -20.93
N TYR A 495 -39.53 -25.54 -19.70
CA TYR A 495 -38.22 -25.80 -19.09
C TYR A 495 -38.16 -27.22 -18.53
N GLU A 496 -37.05 -27.53 -17.86
CA GLU A 496 -36.90 -28.68 -16.99
C GLU A 496 -36.20 -28.21 -15.73
N VAL A 497 -36.61 -28.70 -14.57
CA VAL A 497 -36.09 -28.20 -13.30
C VAL A 497 -35.56 -29.39 -12.52
N HIS A 498 -34.32 -29.28 -12.06
CA HIS A 498 -33.75 -30.25 -11.15
C HIS A 498 -33.17 -29.53 -9.92
N LEU A 499 -33.06 -30.27 -8.82
CA LEU A 499 -32.41 -29.81 -7.60
C LEU A 499 -31.07 -30.51 -7.41
N VAL A 500 -30.06 -29.72 -7.02
CA VAL A 500 -28.70 -30.22 -6.91
C VAL A 500 -28.57 -31.11 -5.66
N ALA A 501 -27.73 -32.15 -5.79
CA ALA A 501 -27.59 -33.13 -4.72
C ALA A 501 -26.83 -32.57 -3.53
N ASP A 502 -25.62 -32.05 -3.76
CA ASP A 502 -24.80 -31.61 -2.64
C ASP A 502 -25.29 -30.30 -2.04
N GLY A 503 -26.08 -29.52 -2.77
CA GLY A 503 -26.64 -28.30 -2.24
C GLY A 503 -25.63 -27.21 -2.01
N LYS A 504 -24.48 -27.28 -2.68
CA LYS A 504 -23.44 -26.31 -2.45
C LYS A 504 -23.42 -25.28 -3.59
N PHE A 505 -23.03 -24.07 -3.25
CA PHE A 505 -22.55 -23.14 -4.27
C PHE A 505 -21.35 -23.69 -4.99
N GLY A 506 -20.34 -24.11 -4.25
CA GLY A 506 -19.17 -24.78 -4.80
C GLY A 506 -18.05 -23.89 -5.29
N THR A 507 -16.83 -24.23 -4.88
CA THR A 507 -15.63 -23.48 -5.19
C THR A 507 -14.73 -24.33 -6.10
N GLN A 508 -13.73 -23.68 -6.69
CA GLN A 508 -12.79 -24.42 -7.54
C GLN A 508 -11.76 -25.11 -6.67
N GLU A 509 -12.09 -26.31 -6.20
CA GLU A 509 -11.23 -27.06 -5.31
C GLU A 509 -10.23 -27.90 -6.11
N ARG A 510 -9.02 -28.03 -5.58
CA ARG A 510 -7.97 -28.75 -6.29
C ARG A 510 -8.18 -30.25 -6.17
N VAL A 511 -8.36 -30.91 -7.32
CA VAL A 511 -8.40 -32.36 -7.33
C VAL A 511 -6.96 -32.85 -7.15
N GLN A 512 -6.78 -33.98 -6.45
CA GLN A 512 -5.47 -34.52 -6.11
C GLN A 512 -4.87 -35.44 -7.19
N ASN A 513 -5.14 -35.20 -8.47
CA ASN A 513 -4.79 -36.13 -9.53
C ASN A 513 -3.79 -35.52 -10.50
N SER A 514 -2.66 -35.01 -9.97
CA SER A 514 -1.62 -34.30 -10.72
C SER A 514 -2.17 -33.01 -11.35
N ASN A 515 -2.51 -32.09 -10.43
CA ASN A 515 -2.75 -30.68 -10.69
C ASN A 515 -3.97 -30.40 -11.58
N LYS A 516 -5.10 -31.01 -11.23
CA LYS A 516 -6.36 -30.63 -11.83
C LYS A 516 -7.14 -29.83 -10.80
N LYS A 517 -7.93 -28.87 -11.27
CA LYS A 517 -8.72 -28.02 -10.38
C LYS A 517 -10.12 -27.94 -10.96
N GLU A 518 -11.10 -28.41 -10.21
CA GLU A 518 -12.45 -28.58 -10.75
C GLU A 518 -13.46 -27.84 -9.90
N TRP A 519 -14.30 -27.05 -10.57
CA TRP A 519 -15.48 -26.46 -9.93
C TRP A 519 -16.42 -27.54 -9.43
N ASN A 520 -17.04 -27.27 -8.28
CA ASN A 520 -17.95 -28.21 -7.66
C ASN A 520 -19.36 -27.65 -7.71
N GLY A 521 -20.31 -28.47 -7.27
CA GLY A 521 -21.68 -28.00 -7.09
C GLY A 521 -22.40 -27.70 -8.40
N MET A 522 -23.12 -26.58 -8.39
CA MET A 522 -23.78 -26.15 -9.62
C MET A 522 -22.77 -25.64 -10.61
N MET A 523 -21.64 -25.14 -10.14
CA MET A 523 -20.64 -24.63 -11.06
C MET A 523 -20.03 -25.77 -11.85
N GLY A 524 -19.89 -26.92 -11.18
CA GLY A 524 -19.49 -28.14 -11.86
C GLY A 524 -20.58 -28.65 -12.78
N GLU A 525 -21.84 -28.40 -12.44
CA GLU A 525 -22.90 -29.00 -13.22
C GLU A 525 -23.06 -28.22 -14.52
N LEU A 526 -23.08 -26.89 -14.42
CA LEU A 526 -23.20 -26.04 -15.60
C LEU A 526 -21.97 -26.16 -16.50
N LEU A 527 -20.78 -26.26 -15.90
CA LEU A 527 -19.58 -26.47 -16.72
C LEU A 527 -19.57 -27.83 -17.40
N SER A 528 -20.13 -28.85 -16.76
CA SER A 528 -20.27 -30.15 -17.42
C SER A 528 -21.52 -30.26 -18.29
N GLY A 529 -22.27 -29.19 -18.47
CA GLY A 529 -23.46 -29.24 -19.31
C GLY A 529 -24.69 -29.88 -18.70
N GLN A 530 -24.64 -30.28 -17.42
CA GLN A 530 -25.82 -30.86 -16.79
C GLN A 530 -26.91 -29.82 -16.57
N ALA A 531 -26.54 -28.56 -16.41
CA ALA A 531 -27.48 -27.45 -16.35
C ALA A 531 -27.17 -26.45 -17.45
N ASP A 532 -28.17 -25.68 -17.83
CA ASP A 532 -28.01 -24.65 -18.86
C ASP A 532 -28.19 -23.24 -18.36
N MET A 533 -29.09 -23.00 -17.41
CA MET A 533 -29.32 -21.69 -16.82
C MET A 533 -29.27 -21.84 -15.31
N ILE A 534 -28.51 -20.97 -14.66
CA ILE A 534 -28.40 -21.02 -13.21
C ILE A 534 -29.06 -19.81 -12.57
N VAL A 535 -30.33 -19.95 -12.18
CA VAL A 535 -30.98 -18.95 -11.35
C VAL A 535 -30.79 -19.32 -9.88
N ALA A 536 -30.10 -18.44 -9.16
CA ALA A 536 -29.77 -18.65 -7.77
C ALA A 536 -29.46 -17.30 -7.16
N PRO A 537 -29.70 -17.12 -5.88
CA PRO A 537 -29.14 -15.95 -5.19
C PRO A 537 -27.65 -16.09 -4.99
N LEU A 538 -26.85 -15.98 -6.05
CA LEU A 538 -25.41 -16.16 -5.98
C LEU A 538 -24.72 -14.85 -6.33
N THR A 539 -23.74 -14.48 -5.52
CA THR A 539 -22.91 -13.32 -5.79
C THR A 539 -21.98 -13.56 -6.97
N ILE A 540 -21.33 -12.49 -7.41
CA ILE A 540 -20.48 -12.50 -8.57
C ILE A 540 -19.07 -12.11 -8.15
N ASN A 541 -18.14 -13.04 -8.27
CA ASN A 541 -16.72 -12.80 -8.07
C ASN A 541 -16.03 -12.93 -9.42
N ASN A 542 -14.75 -12.57 -9.46
CA ASN A 542 -13.99 -12.76 -10.69
C ASN A 542 -13.80 -14.23 -11.01
N GLU A 543 -13.76 -15.08 -9.98
CA GLU A 543 -13.40 -16.49 -10.14
C GLU A 543 -14.44 -17.24 -10.96
N ARG A 544 -15.70 -17.14 -10.58
CA ARG A 544 -16.76 -17.69 -11.41
C ARG A 544 -16.88 -16.96 -12.74
N ALA A 545 -16.59 -15.66 -12.76
CA ALA A 545 -16.66 -14.92 -14.00
C ALA A 545 -15.48 -15.18 -14.94
N GLN A 546 -14.47 -15.95 -14.49
CA GLN A 546 -13.40 -16.33 -15.39
C GLN A 546 -13.87 -17.20 -16.54
N TYR A 547 -14.90 -18.00 -16.33
CA TYR A 547 -15.32 -18.93 -17.37
C TYR A 547 -16.77 -18.78 -17.76
N ILE A 548 -17.63 -18.36 -16.84
CA ILE A 548 -19.07 -18.45 -16.99
C ILE A 548 -19.64 -17.07 -17.25
N GLU A 549 -20.44 -16.97 -18.31
CA GLU A 549 -21.16 -15.75 -18.62
C GLU A 549 -22.24 -15.46 -17.58
N PHE A 550 -22.27 -14.22 -17.10
CA PHE A 550 -23.26 -13.75 -16.14
C PHE A 550 -24.20 -12.77 -16.80
N SER A 551 -25.44 -12.77 -16.31
CA SER A 551 -26.44 -11.82 -16.76
C SER A 551 -26.31 -10.51 -15.99
N LYS A 552 -27.28 -9.63 -16.14
CA LYS A 552 -27.30 -8.43 -15.33
C LYS A 552 -27.71 -8.76 -13.90
N PRO A 553 -27.10 -8.13 -12.92
CA PRO A 553 -27.40 -8.43 -11.51
C PRO A 553 -28.78 -7.97 -11.11
N PHE A 554 -29.69 -8.90 -10.82
CA PHE A 554 -31.08 -8.53 -10.64
C PHE A 554 -31.34 -7.91 -9.27
N LYS A 555 -31.19 -8.67 -8.20
CA LYS A 555 -31.48 -8.15 -6.87
C LYS A 555 -30.19 -7.64 -6.25
N TYR A 556 -30.06 -6.33 -6.13
CA TYR A 556 -28.91 -5.76 -5.44
C TYR A 556 -29.03 -6.03 -3.95
N GLN A 557 -27.89 -6.28 -3.31
CA GLN A 557 -27.89 -6.67 -1.90
C GLN A 557 -26.52 -6.41 -1.30
N GLY A 558 -26.42 -6.69 0.00
CA GLY A 558 -25.17 -6.56 0.72
C GLY A 558 -24.92 -7.75 1.62
N LEU A 559 -23.74 -7.74 2.24
CA LEU A 559 -23.25 -8.84 3.05
C LEU A 559 -22.94 -8.30 4.45
N THR A 560 -23.61 -8.85 5.46
CA THR A 560 -23.54 -8.32 6.81
C THR A 560 -23.35 -9.47 7.80
N ILE A 561 -23.53 -9.19 9.09
CA ILE A 561 -23.25 -10.13 10.16
C ILE A 561 -24.57 -10.43 10.87
N LEU A 562 -24.87 -11.71 11.01
CA LEU A 562 -26.05 -12.20 11.71
C LEU A 562 -25.71 -12.43 13.19
N VAL A 563 -26.35 -11.69 14.09
CA VAL A 563 -26.12 -11.88 15.53
C VAL A 563 -27.48 -12.00 16.22
N LYS A 564 -27.47 -12.14 17.55
CA LYS A 564 -28.58 -12.65 18.32
C LYS A 564 -29.16 -11.59 19.26
N LYS A 565 -30.48 -11.60 19.41
CA LYS A 565 -31.21 -10.63 20.23
C LYS A 565 -30.89 -10.76 21.72
N GLU A 566 -30.78 -9.61 22.40
CA GLU A 566 -30.45 -9.58 23.81
C GLU A 566 -31.73 -9.69 24.63
N ILE A 567 -31.63 -9.47 25.94
CA ILE A 567 -32.74 -9.63 26.87
C ILE A 567 -33.01 -8.26 27.48
N PRO A 568 -34.24 -7.75 27.45
CA PRO A 568 -34.48 -6.35 27.81
C PRO A 568 -34.45 -6.09 29.32
N ARG A 569 -34.75 -4.85 29.67
CA ARG A 569 -34.75 -4.32 31.03
C ARG A 569 -36.15 -4.31 31.62
N SER A 570 -36.91 -5.35 31.33
CA SER A 570 -38.31 -5.48 31.72
C SER A 570 -38.46 -5.87 33.19
N THR A 571 -39.63 -6.43 33.52
CA THR A 571 -40.02 -6.87 34.87
C THR A 571 -40.02 -5.68 35.84
N LEU A 572 -41.01 -4.82 35.62
CA LEU A 572 -41.14 -3.55 36.32
C LEU A 572 -41.87 -3.74 37.65
N ASP A 573 -41.35 -4.65 38.48
CA ASP A 573 -41.79 -4.91 39.84
C ASP A 573 -41.00 -4.09 40.84
N SER A 574 -40.62 -2.88 40.43
CA SER A 574 -39.65 -2.02 41.09
C SER A 574 -40.26 -1.11 42.13
N PHE A 575 -41.31 -1.57 42.83
CA PHE A 575 -42.09 -0.70 43.69
C PHE A 575 -41.30 -0.25 44.91
N MET A 576 -40.35 -1.07 45.36
CA MET A 576 -39.48 -0.71 46.46
C MET A 576 -38.02 -0.63 46.03
N GLN A 577 -37.74 -0.70 44.72
CA GLN A 577 -36.35 -0.63 44.29
C GLN A 577 -35.84 0.81 44.38
N PRO A 578 -36.66 1.84 44.15
CA PRO A 578 -36.43 3.08 44.90
C PRO A 578 -36.58 2.76 46.38
N PHE A 579 -35.48 2.92 47.11
CA PHE A 579 -35.25 2.20 48.36
C PHE A 579 -36.19 2.71 49.46
N GLN A 580 -37.16 1.89 49.85
CA GLN A 580 -38.09 2.21 50.91
C GLN A 580 -38.00 1.30 52.11
N SER A 581 -37.62 0.03 51.91
CA SER A 581 -37.77 -1.03 52.91
C SER A 581 -36.97 -0.76 54.17
N THR A 582 -35.95 0.09 54.10
CA THR A 582 -35.36 0.69 55.29
C THR A 582 -35.76 2.15 55.46
N LEU A 583 -35.77 2.93 54.38
CA LEU A 583 -35.89 4.38 54.52
C LEU A 583 -37.32 4.79 54.86
N TRP A 584 -38.30 4.23 54.17
CA TRP A 584 -39.69 4.49 54.54
C TRP A 584 -40.02 3.91 55.90
N LEU A 585 -39.44 2.74 56.22
CA LEU A 585 -39.62 2.17 57.54
C LEU A 585 -38.97 3.00 58.63
N LEU A 586 -37.83 3.65 58.32
CA LEU A 586 -37.21 4.51 59.34
C LEU A 586 -38.07 5.75 59.57
N VAL A 587 -38.58 6.37 58.50
CA VAL A 587 -39.20 7.68 58.67
C VAL A 587 -40.63 7.58 59.19
N GLY A 588 -41.28 6.43 58.99
CA GLY A 588 -42.65 6.29 59.45
C GLY A 588 -42.77 6.24 60.96
N LEU A 589 -41.71 5.77 61.63
CA LEU A 589 -41.75 5.76 63.08
C LEU A 589 -41.43 7.14 63.62
N SER A 590 -40.59 7.90 62.90
CA SER A 590 -40.24 9.22 63.40
C SER A 590 -41.37 10.20 63.18
N VAL A 591 -42.33 9.85 62.32
CA VAL A 591 -43.58 10.59 62.22
C VAL A 591 -44.30 10.56 63.57
N HIS A 592 -44.38 9.36 64.15
CA HIS A 592 -45.18 9.21 65.36
C HIS A 592 -44.43 9.77 66.54
N VAL A 593 -43.11 9.58 66.55
CA VAL A 593 -42.35 9.97 67.74
C VAL A 593 -42.17 11.48 67.76
N VAL A 594 -42.34 12.17 66.61
CA VAL A 594 -42.31 13.62 66.72
C VAL A 594 -43.72 14.17 66.80
N ALA A 595 -44.74 13.38 66.45
CA ALA A 595 -46.11 13.85 66.60
C ALA A 595 -46.52 13.85 68.06
N VAL A 596 -45.95 12.94 68.84
CA VAL A 596 -46.33 12.85 70.25
C VAL A 596 -45.71 14.00 71.04
N MET A 597 -44.47 14.36 70.72
CA MET A 597 -43.82 15.46 71.41
C MET A 597 -44.40 16.80 70.93
N LEU A 598 -44.83 16.89 69.67
CA LEU A 598 -45.55 18.08 69.23
C LEU A 598 -46.92 18.20 69.91
N TYR A 599 -47.54 17.06 70.22
CA TYR A 599 -48.73 17.06 71.08
C TYR A 599 -48.41 17.53 72.49
N LEU A 600 -47.26 17.16 73.02
CA LEU A 600 -46.89 17.71 74.32
C LEU A 600 -46.57 19.20 74.20
N LEU A 601 -46.07 19.63 73.05
CA LEU A 601 -45.79 21.05 72.84
C LEU A 601 -47.08 21.85 72.79
N ASP A 602 -48.15 21.25 72.29
CA ASP A 602 -49.43 21.92 72.31
C ASP A 602 -50.24 21.56 73.55
N ARG A 603 -49.61 20.84 74.49
CA ARG A 603 -50.26 20.47 75.75
C ARG A 603 -49.87 21.42 76.88
N PHE A 604 -48.60 21.81 76.95
CA PHE A 604 -48.08 22.56 78.08
C PHE A 604 -48.14 24.08 77.91
N SER A 605 -48.77 24.58 76.85
CA SER A 605 -48.85 26.02 76.69
C SER A 605 -50.06 26.58 77.42
N THR A 623 -56.32 14.39 72.15
CA THR A 623 -56.21 14.03 70.75
C THR A 623 -54.81 13.50 70.46
N LEU A 624 -54.24 12.84 71.47
CA LEU A 624 -52.88 12.30 71.37
C LEU A 624 -52.79 11.25 70.29
N SER A 625 -53.68 10.27 70.32
CA SER A 625 -53.81 9.30 69.24
C SER A 625 -54.38 9.92 67.97
N SER A 626 -54.97 11.10 68.07
CA SER A 626 -55.59 11.74 66.93
C SER A 626 -54.64 12.68 66.19
N ALA A 627 -53.62 13.21 66.88
CA ALA A 627 -52.73 14.19 66.26
C ALA A 627 -51.84 13.59 65.18
N MET A 628 -51.63 12.27 65.19
CA MET A 628 -50.77 11.64 64.19
C MET A 628 -51.44 11.63 62.82
N TRP A 629 -52.77 11.58 62.80
CA TRP A 629 -53.51 11.49 61.55
C TRP A 629 -53.40 12.78 60.75
N PHE A 630 -53.14 13.91 61.42
CA PHE A 630 -52.85 15.14 60.70
C PHE A 630 -51.54 15.04 59.94
N SER A 631 -50.51 14.44 60.54
CA SER A 631 -49.27 14.23 59.81
C SER A 631 -49.42 13.18 58.72
N TRP A 632 -50.30 12.20 58.93
CA TRP A 632 -50.58 11.27 57.85
C TRP A 632 -51.37 11.95 56.73
N GLY A 633 -52.20 12.94 57.09
CA GLY A 633 -52.97 13.63 56.08
C GLY A 633 -52.10 14.52 55.23
N VAL A 634 -51.10 15.17 55.85
CA VAL A 634 -50.23 16.02 55.05
C VAL A 634 -49.23 15.17 54.31
N LEU A 635 -49.03 13.92 54.72
CA LEU A 635 -48.04 13.12 54.02
C LEU A 635 -48.65 12.45 52.78
N LEU A 636 -49.97 12.22 52.78
CA LEU A 636 -50.58 11.53 51.65
C LEU A 636 -51.47 12.41 50.79
N ASN A 637 -51.44 13.73 50.97
CA ASN A 637 -52.30 14.69 50.26
C ASN A 637 -53.78 14.31 50.38
N SER A 638 -54.20 13.99 51.59
CA SER A 638 -55.54 13.44 51.84
C SER A 638 -56.23 14.29 52.89
N GLY A 639 -57.39 14.83 52.55
CA GLY A 639 -58.02 15.84 53.37
C GLY A 639 -58.65 15.37 54.66
N ILE A 640 -57.85 14.83 55.56
CA ILE A 640 -58.27 14.51 56.92
C ILE A 640 -57.64 15.58 57.80
N GLY A 641 -58.42 16.59 58.19
CA GLY A 641 -57.83 17.68 58.94
C GLY A 641 -58.53 18.10 60.20
N GLU A 642 -57.86 17.90 61.33
CA GLU A 642 -58.41 18.20 62.63
C GLU A 642 -57.39 18.78 63.59
N GLY A 643 -56.12 18.86 63.20
CA GLY A 643 -55.05 19.20 64.12
C GLY A 643 -54.38 20.55 63.93
N ALA A 644 -55.18 21.59 63.71
CA ALA A 644 -54.69 22.95 63.54
C ALA A 644 -54.02 23.40 64.84
N PRO A 645 -52.69 23.60 64.83
CA PRO A 645 -51.97 23.81 66.09
C PRO A 645 -52.09 25.25 66.57
N ARG A 646 -52.55 25.39 67.82
CA ARG A 646 -52.63 26.70 68.45
C ARG A 646 -51.26 27.28 68.79
N SER A 647 -50.24 26.44 68.96
CA SER A 647 -48.87 26.92 68.98
C SER A 647 -48.39 27.17 67.56
N PHE A 648 -47.72 28.30 67.34
CA PHE A 648 -47.19 28.64 66.03
C PHE A 648 -46.04 27.71 65.62
N SER A 649 -45.29 27.22 66.60
CA SER A 649 -44.09 26.45 66.30
C SER A 649 -44.43 25.08 65.75
N ALA A 650 -45.59 24.53 66.13
CA ALA A 650 -45.96 23.26 65.53
C ALA A 650 -46.48 23.46 64.13
N ARG A 651 -46.97 24.65 63.79
CA ARG A 651 -47.24 24.96 62.39
C ARG A 651 -45.94 25.10 61.62
N ILE A 652 -44.87 25.53 62.28
CA ILE A 652 -43.57 25.57 61.61
C ILE A 652 -43.09 24.15 61.36
N LEU A 653 -43.37 23.25 62.30
CA LEU A 653 -43.05 21.84 62.08
C LEU A 653 -43.90 21.23 60.97
N GLY A 654 -45.14 21.70 60.82
CA GLY A 654 -45.91 21.28 59.66
C GLY A 654 -45.36 21.83 58.37
N MET A 655 -44.69 23.00 58.44
CA MET A 655 -44.06 23.50 57.24
C MET A 655 -42.86 22.64 56.88
N VAL A 656 -42.24 22.03 57.90
CA VAL A 656 -41.12 21.13 57.64
C VAL A 656 -41.66 19.86 57.03
N TRP A 657 -42.87 19.47 57.41
CA TRP A 657 -43.47 18.24 56.90
C TRP A 657 -43.85 18.40 55.44
N ALA A 658 -44.51 19.51 55.09
CA ALA A 658 -44.91 19.68 53.71
C ALA A 658 -43.70 19.92 52.80
N GLY A 659 -42.62 20.49 53.34
CA GLY A 659 -41.39 20.59 52.59
C GLY A 659 -40.75 19.23 52.36
N PHE A 660 -40.70 18.41 53.41
CA PHE A 660 -40.00 17.14 53.29
C PHE A 660 -40.81 16.18 52.43
N ALA A 661 -42.13 16.18 52.57
CA ALA A 661 -42.96 15.28 51.80
C ALA A 661 -42.94 15.64 50.31
N MET A 662 -42.91 16.94 49.98
CA MET A 662 -42.81 17.29 48.57
C MET A 662 -41.42 16.96 48.02
N ILE A 663 -40.38 17.06 48.88
CA ILE A 663 -39.04 16.63 48.48
C ILE A 663 -39.04 15.13 48.21
N ILE A 664 -39.76 14.38 49.04
CA ILE A 664 -39.76 12.92 48.95
C ILE A 664 -40.44 12.48 47.66
N VAL A 665 -41.60 13.05 47.37
CA VAL A 665 -42.35 12.57 46.20
C VAL A 665 -41.69 13.06 44.92
N ALA A 666 -40.99 14.20 44.97
CA ALA A 666 -40.26 14.66 43.80
C ALA A 666 -39.04 13.80 43.53
N SER A 667 -38.31 13.43 44.58
CA SER A 667 -37.12 12.60 44.40
C SER A 667 -37.52 11.20 43.98
N TYR A 668 -38.66 10.72 44.48
CA TYR A 668 -39.15 9.40 44.07
C TYR A 668 -39.56 9.39 42.62
N THR A 669 -40.22 10.45 42.15
CA THR A 669 -40.56 10.52 40.74
C THR A 669 -39.34 10.68 39.83
N ALA A 670 -38.31 11.39 40.28
CA ALA A 670 -37.06 11.43 39.53
C ALA A 670 -36.33 10.10 39.49
N ASN A 671 -36.35 9.34 40.58
CA ASN A 671 -35.78 8.00 40.55
C ASN A 671 -36.59 7.04 39.70
N LEU A 672 -37.90 7.29 39.61
CA LEU A 672 -38.76 6.45 38.79
C LEU A 672 -38.42 6.66 37.32
N ALA A 673 -38.45 7.91 36.87
CA ALA A 673 -38.29 8.17 35.45
C ALA A 673 -36.85 7.90 35.02
N ALA A 674 -35.89 8.12 35.93
CA ALA A 674 -34.49 7.84 35.64
C ALA A 674 -34.23 6.36 35.47
N PHE A 675 -34.73 5.53 36.40
CA PHE A 675 -34.61 4.09 36.25
C PHE A 675 -35.41 3.57 35.07
N LEU A 676 -36.47 4.27 34.69
CA LEU A 676 -37.24 3.87 33.51
C LEU A 676 -36.40 4.03 32.25
N VAL A 677 -35.80 5.20 32.05
CA VAL A 677 -34.99 5.45 30.86
C VAL A 677 -33.68 6.10 31.30
N LEU A 678 -32.64 5.28 31.46
CA LEU A 678 -31.30 5.77 31.68
C LEU A 678 -30.33 5.41 30.56
N ASP A 679 -30.14 4.11 30.30
CA ASP A 679 -29.15 3.62 29.35
C ASP A 679 -29.48 2.15 29.10
N ARG A 680 -28.61 1.48 28.32
CA ARG A 680 -28.65 0.07 28.12
C ARG A 680 -27.20 -0.29 27.81
N PRO A 681 -26.62 -1.27 28.51
CA PRO A 681 -25.28 -1.73 28.15
C PRO A 681 -25.29 -2.48 26.82
N GLU A 682 -24.30 -2.17 25.98
CA GLU A 682 -24.33 -2.72 24.64
C GLU A 682 -22.94 -3.23 24.26
N GLU A 683 -22.89 -4.49 23.86
CA GLU A 683 -21.70 -5.16 23.35
C GLU A 683 -21.87 -5.55 21.89
N ARG A 684 -22.62 -4.75 21.13
CA ARG A 684 -22.85 -5.05 19.73
C ARG A 684 -21.56 -4.84 18.96
N ILE A 685 -21.19 -5.82 18.14
CA ILE A 685 -19.98 -5.70 17.35
C ILE A 685 -20.19 -4.66 16.25
N THR A 686 -19.09 -4.01 15.86
CA THR A 686 -19.15 -3.01 14.81
C THR A 686 -19.28 -3.64 13.43
N GLY A 687 -18.26 -4.40 13.04
CA GLY A 687 -18.23 -5.03 11.73
C GLY A 687 -16.91 -5.74 11.55
N ILE A 688 -16.29 -5.53 10.39
CA ILE A 688 -15.01 -6.16 10.11
C ILE A 688 -13.87 -5.52 10.90
N ASN A 689 -14.04 -4.31 11.40
CA ASN A 689 -12.93 -3.60 12.05
C ASN A 689 -13.02 -3.62 13.57
N ASP A 690 -13.47 -4.73 14.13
CA ASP A 690 -13.60 -4.83 15.57
C ASP A 690 -12.59 -5.81 16.14
N PRO A 691 -11.87 -5.44 17.21
CA PRO A 691 -10.75 -6.27 17.66
C PRO A 691 -11.15 -7.59 18.29
N ARG A 692 -12.38 -7.73 18.79
CA ARG A 692 -12.81 -9.05 19.24
C ARG A 692 -13.11 -9.98 18.08
N LEU A 693 -13.29 -9.44 16.88
CA LEU A 693 -13.37 -10.28 15.71
C LEU A 693 -11.98 -10.63 15.19
N ARG A 694 -11.19 -9.59 14.85
CA ARG A 694 -9.91 -9.79 14.17
C ARG A 694 -8.89 -10.53 15.02
N ASN A 695 -8.88 -10.31 16.34
CA ASN A 695 -8.07 -11.09 17.27
C ASN A 695 -9.01 -11.87 18.19
N PRO A 696 -9.51 -13.01 17.72
CA PRO A 696 -10.58 -13.68 18.46
C PRO A 696 -10.10 -14.47 19.67
N SER A 697 -11.00 -14.57 20.65
CA SER A 697 -10.80 -15.40 21.83
C SER A 697 -11.06 -16.87 21.50
N ASP A 698 -10.83 -17.73 22.48
CA ASP A 698 -11.19 -19.14 22.33
C ASP A 698 -12.69 -19.35 22.30
N LYS A 699 -13.47 -18.44 22.89
CA LYS A 699 -14.93 -18.55 22.92
C LYS A 699 -15.61 -18.13 21.63
N PHE A 700 -14.87 -17.80 20.58
CA PHE A 700 -15.43 -17.07 19.45
C PHE A 700 -15.41 -18.03 18.28
N ILE A 701 -16.45 -18.84 18.17
CA ILE A 701 -16.89 -19.31 16.86
C ILE A 701 -17.49 -18.19 16.02
N TYR A 702 -16.64 -17.57 15.20
CA TYR A 702 -17.05 -16.77 14.05
C TYR A 702 -16.75 -17.60 12.80
N ALA A 703 -17.39 -18.76 12.69
CA ALA A 703 -17.47 -19.50 11.42
C ALA A 703 -18.71 -19.25 10.57
N THR A 704 -18.67 -19.86 9.38
CA THR A 704 -19.66 -19.68 8.33
C THR A 704 -19.95 -21.02 7.65
N VAL A 705 -20.57 -20.96 6.48
CA VAL A 705 -20.92 -22.16 5.71
C VAL A 705 -19.71 -22.54 4.87
N LYS A 706 -19.71 -23.76 4.31
CA LYS A 706 -18.63 -24.19 3.44
C LYS A 706 -18.97 -23.89 1.99
N GLN A 707 -17.92 -23.88 1.16
CA GLN A 707 -18.00 -23.83 -0.31
C GLN A 707 -18.73 -22.57 -0.80
N SER A 708 -18.61 -21.50 -0.03
CA SER A 708 -19.20 -20.21 -0.37
C SER A 708 -18.14 -19.24 -0.86
N SER A 709 -18.63 -18.16 -1.44
CA SER A 709 -17.76 -17.08 -1.89
C SER A 709 -17.16 -16.33 -0.72
N VAL A 710 -17.78 -16.43 0.46
CA VAL A 710 -17.21 -15.88 1.69
C VAL A 710 -15.88 -16.56 2.00
N ASP A 711 -15.81 -17.87 1.78
CA ASP A 711 -14.55 -18.61 1.91
C ASP A 711 -13.51 -18.14 0.90
N ILE A 712 -13.95 -17.82 -0.33
CA ILE A 712 -13.03 -17.31 -1.34
C ILE A 712 -12.49 -15.95 -0.94
N TYR A 713 -13.37 -15.07 -0.45
CA TYR A 713 -12.95 -13.73 -0.08
C TYR A 713 -12.06 -13.75 1.15
N PHE A 714 -12.30 -14.66 2.08
CA PHE A 714 -11.44 -14.68 3.26
C PHE A 714 -10.19 -15.50 3.04
N ARG A 715 -10.11 -16.30 1.98
CA ARG A 715 -8.83 -16.91 1.65
C ARG A 715 -7.91 -15.93 0.92
N ARG A 716 -8.44 -15.20 -0.06
CA ARG A 716 -7.58 -14.30 -0.83
C ARG A 716 -7.13 -13.06 -0.08
N GLN A 717 -7.77 -12.69 1.03
CA GLN A 717 -7.32 -11.58 1.83
C GLN A 717 -6.52 -12.13 3.01
N VAL A 718 -5.19 -11.94 2.95
CA VAL A 718 -4.29 -12.56 3.90
C VAL A 718 -4.24 -11.87 5.26
N GLU A 719 -4.92 -10.75 5.42
CA GLU A 719 -4.82 -9.98 6.64
C GLU A 719 -5.63 -10.59 7.75
N LEU A 720 -6.78 -11.18 7.42
CA LEU A 720 -7.62 -11.91 8.36
C LEU A 720 -7.48 -13.42 8.20
N SER A 721 -6.40 -13.85 7.53
CA SER A 721 -6.15 -15.26 7.24
C SER A 721 -6.01 -16.10 8.49
N THR A 722 -5.57 -15.50 9.59
CA THR A 722 -5.55 -16.17 10.89
C THR A 722 -6.97 -16.53 11.34
N MET A 723 -7.89 -15.57 11.25
CA MET A 723 -9.26 -15.87 11.59
C MET A 723 -9.92 -16.77 10.55
N TYR A 724 -9.49 -16.69 9.29
CA TYR A 724 -9.95 -17.62 8.27
C TYR A 724 -9.52 -19.06 8.55
N ARG A 725 -8.32 -19.22 9.10
CA ARG A 725 -7.92 -20.52 9.61
C ARG A 725 -8.70 -20.91 10.85
N HIS A 726 -9.09 -19.93 11.67
CA HIS A 726 -9.82 -20.28 12.87
C HIS A 726 -11.25 -20.69 12.55
N MET A 727 -11.89 -19.97 11.62
CA MET A 727 -13.23 -20.30 11.16
C MET A 727 -13.27 -21.54 10.27
N GLU A 728 -12.11 -21.99 9.76
CA GLU A 728 -12.11 -23.22 8.98
C GLU A 728 -12.48 -24.43 9.84
N LYS A 729 -12.20 -24.37 11.13
CA LYS A 729 -12.41 -25.51 12.02
C LYS A 729 -13.88 -25.75 12.37
N HIS A 730 -14.78 -24.79 12.12
CA HIS A 730 -16.15 -24.96 12.57
C HIS A 730 -17.16 -24.65 11.47
N ASN A 731 -16.75 -24.84 10.22
CA ASN A 731 -17.57 -24.47 9.08
C ASN A 731 -18.75 -25.42 8.90
N TYR A 732 -19.80 -24.91 8.25
CA TYR A 732 -21.08 -25.59 8.14
C TYR A 732 -21.39 -25.97 6.70
N GLU A 733 -22.36 -26.87 6.55
CA GLU A 733 -22.77 -27.38 5.25
C GLU A 733 -23.92 -26.58 4.62
N SER A 734 -24.95 -26.25 5.39
CA SER A 734 -26.06 -25.46 4.89
C SER A 734 -26.27 -24.26 5.80
N ALA A 735 -26.95 -23.25 5.27
CA ALA A 735 -27.30 -22.10 6.10
C ALA A 735 -28.36 -22.45 7.12
N ALA A 736 -29.22 -23.42 6.84
CA ALA A 736 -30.30 -23.79 7.75
C ALA A 736 -29.80 -24.38 9.06
N GLU A 737 -28.61 -25.00 9.04
CA GLU A 737 -27.92 -25.36 10.28
C GLU A 737 -27.59 -24.15 11.13
N ALA A 738 -26.91 -23.15 10.57
CA ALA A 738 -26.54 -21.97 11.36
C ALA A 738 -27.76 -21.14 11.76
N ILE A 739 -28.82 -21.20 10.95
CA ILE A 739 -30.11 -20.61 11.29
C ILE A 739 -30.67 -21.25 12.56
N GLN A 740 -30.65 -22.57 12.62
CA GLN A 740 -31.09 -23.19 13.87
C GLN A 740 -30.09 -22.99 14.99
N ALA A 741 -28.80 -22.93 14.65
CA ALA A 741 -27.74 -22.91 15.65
C ALA A 741 -27.63 -21.60 16.43
N VAL A 742 -27.95 -20.46 15.80
CA VAL A 742 -28.05 -19.22 16.56
C VAL A 742 -29.13 -19.32 17.65
N ARG A 743 -30.28 -19.91 17.33
CA ARG A 743 -31.30 -20.19 18.34
C ARG A 743 -30.90 -21.30 19.30
N ASP A 744 -29.91 -22.11 18.94
CA ASP A 744 -29.32 -23.12 19.80
C ASP A 744 -28.38 -22.51 20.81
N ASN A 745 -27.85 -21.33 20.49
CA ASN A 745 -27.12 -20.45 21.40
C ASN A 745 -25.85 -21.14 21.90
N LYS A 746 -25.24 -21.83 20.96
CA LYS A 746 -23.88 -22.34 21.00
C LYS A 746 -23.00 -21.66 19.96
N LEU A 747 -23.48 -20.56 19.37
CA LEU A 747 -22.90 -19.94 18.18
C LEU A 747 -23.05 -18.43 18.32
N HIS A 748 -21.90 -17.77 18.42
CA HIS A 748 -21.86 -16.32 18.61
C HIS A 748 -22.31 -15.52 17.39
N ALA A 749 -21.75 -15.80 16.22
CA ALA A 749 -22.15 -15.05 15.04
C ALA A 749 -21.95 -15.87 13.77
N PHE A 750 -22.81 -15.58 12.79
CA PHE A 750 -22.73 -16.15 11.46
C PHE A 750 -22.73 -15.03 10.43
N ILE A 751 -21.99 -15.24 9.33
CA ILE A 751 -21.84 -14.26 8.28
C ILE A 751 -22.60 -14.70 7.03
N TRP A 752 -23.41 -13.79 6.48
CA TRP A 752 -24.22 -14.11 5.31
C TRP A 752 -24.61 -12.82 4.60
N ASP A 753 -25.04 -12.96 3.35
CA ASP A 753 -25.65 -11.84 2.64
C ASP A 753 -26.94 -11.40 3.32
N SER A 754 -27.19 -10.09 3.28
CA SER A 754 -28.35 -9.48 3.94
C SER A 754 -29.68 -9.89 3.36
N ALA A 755 -29.71 -10.44 2.13
CA ALA A 755 -30.96 -10.76 1.46
C ALA A 755 -31.75 -11.84 2.22
N VAL A 756 -31.06 -12.74 2.88
CA VAL A 756 -31.71 -13.79 3.65
C VAL A 756 -31.79 -13.39 5.11
N LEU A 757 -30.79 -12.62 5.55
CA LEU A 757 -30.70 -12.23 6.96
C LEU A 757 -31.80 -11.27 7.37
N GLU A 758 -32.05 -10.24 6.55
CA GLU A 758 -33.12 -9.31 6.91
C GLU A 758 -34.50 -9.89 6.69
N PHE A 759 -34.61 -10.90 5.82
CA PHE A 759 -35.83 -11.68 5.74
C PHE A 759 -36.07 -12.47 7.02
N GLU A 760 -35.05 -13.13 7.54
CA GLU A 760 -35.28 -13.96 8.72
C GLU A 760 -35.48 -13.12 9.97
N ALA A 761 -34.85 -11.95 10.01
CA ALA A 761 -35.09 -10.97 11.07
C ALA A 761 -36.52 -10.44 11.01
N SER A 762 -37.04 -10.23 9.79
CA SER A 762 -38.40 -9.76 9.65
C SER A 762 -39.41 -10.86 9.99
N GLN A 763 -39.06 -12.12 9.77
CA GLN A 763 -40.05 -13.18 9.74
C GLN A 763 -40.20 -13.86 11.08
N LYS A 764 -39.14 -14.52 11.58
CA LYS A 764 -39.41 -15.49 12.64
C LYS A 764 -39.55 -14.79 13.99
N CYS A 765 -38.43 -14.40 14.59
CA CYS A 765 -38.25 -13.28 15.53
C CYS A 765 -36.81 -13.31 16.02
N ASP A 766 -36.50 -12.38 16.93
CA ASP A 766 -35.50 -12.54 17.99
C ASP A 766 -34.07 -12.62 17.47
N LEU A 767 -33.70 -11.71 16.57
CA LEU A 767 -32.33 -11.57 16.08
C LEU A 767 -32.18 -10.14 15.58
N VAL A 768 -30.93 -9.67 15.50
CA VAL A 768 -30.63 -8.36 14.94
C VAL A 768 -29.44 -8.52 14.00
N THR A 769 -29.13 -7.45 13.27
CA THR A 769 -27.93 -7.31 12.47
C THR A 769 -27.35 -5.94 12.77
N THR A 770 -26.04 -5.79 12.55
CA THR A 770 -25.37 -4.53 12.83
C THR A 770 -25.05 -3.72 11.58
N GLY A 771 -25.76 -3.96 10.48
CA GLY A 771 -25.50 -3.22 9.25
C GLY A 771 -24.16 -3.59 8.64
N GLU A 772 -23.47 -2.57 8.10
CA GLU A 772 -22.09 -2.64 7.61
C GLU A 772 -21.98 -3.68 6.49
N LEU A 773 -22.62 -3.33 5.38
CA LEU A 773 -22.60 -4.14 4.17
C LEU A 773 -21.20 -4.16 3.57
N PHE A 774 -20.47 -5.25 3.81
CA PHE A 774 -19.07 -5.33 3.35
C PHE A 774 -19.01 -5.51 1.84
N PHE A 775 -19.63 -6.55 1.31
CA PHE A 775 -19.87 -6.60 -0.10
C PHE A 775 -21.12 -5.82 -0.45
N ARG A 776 -21.19 -5.39 -1.70
CA ARG A 776 -22.38 -4.74 -2.22
C ARG A 776 -22.51 -5.31 -3.62
N SER A 777 -23.26 -6.40 -3.74
CA SER A 777 -23.27 -7.20 -4.96
C SER A 777 -24.71 -7.51 -5.34
N GLY A 778 -24.85 -8.17 -6.51
CA GLY A 778 -26.14 -8.52 -7.03
C GLY A 778 -26.24 -10.02 -7.33
N PHE A 779 -27.40 -10.41 -7.81
CA PHE A 779 -27.73 -11.81 -8.06
C PHE A 779 -28.05 -11.90 -9.54
N GLY A 780 -27.04 -12.21 -10.34
CA GLY A 780 -27.21 -12.50 -11.75
C GLY A 780 -27.64 -13.92 -12.01
N ILE A 781 -27.72 -14.26 -13.29
CA ILE A 781 -28.15 -15.59 -13.72
C ILE A 781 -26.99 -16.22 -14.49
N GLY A 782 -26.62 -17.43 -14.08
CA GLY A 782 -25.53 -18.16 -14.70
C GLY A 782 -25.82 -18.93 -15.96
N MET A 783 -25.15 -18.60 -17.06
CA MET A 783 -25.26 -19.37 -18.30
C MET A 783 -23.87 -19.73 -18.79
N ARG A 784 -23.82 -20.66 -19.73
CA ARG A 784 -22.57 -20.99 -20.41
C ARG A 784 -22.17 -19.86 -21.34
N LYS A 785 -20.87 -19.75 -21.57
CA LYS A 785 -20.35 -18.67 -22.39
C LYS A 785 -20.74 -18.85 -23.84
N ASP A 786 -20.86 -17.71 -24.54
CA ASP A 786 -21.25 -17.64 -25.95
C ASP A 786 -22.61 -18.27 -26.20
N SER A 787 -23.51 -18.14 -25.24
CA SER A 787 -24.89 -18.51 -25.42
C SER A 787 -25.60 -17.48 -26.29
N PRO A 788 -26.60 -17.89 -27.06
CA PRO A 788 -27.49 -16.93 -27.72
C PRO A 788 -28.54 -16.32 -26.81
N TRP A 789 -28.42 -16.47 -25.48
CA TRP A 789 -29.46 -16.09 -24.56
C TRP A 789 -28.91 -15.15 -23.48
N LYS A 790 -28.15 -14.15 -23.88
CA LYS A 790 -27.69 -13.14 -22.93
C LYS A 790 -28.45 -11.83 -23.05
N GLN A 791 -28.53 -11.32 -24.26
CA GLN A 791 -28.95 -9.94 -24.51
C GLN A 791 -30.44 -9.78 -24.24
N GLN A 792 -31.25 -10.58 -24.91
CA GLN A 792 -32.70 -10.53 -24.76
C GLN A 792 -33.13 -10.91 -23.35
N VAL A 793 -32.39 -11.79 -22.69
CA VAL A 793 -32.69 -12.13 -21.31
C VAL A 793 -32.44 -10.93 -20.39
N SER A 794 -31.30 -10.27 -20.55
CA SER A 794 -31.04 -9.07 -19.75
C SER A 794 -31.95 -7.91 -20.16
N LEU A 795 -32.44 -7.91 -21.40
CA LEU A 795 -33.46 -6.95 -21.79
C LEU A 795 -34.75 -7.20 -21.04
N SER A 796 -35.13 -8.46 -20.88
CA SER A 796 -36.31 -8.77 -20.09
C SER A 796 -36.10 -8.48 -18.62
N ILE A 797 -34.85 -8.54 -18.16
CA ILE A 797 -34.53 -8.10 -16.80
C ILE A 797 -34.81 -6.62 -16.63
N LEU A 798 -34.47 -5.83 -17.65
CA LEU A 798 -34.82 -4.41 -17.63
C LEU A 798 -36.33 -4.23 -17.71
N LYS A 799 -37.00 -5.05 -18.51
CA LYS A 799 -38.45 -4.91 -18.68
C LYS A 799 -39.18 -5.23 -17.38
N SER A 800 -38.71 -6.25 -16.66
CA SER A 800 -39.19 -6.56 -15.33
C SER A 800 -38.83 -5.48 -14.31
N HIS A 801 -37.81 -4.68 -14.60
CA HIS A 801 -37.57 -3.52 -13.74
C HIS A 801 -38.45 -2.33 -14.12
N GLU A 802 -38.76 -2.16 -15.40
CA GLU A 802 -39.45 -0.97 -15.89
C GLU A 802 -40.97 -1.05 -15.79
N ASN A 803 -41.50 -1.92 -14.93
CA ASN A 803 -42.90 -1.89 -14.60
C ASN A 803 -43.15 -1.98 -13.12
N GLY A 804 -42.12 -2.09 -12.30
CA GLY A 804 -42.28 -2.35 -10.88
C GLY A 804 -42.69 -3.77 -10.54
N PHE A 805 -42.69 -4.67 -11.51
CA PHE A 805 -43.11 -6.05 -11.26
C PHE A 805 -42.12 -6.76 -10.35
N MET A 806 -40.85 -6.36 -10.42
CA MET A 806 -39.86 -6.72 -9.41
C MET A 806 -40.32 -6.30 -8.02
N GLU A 807 -40.80 -5.07 -7.89
CA GLU A 807 -41.31 -4.60 -6.60
C GLU A 807 -42.63 -5.28 -6.26
N ASP A 808 -43.38 -5.72 -7.26
CA ASP A 808 -44.61 -6.46 -6.99
C ASP A 808 -44.29 -7.79 -6.33
N LEU A 809 -43.35 -8.53 -6.91
CA LEU A 809 -42.93 -9.78 -6.28
C LEU A 809 -42.19 -9.53 -4.96
N ASP A 810 -41.60 -8.34 -4.80
CA ASP A 810 -41.01 -7.95 -3.52
C ASP A 810 -42.07 -7.82 -2.45
N LYS A 811 -43.23 -7.26 -2.83
CA LYS A 811 -44.36 -7.18 -1.91
C LYS A 811 -44.89 -8.56 -1.60
N THR A 812 -44.97 -9.42 -2.62
CA THR A 812 -45.63 -10.70 -2.41
C THR A 812 -44.75 -11.70 -1.70
N TRP A 813 -43.46 -11.41 -1.52
CA TRP A 813 -42.63 -12.42 -0.87
C TRP A 813 -41.96 -11.97 0.41
N VAL A 814 -41.25 -10.84 0.42
CA VAL A 814 -40.41 -10.52 1.58
C VAL A 814 -40.88 -9.31 2.37
N ARG A 815 -41.86 -8.57 1.87
CA ARG A 815 -42.34 -7.36 2.54
C ARG A 815 -43.43 -7.67 3.57
N TYR A 816 -43.09 -8.54 4.52
CA TYR A 816 -44.03 -9.02 5.53
C TYR A 816 -43.33 -8.91 6.88
N GLN A 817 -43.43 -7.73 7.50
CA GLN A 817 -42.85 -7.55 8.82
C GLN A 817 -43.77 -8.11 9.89
N GLU A 818 -43.24 -9.01 10.71
CA GLU A 818 -44.00 -9.62 11.79
C GLU A 818 -43.62 -9.11 13.17
N CYS A 819 -42.34 -9.22 13.54
CA CYS A 819 -41.86 -8.73 14.82
C CYS A 819 -41.55 -7.25 14.78
N ASP A 820 -41.44 -6.68 15.98
CA ASP A 820 -41.19 -5.26 16.15
C ASP A 820 -39.76 -4.91 15.74
N SER A 821 -39.55 -3.62 15.50
CA SER A 821 -38.23 -3.07 15.17
C SER A 821 -37.39 -2.89 16.44
N ARG A 822 -36.23 -2.25 16.28
CA ARG A 822 -35.31 -2.02 17.40
C ARG A 822 -35.86 -0.94 18.34
N SER A 823 -36.83 -0.17 17.83
CA SER A 823 -37.10 1.25 18.06
C SER A 823 -36.79 1.83 19.43
N ASN A 824 -37.34 1.18 20.46
CA ASN A 824 -37.15 1.52 21.88
C ASN A 824 -37.48 2.98 22.21
N ALA A 825 -41.47 1.68 20.90
CA ALA A 825 -41.89 2.26 22.17
C ALA A 825 -40.88 1.97 23.26
N PRO A 826 -40.51 3.00 24.02
CA PRO A 826 -39.55 2.80 25.11
C PRO A 826 -40.07 1.90 26.21
N ALA A 827 -41.36 2.00 26.53
CA ALA A 827 -41.99 1.15 27.53
C ALA A 827 -43.48 1.11 27.27
N THR A 828 -44.15 0.23 28.02
CA THR A 828 -45.60 0.18 28.05
C THR A 828 -46.03 -0.29 29.44
N LEU A 829 -47.19 0.20 29.87
CA LEU A 829 -47.70 -0.06 31.21
C LEU A 829 -49.18 -0.46 31.09
N THR A 830 -49.43 -1.74 30.85
CA THR A 830 -50.80 -2.17 30.61
C THR A 830 -51.44 -2.75 31.85
N CYS A 831 -51.00 -3.94 32.26
CA CYS A 831 -51.62 -4.64 33.39
C CYS A 831 -50.64 -5.38 34.26
N GLU A 832 -49.47 -5.74 33.76
CA GLU A 832 -48.77 -6.92 34.24
C GLU A 832 -47.99 -6.67 35.52
N ASN A 833 -47.20 -5.60 35.54
CA ASN A 833 -46.27 -5.41 36.65
C ASN A 833 -46.94 -4.99 37.94
N MET A 834 -48.14 -4.42 37.87
CA MET A 834 -48.80 -3.81 39.01
C MET A 834 -49.37 -4.81 40.03
N ALA A 835 -49.20 -6.12 39.82
CA ALA A 835 -49.69 -7.11 40.77
C ALA A 835 -48.97 -7.06 42.12
N GLY A 836 -47.73 -6.56 42.16
CA GLY A 836 -47.07 -6.34 43.43
C GLY A 836 -47.69 -5.28 44.31
N VAL A 837 -48.35 -4.29 43.72
CA VAL A 837 -49.10 -3.28 44.46
C VAL A 837 -50.60 -3.47 44.31
N PHE A 838 -51.05 -4.54 43.67
CA PHE A 838 -52.49 -4.79 43.70
C PHE A 838 -52.96 -5.47 44.98
N MET A 839 -52.05 -5.92 45.83
CA MET A 839 -52.41 -6.57 47.09
C MET A 839 -52.71 -5.58 48.20
N LEU A 840 -52.56 -4.28 47.94
CA LEU A 840 -52.74 -3.28 48.98
C LEU A 840 -54.20 -3.11 49.33
N VAL A 841 -55.11 -3.51 48.45
CA VAL A 841 -56.53 -3.25 48.65
C VAL A 841 -57.15 -4.32 49.54
N ALA A 842 -56.55 -5.51 49.58
CA ALA A 842 -57.08 -6.63 50.34
C ALA A 842 -56.15 -7.06 51.47
N GLY A 843 -54.97 -6.45 51.60
CA GLY A 843 -54.03 -6.87 52.63
C GLY A 843 -54.45 -6.53 54.05
N GLY A 844 -55.36 -5.56 54.23
CA GLY A 844 -55.76 -5.15 55.56
C GLY A 844 -57.26 -5.04 55.76
N ILE A 845 -58.01 -5.17 54.67
CA ILE A 845 -59.45 -4.97 54.79
C ILE A 845 -60.13 -6.18 55.42
N VAL A 846 -59.48 -7.35 55.39
CA VAL A 846 -60.11 -8.53 55.95
C VAL A 846 -59.83 -8.61 57.44
N ALA A 847 -58.80 -7.91 57.92
CA ALA A 847 -58.51 -7.84 59.34
C ALA A 847 -59.15 -6.61 59.98
N GLY A 848 -59.62 -5.67 59.15
CA GLY A 848 -60.30 -4.52 59.72
C GLY A 848 -61.65 -4.87 60.31
N ILE A 849 -62.22 -6.01 59.91
CA ILE A 849 -63.42 -6.53 60.56
C ILE A 849 -63.12 -6.88 62.01
N PHE A 850 -61.96 -7.50 62.26
CA PHE A 850 -61.55 -7.75 63.63
C PHE A 850 -61.17 -6.46 64.32
N LEU A 851 -60.71 -5.46 63.57
CA LEU A 851 -60.45 -4.16 64.16
C LEU A 851 -61.75 -3.47 64.59
N ILE A 852 -62.84 -3.70 63.86
CA ILE A 852 -64.18 -3.29 64.31
C ILE A 852 -64.57 -4.07 65.57
N PHE A 853 -64.26 -5.36 65.61
CA PHE A 853 -64.56 -6.14 66.82
C PHE A 853 -63.70 -5.69 68.00
N ILE A 854 -62.47 -5.24 67.72
CA ILE A 854 -61.61 -4.67 68.75
C ILE A 854 -62.18 -3.35 69.24
N GLU A 855 -62.69 -2.53 68.31
CA GLU A 855 -63.21 -1.22 68.69
C GLU A 855 -64.51 -1.35 69.48
N ILE A 856 -65.38 -2.28 69.09
CA ILE A 856 -66.59 -2.51 69.88
C ILE A 856 -66.29 -3.23 71.19
N ALA A 857 -65.17 -3.94 71.30
CA ALA A 857 -64.71 -4.41 72.61
C ALA A 857 -64.18 -3.26 73.47
N TYR A 858 -63.53 -2.29 72.85
CA TYR A 858 -63.04 -1.14 73.61
C TYR A 858 -64.20 -0.27 74.05
N LYS A 859 -65.20 -0.11 73.20
CA LYS A 859 -66.37 0.67 73.57
C LYS A 859 -67.25 -0.09 74.56
N SER A 860 -67.18 -1.42 74.59
CA SER A 860 -67.80 -2.16 75.68
C SER A 860 -67.00 -2.05 76.97
N ARG A 861 -65.70 -1.80 76.89
CA ARG A 861 -64.95 -1.49 78.11
C ARG A 861 -65.03 -0.02 78.47
N ALA A 862 -64.78 0.86 77.50
CA ALA A 862 -64.85 2.30 77.73
C ALA A 862 -66.19 2.87 77.25
N SER B 65 13.37 -73.86 -5.20
CA SER B 65 14.52 -74.01 -6.08
C SER B 65 14.50 -72.99 -7.22
N ILE B 66 15.06 -71.82 -6.96
CA ILE B 66 14.99 -70.69 -7.89
C ILE B 66 16.41 -70.35 -8.31
N GLY B 67 16.72 -70.61 -9.58
CA GLY B 67 17.99 -70.21 -10.16
C GLY B 67 18.15 -68.70 -10.26
N ILE B 68 19.06 -68.14 -9.46
CA ILE B 68 19.25 -66.70 -9.42
C ILE B 68 20.68 -66.38 -9.83
N ALA B 69 20.84 -65.37 -10.66
CA ALA B 69 22.13 -64.79 -10.97
C ALA B 69 22.29 -63.40 -10.35
N VAL B 70 23.45 -63.14 -9.82
CA VAL B 70 23.84 -61.79 -9.41
C VAL B 70 25.04 -61.41 -10.28
N ILE B 71 24.91 -60.28 -10.97
CA ILE B 71 25.82 -59.89 -12.03
C ILE B 71 26.37 -58.51 -11.70
N LEU B 72 27.67 -58.33 -11.87
CA LEU B 72 28.33 -57.07 -11.60
C LEU B 72 29.27 -56.75 -12.74
N VAL B 73 29.65 -55.48 -12.83
CA VAL B 73 30.71 -55.03 -13.72
C VAL B 73 31.76 -54.33 -12.87
N GLY B 74 32.75 -55.13 -12.46
CA GLY B 74 33.96 -54.64 -11.83
C GLY B 74 33.75 -54.21 -10.39
N THR B 75 34.87 -54.12 -9.66
CA THR B 75 34.95 -53.72 -8.26
C THR B 75 34.02 -54.58 -7.38
N SER B 76 34.32 -55.87 -7.36
CA SER B 76 33.53 -56.85 -6.64
C SER B 76 34.08 -57.08 -5.23
N ASP B 77 33.18 -57.33 -4.30
CA ASP B 77 33.53 -57.77 -2.95
C ASP B 77 32.91 -59.14 -2.75
N GLU B 78 33.61 -60.16 -3.25
CA GLU B 78 33.11 -61.52 -3.36
C GLU B 78 32.97 -62.22 -2.02
N VAL B 79 33.69 -61.77 -1.01
CA VAL B 79 33.51 -62.35 0.31
C VAL B 79 32.23 -61.85 0.97
N ALA B 80 31.84 -60.60 0.73
CA ALA B 80 30.53 -60.13 1.20
C ALA B 80 29.40 -60.85 0.47
N ILE B 81 29.64 -61.23 -0.79
CA ILE B 81 28.77 -62.14 -1.50
C ILE B 81 28.71 -63.49 -0.80
N LYS B 82 29.88 -64.02 -0.43
CA LYS B 82 29.92 -65.35 0.19
C LYS B 82 29.28 -65.33 1.58
N ASP B 83 29.33 -64.19 2.26
CA ASP B 83 28.89 -64.12 3.64
C ASP B 83 27.41 -63.80 3.79
N ALA B 84 26.83 -62.99 2.89
CA ALA B 84 25.47 -62.48 3.12
C ALA B 84 24.42 -63.58 3.14
N HIS B 85 24.08 -64.11 1.96
CA HIS B 85 23.91 -65.52 1.61
C HIS B 85 23.56 -66.49 2.74
N GLU B 86 22.58 -66.15 3.56
CA GLU B 86 22.23 -66.96 4.72
C GLU B 86 21.02 -67.81 4.38
N LYS B 87 21.21 -69.13 4.38
CA LYS B 87 20.12 -70.04 4.05
C LYS B 87 19.09 -70.12 5.18
N ASP B 88 19.50 -69.84 6.41
CA ASP B 88 18.59 -69.96 7.54
C ASP B 88 17.61 -68.81 7.60
N ASP B 89 17.89 -67.70 6.91
CA ASP B 89 16.90 -66.64 6.76
C ASP B 89 15.94 -66.93 5.63
N PHE B 90 16.15 -68.05 4.92
CA PHE B 90 15.26 -68.52 3.88
C PHE B 90 14.67 -69.84 4.34
N HIS B 91 14.19 -69.86 5.58
CA HIS B 91 14.08 -71.08 6.39
C HIS B 91 13.00 -72.03 5.90
N HIS B 92 13.23 -72.67 4.74
CA HIS B 92 12.48 -73.83 4.26
C HIS B 92 10.99 -73.50 4.07
N LEU B 93 10.72 -72.50 3.24
CA LEU B 93 9.32 -72.10 3.02
C LEU B 93 8.74 -72.84 1.81
N SER B 94 9.25 -72.52 0.62
CA SER B 94 9.00 -73.36 -0.56
C SER B 94 10.17 -73.43 -1.51
N VAL B 95 11.14 -72.54 -1.39
CA VAL B 95 12.14 -72.27 -2.41
C VAL B 95 13.51 -72.27 -1.77
N VAL B 96 14.53 -72.57 -2.57
CA VAL B 96 15.89 -72.35 -2.11
C VAL B 96 16.61 -71.57 -3.21
N PRO B 97 17.46 -70.63 -2.83
CA PRO B 97 18.17 -69.81 -3.83
C PRO B 97 19.32 -70.58 -4.47
N ARG B 98 19.12 -70.99 -5.72
CA ARG B 98 20.18 -71.56 -6.55
C ARG B 98 20.98 -70.42 -7.17
N VAL B 99 21.98 -69.94 -6.46
CA VAL B 99 22.62 -68.67 -6.79
C VAL B 99 23.85 -68.93 -7.65
N GLU B 100 24.10 -68.05 -8.61
CA GLU B 100 25.27 -68.11 -9.46
C GLU B 100 25.80 -66.69 -9.64
N LEU B 101 27.13 -66.56 -9.65
CA LEU B 101 27.77 -65.25 -9.64
C LEU B 101 28.39 -64.99 -11.00
N VAL B 102 28.14 -63.79 -11.53
CA VAL B 102 28.76 -63.31 -12.77
C VAL B 102 29.44 -61.99 -12.48
N ALA B 103 30.67 -61.84 -12.98
CA ALA B 103 31.37 -60.57 -12.94
C ALA B 103 31.83 -60.21 -14.34
N MET B 104 31.76 -58.92 -14.66
CA MET B 104 32.09 -58.41 -15.98
C MET B 104 33.02 -57.21 -15.84
N ASN B 105 33.51 -56.75 -16.99
CA ASN B 105 34.25 -55.50 -17.05
C ASN B 105 33.91 -54.73 -18.33
N GLU B 106 32.68 -54.88 -18.80
CA GLU B 106 32.34 -54.46 -20.15
C GLU B 106 31.78 -53.04 -20.19
N THR B 107 32.14 -52.31 -21.24
CA THR B 107 31.40 -51.17 -21.79
C THR B 107 30.62 -51.63 -23.02
N ASP B 108 30.11 -52.86 -22.96
CA ASP B 108 29.68 -53.61 -24.14
C ASP B 108 28.24 -54.07 -23.98
N PRO B 109 27.26 -53.18 -24.21
CA PRO B 109 25.85 -53.57 -24.01
C PRO B 109 25.37 -54.62 -24.98
N LYS B 110 26.01 -54.73 -26.15
CA LYS B 110 25.67 -55.74 -27.14
C LYS B 110 26.00 -57.13 -26.60
N SER B 111 27.25 -57.33 -26.17
CA SER B 111 27.64 -58.62 -25.64
C SER B 111 27.00 -58.88 -24.28
N ILE B 112 26.66 -57.81 -23.56
CA ILE B 112 25.82 -57.90 -22.37
C ILE B 112 24.49 -58.57 -22.68
N ILE B 113 23.84 -58.16 -23.77
CA ILE B 113 22.59 -58.83 -24.13
C ILE B 113 22.84 -60.25 -24.64
N THR B 114 23.89 -60.44 -25.44
CA THR B 114 24.02 -61.73 -26.15
C THR B 114 24.44 -62.83 -25.19
N ARG B 115 25.45 -62.60 -24.33
CA ARG B 115 25.91 -63.69 -23.48
C ARG B 115 24.90 -63.98 -22.38
N ILE B 116 24.08 -63.01 -22.01
CA ILE B 116 23.08 -63.26 -20.97
C ILE B 116 21.96 -64.10 -21.55
N CYS B 117 21.59 -63.81 -22.82
CA CYS B 117 20.78 -64.74 -23.61
C CYS B 117 21.40 -66.13 -23.69
N ASP B 118 22.71 -66.20 -23.95
CA ASP B 118 23.43 -67.46 -23.99
C ASP B 118 23.61 -68.09 -22.62
N LEU B 119 23.42 -67.34 -21.54
CA LEU B 119 23.55 -67.92 -20.21
C LEU B 119 22.26 -68.67 -19.86
N MET B 120 22.13 -69.01 -18.58
CA MET B 120 21.06 -69.86 -18.10
C MET B 120 19.72 -69.12 -18.02
N SER B 121 19.67 -67.85 -18.44
CA SER B 121 18.41 -67.16 -18.64
C SER B 121 17.56 -67.88 -19.67
N ASP B 122 18.21 -68.50 -20.65
CA ASP B 122 17.52 -69.40 -21.55
C ASP B 122 17.43 -70.80 -20.94
N ARG B 123 18.48 -71.22 -20.22
CA ARG B 123 18.58 -72.61 -19.80
C ARG B 123 18.00 -72.85 -18.41
N LYS B 124 18.54 -72.21 -17.37
CA LYS B 124 18.20 -72.58 -15.99
C LYS B 124 17.56 -71.44 -15.21
N ILE B 125 18.19 -70.28 -15.16
CA ILE B 125 17.86 -69.25 -14.17
C ILE B 125 16.65 -68.45 -14.63
N GLN B 126 15.67 -68.32 -13.75
CA GLN B 126 14.45 -67.61 -14.11
C GLN B 126 14.45 -66.17 -13.63
N GLY B 127 15.38 -65.80 -12.75
CA GLY B 127 15.38 -64.48 -12.15
C GLY B 127 16.78 -64.02 -11.83
N VAL B 128 17.09 -62.75 -12.10
CA VAL B 128 18.45 -62.23 -12.04
C VAL B 128 18.40 -60.80 -11.53
N VAL B 129 19.39 -60.41 -10.74
CA VAL B 129 19.60 -59.01 -10.37
C VAL B 129 20.90 -58.53 -10.99
N PHE B 130 21.05 -57.21 -11.04
CA PHE B 130 22.21 -56.64 -11.71
C PHE B 130 22.63 -55.33 -11.06
N ALA B 131 23.94 -55.18 -10.88
CA ALA B 131 24.59 -54.02 -10.30
C ALA B 131 25.57 -53.40 -11.28
N ASP B 132 25.84 -52.11 -11.10
CA ASP B 132 26.83 -51.41 -11.91
C ASP B 132 27.67 -50.51 -11.03
N ASP B 133 28.58 -49.79 -11.67
CA ASP B 133 29.39 -48.79 -11.01
C ASP B 133 29.58 -47.56 -11.89
N THR B 134 28.82 -47.46 -12.97
CA THR B 134 28.99 -46.44 -13.99
C THR B 134 27.80 -45.47 -13.98
N ASP B 135 27.77 -44.58 -14.96
CA ASP B 135 26.70 -43.60 -15.11
C ASP B 135 26.02 -43.71 -16.48
N GLN B 136 25.75 -44.93 -16.93
CA GLN B 136 25.23 -45.13 -18.28
C GLN B 136 23.72 -45.00 -18.27
N GLU B 137 23.18 -44.61 -19.43
CA GLU B 137 21.75 -44.33 -19.55
C GLU B 137 21.00 -45.37 -20.38
N ALA B 138 21.62 -45.92 -21.42
CA ALA B 138 21.00 -46.91 -22.29
C ALA B 138 20.70 -48.24 -21.61
N ILE B 139 21.19 -48.44 -20.38
CA ILE B 139 20.82 -49.59 -19.57
C ILE B 139 19.33 -49.58 -19.28
N ALA B 140 18.71 -48.40 -19.23
CA ALA B 140 17.25 -48.31 -19.17
C ALA B 140 16.60 -48.95 -20.39
N GLN B 141 17.09 -48.63 -21.58
CA GLN B 141 16.53 -49.24 -22.80
C GLN B 141 16.81 -50.73 -22.86
N ILE B 142 17.96 -51.16 -22.34
CA ILE B 142 18.27 -52.59 -22.26
C ILE B 142 17.28 -53.29 -21.35
N LEU B 143 16.92 -52.61 -20.25
CA LEU B 143 15.89 -53.11 -19.33
C LEU B 143 14.57 -53.19 -20.04
N ASP B 144 14.23 -52.16 -20.81
CA ASP B 144 12.90 -52.04 -21.36
C ASP B 144 12.69 -53.10 -22.44
N PHE B 145 13.71 -53.33 -23.26
CA PHE B 145 13.58 -54.34 -24.30
C PHE B 145 13.62 -55.77 -23.76
N ILE B 146 14.41 -56.04 -22.71
CA ILE B 146 14.28 -57.39 -22.14
C ILE B 146 12.96 -57.56 -21.40
N SER B 147 12.43 -56.50 -20.80
CA SER B 147 11.08 -56.52 -20.28
C SER B 147 10.04 -56.67 -21.39
N ALA B 148 10.33 -56.13 -22.57
CA ALA B 148 9.40 -56.22 -23.68
C ALA B 148 9.36 -57.62 -24.26
N GLN B 149 10.45 -58.36 -24.19
CA GLN B 149 10.44 -59.65 -24.84
C GLN B 149 10.42 -60.82 -23.87
N THR B 150 10.85 -60.62 -22.63
CA THR B 150 11.03 -61.74 -21.72
C THR B 150 10.44 -61.39 -20.37
N LEU B 151 9.64 -62.30 -19.80
CA LEU B 151 9.06 -62.13 -18.47
C LEU B 151 10.05 -62.38 -17.35
N THR B 152 11.28 -62.76 -17.68
CA THR B 152 12.35 -62.96 -16.69
C THR B 152 12.71 -61.62 -16.04
N PRO B 153 12.71 -61.53 -14.72
CA PRO B 153 13.03 -60.25 -14.08
C PRO B 153 14.50 -59.95 -13.95
N ILE B 154 14.82 -58.70 -14.28
CA ILE B 154 16.12 -58.09 -14.04
C ILE B 154 15.90 -56.89 -13.13
N LEU B 155 16.82 -56.69 -12.19
CA LEU B 155 16.63 -55.68 -11.14
C LEU B 155 17.82 -54.73 -11.08
N GLY B 156 17.56 -53.56 -10.51
CA GLY B 156 18.57 -52.51 -10.40
C GLY B 156 19.12 -52.43 -8.99
N ILE B 157 20.45 -52.40 -8.89
CA ILE B 157 21.07 -52.45 -7.57
C ILE B 157 21.87 -51.19 -7.26
N HIS B 158 22.83 -50.87 -8.12
CA HIS B 158 23.75 -49.78 -7.85
C HIS B 158 24.35 -49.26 -9.16
N GLY B 159 24.99 -48.10 -9.08
CA GLY B 159 25.61 -47.49 -10.24
C GLY B 159 24.58 -47.04 -11.25
N GLY B 160 24.78 -47.39 -12.52
CA GLY B 160 23.80 -47.06 -13.53
C GLY B 160 22.64 -48.03 -13.63
N SER B 161 22.22 -48.54 -12.49
CA SER B 161 21.06 -49.38 -12.32
C SER B 161 20.01 -48.74 -11.41
N SER B 162 20.43 -48.16 -10.29
CA SER B 162 19.54 -47.33 -9.50
C SER B 162 19.49 -45.88 -9.98
N MET B 163 20.42 -45.47 -10.83
CA MET B 163 20.36 -44.14 -11.40
C MET B 163 19.39 -44.08 -12.57
N ILE B 164 18.88 -45.24 -12.98
CA ILE B 164 17.84 -45.39 -14.00
C ILE B 164 16.50 -44.94 -13.41
N MET B 165 16.02 -43.78 -13.88
CA MET B 165 14.67 -43.31 -13.61
C MET B 165 14.06 -43.00 -14.97
N ALA B 166 13.40 -43.99 -15.58
CA ALA B 166 12.84 -43.79 -16.90
C ALA B 166 11.40 -44.28 -16.95
N ASP B 167 10.54 -43.46 -17.54
CA ASP B 167 9.15 -43.84 -17.75
C ASP B 167 9.06 -44.90 -18.84
N LYS B 168 8.06 -45.77 -18.71
CA LYS B 168 7.91 -46.86 -19.66
C LYS B 168 6.43 -47.25 -19.73
N ASP B 169 6.08 -47.95 -20.81
CA ASP B 169 4.82 -48.67 -20.95
C ASP B 169 4.70 -49.74 -19.86
N GLU B 170 3.46 -50.27 -19.72
CA GLU B 170 3.20 -51.37 -18.80
C GLU B 170 4.09 -52.53 -19.19
N SER B 171 5.09 -52.78 -18.36
CA SER B 171 6.20 -53.62 -18.75
C SER B 171 6.05 -54.96 -18.07
N SER B 172 7.00 -55.85 -18.35
CA SER B 172 6.95 -57.07 -17.58
C SER B 172 7.66 -56.94 -16.26
N MET B 173 8.51 -55.92 -16.08
CA MET B 173 9.40 -55.76 -14.92
C MET B 173 9.99 -54.35 -14.94
N PHE B 174 10.85 -54.07 -13.96
CA PHE B 174 11.61 -52.83 -13.86
C PHE B 174 12.85 -53.04 -12.99
N PHE B 175 13.87 -52.21 -13.22
CA PHE B 175 15.05 -52.14 -12.35
C PHE B 175 14.70 -51.46 -11.03
N GLN B 176 14.02 -52.21 -10.16
CA GLN B 176 13.43 -51.65 -8.95
C GLN B 176 14.51 -51.27 -7.94
N PHE B 177 14.38 -50.08 -7.37
CA PHE B 177 15.39 -49.49 -6.49
C PHE B 177 14.66 -48.59 -5.50
N GLY B 178 15.39 -47.66 -4.88
CA GLY B 178 14.83 -46.79 -3.87
C GLY B 178 14.00 -45.66 -4.45
N PRO B 179 14.30 -44.42 -4.04
CA PRO B 179 13.31 -43.34 -4.15
C PRO B 179 13.06 -42.87 -5.57
N SER B 180 12.04 -42.02 -5.68
CA SER B 180 11.65 -41.30 -6.88
C SER B 180 12.15 -39.87 -6.83
N ILE B 181 11.73 -39.11 -7.85
CA ILE B 181 11.99 -37.68 -7.89
C ILE B 181 10.88 -36.95 -7.13
N GLU B 182 9.68 -37.54 -7.08
CA GLU B 182 8.60 -36.97 -6.31
C GLU B 182 8.85 -37.01 -4.81
N GLN B 183 9.49 -38.08 -4.33
CA GLN B 183 9.96 -38.13 -2.95
C GLN B 183 11.09 -37.13 -2.68
N GLN B 184 11.98 -36.91 -3.65
CA GLN B 184 12.99 -35.87 -3.47
C GLN B 184 12.42 -34.47 -3.49
N ALA B 185 11.36 -34.22 -4.27
CA ALA B 185 10.77 -32.89 -4.26
C ALA B 185 10.05 -32.64 -2.94
N SER B 186 9.48 -33.69 -2.37
CA SER B 186 8.76 -33.52 -1.12
C SER B 186 9.73 -33.28 0.02
N VAL B 187 10.81 -34.07 0.08
CA VAL B 187 11.76 -33.87 1.17
C VAL B 187 12.50 -32.54 0.99
N MET B 188 12.61 -32.04 -0.25
CA MET B 188 13.17 -30.70 -0.47
C MET B 188 12.26 -29.64 0.14
N LEU B 189 10.94 -29.87 0.09
CA LEU B 189 10.06 -28.98 0.83
C LEU B 189 10.18 -29.19 2.33
N ASN B 190 10.35 -30.43 2.77
CA ASN B 190 10.39 -30.71 4.21
C ASN B 190 11.62 -30.07 4.85
N ILE B 191 12.73 -30.03 4.11
CA ILE B 191 13.93 -29.34 4.58
C ILE B 191 13.73 -27.82 4.57
N MET B 192 13.13 -27.28 3.51
CA MET B 192 12.83 -25.85 3.53
C MET B 192 11.77 -25.45 4.55
N GLU B 193 10.89 -26.37 4.96
CA GLU B 193 10.04 -26.11 6.11
C GLU B 193 10.81 -26.14 7.42
N GLU B 194 11.65 -27.18 7.61
CA GLU B 194 12.35 -27.34 8.88
C GLU B 194 13.48 -26.33 9.04
N TYR B 195 14.47 -26.38 8.18
CA TYR B 195 15.42 -25.28 8.12
C TYR B 195 14.67 -24.12 7.50
N ASP B 196 14.40 -23.09 8.30
CA ASP B 196 13.45 -22.06 7.90
C ASP B 196 14.02 -21.20 6.79
N TRP B 197 13.74 -21.62 5.56
CA TRP B 197 14.37 -21.07 4.39
C TRP B 197 13.40 -21.27 3.23
N TYR B 198 13.44 -20.38 2.24
CA TYR B 198 12.31 -20.23 1.32
C TYR B 198 12.77 -20.30 -0.14
N ILE B 199 12.19 -21.25 -0.88
CA ILE B 199 12.40 -21.36 -2.32
C ILE B 199 11.61 -20.29 -3.04
N PHE B 200 12.21 -19.69 -4.07
CA PHE B 200 11.45 -18.91 -5.03
C PHE B 200 11.86 -19.13 -6.49
N SER B 201 12.87 -19.94 -6.78
CA SER B 201 13.27 -20.09 -8.17
C SER B 201 13.75 -21.50 -8.49
N ILE B 202 13.31 -22.01 -9.64
CA ILE B 202 13.73 -23.31 -10.16
C ILE B 202 14.26 -23.06 -11.57
N VAL B 203 15.18 -23.91 -12.03
CA VAL B 203 15.57 -23.93 -13.44
C VAL B 203 15.52 -25.38 -13.89
N THR B 204 15.22 -25.59 -15.17
CA THR B 204 15.22 -26.95 -15.69
C THR B 204 15.77 -26.99 -17.11
N THR B 205 16.21 -28.18 -17.50
CA THR B 205 16.58 -28.51 -18.86
C THR B 205 15.50 -29.37 -19.49
N TYR B 206 15.70 -29.72 -20.77
CA TYR B 206 14.71 -30.51 -21.51
C TYR B 206 14.86 -32.00 -21.21
N PHE B 207 14.85 -32.37 -19.97
CA PHE B 207 14.83 -33.75 -19.54
C PHE B 207 13.39 -34.16 -19.29
N PRO B 208 12.93 -35.29 -19.85
CA PRO B 208 11.52 -35.66 -19.76
C PRO B 208 11.12 -35.94 -18.32
N GLY B 209 10.06 -35.28 -17.87
CA GLY B 209 9.66 -35.33 -16.48
C GLY B 209 9.92 -34.04 -15.74
N TYR B 210 10.28 -32.97 -16.43
CA TYR B 210 10.59 -31.73 -15.73
C TYR B 210 9.35 -31.08 -15.10
N GLN B 211 8.23 -31.04 -15.84
CA GLN B 211 7.11 -30.19 -15.43
C GLN B 211 6.16 -30.79 -14.41
N ASP B 212 6.18 -32.10 -14.19
CA ASP B 212 5.21 -32.71 -13.28
C ASP B 212 5.49 -32.32 -11.83
N PHE B 213 6.73 -32.54 -11.37
CA PHE B 213 7.13 -32.15 -10.02
C PHE B 213 7.15 -30.64 -9.83
N VAL B 214 7.36 -29.87 -10.90
CA VAL B 214 7.22 -28.41 -10.83
C VAL B 214 5.78 -28.02 -10.50
N ASN B 215 4.82 -28.61 -11.21
CA ASN B 215 3.42 -28.31 -10.99
C ASN B 215 2.95 -28.89 -9.67
N LYS B 216 3.61 -29.97 -9.25
CA LYS B 216 3.35 -30.61 -7.97
C LYS B 216 3.70 -29.66 -6.85
N ILE B 217 4.94 -29.17 -6.85
CA ILE B 217 5.46 -28.42 -5.72
C ILE B 217 4.74 -27.09 -5.62
N ARG B 218 4.49 -26.45 -6.77
CA ARG B 218 3.81 -25.15 -6.74
C ARG B 218 2.37 -25.29 -6.25
N SER B 219 1.66 -26.32 -6.73
CA SER B 219 0.32 -26.56 -6.21
C SER B 219 0.31 -27.06 -4.77
N THR B 220 1.41 -27.68 -4.32
CA THR B 220 1.46 -28.11 -2.93
C THR B 220 1.61 -26.90 -2.02
N ILE B 221 2.37 -25.90 -2.47
CA ILE B 221 2.51 -24.69 -1.69
C ILE B 221 1.19 -23.93 -1.66
N GLU B 222 0.42 -24.00 -2.76
CA GLU B 222 -0.86 -23.30 -2.82
C GLU B 222 -1.91 -23.84 -1.86
N ASN B 223 -1.74 -25.06 -1.33
CA ASN B 223 -2.68 -25.58 -0.36
C ASN B 223 -2.22 -25.45 1.09
N SER B 224 -0.99 -25.02 1.33
CA SER B 224 -0.50 -24.88 2.70
C SER B 224 -1.03 -23.59 3.32
N PHE B 225 -0.83 -23.47 4.63
CA PHE B 225 -1.22 -22.25 5.33
C PHE B 225 -0.17 -21.17 5.14
N VAL B 226 1.06 -21.40 5.59
CA VAL B 226 2.14 -20.49 5.25
C VAL B 226 2.61 -20.81 3.83
N GLY B 227 3.20 -19.80 3.18
CA GLY B 227 3.45 -19.96 1.78
C GLY B 227 4.78 -19.48 1.25
N TRP B 228 5.50 -20.41 0.65
CA TRP B 228 6.58 -20.10 -0.26
C TRP B 228 6.03 -19.37 -1.48
N GLU B 229 6.87 -18.58 -2.13
CA GLU B 229 6.44 -17.96 -3.36
C GLU B 229 7.34 -18.45 -4.50
N LEU B 230 7.16 -17.89 -5.69
CA LEU B 230 7.93 -18.32 -6.86
C LEU B 230 8.25 -17.10 -7.71
N GLU B 231 9.54 -16.86 -7.94
CA GLU B 231 9.94 -15.88 -8.93
C GLU B 231 9.76 -16.40 -10.34
N GLU B 232 10.43 -17.51 -10.68
CA GLU B 232 10.48 -17.93 -12.08
C GLU B 232 10.86 -19.40 -12.17
N VAL B 233 10.22 -20.11 -13.10
CA VAL B 233 10.71 -21.39 -13.60
C VAL B 233 11.32 -21.16 -14.98
N LEU B 234 12.58 -21.57 -15.15
CA LEU B 234 13.34 -21.32 -16.37
C LEU B 234 13.55 -22.65 -17.09
N LEU B 235 12.66 -22.95 -18.03
CA LEU B 235 12.87 -24.07 -18.94
C LEU B 235 13.87 -23.65 -20.02
N LEU B 236 15.06 -24.25 -20.00
CA LEU B 236 16.16 -23.81 -20.85
C LEU B 236 16.93 -25.02 -21.38
N ASP B 237 18.00 -24.71 -22.12
CA ASP B 237 18.94 -25.71 -22.62
C ASP B 237 20.28 -25.04 -22.94
N ASP B 244 24.41 -17.81 -28.04
CA ASP B 244 23.52 -16.98 -27.24
C ASP B 244 23.82 -17.13 -25.76
N SER B 245 24.76 -16.33 -25.26
CA SER B 245 25.09 -16.35 -23.84
C SER B 245 24.35 -15.27 -23.05
N LYS B 246 23.13 -14.93 -23.48
CA LYS B 246 22.22 -14.08 -22.72
C LYS B 246 21.42 -14.87 -21.71
N ILE B 247 21.73 -16.16 -21.56
CA ILE B 247 21.22 -16.97 -20.46
C ILE B 247 21.61 -16.35 -19.11
N GLN B 248 22.80 -15.76 -19.05
CA GLN B 248 23.25 -15.00 -17.89
C GLN B 248 22.31 -13.84 -17.56
N ASN B 249 21.75 -13.19 -18.58
CA ASN B 249 20.77 -12.12 -18.32
C ASN B 249 19.44 -12.64 -17.78
N GLN B 250 19.01 -13.84 -18.19
CA GLN B 250 17.86 -14.46 -17.54
C GLN B 250 18.19 -14.98 -16.14
N LEU B 251 19.43 -15.39 -15.89
CA LEU B 251 19.85 -15.73 -14.55
C LEU B 251 20.06 -14.51 -13.66
N LYS B 252 20.18 -13.33 -14.26
CA LYS B 252 20.30 -12.10 -13.48
C LYS B 252 19.01 -11.78 -12.73
N LYS B 253 17.87 -12.20 -13.26
CA LYS B 253 16.55 -11.93 -12.68
C LYS B 253 16.20 -12.82 -11.50
N LEU B 254 17.07 -13.77 -11.12
CA LEU B 254 16.81 -14.68 -10.02
C LEU B 254 17.28 -14.05 -8.71
N GLN B 255 16.34 -13.78 -7.81
CA GLN B 255 16.66 -13.11 -6.55
C GLN B 255 16.45 -14.02 -5.35
N SER B 256 16.14 -15.29 -5.58
CA SER B 256 15.90 -16.24 -4.52
C SER B 256 17.21 -16.71 -3.89
N PRO B 257 17.21 -17.01 -2.59
CA PRO B 257 18.35 -17.73 -2.02
C PRO B 257 18.43 -19.20 -2.46
N ILE B 258 17.37 -19.75 -3.04
CA ILE B 258 17.34 -21.15 -3.46
C ILE B 258 17.17 -21.21 -4.97
N ILE B 259 18.09 -21.90 -5.64
CA ILE B 259 17.99 -22.18 -7.06
C ILE B 259 17.96 -23.70 -7.23
N LEU B 260 16.78 -24.27 -7.46
CA LEU B 260 16.65 -25.68 -7.77
C LEU B 260 16.90 -25.91 -9.26
N LEU B 261 17.46 -27.08 -9.58
CA LEU B 261 17.91 -27.35 -10.94
C LEU B 261 17.74 -28.83 -11.29
N TYR B 262 17.21 -29.08 -12.49
CA TYR B 262 17.12 -30.41 -13.10
C TYR B 262 17.96 -30.40 -14.37
N CYS B 263 19.09 -31.11 -14.33
CA CYS B 263 20.03 -31.17 -15.45
C CYS B 263 20.96 -32.37 -15.26
N THR B 264 22.03 -32.41 -16.04
CA THR B 264 23.08 -33.42 -15.89
C THR B 264 24.33 -32.79 -15.30
N LYS B 265 25.29 -33.67 -14.95
CA LYS B 265 26.51 -33.22 -14.30
C LYS B 265 27.38 -32.38 -15.23
N GLU B 266 27.49 -32.75 -16.51
CA GLU B 266 28.21 -31.89 -17.44
C GLU B 266 27.43 -30.61 -17.72
N GLU B 267 26.11 -30.71 -17.70
CA GLU B 267 25.26 -29.53 -17.79
C GLU B 267 25.43 -28.68 -16.54
N ALA B 268 25.55 -29.33 -15.38
CA ALA B 268 25.65 -28.58 -14.14
C ALA B 268 26.96 -27.83 -14.09
N THR B 269 28.06 -28.47 -14.50
CA THR B 269 29.36 -27.81 -14.49
C THR B 269 29.41 -26.65 -15.48
N TYR B 270 28.77 -26.80 -16.65
CA TYR B 270 28.63 -25.68 -17.58
C TYR B 270 27.81 -24.54 -17.01
N ILE B 271 26.68 -24.86 -16.37
CA ILE B 271 25.87 -23.81 -15.75
C ILE B 271 26.58 -23.21 -14.53
N PHE B 272 27.42 -23.99 -13.85
CA PHE B 272 28.24 -23.42 -12.78
C PHE B 272 29.31 -22.46 -13.30
N GLU B 273 29.83 -22.71 -14.51
CA GLU B 273 30.65 -21.70 -15.17
C GLU B 273 29.84 -20.49 -15.60
N VAL B 274 28.59 -20.72 -15.96
CA VAL B 274 27.75 -19.61 -16.42
C VAL B 274 27.33 -18.76 -15.24
N ALA B 275 26.88 -19.40 -14.16
CA ALA B 275 26.40 -18.70 -12.97
C ALA B 275 27.54 -18.03 -12.21
N ASN B 276 28.74 -18.59 -12.27
CA ASN B 276 29.85 -17.85 -11.70
C ASN B 276 30.30 -16.73 -12.63
N SER B 277 29.96 -16.82 -13.92
CA SER B 277 30.14 -15.66 -14.77
C SER B 277 29.01 -14.63 -14.60
N VAL B 278 27.87 -15.02 -14.03
CA VAL B 278 26.84 -14.06 -13.64
C VAL B 278 27.29 -13.21 -12.46
N GLY B 279 27.79 -13.86 -11.41
CA GLY B 279 28.09 -13.21 -10.16
C GLY B 279 27.21 -13.66 -9.02
N LEU B 280 26.45 -14.73 -9.21
CA LEU B 280 25.48 -15.28 -8.25
C LEU B 280 26.05 -16.53 -7.58
N THR B 281 27.33 -16.50 -7.21
CA THR B 281 28.10 -17.68 -6.86
C THR B 281 27.69 -18.27 -5.51
N GLY B 282 28.48 -19.26 -5.07
CA GLY B 282 28.17 -20.15 -3.95
C GLY B 282 27.93 -19.50 -2.60
N TYR B 283 28.39 -18.26 -2.40
CA TYR B 283 28.17 -17.66 -1.09
C TYR B 283 26.80 -16.98 -0.99
N GLY B 284 26.43 -16.19 -1.99
CA GLY B 284 25.17 -15.48 -1.95
C GLY B 284 23.97 -16.40 -2.13
N TYR B 285 23.91 -17.07 -3.28
CA TYR B 285 22.75 -17.86 -3.68
C TYR B 285 23.14 -19.33 -3.84
N THR B 286 22.73 -20.16 -2.89
CA THR B 286 23.09 -21.56 -2.85
C THR B 286 22.16 -22.41 -3.71
N TRP B 287 22.74 -23.39 -4.40
CA TRP B 287 21.99 -24.32 -5.24
C TRP B 287 21.68 -25.61 -4.48
N ILE B 288 20.65 -26.32 -4.96
CA ILE B 288 20.19 -27.57 -4.37
C ILE B 288 19.89 -28.54 -5.50
N VAL B 289 20.52 -29.71 -5.47
CA VAL B 289 20.35 -30.68 -6.56
C VAL B 289 19.77 -31.96 -5.98
N PRO B 290 19.26 -32.83 -6.84
CA PRO B 290 19.25 -34.27 -6.55
C PRO B 290 20.51 -34.92 -7.11
N SER B 291 20.71 -36.18 -6.74
CA SER B 291 21.91 -36.92 -7.13
C SER B 291 21.97 -37.18 -8.63
N LEU B 292 20.83 -37.19 -9.32
CA LEU B 292 20.83 -37.35 -10.76
C LEU B 292 21.43 -36.13 -11.43
N VAL B 293 21.19 -34.94 -10.87
CA VAL B 293 21.90 -33.75 -11.32
C VAL B 293 23.37 -33.83 -10.93
N ALA B 294 23.66 -34.36 -9.74
CA ALA B 294 25.05 -34.55 -9.35
C ALA B 294 25.73 -35.68 -10.12
N GLY B 295 24.96 -36.57 -10.74
CA GLY B 295 25.50 -37.69 -11.47
C GLY B 295 26.19 -38.68 -10.55
N ASP B 296 27.51 -38.81 -10.70
CA ASP B 296 28.30 -39.54 -9.71
C ASP B 296 28.37 -38.73 -8.42
N THR B 297 28.18 -39.41 -7.30
CA THR B 297 28.26 -38.77 -5.99
C THR B 297 29.66 -38.84 -5.42
N ASP B 298 30.69 -38.96 -6.26
CA ASP B 298 32.06 -39.11 -5.80
C ASP B 298 33.02 -38.29 -6.67
N THR B 299 32.62 -37.07 -7.03
CA THR B 299 33.48 -36.23 -7.86
C THR B 299 33.13 -34.76 -7.67
N VAL B 300 34.17 -33.92 -7.71
CA VAL B 300 34.03 -32.53 -8.14
C VAL B 300 34.74 -32.46 -9.47
N PRO B 301 34.01 -32.46 -10.60
CA PRO B 301 34.68 -32.49 -11.90
C PRO B 301 35.42 -31.20 -12.21
N SER B 302 34.71 -30.09 -12.28
CA SER B 302 35.39 -28.85 -12.57
C SER B 302 35.01 -27.70 -11.66
N GLU B 303 33.72 -27.53 -11.38
CA GLU B 303 33.21 -26.21 -11.01
C GLU B 303 32.16 -26.28 -9.93
N PHE B 304 32.24 -27.26 -9.03
CA PHE B 304 31.20 -27.43 -8.03
C PHE B 304 31.36 -26.40 -6.90
N PRO B 305 30.40 -25.51 -6.70
CA PRO B 305 30.53 -24.54 -5.61
C PRO B 305 30.29 -25.19 -4.26
N THR B 306 30.73 -24.48 -3.23
CA THR B 306 30.83 -25.05 -1.89
C THR B 306 29.45 -25.18 -1.24
N GLY B 307 29.25 -26.28 -0.53
CA GLY B 307 28.09 -26.44 0.31
C GLY B 307 26.76 -26.60 -0.42
N LEU B 308 26.72 -27.51 -1.38
CA LEU B 308 25.47 -27.81 -2.06
C LEU B 308 24.83 -29.08 -1.49
N ILE B 309 23.58 -29.30 -1.88
CA ILE B 309 22.66 -30.16 -1.15
C ILE B 309 22.19 -31.26 -2.10
N SER B 310 22.17 -32.51 -1.62
CA SER B 310 21.84 -33.65 -2.47
C SER B 310 21.43 -34.85 -1.62
N VAL B 311 20.65 -35.74 -2.25
CA VAL B 311 20.19 -37.00 -1.65
C VAL B 311 20.31 -38.10 -2.70
N SER B 312 20.83 -39.28 -2.33
CA SER B 312 20.38 -40.50 -3.00
C SER B 312 19.84 -41.59 -2.06
N TYR B 313 20.42 -41.91 -0.90
CA TYR B 313 21.83 -42.01 -0.53
C TYR B 313 22.06 -43.26 0.35
N ASP B 314 20.98 -43.91 0.78
CA ASP B 314 21.07 -45.00 1.75
C ASP B 314 21.76 -46.25 1.19
N GLU B 315 21.86 -46.37 -0.13
CA GLU B 315 22.64 -47.45 -0.72
C GLU B 315 24.13 -47.29 -0.47
N TRP B 316 24.61 -46.06 -0.21
CA TRP B 316 25.98 -45.87 0.25
C TRP B 316 26.17 -46.45 1.64
N ASP B 317 25.16 -46.33 2.50
CA ASP B 317 25.20 -47.01 3.79
C ASP B 317 25.04 -48.51 3.65
N TYR B 318 24.42 -48.98 2.57
CA TYR B 318 24.26 -50.41 2.36
C TYR B 318 25.59 -51.06 2.00
N GLY B 319 26.26 -50.54 0.98
CA GLY B 319 27.36 -51.28 0.42
C GLY B 319 26.84 -52.49 -0.35
N LEU B 320 27.76 -53.40 -0.64
CA LEU B 320 27.39 -54.57 -1.44
C LEU B 320 26.44 -55.53 -0.73
N PRO B 321 26.81 -56.18 0.40
CA PRO B 321 26.01 -57.33 0.84
C PRO B 321 24.65 -56.99 1.42
N ALA B 322 24.43 -55.74 1.86
CA ALA B 322 23.08 -55.33 2.20
C ALA B 322 22.16 -55.26 0.99
N ARG B 323 22.66 -54.74 -0.13
CA ARG B 323 21.84 -54.75 -1.34
C ARG B 323 21.75 -56.14 -1.97
N VAL B 324 22.72 -57.01 -1.69
CA VAL B 324 22.58 -58.41 -2.06
C VAL B 324 21.48 -59.07 -1.26
N ARG B 325 21.45 -58.82 0.05
CA ARG B 325 20.39 -59.33 0.90
C ARG B 325 19.06 -58.67 0.57
N ASP B 326 19.11 -57.50 -0.05
CA ASP B 326 17.90 -56.83 -0.50
C ASP B 326 17.30 -57.62 -1.64
N GLY B 327 18.04 -57.72 -2.75
CA GLY B 327 17.44 -58.23 -3.97
C GLY B 327 17.22 -59.72 -3.93
N ILE B 328 18.04 -60.45 -3.16
CA ILE B 328 17.94 -61.89 -3.14
C ILE B 328 16.69 -62.29 -2.37
N ALA B 329 16.51 -61.66 -1.20
CA ALA B 329 15.37 -61.99 -0.37
C ALA B 329 14.08 -61.46 -0.98
N ILE B 330 14.15 -60.36 -1.75
CA ILE B 330 12.95 -59.90 -2.45
C ILE B 330 12.50 -60.89 -3.52
N ILE B 331 13.45 -61.43 -4.30
CA ILE B 331 13.10 -62.49 -5.24
C ILE B 331 12.56 -63.75 -4.56
N THR B 332 13.20 -64.19 -3.47
CA THR B 332 12.74 -65.42 -2.81
C THR B 332 11.40 -65.24 -2.10
N THR B 333 11.15 -64.06 -1.55
CA THR B 333 9.88 -63.80 -0.89
C THR B 333 8.77 -63.69 -1.91
N ALA B 334 8.98 -62.94 -2.99
CA ALA B 334 7.88 -62.73 -3.93
C ALA B 334 7.61 -64.01 -4.72
N ALA B 335 8.64 -64.86 -4.85
CA ALA B 335 8.42 -66.21 -5.37
C ALA B 335 7.55 -67.01 -4.43
N SER B 336 7.82 -66.96 -3.12
CA SER B 336 6.94 -67.66 -2.20
C SER B 336 5.60 -66.95 -2.02
N ASP B 337 5.51 -65.68 -2.42
CA ASP B 337 4.24 -64.98 -2.47
C ASP B 337 3.32 -65.61 -3.50
N MET B 338 3.84 -65.79 -4.71
CA MET B 338 3.08 -66.53 -5.72
C MET B 338 2.86 -67.97 -5.28
N LEU B 339 3.94 -68.69 -5.01
CA LEU B 339 3.92 -70.11 -4.66
C LEU B 339 3.30 -70.42 -3.30
N SER B 340 2.79 -69.42 -2.56
CA SER B 340 2.04 -69.69 -1.34
C SER B 340 0.80 -70.53 -1.60
N GLU B 341 0.13 -70.28 -2.71
CA GLU B 341 -1.05 -71.05 -3.06
C GLU B 341 -1.00 -71.59 -4.48
N HIS B 342 -0.20 -70.97 -5.35
CA HIS B 342 0.03 -71.52 -6.67
C HIS B 342 0.93 -72.74 -6.55
N SER B 343 0.71 -73.71 -7.44
CA SER B 343 1.40 -74.98 -7.30
C SER B 343 2.83 -74.91 -7.84
N PHE B 344 3.10 -74.01 -8.78
CA PHE B 344 4.39 -74.07 -9.48
C PHE B 344 4.84 -72.66 -9.85
N ILE B 345 5.79 -72.57 -10.78
CA ILE B 345 6.34 -71.31 -11.29
C ILE B 345 6.61 -71.52 -12.78
N PRO B 346 6.41 -70.50 -13.62
CA PRO B 346 6.74 -70.64 -15.05
C PRO B 346 8.22 -70.85 -15.32
N GLU B 347 8.49 -71.84 -16.16
CA GLU B 347 9.82 -72.29 -16.53
C GLU B 347 10.49 -71.26 -17.45
N PRO B 348 11.82 -71.19 -17.46
CA PRO B 348 12.49 -70.22 -18.34
C PRO B 348 12.49 -70.72 -19.77
N LYS B 349 12.30 -69.80 -20.70
CA LYS B 349 12.12 -70.18 -22.09
C LYS B 349 13.47 -70.46 -22.75
N SER B 350 13.51 -71.52 -23.55
CA SER B 350 14.74 -72.17 -23.96
C SER B 350 15.62 -71.30 -24.85
N SER B 351 15.06 -70.28 -25.50
CA SER B 351 15.83 -69.45 -26.42
C SER B 351 15.21 -68.08 -26.44
N CYS B 352 16.02 -67.05 -26.14
CA CYS B 352 15.47 -65.71 -25.92
C CYS B 352 14.97 -65.11 -27.23
N TYR B 353 15.82 -65.12 -28.25
CA TYR B 353 15.47 -64.52 -29.53
C TYR B 353 14.71 -65.47 -30.45
N ASN B 354 14.44 -66.70 -30.01
CA ASN B 354 13.57 -67.61 -30.77
C ASN B 354 12.50 -68.24 -29.89
N THR B 355 12.00 -67.54 -28.87
CA THR B 355 10.86 -68.11 -28.14
C THR B 355 9.56 -67.96 -28.93
N HIS B 356 9.03 -66.73 -28.98
CA HIS B 356 8.07 -66.23 -29.96
C HIS B 356 6.71 -66.96 -30.00
N GLU B 357 6.56 -68.05 -29.27
CA GLU B 357 5.29 -68.75 -29.13
C GLU B 357 5.03 -69.09 -27.68
N LYS B 358 6.09 -69.31 -26.93
CA LYS B 358 5.94 -69.72 -25.54
C LYS B 358 5.84 -68.53 -24.59
N ARG B 359 6.26 -67.34 -25.02
CA ARG B 359 6.19 -66.16 -24.16
C ARG B 359 4.75 -65.69 -23.97
N ILE B 360 3.88 -65.95 -24.94
CA ILE B 360 2.48 -65.53 -24.83
C ILE B 360 1.65 -66.48 -23.99
N TYR B 361 2.24 -67.61 -23.55
CA TYR B 361 1.54 -68.53 -22.68
C TYR B 361 1.23 -67.94 -21.32
N GLN B 362 1.98 -66.94 -20.90
CA GLN B 362 1.83 -66.35 -19.57
C GLN B 362 1.54 -64.87 -19.72
N SER B 363 0.28 -64.49 -19.58
CA SER B 363 0.02 -63.16 -19.06
C SER B 363 0.58 -63.19 -17.64
N ASN B 364 1.72 -62.54 -17.45
CA ASN B 364 2.57 -62.72 -16.29
C ASN B 364 1.92 -62.29 -14.98
N MET B 365 1.68 -60.98 -14.82
CA MET B 365 0.90 -60.34 -13.76
C MET B 365 1.39 -60.66 -12.34
N LEU B 366 2.66 -61.02 -12.16
CA LEU B 366 3.14 -61.30 -10.82
C LEU B 366 3.62 -60.06 -10.09
N ASN B 367 3.49 -58.90 -10.70
CA ASN B 367 3.86 -57.65 -10.04
C ASN B 367 2.87 -57.28 -8.95
N ARG B 368 1.66 -57.88 -8.94
CA ARG B 368 0.81 -57.88 -7.75
C ARG B 368 1.55 -58.41 -6.53
N TYR B 369 2.42 -59.40 -6.72
CA TYR B 369 3.15 -60.00 -5.61
C TYR B 369 4.53 -59.38 -5.48
N LEU B 370 5.01 -58.73 -6.54
CA LEU B 370 6.32 -58.10 -6.48
C LEU B 370 6.23 -56.72 -5.85
N ILE B 371 5.09 -56.05 -5.98
CA ILE B 371 5.00 -54.70 -5.45
C ILE B 371 4.83 -54.70 -3.93
N ASN B 372 4.37 -55.80 -3.35
CA ASN B 372 4.13 -55.86 -1.91
C ASN B 372 4.98 -56.96 -1.30
N VAL B 373 6.21 -56.61 -0.92
CA VAL B 373 7.15 -57.55 -0.33
C VAL B 373 7.73 -56.94 0.94
N THR B 374 7.61 -57.65 2.06
CA THR B 374 8.16 -57.20 3.32
C THR B 374 9.15 -58.23 3.84
N PHE B 375 10.37 -57.79 4.12
CA PHE B 375 11.41 -58.67 4.62
C PHE B 375 12.04 -58.02 5.85
N GLU B 376 12.13 -58.80 6.93
CA GLU B 376 12.66 -58.37 8.23
C GLU B 376 11.93 -57.14 8.76
N GLY B 377 10.61 -57.14 8.58
CA GLY B 377 9.78 -56.02 9.02
C GLY B 377 9.90 -54.76 8.18
N ARG B 378 10.56 -54.82 7.02
CA ARG B 378 10.73 -53.66 6.16
C ARG B 378 9.94 -53.89 4.88
N ASP B 379 8.87 -53.12 4.71
CA ASP B 379 7.99 -53.25 3.55
C ASP B 379 8.67 -52.60 2.36
N LEU B 380 9.41 -53.40 1.59
CA LEU B 380 9.98 -52.88 0.35
C LEU B 380 8.86 -52.82 -0.67
N SER B 381 8.07 -51.75 -0.58
CA SER B 381 6.88 -51.59 -1.41
C SER B 381 7.15 -50.54 -2.48
N PHE B 382 6.79 -50.88 -3.71
CA PHE B 382 7.08 -50.01 -4.83
C PHE B 382 5.80 -49.33 -5.30
N SER B 383 5.96 -48.45 -6.28
CA SER B 383 4.84 -47.93 -7.05
C SER B 383 4.70 -48.77 -8.30
N GLU B 384 3.85 -48.34 -9.22
CA GLU B 384 3.70 -49.05 -10.49
C GLU B 384 4.95 -48.92 -11.36
N ASP B 385 5.70 -47.84 -11.20
CA ASP B 385 6.97 -47.67 -11.91
C ASP B 385 8.17 -48.06 -11.06
N GLY B 386 7.97 -48.93 -10.07
CA GLY B 386 9.05 -49.49 -9.29
C GLY B 386 9.80 -48.51 -8.41
N TYR B 387 9.19 -47.38 -8.07
CA TYR B 387 9.79 -46.45 -7.14
C TYR B 387 9.36 -46.83 -5.72
N GLN B 388 10.33 -47.00 -4.83
CA GLN B 388 10.07 -47.53 -3.51
C GLN B 388 9.28 -46.52 -2.68
N MET B 389 8.18 -46.99 -2.09
CA MET B 389 7.35 -46.09 -1.29
C MET B 389 7.94 -45.78 0.07
N HIS B 390 8.76 -46.67 0.61
CA HIS B 390 9.42 -46.45 1.90
C HIS B 390 10.91 -46.68 1.84
N PRO B 391 11.67 -45.81 1.16
CA PRO B 391 13.13 -45.91 1.26
C PRO B 391 13.68 -45.02 2.37
N LYS B 392 15.00 -44.99 2.53
CA LYS B 392 15.64 -44.05 3.44
C LYS B 392 16.40 -43.02 2.62
N LEU B 393 16.37 -41.78 3.08
CA LEU B 393 16.99 -40.67 2.37
C LEU B 393 18.04 -40.01 3.27
N VAL B 394 19.28 -40.03 2.84
CA VAL B 394 20.37 -39.43 3.61
C VAL B 394 20.72 -38.10 2.93
N ILE B 395 20.47 -37.00 3.63
CA ILE B 395 20.71 -35.67 3.09
C ILE B 395 22.14 -35.26 3.43
N ILE B 396 22.87 -34.78 2.41
CA ILE B 396 24.32 -34.58 2.48
C ILE B 396 24.67 -33.19 1.93
N LEU B 397 25.54 -32.47 2.65
CA LEU B 397 26.12 -31.21 2.16
C LEU B 397 27.43 -31.50 1.46
N LEU B 398 27.84 -30.58 0.58
CA LEU B 398 29.18 -30.56 0.05
C LEU B 398 30.18 -29.96 1.04
N ASN B 399 31.38 -29.69 0.56
CA ASN B 399 32.43 -29.02 1.31
C ASN B 399 33.22 -28.18 0.33
N LYS B 400 33.98 -27.21 0.83
CA LYS B 400 34.91 -26.48 -0.04
C LYS B 400 35.99 -27.38 -0.61
N GLU B 401 36.46 -28.35 0.17
CA GLU B 401 37.53 -29.23 -0.27
C GLU B 401 37.05 -30.59 -0.72
N ARG B 402 35.93 -31.04 -0.18
CA ARG B 402 35.40 -32.36 -0.50
C ARG B 402 34.24 -32.22 -1.48
N LYS B 403 33.79 -33.36 -1.97
CA LYS B 403 32.69 -33.46 -2.92
C LYS B 403 31.33 -33.72 -2.26
N TRP B 404 31.31 -34.08 -0.98
CA TRP B 404 30.12 -34.25 -0.15
C TRP B 404 30.58 -34.49 1.28
N GLU B 405 29.86 -33.94 2.26
CA GLU B 405 30.14 -34.30 3.65
C GLU B 405 28.92 -34.93 4.34
N ARG B 406 27.90 -34.14 4.69
CA ARG B 406 26.75 -34.58 5.51
C ARG B 406 25.75 -33.45 5.75
N VAL B 407 24.46 -33.77 5.91
CA VAL B 407 23.49 -32.91 6.57
C VAL B 407 22.76 -33.69 7.65
N GLY B 408 22.24 -34.87 7.28
CA GLY B 408 21.47 -35.68 8.21
C GLY B 408 20.80 -36.86 7.56
N LYS B 409 19.50 -37.05 7.81
CA LYS B 409 18.80 -38.17 7.20
C LYS B 409 17.31 -37.89 7.13
N TRP B 410 16.60 -38.74 6.39
CA TRP B 410 15.16 -38.69 6.21
C TRP B 410 14.66 -40.10 6.05
N LYS B 411 13.59 -40.45 6.77
CA LYS B 411 13.07 -41.82 6.69
C LYS B 411 11.55 -41.75 6.90
N ASP B 412 10.83 -41.63 5.78
CA ASP B 412 9.38 -41.85 5.68
C ASP B 412 8.60 -40.94 6.64
N LYS B 413 8.64 -39.65 6.31
CA LYS B 413 8.03 -38.57 7.11
C LYS B 413 8.66 -38.49 8.50
N SER B 414 9.98 -38.63 8.54
CA SER B 414 10.76 -38.39 9.76
C SER B 414 12.04 -37.70 9.32
N LEU B 415 12.22 -36.47 9.78
CA LEU B 415 13.38 -35.66 9.41
C LEU B 415 14.33 -35.55 10.59
N GLN B 416 15.59 -35.95 10.38
CA GLN B 416 16.62 -35.91 11.41
C GLN B 416 17.83 -35.19 10.83
N MET B 417 18.05 -33.93 11.21
CA MET B 417 19.14 -33.14 10.67
C MET B 417 20.13 -32.80 11.78
N LYS B 418 21.31 -32.32 11.40
CA LYS B 418 22.37 -32.02 12.34
C LYS B 418 22.26 -30.59 12.84
N TYR B 419 22.16 -30.46 14.17
CA TYR B 419 22.38 -29.28 15.00
C TYR B 419 21.29 -28.22 14.89
N TYR B 420 20.37 -28.39 13.93
CA TYR B 420 19.31 -27.43 13.61
C TYR B 420 19.85 -26.02 13.38
N VAL B 421 21.05 -25.94 12.81
CA VAL B 421 21.74 -24.69 12.53
C VAL B 421 21.91 -24.62 11.03
N TRP B 422 21.49 -23.52 10.44
CA TRP B 422 21.76 -23.29 9.03
C TRP B 422 23.27 -23.18 8.82
N PRO B 423 23.87 -24.06 8.02
CA PRO B 423 25.32 -23.97 7.79
C PRO B 423 25.65 -22.77 6.91
N ARG B 424 26.72 -22.07 7.28
CA ARG B 424 27.06 -20.81 6.66
C ARG B 424 28.56 -20.71 6.46
N MET B 425 28.98 -19.62 5.82
CA MET B 425 30.39 -19.38 5.56
C MET B 425 30.89 -18.16 6.32
N ASP B 434 28.48 -8.30 9.16
CA ASP B 434 27.38 -8.97 9.83
C ASP B 434 26.04 -8.34 9.47
N ASP B 435 25.01 -9.17 9.36
CA ASP B 435 23.65 -8.69 9.11
C ASP B 435 22.69 -9.26 10.15
N HIS B 436 22.98 -10.45 10.66
CA HIS B 436 22.10 -11.11 11.60
C HIS B 436 22.46 -10.66 13.01
N LEU B 437 21.44 -10.46 13.84
CA LEU B 437 21.64 -10.04 15.22
C LEU B 437 20.76 -10.86 16.14
N SER B 438 21.40 -11.56 17.07
CA SER B 438 20.67 -12.36 18.04
C SER B 438 19.88 -11.48 19.00
N ILE B 439 18.56 -11.63 18.98
CA ILE B 439 17.63 -10.79 19.74
C ILE B 439 17.09 -11.62 20.87
N VAL B 440 17.32 -11.18 22.10
CA VAL B 440 16.71 -11.76 23.28
C VAL B 440 15.47 -10.98 23.66
N THR B 441 14.41 -11.69 24.06
CA THR B 441 13.14 -11.03 24.38
C THR B 441 12.30 -11.91 25.30
N LEU B 442 11.29 -11.29 25.91
CA LEU B 442 10.32 -11.95 26.77
C LEU B 442 8.92 -11.76 26.21
N GLU B 443 8.08 -12.79 26.30
CA GLU B 443 6.73 -12.68 25.77
C GLU B 443 5.88 -11.81 26.69
N GLU B 444 5.31 -10.73 26.14
CA GLU B 444 4.31 -9.96 26.87
C GLU B 444 3.25 -9.47 25.90
N ALA B 445 2.04 -10.03 26.02
CA ALA B 445 0.92 -9.58 25.21
C ALA B 445 0.53 -8.15 25.61
N PRO B 446 0.06 -7.34 24.65
CA PRO B 446 -0.18 -7.61 23.22
C PRO B 446 1.05 -7.43 22.34
N PHE B 447 2.15 -7.04 22.96
CA PHE B 447 3.36 -6.73 22.20
C PHE B 447 4.03 -7.97 21.65
N VAL B 448 4.20 -9.00 22.49
CA VAL B 448 4.73 -10.28 22.07
C VAL B 448 3.72 -11.37 22.40
N ILE B 449 3.34 -12.14 21.40
CA ILE B 449 2.44 -13.28 21.56
C ILE B 449 3.12 -14.51 21.01
N VAL B 450 3.31 -15.51 21.86
CA VAL B 450 3.95 -16.76 21.46
C VAL B 450 2.89 -17.85 21.39
N GLU B 451 2.59 -18.27 20.17
CA GLU B 451 1.83 -19.49 19.98
C GLU B 451 2.80 -20.64 19.79
N SER B 452 2.26 -21.84 19.64
CA SER B 452 3.06 -22.99 19.27
C SER B 452 2.95 -23.17 17.77
N VAL B 453 3.72 -24.12 17.25
CA VAL B 453 3.64 -24.42 15.83
C VAL B 453 2.39 -25.23 15.54
N ASP B 454 2.01 -25.22 14.27
CA ASP B 454 0.85 -25.98 13.82
C ASP B 454 1.20 -27.47 13.90
N PRO B 455 0.33 -28.30 14.48
CA PRO B 455 0.64 -29.74 14.54
C PRO B 455 0.66 -30.43 13.19
N LEU B 456 -0.05 -29.92 12.19
CA LEU B 456 -0.01 -30.55 10.88
C LEU B 456 1.30 -30.31 10.16
N SER B 457 1.87 -29.11 10.26
CA SER B 457 3.12 -28.85 9.55
C SER B 457 4.35 -28.83 10.45
N GLY B 458 4.31 -28.06 11.52
CA GLY B 458 5.46 -27.88 12.37
C GLY B 458 6.13 -26.53 12.23
N THR B 459 5.46 -25.55 11.64
CA THR B 459 6.05 -24.26 11.35
C THR B 459 5.13 -23.14 11.81
N CYS B 460 5.51 -21.90 11.51
CA CYS B 460 4.68 -20.75 11.80
C CYS B 460 3.85 -20.38 10.58
N MET B 461 2.86 -19.52 10.81
CA MET B 461 1.90 -19.13 9.79
C MET B 461 2.41 -17.90 9.05
N ARG B 462 1.56 -17.31 8.23
CA ARG B 462 1.85 -16.00 7.66
C ARG B 462 1.85 -14.95 8.77
N ASN B 463 2.77 -13.99 8.65
CA ASN B 463 2.93 -12.88 9.59
C ASN B 463 3.24 -13.36 11.00
N THR B 464 3.92 -14.49 11.11
CA THR B 464 4.45 -14.98 12.37
C THR B 464 5.89 -15.40 12.17
N VAL B 465 6.66 -15.35 13.24
CA VAL B 465 8.10 -15.62 13.18
C VAL B 465 8.43 -16.74 14.16
N PRO B 466 9.47 -17.53 13.90
CA PRO B 466 9.81 -18.63 14.82
C PRO B 466 10.46 -18.15 16.11
N CYS B 467 10.09 -18.81 17.21
CA CYS B 467 10.70 -18.56 18.50
C CYS B 467 11.87 -19.51 18.71
N GLN B 468 12.78 -19.11 19.58
CA GLN B 468 13.87 -19.96 20.03
C GLN B 468 14.00 -19.83 21.53
N LYS B 469 13.70 -20.92 22.24
CA LYS B 469 13.73 -20.93 23.69
C LYS B 469 14.45 -22.18 24.16
N ARG B 470 15.25 -22.04 25.23
CA ARG B 470 16.11 -23.12 25.67
C ARG B 470 15.30 -24.23 26.32
N ILE B 471 15.48 -25.44 25.80
CA ILE B 471 14.95 -26.64 26.44
C ILE B 471 15.77 -26.89 27.71
N ILE B 472 15.16 -26.64 28.86
CA ILE B 472 15.87 -26.67 30.13
C ILE B 472 15.78 -28.04 30.77
N PRO B 481 19.21 -28.75 23.83
CA PRO B 481 19.39 -28.27 22.46
C PRO B 481 18.80 -26.89 22.23
N GLY B 482 17.80 -26.53 23.03
CA GLY B 482 17.14 -25.26 22.86
C GLY B 482 16.22 -25.15 21.68
N TYR B 483 15.89 -26.26 21.01
CA TYR B 483 14.97 -26.21 19.88
C TYR B 483 13.61 -26.70 20.35
N ILE B 484 12.91 -25.82 21.03
CA ILE B 484 11.54 -26.05 21.44
C ILE B 484 10.58 -25.32 20.49
N LYS B 485 11.09 -24.91 19.32
CA LYS B 485 10.69 -23.80 18.48
C LYS B 485 9.19 -23.55 18.37
N LYS B 486 8.78 -22.34 18.70
CA LYS B 486 7.39 -21.95 18.79
C LYS B 486 7.09 -20.86 17.77
N CYS B 487 5.87 -20.33 17.81
CA CYS B 487 5.42 -19.33 16.86
C CYS B 487 5.24 -17.97 17.54
N CYS B 488 6.26 -17.12 17.40
CA CYS B 488 6.18 -15.78 17.95
C CYS B 488 5.39 -14.88 17.01
N LYS B 489 4.67 -13.93 17.60
CA LYS B 489 4.01 -12.85 16.88
C LYS B 489 3.71 -11.74 17.88
N GLY B 490 2.88 -10.80 17.47
CA GLY B 490 2.52 -9.73 18.37
C GLY B 490 2.68 -8.38 17.70
N PHE B 491 2.55 -7.33 18.51
CA PHE B 491 2.49 -5.97 18.00
C PHE B 491 3.86 -5.48 17.54
N CYS B 492 4.85 -5.51 18.43
CA CYS B 492 6.16 -4.95 18.11
C CYS B 492 6.97 -5.81 17.15
N ILE B 493 6.53 -7.04 16.89
CA ILE B 493 7.18 -7.88 15.89
C ILE B 493 7.11 -7.29 14.49
N ASP B 494 5.95 -6.73 14.10
CA ASP B 494 5.88 -6.14 12.77
C ASP B 494 6.70 -4.85 12.68
N ILE B 495 6.87 -4.17 13.81
CA ILE B 495 7.77 -3.03 13.88
C ILE B 495 9.18 -3.47 13.60
N LEU B 496 9.60 -4.56 14.24
CA LEU B 496 10.92 -5.13 13.97
C LEU B 496 11.03 -5.60 12.52
N LYS B 497 9.94 -6.10 11.92
CA LYS B 497 9.94 -6.46 10.50
C LYS B 497 10.18 -5.26 9.59
N LYS B 498 9.58 -4.12 9.92
CA LYS B 498 9.87 -2.91 9.15
C LYS B 498 11.27 -2.40 9.41
N ILE B 499 11.80 -2.60 10.62
CA ILE B 499 13.15 -2.14 10.88
C ILE B 499 14.14 -3.00 10.11
N SER B 500 13.89 -4.31 10.07
CA SER B 500 14.73 -5.25 9.33
C SER B 500 14.62 -5.03 7.83
N LYS B 501 13.55 -4.39 7.37
CA LYS B 501 13.49 -4.02 5.96
C LYS B 501 14.20 -2.70 5.71
N SER B 502 14.18 -1.80 6.69
CA SER B 502 14.73 -0.47 6.48
C SER B 502 16.26 -0.49 6.52
N VAL B 503 16.84 -1.14 7.54
CA VAL B 503 18.29 -1.21 7.67
C VAL B 503 18.86 -2.50 7.10
N LYS B 504 18.01 -3.36 6.52
CA LYS B 504 18.41 -4.54 5.75
C LYS B 504 19.17 -5.55 6.60
N PHE B 505 18.67 -5.79 7.82
CA PHE B 505 19.36 -6.68 8.73
C PHE B 505 18.50 -7.92 8.92
N THR B 506 19.14 -9.08 9.03
CA THR B 506 18.45 -10.28 9.50
C THR B 506 18.66 -10.41 11.01
N TYR B 507 18.25 -11.53 11.60
CA TYR B 507 18.30 -11.66 13.05
C TYR B 507 18.17 -13.14 13.43
N ASP B 508 18.08 -13.38 14.74
CA ASP B 508 17.66 -14.65 15.32
C ASP B 508 16.82 -14.31 16.55
N LEU B 509 15.67 -14.97 16.70
CA LEU B 509 14.70 -14.64 17.74
C LEU B 509 14.79 -15.58 18.94
N TYR B 510 15.77 -15.30 19.79
CA TYR B 510 15.98 -16.04 21.03
C TYR B 510 15.11 -15.47 22.15
N LEU B 511 14.71 -16.35 23.08
CA LEU B 511 13.84 -15.96 24.18
C LEU B 511 14.52 -15.95 25.54
N VAL B 512 13.98 -15.13 26.43
CA VAL B 512 14.42 -15.03 27.82
C VAL B 512 14.06 -16.31 28.54
N THR B 513 15.07 -16.95 29.13
CA THR B 513 14.85 -18.17 29.89
C THR B 513 15.11 -18.02 31.37
N ASN B 514 15.91 -17.04 31.79
CA ASN B 514 16.30 -16.87 33.18
C ASN B 514 16.12 -15.43 33.59
N GLY B 515 15.42 -15.23 34.72
CA GLY B 515 15.01 -13.91 35.13
C GLY B 515 13.84 -13.40 34.32
N LYS B 516 13.41 -12.18 34.65
CA LYS B 516 12.28 -11.57 33.98
C LYS B 516 12.66 -10.34 33.18
N HIS B 517 13.23 -9.32 33.84
CA HIS B 517 13.44 -8.04 33.16
C HIS B 517 14.75 -7.36 33.54
N GLY B 518 15.63 -8.00 34.29
CA GLY B 518 16.75 -7.26 34.83
C GLY B 518 16.59 -6.75 36.25
N LYS B 519 16.32 -7.65 37.17
CA LYS B 519 16.39 -7.32 38.59
C LYS B 519 17.83 -7.47 39.02
N LYS B 520 18.42 -6.40 39.54
CA LYS B 520 19.84 -6.41 39.89
C LYS B 520 20.05 -7.08 41.25
N ILE B 521 20.88 -8.11 41.26
CA ILE B 521 21.13 -8.91 42.45
C ILE B 521 22.62 -8.84 42.75
N ASN B 522 22.98 -8.20 43.86
CA ASN B 522 24.36 -7.94 44.28
C ASN B 522 25.15 -7.22 43.19
N GLY B 523 24.50 -6.27 42.54
CA GLY B 523 25.11 -5.60 41.41
C GLY B 523 25.02 -6.33 40.09
N THR B 524 24.44 -7.52 40.05
CA THR B 524 24.37 -8.30 38.83
C THR B 524 22.92 -8.45 38.40
N TRP B 525 22.63 -8.00 37.19
CA TRP B 525 21.29 -8.12 36.63
C TRP B 525 21.01 -9.56 36.22
N ASN B 526 19.78 -9.99 36.44
CA ASN B 526 19.27 -11.20 35.77
C ASN B 526 18.60 -10.76 34.48
N GLY B 527 17.77 -11.63 33.89
CA GLY B 527 16.79 -11.19 32.93
C GLY B 527 17.40 -10.78 31.59
N MET B 528 16.69 -9.91 30.88
CA MET B 528 17.16 -9.46 29.57
C MET B 528 18.35 -8.50 29.73
N ILE B 529 18.38 -7.75 30.82
CA ILE B 529 19.49 -6.84 31.06
C ILE B 529 20.75 -7.63 31.41
N GLY B 530 20.61 -8.63 32.29
CA GLY B 530 21.73 -9.51 32.57
C GLY B 530 22.15 -10.36 31.38
N GLU B 531 21.24 -10.58 30.44
CA GLU B 531 21.61 -11.17 29.16
C GLU B 531 22.49 -10.23 28.34
N VAL B 532 22.06 -8.99 28.18
CA VAL B 532 22.76 -8.10 27.25
C VAL B 532 24.06 -7.56 27.85
N VAL B 533 24.13 -7.44 29.18
CA VAL B 533 25.36 -6.97 29.81
C VAL B 533 26.46 -8.04 29.73
N MET B 534 26.09 -9.31 29.59
CA MET B 534 27.02 -10.27 29.03
C MET B 534 27.22 -9.90 27.56
N LYS B 535 28.43 -9.46 27.21
CA LYS B 535 28.66 -8.72 25.97
C LYS B 535 28.58 -9.64 24.75
N ARG B 536 27.35 -9.98 24.38
CA ARG B 536 27.07 -10.78 23.20
C ARG B 536 26.59 -9.95 22.02
N ALA B 537 26.64 -8.60 22.11
CA ALA B 537 26.03 -7.67 21.15
C ALA B 537 24.54 -7.97 20.93
N TYR B 538 23.86 -8.32 22.02
CA TYR B 538 22.47 -8.74 22.03
C TYR B 538 21.54 -7.59 21.65
N MET B 539 20.30 -7.94 21.32
CA MET B 539 19.26 -6.94 21.11
C MET B 539 18.08 -7.19 22.03
N ALA B 540 17.62 -6.13 22.69
CA ALA B 540 16.48 -6.16 23.61
C ALA B 540 15.29 -5.45 22.97
N VAL B 541 14.23 -6.21 22.70
CA VAL B 541 13.02 -5.66 22.11
C VAL B 541 11.83 -5.76 23.06
N GLY B 542 12.07 -6.21 24.29
CA GLY B 542 10.99 -6.30 25.26
C GLY B 542 10.51 -4.94 25.73
N SER B 543 9.28 -4.93 26.23
CA SER B 543 8.60 -3.71 26.67
C SER B 543 9.14 -3.26 28.03
N LEU B 544 10.26 -2.57 28.00
CA LEU B 544 10.90 -2.10 29.23
C LEU B 544 11.27 -0.63 29.09
N THR B 545 11.14 0.10 30.20
CA THR B 545 11.58 1.49 30.28
C THR B 545 12.97 1.55 30.90
N ILE B 546 13.41 2.76 31.23
CA ILE B 546 14.63 2.97 32.00
C ILE B 546 14.34 3.67 33.33
N ASN B 547 15.17 3.35 34.30
CA ASN B 547 15.47 4.21 35.43
C ASN B 547 16.91 4.70 35.25
N GLU B 548 17.41 5.42 36.26
CA GLU B 548 18.74 6.00 36.14
C GLU B 548 19.83 4.94 36.20
N GLU B 549 19.58 3.82 36.85
CA GLU B 549 20.57 2.75 36.84
C GLU B 549 20.44 1.82 35.63
N ARG B 550 19.33 1.86 34.92
CA ARG B 550 19.27 1.21 33.62
C ARG B 550 20.01 2.06 32.59
N GLU B 552 22.68 3.83 32.80
CA GLU B 552 24.13 3.73 32.81
C GLU B 552 24.61 2.40 32.23
N VAL B 553 23.85 1.33 32.48
CA VAL B 553 24.24 0.01 31.99
C VAL B 553 23.72 -0.21 30.58
N VAL B 554 22.44 0.07 30.37
CA VAL B 554 21.81 -0.20 29.11
C VAL B 554 21.75 1.11 28.34
N ASP B 555 21.55 1.00 27.02
CA ASP B 555 21.61 2.13 26.09
C ASP B 555 20.37 2.10 25.21
N PHE B 556 19.32 2.82 25.61
CA PHE B 556 18.10 2.82 24.81
C PHE B 556 18.29 3.58 23.50
N SER B 557 17.33 3.37 22.61
CA SER B 557 17.12 4.24 21.46
C SER B 557 16.10 5.31 21.82
N VAL B 558 15.58 6.01 20.81
CA VAL B 558 14.47 6.94 21.03
C VAL B 558 13.24 6.15 21.48
N PRO B 559 12.48 6.62 22.47
CA PRO B 559 11.25 5.95 22.86
C PRO B 559 10.17 6.06 21.81
N PHE B 560 9.67 4.92 21.34
CA PHE B 560 8.68 4.91 20.27
C PHE B 560 7.27 5.09 20.82
N ILE B 561 6.98 4.57 22.00
CA ILE B 561 5.66 4.66 22.59
C ILE B 561 5.84 5.32 23.96
N GLU B 562 4.78 5.93 24.47
CA GLU B 562 4.79 6.53 25.79
C GLU B 562 3.82 5.84 26.75
N THR B 563 4.27 5.64 27.98
CA THR B 563 3.45 5.00 28.99
C THR B 563 3.79 5.60 30.35
N GLY B 564 3.13 5.09 31.38
CA GLY B 564 3.34 5.63 32.71
C GLY B 564 2.93 4.64 33.77
N ILE B 565 2.89 5.11 35.00
CA ILE B 565 2.60 4.28 36.16
C ILE B 565 1.19 4.64 36.64
N SER B 566 0.33 3.65 36.68
CA SER B 566 -1.06 3.83 37.09
C SER B 566 -1.43 2.80 38.14
N VAL B 567 -2.63 2.96 38.70
CA VAL B 567 -3.22 1.95 39.55
C VAL B 567 -4.53 1.53 38.89
N MET B 568 -5.02 0.36 39.27
CA MET B 568 -6.27 -0.19 38.74
C MET B 568 -7.25 -0.44 39.88
N VAL B 569 -8.45 0.13 39.75
CA VAL B 569 -9.52 -0.10 40.70
C VAL B 569 -10.74 -0.58 39.93
N SER B 570 -11.87 -0.73 40.61
CA SER B 570 -13.09 -1.14 39.95
C SER B 570 -14.16 -0.06 40.11
N ARG B 571 -15.37 -0.39 39.66
CA ARG B 571 -16.48 0.55 39.70
C ARG B 571 -17.14 0.59 41.06
N SER B 572 -17.78 1.72 41.31
CA SER B 572 -18.80 1.86 42.34
C SER B 572 -20.15 1.80 41.63
N ASN B 573 -21.22 2.04 42.38
CA ASN B 573 -22.57 2.04 41.81
C ASN B 573 -23.33 3.22 42.39
N GLY B 574 -23.45 4.28 41.60
CA GLY B 574 -24.14 5.48 42.03
C GLY B 574 -23.17 6.58 42.42
N THR B 575 -23.75 7.71 42.81
CA THR B 575 -22.98 8.86 43.26
C THR B 575 -23.74 9.55 44.39
N VAL B 576 -23.05 10.47 45.07
CA VAL B 576 -23.66 11.27 46.12
C VAL B 576 -24.19 12.55 45.49
N SER B 577 -25.42 12.92 45.85
CA SER B 577 -26.07 14.16 45.46
C SER B 577 -27.19 14.41 46.44
N PRO B 578 -26.91 14.99 47.62
CA PRO B 578 -27.88 14.95 48.72
C PRO B 578 -29.12 15.83 48.56
N SER B 579 -29.86 15.61 47.46
CA SER B 579 -31.14 16.23 47.11
C SER B 579 -31.11 17.76 47.07
N ALA B 580 -29.91 18.36 47.05
CA ALA B 580 -29.76 19.80 47.19
C ALA B 580 -28.93 20.21 46.00
N PHE B 581 -29.59 20.47 44.89
CA PHE B 581 -28.93 21.07 43.75
C PHE B 581 -29.40 22.50 43.54
N LEU B 582 -30.70 22.69 43.31
CA LEU B 582 -31.25 24.01 43.18
C LEU B 582 -31.63 24.65 44.50
N GLU B 583 -31.32 24.02 45.64
CA GLU B 583 -31.72 24.58 46.93
C GLU B 583 -31.02 25.90 47.29
N PRO B 584 -29.71 26.10 47.07
CA PRO B 584 -29.22 27.48 47.16
C PRO B 584 -29.56 28.29 45.93
N PHE B 585 -29.83 27.64 44.80
CA PHE B 585 -30.19 28.39 43.61
C PHE B 585 -31.60 28.95 43.75
N SER B 586 -32.58 28.09 44.05
CA SER B 586 -33.94 28.56 44.28
C SER B 586 -34.07 29.32 45.58
N ALA B 587 -33.07 29.23 46.48
CA ALA B 587 -33.12 29.99 47.72
C ALA B 587 -33.02 31.48 47.47
N CYS B 588 -32.43 31.87 46.34
CA CYS B 588 -32.42 33.28 45.95
C CYS B 588 -33.81 33.77 45.60
N VAL B 589 -34.69 32.88 45.13
CA VAL B 589 -36.08 33.24 44.90
C VAL B 589 -37.04 32.65 45.92
N TRP B 590 -36.56 31.72 46.76
CA TRP B 590 -37.40 31.19 47.83
C TRP B 590 -37.75 32.27 48.85
N VAL B 591 -36.75 32.98 49.35
CA VAL B 591 -37.05 34.05 50.30
C VAL B 591 -37.68 35.25 49.60
N MET B 592 -37.54 35.37 48.27
CA MET B 592 -38.27 36.40 47.55
C MET B 592 -39.76 36.11 47.55
N MET B 593 -40.15 34.88 47.24
CA MET B 593 -41.58 34.59 47.30
C MET B 593 -42.05 34.45 48.74
N PHE B 594 -41.13 34.22 49.68
CA PHE B 594 -41.53 34.17 51.08
C PHE B 594 -41.94 35.55 51.56
N VAL B 595 -41.18 36.58 51.15
CA VAL B 595 -41.60 37.92 51.52
C VAL B 595 -42.75 38.39 50.66
N MET B 596 -42.96 37.80 49.47
CA MET B 596 -44.19 38.09 48.73
C MET B 596 -45.40 37.50 49.44
N LEU B 597 -45.22 36.34 50.08
CA LEU B 597 -46.28 35.80 50.93
C LEU B 597 -46.53 36.67 52.15
N LEU B 598 -45.47 37.31 52.66
CA LEU B 598 -45.68 38.23 53.78
C LEU B 598 -46.36 39.48 53.29
N ILE B 599 -46.12 39.86 52.04
CA ILE B 599 -46.69 41.08 51.50
C ILE B 599 -48.17 40.88 51.27
N VAL B 600 -48.55 39.74 50.68
CA VAL B 600 -49.96 39.54 50.36
C VAL B 600 -50.73 39.25 51.64
N SER B 601 -50.07 38.71 52.66
CA SER B 601 -50.74 38.55 53.95
C SER B 601 -50.95 39.89 54.63
N ALA B 602 -50.01 40.82 54.47
CA ALA B 602 -50.22 42.18 54.97
C ALA B 602 -51.32 42.90 54.20
N VAL B 603 -51.44 42.63 52.90
CA VAL B 603 -52.54 43.17 52.12
C VAL B 603 -53.87 42.59 52.58
N ALA B 604 -53.92 41.27 52.81
CA ALA B 604 -55.12 40.61 53.31
C ALA B 604 -55.50 41.07 54.71
N VAL B 605 -54.53 41.54 55.50
CA VAL B 605 -54.83 42.19 56.77
C VAL B 605 -55.40 43.59 56.55
N PHE B 606 -54.74 44.38 55.70
CA PHE B 606 -55.06 45.81 55.62
C PHE B 606 -56.35 46.06 54.83
N VAL B 607 -56.40 45.60 53.58
CA VAL B 607 -57.51 45.95 52.69
C VAL B 607 -58.80 45.22 53.04
N PHE B 608 -58.74 44.19 53.88
CA PHE B 608 -59.94 43.50 54.33
C PHE B 608 -60.33 43.88 55.76
N GLU B 609 -60.00 45.10 56.17
CA GLU B 609 -60.57 45.65 57.39
C GLU B 609 -62.04 45.95 57.09
N TYR B 610 -62.89 44.95 57.32
CA TYR B 610 -64.16 44.83 56.64
C TYR B 610 -65.21 44.20 57.54
N VAL B 631 -58.07 36.50 62.56
CA VAL B 631 -58.22 35.42 61.60
C VAL B 631 -57.08 35.47 60.60
N THR B 632 -56.30 36.55 60.67
CA THR B 632 -55.16 36.75 59.77
C THR B 632 -53.89 37.12 60.52
N ILE B 633 -53.79 36.79 61.81
CA ILE B 633 -52.58 37.13 62.56
C ILE B 633 -51.42 36.23 62.15
N GLY B 634 -51.57 34.93 62.37
CA GLY B 634 -50.57 33.99 61.89
C GLY B 634 -51.19 32.97 60.95
N LYS B 635 -52.53 32.89 60.96
CA LYS B 635 -53.21 31.90 60.14
C LYS B 635 -53.12 32.26 58.66
N ALA B 636 -52.97 33.56 58.38
CA ALA B 636 -52.85 34.04 57.01
C ALA B 636 -51.53 33.66 56.41
N ILE B 637 -50.55 33.31 57.24
CA ILE B 637 -49.25 32.93 56.71
C ILE B 637 -49.29 31.47 56.31
N TRP B 638 -49.47 30.59 57.29
CA TRP B 638 -49.18 29.19 57.03
C TRP B 638 -50.32 28.52 56.28
N LEU B 639 -51.56 28.98 56.47
CA LEU B 639 -52.65 28.49 55.64
C LEU B 639 -52.48 28.92 54.19
N LEU B 640 -51.96 30.12 53.96
CA LEU B 640 -51.70 30.56 52.61
C LEU B 640 -50.26 30.29 52.19
N TRP B 641 -49.56 29.44 52.93
CA TRP B 641 -48.22 29.01 52.59
C TRP B 641 -48.21 27.56 52.13
N GLY B 642 -48.94 26.70 52.83
CA GLY B 642 -48.92 25.27 52.55
C GLY B 642 -49.60 24.88 51.25
N LEU B 643 -50.32 25.81 50.63
CA LEU B 643 -51.01 25.55 49.37
C LEU B 643 -50.05 25.41 48.20
N VAL B 644 -48.79 25.83 48.35
CA VAL B 644 -47.80 25.51 47.33
C VAL B 644 -47.41 24.04 47.38
N PHE B 645 -47.66 23.35 48.48
CA PHE B 645 -47.19 21.97 48.63
C PHE B 645 -48.34 20.97 48.62
N ASN B 646 -49.56 21.43 48.33
CA ASN B 646 -50.79 20.64 48.31
C ASN B 646 -51.02 19.94 49.65
N ASN B 647 -51.19 20.77 50.68
CA ASN B 647 -51.36 20.32 52.04
C ASN B 647 -52.73 19.70 52.24
N SER B 648 -52.92 19.05 53.40
CA SER B 648 -54.26 18.56 53.73
C SER B 648 -55.10 19.68 54.33
N VAL B 649 -54.75 20.07 55.56
CA VAL B 649 -54.78 21.41 56.16
C VAL B 649 -55.99 22.24 55.73
N PRO B 650 -57.16 22.00 56.32
CA PRO B 650 -58.32 22.85 56.02
C PRO B 650 -58.13 24.29 56.45
N VAL B 651 -58.01 25.18 55.48
CA VAL B 651 -57.72 26.58 55.74
C VAL B 651 -59.02 27.32 55.98
N GLN B 652 -58.90 28.51 56.57
CA GLN B 652 -60.07 29.36 56.78
C GLN B 652 -60.48 29.96 55.45
N ASN B 653 -61.65 29.56 54.97
CA ASN B 653 -62.12 30.04 53.67
C ASN B 653 -62.53 31.50 53.76
N PRO B 654 -61.94 32.40 52.96
CA PRO B 654 -62.27 33.82 53.06
C PRO B 654 -63.55 34.19 52.33
N LYS B 655 -63.87 35.48 52.27
CA LYS B 655 -64.98 35.95 51.47
C LYS B 655 -64.68 35.80 49.98
N GLY B 656 -65.74 35.91 49.18
CA GLY B 656 -65.54 35.91 47.75
C GLY B 656 -65.21 37.33 47.33
N THR B 657 -63.92 37.60 47.28
CA THR B 657 -63.35 38.94 47.12
C THR B 657 -62.06 38.78 46.32
N THR B 658 -61.20 39.80 46.37
CA THR B 658 -59.86 39.70 45.81
C THR B 658 -58.96 38.76 46.60
N SER B 659 -59.39 38.34 47.80
CA SER B 659 -58.71 37.30 48.56
C SER B 659 -58.53 36.03 47.74
N LYS B 660 -59.64 35.37 47.38
CA LYS B 660 -59.57 34.11 46.64
C LYS B 660 -59.05 34.31 45.23
N ILE B 661 -59.11 35.54 44.72
CA ILE B 661 -58.52 35.82 43.42
C ILE B 661 -57.01 35.75 43.54
N MET B 662 -56.46 36.38 44.58
CA MET B 662 -55.02 36.39 44.71
C MET B 662 -54.52 35.02 45.17
N VAL B 663 -55.39 34.22 45.78
CA VAL B 663 -55.05 32.81 46.04
C VAL B 663 -54.87 32.06 44.73
N SER B 664 -55.79 32.24 43.79
CA SER B 664 -55.65 31.58 42.49
C SER B 664 -54.45 32.08 41.71
N VAL B 665 -54.15 33.38 41.86
CA VAL B 665 -52.93 33.96 41.30
C VAL B 665 -51.67 33.31 41.88
N TRP B 666 -51.65 33.10 43.19
CA TRP B 666 -50.52 32.41 43.80
C TRP B 666 -50.51 30.93 43.42
N ALA B 667 -51.68 30.34 43.15
CA ALA B 667 -51.77 28.93 42.79
C ALA B 667 -51.18 28.67 41.41
N PHE B 668 -51.21 29.68 40.53
CA PHE B 668 -50.52 29.54 39.25
C PHE B 668 -49.02 29.41 39.46
N PHE B 669 -48.45 30.25 40.32
CA PHE B 669 -47.03 30.18 40.59
C PHE B 669 -46.67 28.94 41.39
N ALA B 670 -47.65 28.41 42.13
CA ALA B 670 -47.44 27.18 42.88
C ALA B 670 -47.27 26.00 41.94
N VAL B 671 -48.17 25.88 40.96
CA VAL B 671 -48.09 24.68 40.14
C VAL B 671 -46.95 24.84 39.14
N ILE B 672 -46.60 26.08 38.80
CA ILE B 672 -45.57 26.22 37.78
C ILE B 672 -44.22 26.04 38.44
N PHE B 673 -44.13 26.27 39.76
CA PHE B 673 -42.87 26.03 40.42
C PHE B 673 -42.72 24.54 40.72
N LEU B 674 -43.84 23.86 40.96
CA LEU B 674 -43.74 22.42 41.24
C LEU B 674 -43.33 21.69 39.98
N ALA B 675 -43.89 22.10 38.83
CA ALA B 675 -43.54 21.45 37.58
C ALA B 675 -42.12 21.78 37.18
N SER B 676 -41.65 22.98 37.49
CA SER B 676 -40.33 23.36 36.99
C SER B 676 -39.27 22.68 37.84
N TYR B 677 -39.51 22.61 39.15
CA TYR B 677 -38.54 21.95 40.03
C TYR B 677 -38.47 20.45 39.74
N THR B 678 -39.61 19.81 39.48
CA THR B 678 -39.57 18.38 39.15
C THR B 678 -38.91 18.12 37.81
N ALA B 679 -39.16 18.97 36.81
CA ALA B 679 -38.48 18.82 35.52
C ALA B 679 -36.99 19.09 35.61
N ASN B 680 -36.54 19.93 36.53
CA ASN B 680 -35.11 20.06 36.74
C ASN B 680 -34.55 18.84 37.43
N LEU B 681 -35.26 18.35 38.45
CA LEU B 681 -34.72 17.33 39.34
C LEU B 681 -34.52 16.03 38.60
N ALA B 682 -35.51 15.62 37.80
CA ALA B 682 -35.31 14.42 36.99
C ALA B 682 -34.25 14.62 35.92
N ALA B 683 -34.08 15.85 35.45
CA ALA B 683 -32.99 16.16 34.53
C ALA B 683 -31.61 16.17 35.19
N PHE B 684 -31.53 16.25 36.51
CA PHE B 684 -30.25 16.05 37.17
C PHE B 684 -29.90 14.59 37.40
N MET B 685 -30.89 13.70 37.44
CA MET B 685 -30.61 12.27 37.47
C MET B 685 -30.02 11.77 36.16
N ILE B 686 -30.24 12.47 35.06
CA ILE B 686 -29.66 12.10 33.79
C ILE B 686 -28.58 13.14 33.49
N GLN B 687 -27.67 12.78 32.56
CA GLN B 687 -26.60 13.64 32.06
C GLN B 687 -25.66 14.10 33.17
N GLU B 688 -25.37 13.20 34.10
CA GLU B 688 -24.57 13.50 35.27
C GLU B 688 -23.29 12.66 35.25
N GLU B 689 -22.16 13.32 35.46
CA GLU B 689 -20.88 12.61 35.51
C GLU B 689 -20.65 12.08 36.92
N TYR B 690 -20.06 10.90 36.99
CA TYR B 690 -19.88 10.16 38.22
C TYR B 690 -18.38 9.99 38.48
N VAL B 691 -17.92 10.60 39.55
CA VAL B 691 -16.50 10.81 39.80
C VAL B 691 -16.04 9.79 40.84
N ASP B 692 -14.85 9.24 40.64
CA ASP B 692 -14.20 8.39 41.63
C ASP B 692 -13.08 9.17 42.30
N GLN B 693 -12.44 8.54 43.28
CA GLN B 693 -11.60 9.27 44.22
C GLN B 693 -10.18 8.73 44.23
N VAL B 694 -9.69 8.33 43.05
CA VAL B 694 -8.45 7.57 43.03
C VAL B 694 -7.22 8.48 43.11
N SER B 695 -7.39 9.77 42.82
CA SER B 695 -6.22 10.64 42.82
C SER B 695 -5.84 11.10 44.21
N GLY B 696 -6.84 11.35 45.05
CA GLY B 696 -6.55 11.71 46.44
C GLY B 696 -6.09 10.55 47.28
N LEU B 697 -6.61 9.34 47.01
CA LEU B 697 -6.19 8.16 47.73
C LEU B 697 -4.79 7.68 47.34
N SER B 698 -4.26 8.15 46.20
CA SER B 698 -2.85 8.02 45.85
C SER B 698 -1.93 8.72 46.84
N ASP B 699 -2.44 9.67 47.61
CA ASP B 699 -1.75 10.17 48.79
C ASP B 699 -2.34 9.61 50.08
N LYS B 700 -3.66 9.66 50.23
CA LYS B 700 -4.33 9.38 51.50
C LYS B 700 -4.24 7.91 51.91
N LYS B 701 -4.53 6.99 51.01
CA LYS B 701 -4.37 5.58 51.34
C LYS B 701 -2.91 5.17 51.37
N PHE B 702 -2.03 5.95 50.75
CA PHE B 702 -0.60 5.74 50.93
C PHE B 702 -0.14 6.10 52.34
N GLN B 703 -0.55 7.27 52.82
CA GLN B 703 -0.19 7.67 54.17
C GLN B 703 -0.98 6.89 55.21
N ARG B 704 -2.26 6.66 54.97
CA ARG B 704 -3.16 6.04 55.93
C ARG B 704 -3.91 4.90 55.29
N PRO B 705 -3.27 3.72 55.17
CA PRO B 705 -3.99 2.56 54.63
C PRO B 705 -4.91 1.89 55.63
N ASN B 706 -4.69 2.11 56.92
CA ASN B 706 -5.45 1.47 57.99
C ASN B 706 -6.53 2.37 58.56
N ASP B 707 -6.67 3.58 58.02
CA ASP B 707 -7.57 4.57 58.62
C ASP B 707 -9.03 4.20 58.47
N PHE B 708 -9.45 3.85 57.26
CA PHE B 708 -10.84 3.46 57.05
C PHE B 708 -11.07 1.97 57.25
N SER B 709 -10.35 1.12 56.52
CA SER B 709 -10.63 -0.28 56.67
C SER B 709 -9.31 -1.03 56.49
N PRO B 710 -8.97 -1.97 57.37
CA PRO B 710 -7.88 -2.93 57.08
C PRO B 710 -8.11 -3.80 55.85
N PRO B 711 -9.38 -4.08 55.41
CA PRO B 711 -9.54 -4.56 54.02
C PRO B 711 -9.21 -3.48 52.99
N PHE B 712 -7.93 -3.28 52.74
CA PHE B 712 -7.42 -2.47 51.65
C PHE B 712 -6.29 -3.32 51.07
N ARG B 713 -6.63 -4.13 50.09
CA ARG B 713 -5.73 -5.15 49.55
C ARG B 713 -5.10 -4.61 48.27
N PHE B 714 -3.80 -4.37 48.33
CA PHE B 714 -3.06 -3.62 47.34
C PHE B 714 -2.43 -4.56 46.30
N GLY B 715 -2.09 -3.99 45.15
CA GLY B 715 -1.42 -4.74 44.10
C GLY B 715 0.09 -4.62 44.14
N THR B 716 0.73 -5.29 43.19
CA THR B 716 2.19 -5.27 43.08
C THR B 716 2.60 -5.64 41.67
N VAL B 717 3.86 -5.30 41.36
CA VAL B 717 4.55 -5.75 40.16
C VAL B 717 5.76 -6.53 40.64
N PRO B 718 5.62 -7.81 40.95
CA PRO B 718 6.68 -8.53 41.68
C PRO B 718 7.92 -8.77 40.82
N ASN B 719 9.08 -8.60 41.45
CA ASN B 719 10.39 -8.52 40.78
C ASN B 719 10.41 -7.46 39.68
N GLY B 720 9.78 -6.31 39.95
CA GLY B 720 9.67 -5.30 38.92
C GLY B 720 10.53 -4.09 39.24
N SER B 721 10.92 -3.35 38.21
CA SER B 721 11.71 -2.13 38.40
C SER B 721 10.91 -1.04 39.07
N THR B 722 9.59 -1.05 38.86
CA THR B 722 8.73 -0.07 39.47
C THR B 722 8.68 -0.23 40.98
N GLU B 723 8.88 -1.46 41.49
CA GLU B 723 8.94 -1.66 42.94
C GLU B 723 10.10 -0.89 43.56
N ARG B 724 11.26 -0.90 42.89
CA ARG B 724 12.40 -0.21 43.50
C ARG B 724 12.19 1.27 43.37
N ASN B 725 11.60 1.70 42.23
CA ASN B 725 11.52 3.13 41.96
C ASN B 725 10.57 3.79 42.94
N ILE B 726 9.48 3.10 43.29
CA ILE B 726 8.64 3.68 44.33
C ILE B 726 9.33 3.50 45.67
N ARG B 727 10.09 2.42 45.89
CA ARG B 727 10.71 2.21 47.19
C ARG B 727 11.76 3.28 47.48
N ASN B 728 12.38 3.78 46.42
CA ASN B 728 13.28 4.92 46.53
C ASN B 728 12.52 6.24 46.66
N ASN B 729 11.29 6.35 46.15
CA ASN B 729 10.68 7.68 46.18
C ASN B 729 9.43 7.70 47.06
N TYR B 730 8.42 6.91 46.76
CA TYR B 730 7.06 7.10 47.24
C TYR B 730 6.46 5.75 47.65
N ALA B 731 7.21 4.93 48.39
CA ALA B 731 6.70 3.63 48.86
C ALA B 731 7.01 3.39 50.34
N GLU B 732 6.53 4.28 51.20
CA GLU B 732 6.24 3.86 52.57
C GLU B 732 5.26 2.69 52.63
N MET B 733 4.45 2.50 51.59
CA MET B 733 3.74 1.26 51.32
C MET B 733 4.60 0.22 50.60
N HIS B 734 5.93 0.27 50.75
CA HIS B 734 6.63 -1.00 50.58
C HIS B 734 6.62 -1.80 51.86
N ALA B 735 6.15 -1.21 52.95
CA ALA B 735 5.58 -1.97 54.05
C ALA B 735 4.13 -2.28 53.69
N TYR B 736 3.50 -3.13 54.50
CA TYR B 736 2.07 -3.46 54.46
C TYR B 736 1.68 -4.21 53.17
N MET B 737 2.63 -4.48 52.28
CA MET B 737 2.38 -4.94 50.93
C MET B 737 3.09 -6.25 50.62
N GLY B 738 3.98 -6.72 51.50
CA GLY B 738 4.56 -8.05 51.35
C GLY B 738 3.56 -9.18 51.42
N LYS B 739 2.47 -8.99 52.18
CA LYS B 739 1.33 -9.89 52.13
C LYS B 739 0.55 -9.79 50.83
N PHE B 740 0.78 -8.75 50.02
CA PHE B 740 -0.01 -8.46 48.84
C PHE B 740 0.77 -8.70 47.56
N ASN B 741 1.55 -9.78 47.55
CA ASN B 741 2.41 -10.14 46.42
C ASN B 741 1.73 -11.21 45.59
N GLN B 742 1.54 -10.93 44.30
CA GLN B 742 0.91 -11.87 43.37
C GLN B 742 1.75 -11.97 42.11
N ARG B 743 2.44 -13.09 41.95
CA ARG B 743 3.16 -13.40 40.72
C ARG B 743 2.19 -14.04 39.73
N GLY B 744 2.06 -13.43 38.56
CA GLY B 744 1.02 -13.81 37.63
C GLY B 744 -0.07 -12.76 37.63
N VAL B 745 -0.15 -12.00 36.54
CA VAL B 745 -1.03 -10.84 36.51
C VAL B 745 -2.49 -11.23 36.40
N ASP B 746 -2.81 -12.31 35.66
CA ASP B 746 -4.21 -12.70 35.48
C ASP B 746 -4.82 -13.29 36.74
N ASP B 747 -4.01 -13.85 37.63
CA ASP B 747 -4.49 -14.25 38.95
C ASP B 747 -4.90 -13.02 39.76
N ALA B 748 -4.10 -11.95 39.67
CA ALA B 748 -4.49 -10.72 40.35
C ALA B 748 -5.70 -10.08 39.68
N LEU B 749 -5.89 -10.36 38.39
CA LEU B 749 -7.04 -9.86 37.66
C LEU B 749 -8.31 -10.50 38.20
N LEU B 750 -8.34 -11.82 38.19
CA LEU B 750 -9.54 -12.50 38.65
C LEU B 750 -9.76 -12.36 40.14
N SER B 751 -8.70 -12.16 40.93
CA SER B 751 -8.86 -11.84 42.35
C SER B 751 -9.56 -10.50 42.56
N LEU B 752 -9.08 -9.44 41.92
CA LEU B 752 -9.80 -8.16 42.06
C LEU B 752 -11.16 -8.18 41.38
N LYS B 753 -11.36 -9.03 40.36
CA LYS B 753 -12.70 -9.15 39.80
C LYS B 753 -13.68 -9.81 40.77
N THR B 754 -13.22 -10.70 41.63
CA THR B 754 -14.04 -11.14 42.75
C THR B 754 -13.82 -10.28 43.99
N GLY B 755 -13.11 -9.17 43.86
CA GLY B 755 -12.88 -8.27 44.96
C GLY B 755 -11.77 -8.63 45.93
N LYS B 756 -10.99 -9.68 45.66
CA LYS B 756 -9.95 -10.07 46.60
C LYS B 756 -8.75 -9.13 46.58
N LEU B 757 -8.71 -8.15 45.67
CA LEU B 757 -7.84 -7.01 45.80
C LEU B 757 -8.67 -5.73 45.71
N ASP B 758 -8.21 -4.71 46.43
CA ASP B 758 -8.79 -3.38 46.32
C ASP B 758 -8.21 -2.62 45.12
N ALA B 759 -6.89 -2.49 45.09
CA ALA B 759 -6.22 -1.75 44.04
C ALA B 759 -5.04 -2.55 43.52
N PHE B 760 -4.64 -2.24 42.29
CA PHE B 760 -3.56 -2.95 41.63
C PHE B 760 -2.73 -1.95 40.83
N ILE B 761 -1.51 -1.69 41.30
CA ILE B 761 -0.61 -0.76 40.60
C ILE B 761 0.13 -1.51 39.49
N TYR B 762 0.28 -0.85 38.34
CA TYR B 762 0.95 -1.45 37.19
C TYR B 762 1.37 -0.34 36.23
N ASP B 763 2.10 -0.74 35.19
CA ASP B 763 2.27 0.08 34.00
C ASP B 763 0.92 0.43 33.39
N ALA B 764 0.83 1.63 32.81
CA ALA B 764 -0.43 2.16 32.31
C ALA B 764 -0.96 1.39 31.10
N ALA B 765 -0.08 1.12 30.13
CA ALA B 765 -0.54 0.73 28.79
C ALA B 765 -1.21 -0.63 28.79
N VAL B 766 -0.68 -1.56 29.58
CA VAL B 766 -1.28 -2.89 29.70
C VAL B 766 -2.60 -2.81 30.43
N LEU B 767 -2.69 -1.90 31.40
CA LEU B 767 -3.95 -1.67 32.09
C LEU B 767 -5.01 -1.13 31.15
N ASN B 768 -4.65 -0.18 30.29
CA ASN B 768 -5.64 0.44 29.41
C ASN B 768 -6.08 -0.54 28.34
N TYR B 769 -5.15 -1.35 27.85
CA TYR B 769 -5.52 -2.33 26.83
C TYR B 769 -6.38 -3.44 27.40
N MET B 770 -6.02 -3.95 28.57
CA MET B 770 -6.87 -4.99 29.14
C MET B 770 -8.14 -4.42 29.73
N ALA B 771 -8.19 -3.10 29.97
CA ALA B 771 -9.43 -2.46 30.33
C ALA B 771 -10.37 -2.44 29.15
N GLY B 772 -9.83 -2.22 27.96
CA GLY B 772 -10.64 -2.35 26.77
C GLY B 772 -11.01 -3.78 26.44
N ARG B 773 -10.28 -4.75 26.97
CA ARG B 773 -10.63 -6.15 26.78
C ARG B 773 -11.20 -6.76 28.05
N ASP B 774 -11.79 -5.95 28.92
CA ASP B 774 -12.19 -6.41 30.27
C ASP B 774 -13.62 -6.95 30.30
N GLU B 775 -13.77 -8.25 30.01
CA GLU B 775 -14.88 -9.10 30.45
C GLU B 775 -16.25 -8.66 29.92
N GLY B 776 -16.31 -7.87 28.86
CA GLY B 776 -17.60 -7.26 28.62
C GLY B 776 -17.45 -5.77 28.75
N CYS B 777 -18.01 -5.20 29.82
CA CYS B 777 -18.03 -3.75 29.99
C CYS B 777 -17.80 -3.36 31.45
N LYS B 778 -16.98 -4.11 32.16
CA LYS B 778 -16.68 -3.69 33.53
C LYS B 778 -15.62 -2.60 33.42
N LEU B 779 -15.92 -1.44 33.97
CA LEU B 779 -15.00 -0.32 33.92
C LEU B 779 -13.92 -0.48 34.99
N VAL B 780 -12.66 -0.49 34.57
CA VAL B 780 -11.58 -0.73 35.53
C VAL B 780 -10.45 0.29 35.44
N THR B 781 -10.73 1.48 34.89
CA THR B 781 -9.65 2.42 34.62
C THR B 781 -9.30 3.19 35.89
N ILE B 782 -8.52 4.26 35.75
CA ILE B 782 -8.07 5.04 36.92
C ILE B 782 -8.64 6.46 36.76
N GLY B 783 -9.86 6.64 37.23
CA GLY B 783 -10.41 7.95 37.53
C GLY B 783 -10.69 8.86 36.35
N SER B 784 -9.61 9.33 35.73
CA SER B 784 -9.69 10.18 34.56
C SER B 784 -8.67 9.81 33.50
N GLY B 785 -7.97 8.69 33.65
CA GLY B 785 -6.89 8.39 32.75
C GLY B 785 -5.63 9.18 32.94
N LYS B 786 -5.47 9.85 34.08
CA LYS B 786 -4.26 10.62 34.35
C LYS B 786 -3.28 9.74 35.11
N VAL B 787 -2.07 9.60 34.58
CA VAL B 787 -1.09 8.70 35.16
C VAL B 787 0.00 9.52 35.84
N PHE B 788 0.86 8.81 36.59
CA PHE B 788 1.83 9.45 37.48
C PHE B 788 3.25 9.32 36.96
N ALA B 789 3.44 9.06 35.67
CA ALA B 789 4.77 8.97 35.11
C ALA B 789 4.73 9.35 33.63
N SER B 790 5.87 9.82 33.13
CA SER B 790 6.11 10.05 31.72
C SER B 790 7.29 9.17 31.31
N THR B 791 6.99 7.93 30.97
CA THR B 791 8.00 6.92 30.64
C THR B 791 7.82 6.46 29.20
N GLY B 792 8.81 5.72 28.72
CA GLY B 792 8.81 5.31 27.33
C GLY B 792 9.56 4.02 27.06
N TYR B 793 8.92 3.11 26.32
CA TYR B 793 9.60 1.88 25.92
C TYR B 793 10.58 2.19 24.80
N GLY B 794 11.75 1.55 24.87
CA GLY B 794 12.76 1.75 23.86
C GLY B 794 13.55 0.51 23.51
N ILE B 795 13.90 0.38 22.25
CA ILE B 795 14.69 -0.75 21.78
C ILE B 795 16.13 -0.52 22.21
N ALA B 796 16.80 -1.59 22.62
CA ALA B 796 18.10 -1.51 23.26
C ALA B 796 19.09 -2.34 22.45
N ILE B 797 20.22 -1.72 22.12
CA ILE B 797 21.43 -2.40 21.69
C ILE B 797 22.56 -1.76 22.49
N GLN B 798 23.35 -2.59 23.18
CA GLN B 798 24.39 -2.05 24.03
C GLN B 798 25.52 -1.47 23.19
N LYS B 799 25.80 -0.17 23.39
CA LYS B 799 26.93 0.61 22.87
C LYS B 799 26.86 0.90 21.37
N ASP B 800 25.95 0.21 20.69
CA ASP B 800 25.29 0.49 19.42
C ASP B 800 26.10 1.23 18.36
N SER B 801 27.22 0.63 17.99
CA SER B 801 28.29 1.25 17.26
C SER B 801 27.83 1.53 15.82
N GLY B 802 27.41 2.77 15.58
CA GLY B 802 26.94 3.25 14.29
C GLY B 802 25.47 2.98 14.01
N TRP B 803 24.97 1.82 14.45
CA TRP B 803 23.61 1.42 14.12
C TRP B 803 22.57 2.21 14.89
N LYS B 804 22.97 2.89 15.97
CA LYS B 804 22.05 3.77 16.69
C LYS B 804 21.56 4.88 15.79
N ARG B 805 22.47 5.44 14.98
CA ARG B 805 22.11 6.49 14.04
C ARG B 805 21.17 5.95 12.98
N GLN B 806 21.32 4.68 12.60
CA GLN B 806 20.44 4.14 11.59
C GLN B 806 19.04 3.89 12.18
N VAL B 807 19.00 3.31 13.38
CA VAL B 807 17.72 2.87 13.91
C VAL B 807 16.88 4.04 14.38
N ASP B 808 17.51 5.14 14.82
CA ASP B 808 16.66 6.18 15.40
C ASP B 808 15.99 6.97 14.28
N LEU B 809 16.75 7.21 13.19
CA LEU B 809 16.14 7.84 12.04
C LEU B 809 15.14 6.92 11.38
N ALA B 810 15.33 5.60 11.48
CA ALA B 810 14.30 4.69 10.95
C ALA B 810 13.03 4.75 11.80
N ILE B 811 13.16 4.94 13.10
CA ILE B 811 11.98 5.11 13.97
C ILE B 811 11.26 6.40 13.66
N LEU B 812 12.01 7.50 13.50
CA LEU B 812 11.40 8.76 13.09
C LEU B 812 10.82 8.71 11.68
N GLN B 813 11.36 7.86 10.81
CA GLN B 813 10.74 7.58 9.53
C GLN B 813 9.41 6.84 9.71
N LEU B 814 9.39 5.87 10.61
CA LEU B 814 8.18 5.10 10.86
C LEU B 814 7.09 5.96 11.51
N PHE B 815 7.48 6.84 12.42
CA PHE B 815 6.52 7.81 12.92
C PHE B 815 6.16 8.86 11.88
N GLY B 816 7.05 9.13 10.92
CA GLY B 816 6.76 10.08 9.85
C GLY B 816 5.72 9.66 8.83
N ASP B 817 5.21 8.43 8.87
CA ASP B 817 4.22 8.02 7.88
C ASP B 817 2.86 7.66 8.46
N GLY B 818 2.74 7.44 9.76
CA GLY B 818 1.49 7.06 10.41
C GLY B 818 1.01 5.63 10.30
N GLU B 819 1.82 4.72 9.77
CA GLU B 819 1.47 3.30 9.81
C GLU B 819 1.49 2.75 11.23
N MET B 820 2.30 3.37 12.11
CA MET B 820 2.25 3.07 13.53
C MET B 820 0.84 3.24 14.10
N GLU B 821 0.12 4.25 13.64
CA GLU B 821 -1.26 4.43 14.09
C GLU B 821 -2.15 3.31 13.59
N GLU B 822 -1.86 2.80 12.38
CA GLU B 822 -2.65 1.69 11.90
C GLU B 822 -2.30 0.42 12.66
N LEU B 823 -1.06 0.32 13.14
CA LEU B 823 -0.70 -0.85 13.94
C LEU B 823 -1.40 -0.81 15.29
N GLU B 824 -1.66 0.39 15.80
CA GLU B 824 -2.51 0.52 16.98
C GLU B 824 -3.94 0.10 16.68
N ALA B 825 -4.43 0.42 15.47
CA ALA B 825 -5.73 -0.11 15.06
C ALA B 825 -5.75 -1.63 14.92
N LEU B 826 -4.62 -2.26 14.61
CA LEU B 826 -4.54 -3.73 14.63
C LEU B 826 -4.34 -4.30 16.03
N TRP B 827 -3.72 -3.59 16.92
CA TRP B 827 -3.34 -4.25 18.17
C TRP B 827 -3.84 -3.52 19.40
N LEU B 828 -3.80 -2.20 19.41
CA LEU B 828 -3.88 -1.41 20.63
C LEU B 828 -5.19 -0.64 20.66
N THR B 829 -6.27 -1.31 20.27
CA THR B 829 -7.61 -0.74 20.23
C THR B 829 -8.52 -1.49 21.19
N GLY B 830 -9.16 -0.74 22.09
CA GLY B 830 -10.16 -1.29 22.97
C GLY B 830 -11.58 -1.07 22.47
N ILE B 831 -12.52 -1.67 23.20
CA ILE B 831 -13.93 -1.69 22.84
C ILE B 831 -14.75 -0.83 23.77
N CYS B 832 -14.77 -1.16 25.06
CA CYS B 832 -15.60 -0.43 26.01
C CYS B 832 -14.78 0.71 26.62
N HIS B 833 -14.80 1.85 25.93
CA HIS B 833 -14.09 3.06 26.34
C HIS B 833 -15.04 4.22 26.60
N ASN B 834 -15.81 4.63 25.59
CA ASN B 834 -15.85 5.96 24.99
C ASN B 834 -15.38 7.10 25.89
N GLU B 835 -16.07 7.37 27.01
CA GLU B 835 -15.81 8.47 27.95
C GLU B 835 -16.90 8.43 29.01
N LYS B 836 -16.64 7.68 30.11
CA LYS B 836 -17.30 7.66 31.43
C LYS B 836 -18.74 8.15 31.41
N ASN B 837 -19.64 7.36 30.82
CA ASN B 837 -20.94 7.93 30.49
C ASN B 837 -21.88 7.95 31.69
N GLU B 838 -22.28 6.77 32.15
CA GLU B 838 -23.34 6.67 33.14
C GLU B 838 -23.22 5.36 33.88
N VAL B 839 -23.35 5.41 35.20
CA VAL B 839 -23.62 4.20 35.96
C VAL B 839 -25.14 4.07 35.95
N MET B 840 -25.66 2.90 36.32
CA MET B 840 -27.09 2.66 36.38
C MET B 840 -27.47 2.41 37.83
N SER B 841 -28.49 3.12 38.31
CA SER B 841 -28.90 3.02 39.70
C SER B 841 -30.41 3.14 39.81
N SER B 842 -30.97 2.38 40.77
CA SER B 842 -32.37 2.52 41.16
C SER B 842 -32.52 2.71 42.66
N GLN B 843 -31.55 2.20 43.41
CA GLN B 843 -31.59 2.34 44.87
C GLN B 843 -31.39 3.77 45.31
N LEU B 844 -32.16 4.18 46.32
CA LEU B 844 -32.00 5.51 46.89
C LEU B 844 -30.70 5.57 47.66
N ASP B 845 -29.90 6.60 47.40
CA ASP B 845 -28.66 6.82 48.13
C ASP B 845 -28.99 7.23 49.56
N ILE B 846 -28.71 6.33 50.50
CA ILE B 846 -28.97 6.64 51.91
C ILE B 846 -27.96 7.62 52.47
N ASP B 847 -26.88 7.89 51.75
CA ASP B 847 -25.97 8.97 52.12
C ASP B 847 -26.45 10.31 51.56
N ASN B 848 -27.41 10.29 50.64
CA ASN B 848 -28.11 11.48 50.20
C ASN B 848 -29.25 11.85 51.14
N MET B 849 -29.43 11.10 52.22
CA MET B 849 -30.41 11.41 53.26
C MET B 849 -29.96 12.52 54.19
N ALA B 850 -28.76 13.08 53.99
CA ALA B 850 -28.28 14.19 54.79
C ALA B 850 -29.13 15.45 54.60
N GLY B 851 -29.73 15.60 53.42
CA GLY B 851 -30.72 16.64 53.24
C GLY B 851 -32.05 16.37 53.91
N VAL B 852 -32.30 15.12 54.31
CA VAL B 852 -33.55 14.77 54.98
C VAL B 852 -33.44 15.00 56.48
N PHE B 853 -32.38 14.51 57.13
CA PHE B 853 -32.09 14.92 58.49
C PHE B 853 -31.23 16.17 58.55
N TYR B 854 -31.25 16.99 57.50
CA TYR B 854 -30.95 18.41 57.64
C TYR B 854 -31.87 18.99 58.71
N MET B 855 -31.43 20.08 59.35
CA MET B 855 -31.61 20.23 60.81
C MET B 855 -33.09 20.40 61.21
N LEU B 856 -33.79 19.26 61.20
CA LEU B 856 -35.12 19.19 61.77
C LEU B 856 -35.09 19.38 63.28
N GLY B 857 -34.25 18.59 63.98
CA GLY B 857 -34.28 18.61 65.42
C GLY B 857 -33.66 19.85 66.03
N ALA B 858 -32.76 20.49 65.29
CA ALA B 858 -32.13 21.72 65.76
C ALA B 858 -33.13 22.87 65.74
N ALA B 859 -33.90 22.98 64.65
CA ALA B 859 -34.96 23.98 64.64
C ALA B 859 -36.08 23.59 65.59
N MET B 860 -36.25 22.30 65.85
CA MET B 860 -37.20 21.92 66.90
C MET B 860 -36.69 22.35 68.28
N ALA B 861 -35.38 22.29 68.51
CA ALA B 861 -34.85 22.80 69.77
C ALA B 861 -34.97 24.31 69.86
N LEU B 862 -34.87 25.02 68.73
CA LEU B 862 -35.06 26.46 68.80
C LEU B 862 -36.53 26.77 69.08
N SER B 863 -37.42 25.90 68.61
CA SER B 863 -38.84 26.06 68.93
C SER B 863 -39.12 25.75 70.40
N LEU B 864 -38.32 24.87 71.00
CA LEU B 864 -38.42 24.63 72.44
C LEU B 864 -37.95 25.84 73.25
N ILE B 865 -36.84 26.44 72.82
CA ILE B 865 -36.36 27.68 73.45
C ILE B 865 -37.35 28.82 73.20
N THR B 866 -38.03 28.80 72.04
CA THR B 866 -39.12 29.72 71.80
C THR B 866 -40.27 29.51 72.78
N PHE B 867 -40.54 28.26 73.16
CA PHE B 867 -41.59 28.00 74.13
C PHE B 867 -41.15 28.40 75.54
N ILE B 868 -39.87 28.24 75.84
CA ILE B 868 -39.36 28.65 77.15
C ILE B 868 -39.34 30.17 77.26
N SER B 869 -39.02 30.86 76.16
CA SER B 869 -39.10 32.30 76.17
C SER B 869 -40.55 32.77 76.24
N GLU B 870 -41.48 32.01 75.68
CA GLU B 870 -42.90 32.27 75.91
C GLU B 870 -43.26 32.11 77.39
N HIS B 871 -42.68 31.11 78.05
CA HIS B 871 -42.90 30.93 79.48
C HIS B 871 -42.30 32.05 80.32
N LEU B 872 -41.20 32.66 79.87
CA LEU B 872 -40.71 33.87 80.52
C LEU B 872 -41.51 35.10 80.14
N PHE B 873 -42.15 35.11 78.97
CA PHE B 873 -43.06 36.19 78.63
C PHE B 873 -44.37 36.07 79.40
N TYR B 874 -44.71 34.88 79.87
CA TYR B 874 -45.80 34.77 80.83
C TYR B 874 -45.43 35.39 82.17
N TRP B 875 -44.13 35.46 82.48
CA TRP B 875 -43.70 36.18 83.68
C TRP B 875 -43.79 37.70 83.49
N GLN B 876 -43.88 38.16 82.25
CA GLN B 876 -44.00 39.58 81.96
C GLN B 876 -45.34 39.92 81.34
N LYS C 25 63.66 4.65 -36.37
CA LYS C 25 62.63 5.05 -35.41
C LYS C 25 63.15 6.15 -34.50
N ILE C 26 63.21 7.37 -35.03
CA ILE C 26 63.74 8.52 -34.31
C ILE C 26 62.58 9.44 -33.95
N VAL C 27 62.52 9.83 -32.67
CA VAL C 27 61.40 10.62 -32.15
C VAL C 27 61.96 11.92 -31.56
N ASN C 28 61.43 13.04 -32.04
CA ASN C 28 61.79 14.34 -31.51
C ASN C 28 60.97 14.65 -30.25
N ILE C 29 61.52 15.51 -29.40
CA ILE C 29 60.86 15.94 -28.17
C ILE C 29 61.19 17.40 -27.94
N GLY C 30 60.16 18.24 -27.83
CA GLY C 30 60.34 19.62 -27.45
C GLY C 30 60.41 19.80 -25.94
N ALA C 31 61.01 20.91 -25.51
CA ALA C 31 61.12 21.20 -24.08
C ALA C 31 61.31 22.69 -23.90
N VAL C 32 60.27 23.38 -23.43
CA VAL C 32 60.35 24.81 -23.19
C VAL C 32 61.15 25.05 -21.92
N LEU C 33 62.39 25.51 -22.08
CA LEU C 33 63.31 25.66 -20.96
C LEU C 33 63.86 27.07 -20.92
N SER C 34 64.27 27.49 -19.72
CA SER C 34 64.73 28.86 -19.52
C SER C 34 66.12 29.09 -20.10
N THR C 35 67.12 28.38 -19.59
CA THR C 35 68.49 28.61 -20.04
C THR C 35 68.95 27.48 -20.97
N ARG C 36 70.09 27.73 -21.60
CA ARG C 36 70.69 26.78 -22.52
C ARG C 36 71.32 25.58 -21.79
N LYS C 37 71.69 25.76 -20.53
CA LYS C 37 72.22 24.65 -19.74
C LYS C 37 71.18 23.56 -19.53
N HIS C 38 69.93 23.97 -19.33
CA HIS C 38 68.80 23.05 -19.30
C HIS C 38 68.64 22.31 -20.62
N GLU C 39 68.77 23.02 -21.75
CA GLU C 39 68.67 22.36 -23.04
C GLU C 39 69.87 21.45 -23.31
N GLN C 40 71.02 21.75 -22.70
CA GLN C 40 72.17 20.87 -22.82
C GLN C 40 71.99 19.60 -22.02
N MET C 41 71.52 19.72 -20.78
CA MET C 41 71.24 18.54 -19.98
C MET C 41 70.05 17.75 -20.53
N PHE C 42 69.15 18.45 -21.23
CA PHE C 42 68.07 17.78 -21.94
C PHE C 42 68.64 16.94 -23.09
N ARG C 43 69.62 17.49 -23.82
CA ARG C 43 70.18 16.75 -24.95
C ARG C 43 71.01 15.58 -24.45
N GLU C 44 71.70 15.75 -23.31
CA GLU C 44 72.51 14.67 -22.78
C GLU C 44 71.61 13.56 -22.24
N ALA C 45 70.45 13.93 -21.67
CA ALA C 45 69.53 12.91 -21.20
C ALA C 45 68.89 12.19 -22.38
N VAL C 46 68.72 12.88 -23.50
CA VAL C 46 68.23 12.23 -24.71
C VAL C 46 69.24 11.20 -25.22
N ASN C 47 70.53 11.57 -25.22
CA ASN C 47 71.55 10.62 -25.65
C ASN C 47 71.72 9.47 -24.66
N GLN C 48 71.45 9.70 -23.38
CA GLN C 48 71.51 8.61 -22.41
C GLN C 48 70.31 7.68 -22.57
N ALA C 49 69.13 8.23 -22.84
CA ALA C 49 67.95 7.42 -23.09
C ALA C 49 67.89 6.88 -24.51
N ASN C 50 68.89 7.17 -25.34
CA ASN C 50 69.03 6.53 -26.64
C ASN C 50 69.70 5.17 -26.57
N LYS C 51 69.80 4.58 -25.39
CA LYS C 51 70.37 3.25 -25.23
C LYS C 51 69.50 2.16 -25.84
N ARG C 52 68.22 2.43 -26.04
CA ARG C 52 67.29 1.42 -26.51
C ARG C 52 67.06 1.53 -28.01
N ILE C 58 64.80 1.99 -32.06
CA ILE C 58 64.32 2.92 -31.05
C ILE C 58 65.35 4.02 -30.81
N GLN C 59 65.10 5.19 -31.41
CA GLN C 59 65.99 6.32 -31.27
C GLN C 59 65.18 7.56 -30.89
N LEU C 60 65.89 8.54 -30.33
CA LEU C 60 65.30 9.78 -29.87
C LEU C 60 65.95 10.94 -30.59
N GLN C 61 65.40 12.13 -30.35
CA GLN C 61 65.87 13.34 -30.99
C GLN C 61 65.50 14.51 -30.11
N ALA C 62 66.43 15.45 -29.93
CA ALA C 62 66.27 16.55 -29.00
C ALA C 62 66.23 17.86 -29.77
N THR C 63 65.07 18.51 -29.76
CA THR C 63 64.96 19.89 -30.23
C THR C 63 64.87 20.82 -29.01
N SER C 64 65.44 22.00 -29.15
CA SER C 64 65.60 22.93 -28.04
C SER C 64 64.60 24.06 -28.16
N VAL C 65 63.81 24.25 -27.11
CA VAL C 65 62.82 25.32 -27.07
C VAL C 65 63.18 26.25 -25.93
N THR C 66 63.37 27.52 -26.24
CA THR C 66 63.60 28.49 -25.19
C THR C 66 62.30 28.79 -24.47
N HIS C 67 62.43 29.38 -23.29
CA HIS C 67 61.27 29.87 -22.56
C HIS C 67 61.07 31.34 -22.92
N LYS C 68 59.93 31.66 -23.47
CA LYS C 68 59.72 33.02 -23.90
C LYS C 68 59.40 33.90 -22.69
N PRO C 69 59.90 35.15 -22.69
CA PRO C 69 59.58 36.04 -21.57
C PRO C 69 58.17 36.58 -21.62
N ASN C 70 57.56 36.63 -22.80
CA ASN C 70 56.24 37.22 -22.95
C ASN C 70 55.23 36.17 -23.35
N ALA C 71 53.96 36.47 -23.09
CA ALA C 71 52.89 35.51 -23.29
C ALA C 71 52.52 35.36 -24.76
N ILE C 72 52.36 36.48 -25.44
CA ILE C 72 51.92 36.44 -26.82
C ILE C 72 53.07 36.01 -27.73
N GLN C 73 54.31 36.31 -27.33
CA GLN C 73 55.47 35.81 -28.07
C GLN C 73 55.67 34.31 -27.91
N MET C 74 55.30 33.75 -26.75
CA MET C 74 55.24 32.30 -26.61
C MET C 74 54.13 31.72 -27.50
N ALA C 75 53.02 32.43 -27.62
CA ALA C 75 52.00 31.99 -28.56
C ALA C 75 52.37 32.30 -30.00
N LEU C 76 53.41 33.10 -30.20
CA LEU C 76 53.91 33.36 -31.54
C LEU C 76 54.81 32.22 -31.94
N SER C 77 55.82 31.94 -31.11
CA SER C 77 56.83 30.93 -31.38
C SER C 77 56.40 29.53 -30.96
N VAL C 78 55.11 29.29 -30.71
CA VAL C 78 54.70 27.98 -30.21
C VAL C 78 54.78 26.92 -31.31
N CYS C 79 54.37 27.24 -32.54
CA CYS C 79 54.30 26.22 -33.58
C CYS C 79 55.38 26.37 -34.64
N GLU C 80 56.37 27.24 -34.42
CA GLU C 80 57.61 27.14 -35.18
C GLU C 80 58.41 25.93 -34.77
N ASP C 81 58.19 25.41 -33.57
CA ASP C 81 58.76 24.13 -33.18
C ASP C 81 57.86 22.98 -33.61
N LEU C 82 56.59 23.26 -33.91
CA LEU C 82 55.70 22.23 -34.42
C LEU C 82 55.83 22.02 -35.92
N ILE C 83 56.73 22.76 -36.58
CA ILE C 83 57.11 22.44 -37.96
C ILE C 83 57.73 21.06 -38.02
N SER C 84 58.59 20.74 -37.06
CA SER C 84 59.05 19.38 -36.82
C SER C 84 57.88 18.61 -36.21
N SER C 85 57.22 17.78 -37.02
CA SER C 85 56.07 17.04 -36.54
C SER C 85 56.44 15.88 -35.64
N GLN C 86 57.72 15.52 -35.56
CA GLN C 86 58.14 14.37 -34.77
C GLN C 86 58.18 14.68 -33.27
N VAL C 87 57.86 15.91 -32.86
CA VAL C 87 57.72 16.18 -31.43
C VAL C 87 56.42 15.54 -30.93
N TYR C 88 56.54 14.68 -29.92
CA TYR C 88 55.41 13.98 -29.36
C TYR C 88 55.14 14.36 -27.91
N ALA C 89 56.01 15.15 -27.29
CA ALA C 89 55.79 15.65 -25.95
C ALA C 89 56.61 16.93 -25.77
N ILE C 90 56.11 17.81 -24.92
CA ILE C 90 56.74 19.12 -24.69
C ILE C 90 56.86 19.31 -23.19
N LEU C 91 58.08 19.57 -22.72
CA LEU C 91 58.30 20.01 -21.36
C LEU C 91 58.18 21.52 -21.29
N VAL C 92 57.58 22.01 -20.20
CA VAL C 92 57.37 23.43 -20.00
C VAL C 92 57.88 23.83 -18.62
N SER C 93 58.10 25.13 -18.43
CA SER C 93 58.69 25.66 -17.22
C SER C 93 58.25 27.11 -17.04
N HIS C 94 58.78 27.76 -16.02
CA HIS C 94 58.54 29.18 -15.81
C HIS C 94 59.68 30.05 -16.30
N THR C 103 52.95 32.17 -15.94
CA THR C 103 52.10 30.99 -16.09
C THR C 103 52.22 30.40 -17.49
N PRO C 104 52.28 29.08 -17.60
CA PRO C 104 52.40 28.44 -18.93
C PRO C 104 51.07 28.28 -19.66
N THR C 105 50.05 29.00 -19.19
CA THR C 105 48.76 29.06 -19.86
C THR C 105 48.84 29.41 -21.36
N PRO C 106 49.65 30.41 -21.85
CA PRO C 106 49.59 30.70 -23.28
C PRO C 106 50.42 29.74 -24.13
N VAL C 107 50.78 28.59 -23.59
CA VAL C 107 51.39 27.55 -24.42
C VAL C 107 50.81 26.17 -24.16
N SER C 108 50.13 25.94 -23.02
CA SER C 108 49.66 24.58 -22.74
C SER C 108 48.41 24.26 -23.51
N TYR C 109 47.66 25.30 -23.90
CA TYR C 109 46.42 25.12 -24.63
C TYR C 109 46.70 24.58 -26.03
N THR C 110 47.83 24.94 -26.63
CA THR C 110 48.05 24.56 -28.01
C THR C 110 48.37 23.08 -28.08
N ALA C 111 49.10 22.60 -27.08
CA ALA C 111 49.42 21.18 -26.96
C ALA C 111 48.18 20.35 -26.62
N GLY C 112 47.32 20.84 -25.72
CA GLY C 112 46.07 20.12 -25.53
C GLY C 112 45.12 20.24 -26.69
N PHE C 113 45.24 21.32 -27.47
CA PHE C 113 44.53 21.49 -28.72
C PHE C 113 44.98 20.47 -29.75
N TYR C 114 46.25 20.06 -29.69
CA TYR C 114 46.72 18.96 -30.52
C TYR C 114 46.89 17.68 -29.74
N ARG C 115 46.40 17.66 -28.49
CA ARG C 115 46.32 16.47 -27.62
C ARG C 115 47.70 15.90 -27.34
N ILE C 116 48.72 16.75 -27.35
CA ILE C 116 50.08 16.30 -27.11
C ILE C 116 50.23 16.04 -25.62
N PRO C 117 50.83 14.93 -25.19
CA PRO C 117 51.11 14.76 -23.76
C PRO C 117 52.18 15.73 -23.30
N VAL C 118 51.90 16.45 -22.23
CA VAL C 118 52.79 17.48 -21.70
C VAL C 118 53.29 17.06 -20.33
N LEU C 119 54.37 17.71 -19.90
CA LEU C 119 54.74 17.70 -18.49
C LEU C 119 54.93 19.13 -18.02
N GLY C 120 54.07 19.57 -17.10
CA GLY C 120 54.24 20.87 -16.49
C GLY C 120 55.16 20.74 -15.31
N LEU C 121 56.46 21.03 -15.49
CA LEU C 121 57.44 20.67 -14.48
C LEU C 121 57.39 21.61 -13.27
N THR C 122 57.19 22.90 -13.49
CA THR C 122 57.28 23.90 -12.43
C THR C 122 55.92 24.46 -12.07
N THR C 123 54.92 23.60 -12.00
CA THR C 123 53.54 24.00 -11.78
C THR C 123 53.23 23.83 -10.30
N ARG C 124 52.93 24.94 -9.63
CA ARG C 124 52.35 24.89 -8.31
C ARG C 124 50.92 25.40 -8.29
N MET C 125 50.34 25.59 -9.47
CA MET C 125 48.99 26.13 -9.63
C MET C 125 47.99 24.99 -9.76
N SER C 126 46.89 25.08 -9.03
CA SER C 126 45.84 24.08 -9.04
C SER C 126 44.79 24.31 -10.12
N ILE C 127 44.92 25.35 -10.93
CA ILE C 127 43.95 25.53 -12.02
C ILE C 127 44.13 24.48 -13.10
N TYR C 128 45.36 24.04 -13.33
CA TYR C 128 45.61 22.97 -14.30
C TYR C 128 45.24 21.60 -13.75
N SER C 129 45.02 21.48 -12.44
CA SER C 129 44.59 20.21 -11.86
C SER C 129 43.17 19.83 -12.28
N ASP C 130 42.38 20.79 -12.74
CA ASP C 130 41.15 20.47 -13.46
C ASP C 130 41.52 19.80 -14.76
N LYS C 131 41.31 18.49 -14.84
CA LYS C 131 41.61 17.75 -16.05
C LYS C 131 40.42 17.67 -17.00
N SER C 132 39.35 18.43 -16.73
CA SER C 132 38.29 18.61 -17.70
C SER C 132 38.63 19.70 -18.72
N ILE C 133 39.68 20.48 -18.48
CA ILE C 133 40.16 21.44 -19.48
C ILE C 133 40.79 20.72 -20.65
N HIS C 134 41.38 19.54 -20.41
CA HIS C 134 42.10 18.71 -21.37
C HIS C 134 43.32 19.43 -21.95
N LEU C 135 43.82 20.44 -21.25
CA LEU C 135 45.06 21.11 -21.57
C LEU C 135 46.07 20.90 -20.45
N SER C 136 45.93 19.78 -19.75
CA SER C 136 46.67 19.49 -18.54
C SER C 136 47.71 18.42 -18.83
N PHE C 137 48.36 17.95 -17.77
CA PHE C 137 49.48 17.04 -17.89
C PHE C 137 49.37 15.99 -16.79
N LEU C 138 50.09 14.88 -16.99
CA LEU C 138 50.31 13.96 -15.89
C LEU C 138 51.30 14.56 -14.90
N ARG C 139 50.93 14.53 -13.63
CA ARG C 139 51.45 15.44 -12.63
C ARG C 139 52.90 15.12 -12.22
N THR C 140 53.66 16.19 -12.00
CA THR C 140 54.92 16.19 -11.26
C THR C 140 54.59 16.25 -9.78
N VAL C 141 55.49 16.85 -8.99
CA VAL C 141 55.23 17.33 -7.63
C VAL C 141 53.86 18.00 -7.53
N PRO C 142 53.15 17.83 -6.39
CA PRO C 142 51.77 18.32 -6.29
C PRO C 142 51.72 19.84 -6.33
N PRO C 143 50.61 20.42 -6.88
CA PRO C 143 50.54 21.87 -7.04
C PRO C 143 50.54 22.66 -5.75
N TYR C 144 49.48 22.59 -4.95
CA TYR C 144 49.60 23.10 -3.60
C TYR C 144 48.85 22.24 -2.59
N SER C 145 47.66 21.77 -2.97
CA SER C 145 46.66 21.39 -1.99
C SER C 145 46.87 20.00 -1.41
N HIS C 146 47.79 19.23 -1.97
CA HIS C 146 47.89 17.82 -1.62
C HIS C 146 48.62 17.60 -0.30
N GLN C 147 49.22 18.65 0.26
CA GLN C 147 49.78 18.59 1.60
C GLN C 147 48.70 18.46 2.67
N SER C 148 47.44 18.74 2.32
CA SER C 148 46.38 18.62 3.29
C SER C 148 46.09 17.16 3.63
N SER C 149 46.48 16.22 2.77
CA SER C 149 46.45 14.82 3.15
C SER C 149 47.43 14.54 4.29
N VAL C 150 48.61 15.16 4.25
CA VAL C 150 49.56 15.06 5.37
C VAL C 150 48.99 15.76 6.59
N TRP C 151 48.20 16.82 6.37
CA TRP C 151 47.54 17.48 7.49
C TRP C 151 46.48 16.59 8.11
N PHE C 152 45.80 15.80 7.29
CA PHE C 152 44.91 14.76 7.80
C PHE C 152 45.68 13.66 8.49
N GLU C 153 46.90 13.37 8.03
CA GLU C 153 47.71 12.37 8.72
C GLU C 153 48.41 12.95 9.95
N MET C 154 48.21 14.23 10.24
CA MET C 154 48.71 14.77 11.49
C MET C 154 47.91 14.24 12.67
N MET C 155 46.64 13.90 12.46
CA MET C 155 45.89 13.27 13.53
C MET C 155 46.28 11.82 13.75
N ARG C 156 47.05 11.21 12.86
CA ARG C 156 47.65 9.93 13.22
C ARG C 156 48.71 10.11 14.30
N VAL C 157 49.31 11.30 14.38
CA VAL C 157 50.14 11.64 15.52
C VAL C 157 49.28 12.12 16.68
N TYR C 158 48.12 12.69 16.40
CA TYR C 158 47.46 13.51 17.42
C TYR C 158 46.04 13.09 17.76
N ASN C 159 45.23 12.70 16.77
CA ASN C 159 43.79 12.43 16.93
C ASN C 159 43.07 13.61 17.55
N TRP C 160 43.49 14.82 17.18
CA TRP C 160 42.82 16.02 17.65
C TRP C 160 41.48 16.17 16.96
N ASN C 161 40.48 16.64 17.69
CA ASN C 161 39.16 16.86 17.13
C ASN C 161 38.61 18.19 17.63
N HIS C 162 39.48 19.18 17.73
CA HIS C 162 39.04 20.55 17.94
C HIS C 162 39.87 21.41 16.99
N ILE C 163 39.40 21.51 15.75
CA ILE C 163 40.19 22.00 14.62
C ILE C 163 39.36 23.03 13.87
N ILE C 164 39.93 24.21 13.68
CA ILE C 164 39.31 25.30 12.95
C ILE C 164 40.07 25.49 11.66
N LEU C 165 39.34 25.75 10.58
CA LEU C 165 39.94 25.92 9.27
C LEU C 165 39.55 27.28 8.72
N LEU C 166 40.56 28.04 8.30
CA LEU C 166 40.35 29.31 7.61
C LEU C 166 40.72 29.14 6.14
N VAL C 167 39.82 29.54 5.26
CA VAL C 167 40.03 29.47 3.82
C VAL C 167 39.91 30.87 3.24
N SER C 168 40.94 31.30 2.53
CA SER C 168 40.81 32.47 1.67
C SER C 168 39.93 32.13 0.48
N ASP C 169 38.97 33.00 0.18
CA ASP C 169 37.99 32.68 -0.85
C ASP C 169 38.60 32.75 -2.24
N ASP C 170 39.09 31.61 -2.70
CA ASP C 170 39.57 31.44 -4.05
C ASP C 170 39.21 30.03 -4.52
N HIS C 171 39.27 29.84 -5.83
CA HIS C 171 38.95 28.56 -6.44
C HIS C 171 39.94 27.48 -5.98
N GLU C 172 41.21 27.84 -5.84
CA GLU C 172 42.20 26.93 -5.27
C GLU C 172 41.91 26.62 -3.80
N GLY C 173 41.41 27.62 -3.08
CA GLY C 173 40.90 27.36 -1.74
C GLY C 173 39.67 26.48 -1.75
N ARG C 174 38.80 26.66 -2.75
CA ARG C 174 37.60 25.83 -2.81
C ARG C 174 37.95 24.40 -3.16
N ALA C 175 38.99 24.22 -4.00
CA ALA C 175 39.45 22.87 -4.30
C ALA C 175 40.07 22.24 -3.06
N ALA C 176 40.71 23.05 -2.21
CA ALA C 176 41.23 22.49 -0.98
C ALA C 176 40.10 22.15 -0.03
N GLN C 177 38.99 22.89 -0.12
CA GLN C 177 37.82 22.61 0.72
C GLN C 177 37.26 21.24 0.38
N LYS C 178 37.01 21.00 -0.91
CA LYS C 178 36.50 19.69 -1.33
C LYS C 178 37.53 18.60 -1.12
N ARG C 179 38.82 18.93 -1.12
CA ARG C 179 39.83 17.95 -0.78
C ARG C 179 39.71 17.53 0.69
N LEU C 180 39.50 18.50 1.59
CA LEU C 180 39.35 18.15 2.99
C LEU C 180 38.05 17.42 3.26
N GLU C 181 36.98 17.78 2.56
CA GLU C 181 35.73 17.04 2.70
C GLU C 181 35.83 15.60 2.19
N THR C 182 36.63 15.36 1.15
CA THR C 182 36.96 13.98 0.78
C THR C 182 37.83 13.31 1.85
N LEU C 183 38.76 14.06 2.44
CA LEU C 183 39.66 13.49 3.44
C LEU C 183 38.95 13.13 4.74
N LEU C 184 37.86 13.83 5.06
CA LEU C 184 37.18 13.60 6.32
C LEU C 184 36.24 12.40 6.27
N GLU C 185 35.79 12.01 5.07
CA GLU C 185 34.79 10.96 4.92
C GLU C 185 35.44 9.60 5.15
N GLU C 186 35.27 9.06 6.35
CA GLU C 186 35.82 7.76 6.71
C GLU C 186 34.96 7.09 7.77
N GLY C 209 36.66 11.11 15.17
CA GLY C 209 37.52 11.64 14.15
C GLY C 209 37.73 13.14 14.27
N PRO C 210 38.60 13.71 13.42
CA PRO C 210 38.84 15.16 13.41
C PRO C 210 37.76 15.95 12.65
N LYS C 211 36.52 15.79 13.09
CA LYS C 211 35.34 16.32 12.41
C LYS C 211 34.78 17.55 13.11
N ALA C 212 35.64 18.38 13.71
CA ALA C 212 35.21 19.44 14.60
C ALA C 212 34.38 20.58 14.02
N GLU C 213 34.97 21.40 13.16
CA GLU C 213 34.36 22.65 12.75
C GLU C 213 34.38 22.80 11.24
N LYS C 214 33.33 23.40 10.72
CA LYS C 214 33.07 23.44 9.29
C LYS C 214 34.12 24.23 8.50
N VAL C 215 34.17 25.55 8.64
CA VAL C 215 34.94 26.44 7.78
C VAL C 215 35.00 27.79 8.47
N LEU C 216 35.97 28.62 8.05
CA LEU C 216 35.89 30.06 8.19
C LEU C 216 36.23 30.67 6.83
N GLN C 217 35.38 31.56 6.36
CA GLN C 217 35.65 32.18 5.06
C GLN C 217 36.50 33.43 5.23
N PHE C 218 37.13 33.83 4.13
CA PHE C 218 37.96 35.01 4.11
C PHE C 218 38.00 35.60 2.71
N ASP C 219 37.75 36.89 2.60
CA ASP C 219 37.89 37.58 1.32
C ASP C 219 39.33 38.00 1.06
N PRO C 220 39.99 37.46 0.03
CA PRO C 220 41.34 37.93 -0.30
C PRO C 220 41.33 39.33 -0.89
N GLY C 221 42.28 40.15 -0.46
CA GLY C 221 42.40 41.51 -0.96
C GLY C 221 42.19 42.61 0.07
N THR C 222 41.63 42.31 1.23
CA THR C 222 41.44 43.26 2.32
C THR C 222 42.28 42.81 3.50
N LYS C 223 42.27 43.59 4.58
CA LYS C 223 43.00 43.14 5.77
C LYS C 223 41.98 42.42 6.66
N ASN C 224 41.06 43.19 7.26
CA ASN C 224 39.79 42.78 7.89
C ASN C 224 39.82 41.42 8.61
N VAL C 225 40.85 41.20 9.42
CA VAL C 225 40.96 39.91 10.11
C VAL C 225 40.27 39.93 11.45
N THR C 226 40.57 40.95 12.26
CA THR C 226 40.11 41.02 13.64
C THR C 226 38.60 41.13 13.74
N ALA C 227 37.99 41.93 12.85
CA ALA C 227 36.55 42.08 12.79
C ALA C 227 35.86 40.80 12.35
N LEU C 228 36.54 39.96 11.59
CA LEU C 228 35.94 38.70 11.19
C LEU C 228 36.21 37.67 12.28
N LEU C 229 37.47 37.43 12.56
CA LEU C 229 37.91 36.25 13.29
C LEU C 229 38.12 36.52 14.77
N MET C 230 37.48 37.58 15.31
CA MET C 230 37.43 37.72 16.75
C MET C 230 36.57 36.63 17.37
N GLU C 231 35.59 36.11 16.61
CA GLU C 231 34.81 34.95 17.01
C GLU C 231 35.66 33.71 17.21
N ALA C 232 36.76 33.57 16.47
CA ALA C 232 37.58 32.37 16.52
C ALA C 232 38.34 32.25 17.82
N ARG C 233 38.51 33.35 18.56
CA ARG C 233 39.03 33.25 19.92
C ARG C 233 38.11 32.44 20.82
N GLU C 234 36.80 32.47 20.55
CA GLU C 234 35.81 31.89 21.46
C GLU C 234 35.39 30.46 21.11
N LEU C 235 35.80 29.94 19.96
CA LEU C 235 35.21 28.69 19.44
C LEU C 235 35.98 27.46 19.89
N GLU C 236 36.28 27.40 21.20
CA GLU C 236 36.52 26.18 21.98
C GLU C 236 37.64 25.29 21.44
N ALA C 237 38.46 25.77 20.53
CA ALA C 237 39.41 24.91 19.85
C ALA C 237 40.75 25.63 19.72
N ARG C 238 41.78 24.85 19.51
CA ARG C 238 43.15 25.36 19.57
C ARG C 238 43.93 25.13 18.29
N VAL C 239 43.41 24.36 17.35
CA VAL C 239 44.13 24.03 16.13
C VAL C 239 43.76 24.98 15.02
N ILE C 240 44.75 25.65 14.45
CA ILE C 240 44.57 26.64 13.41
C ILE C 240 45.26 26.13 12.15
N ILE C 241 44.53 26.07 11.04
CA ILE C 241 45.09 25.68 9.75
C ILE C 241 44.91 26.83 8.78
N LEU C 242 46.03 27.34 8.26
CA LEU C 242 46.03 28.48 7.35
C LEU C 242 46.18 28.00 5.92
N SER C 243 45.35 28.53 5.02
CA SER C 243 45.42 28.21 3.59
C SER C 243 45.08 29.51 2.85
N ALA C 244 46.11 30.28 2.51
CA ALA C 244 45.93 31.56 1.84
C ALA C 244 47.23 31.95 1.16
N SER C 245 47.31 33.20 0.72
CA SER C 245 48.55 33.74 0.21
C SER C 245 49.47 34.14 1.37
N GLU C 246 50.69 34.51 1.00
CA GLU C 246 51.70 34.89 1.97
C GLU C 246 51.41 36.28 2.55
N ASP C 247 50.72 37.12 1.79
CA ASP C 247 50.46 38.46 2.25
C ASP C 247 49.30 38.45 3.24
N ASP C 248 48.30 37.61 2.95
CA ASP C 248 47.24 37.43 3.93
C ASP C 248 47.77 36.70 5.15
N ALA C 249 48.81 35.87 4.97
CA ALA C 249 49.47 35.24 6.10
C ALA C 249 50.13 36.28 6.99
N ALA C 250 50.78 37.27 6.40
CA ALA C 250 51.35 38.32 7.23
C ALA C 250 50.28 39.18 7.88
N THR C 251 49.13 39.33 7.20
CA THR C 251 48.03 40.09 7.77
C THR C 251 47.42 39.40 8.99
N VAL C 252 47.19 38.08 8.88
CA VAL C 252 46.76 37.31 10.04
C VAL C 252 47.84 37.31 11.12
N TYR C 253 49.12 37.25 10.73
CA TYR C 253 50.19 37.21 11.71
C TYR C 253 50.19 38.44 12.59
N ARG C 254 50.02 39.62 11.97
CA ARG C 254 49.96 40.84 12.76
C ARG C 254 48.63 41.02 13.48
N ALA C 255 47.56 40.44 12.95
CA ALA C 255 46.29 40.63 13.65
C ALA C 255 46.15 39.66 14.81
N ALA C 256 46.65 38.43 14.64
CA ALA C 256 46.69 37.46 15.72
C ALA C 256 47.72 37.85 16.76
N ALA C 257 48.76 38.61 16.38
CA ALA C 257 49.62 39.22 17.37
C ALA C 257 48.86 40.29 18.14
N MET C 258 48.01 41.06 17.46
CA MET C 258 47.19 42.04 18.17
C MET C 258 46.14 41.36 19.05
N LEU C 259 45.64 40.21 18.65
CA LEU C 259 44.61 39.50 19.40
C LEU C 259 45.15 38.46 20.36
N ASP C 260 46.47 38.27 20.42
CA ASP C 260 47.13 37.20 21.20
C ASP C 260 46.56 35.83 20.85
N MET C 261 46.40 35.56 19.57
CA MET C 261 45.92 34.27 19.10
C MET C 261 47.06 33.33 18.79
N THR C 262 48.30 33.75 19.01
CA THR C 262 49.47 32.92 18.85
C THR C 262 50.16 32.72 20.20
N GLY C 263 49.37 32.53 21.24
CA GLY C 263 49.86 32.29 22.57
C GLY C 263 49.84 30.82 22.94
N SER C 264 49.80 30.57 24.24
CA SER C 264 49.83 29.19 24.74
C SER C 264 48.50 28.50 24.45
N GLY C 265 48.59 27.19 24.21
CA GLY C 265 47.47 26.41 23.73
C GLY C 265 47.27 26.46 22.24
N TYR C 266 47.44 27.65 21.65
CA TYR C 266 47.22 27.88 20.22
C TYR C 266 48.31 27.18 19.44
N VAL C 267 48.00 26.03 18.86
CA VAL C 267 48.89 25.37 17.93
C VAL C 267 48.49 25.74 16.51
N TRP C 268 49.48 25.95 15.65
CA TRP C 268 49.28 26.55 14.35
C TRP C 268 49.87 25.66 13.26
N LEU C 269 49.14 25.51 12.17
CA LEU C 269 49.52 24.65 11.08
C LEU C 269 49.41 25.48 9.80
N VAL C 270 50.46 25.47 9.00
CA VAL C 270 50.49 26.24 7.77
C VAL C 270 50.88 25.31 6.61
N GLY C 271 51.05 25.86 5.42
CA GLY C 271 51.51 25.08 4.29
C GLY C 271 52.94 25.42 3.87
N GLU C 272 53.18 25.63 2.58
CA GLU C 272 54.51 26.02 2.13
C GLU C 272 54.57 27.40 1.50
N ARG C 273 53.59 27.76 0.67
CA ARG C 273 53.62 29.04 -0.02
C ARG C 273 53.30 30.21 0.89
N GLU C 274 52.75 29.96 2.06
CA GLU C 274 52.65 31.05 3.04
C GLU C 274 54.00 31.39 3.61
N ILE C 275 54.94 30.44 3.62
CA ILE C 275 56.25 30.67 4.21
C ILE C 275 57.08 31.46 3.20
N SER C 276 57.19 32.76 3.41
CA SER C 276 58.14 33.59 2.70
C SER C 276 58.65 34.63 3.67
N GLY C 277 59.64 35.42 3.20
CA GLY C 277 60.37 36.29 4.11
C GLY C 277 59.55 37.42 4.69
N ASN C 278 58.51 37.85 3.96
CA ASN C 278 57.58 38.84 4.49
C ASN C 278 56.78 38.25 5.64
N ALA C 279 56.30 37.01 5.45
CA ALA C 279 55.64 36.30 6.53
C ALA C 279 56.63 35.86 7.58
N LEU C 280 57.87 35.55 7.17
CA LEU C 280 58.88 35.08 8.10
C LEU C 280 59.27 36.14 9.11
N ARG C 281 59.19 37.42 8.71
CA ARG C 281 59.39 38.48 9.71
C ARG C 281 58.25 38.49 10.73
N TYR C 282 57.04 38.15 10.30
CA TYR C 282 55.86 38.20 11.16
C TYR C 282 55.45 36.85 11.70
N ALA C 283 56.15 35.78 11.33
CA ALA C 283 55.81 34.47 11.86
C ALA C 283 56.31 34.35 13.30
N PRO C 284 55.45 33.98 14.25
CA PRO C 284 55.94 33.73 15.61
C PRO C 284 56.74 32.44 15.65
N ASP C 285 57.80 32.46 16.44
CA ASP C 285 58.74 31.34 16.53
C ASP C 285 58.05 30.15 17.21
N GLY C 286 57.78 29.11 16.42
CA GLY C 286 57.05 27.97 16.94
C GLY C 286 56.11 27.36 15.92
N ILE C 287 55.93 28.05 14.80
CA ILE C 287 55.06 27.56 13.73
C ILE C 287 55.72 26.38 13.03
N ILE C 288 54.95 25.31 12.82
CA ILE C 288 55.44 24.13 12.13
C ILE C 288 55.10 24.27 10.66
N GLY C 289 56.14 24.28 9.83
CA GLY C 289 55.97 24.45 8.40
C GLY C 289 56.38 23.27 7.55
N LEU C 290 55.83 23.18 6.35
CA LEU C 290 56.10 22.09 5.43
C LEU C 290 57.05 22.57 4.33
N GLN C 291 57.73 21.61 3.71
CA GLN C 291 58.59 21.90 2.57
C GLN C 291 58.66 20.65 1.70
N LEU C 292 58.43 20.85 0.40
CA LEU C 292 58.49 19.76 -0.56
C LEU C 292 59.94 19.35 -0.82
N ILE C 293 60.19 18.04 -0.83
CA ILE C 293 61.50 17.51 -1.21
C ILE C 293 61.71 17.74 -2.70
N ASN C 294 62.88 18.29 -3.04
CA ASN C 294 63.31 18.59 -4.42
C ASN C 294 62.38 19.59 -5.09
N GLY C 295 62.16 20.73 -4.41
CA GLY C 295 61.42 21.80 -5.02
C GLY C 295 62.18 22.56 -6.09
N LYS C 296 63.52 22.47 -6.07
CA LYS C 296 64.36 23.26 -6.94
C LYS C 296 65.29 22.45 -7.83
N ASN C 297 65.45 21.15 -7.59
CA ASN C 297 66.32 20.32 -8.42
C ASN C 297 65.56 19.98 -9.70
N GLU C 298 65.52 20.98 -10.59
CA GLU C 298 64.79 20.89 -11.84
C GLU C 298 65.39 19.86 -12.79
N SER C 299 66.72 19.83 -12.86
CA SER C 299 67.43 18.92 -13.76
C SER C 299 67.20 17.46 -13.39
N ALA C 300 66.97 17.17 -12.11
CA ALA C 300 66.57 15.84 -11.70
C ALA C 300 65.21 15.47 -12.27
N HIS C 301 64.27 16.41 -12.27
CA HIS C 301 62.99 16.14 -12.88
C HIS C 301 63.09 16.11 -14.39
N ILE C 302 64.09 16.79 -14.95
CA ILE C 302 64.33 16.77 -16.38
C ILE C 302 64.75 15.37 -16.80
N SER C 303 65.75 14.81 -16.11
CA SER C 303 66.27 13.51 -16.48
C SER C 303 65.26 12.41 -16.21
N ASP C 304 64.46 12.58 -15.15
CA ASP C 304 63.43 11.60 -14.90
C ASP C 304 62.32 11.70 -15.94
N ALA C 305 62.03 12.91 -16.41
CA ALA C 305 61.02 13.07 -17.44
C ALA C 305 61.49 12.47 -18.75
N VAL C 306 62.80 12.55 -19.02
CA VAL C 306 63.33 11.91 -20.22
C VAL C 306 63.25 10.40 -20.08
N GLY C 307 63.45 9.88 -18.87
CA GLY C 307 63.33 8.44 -18.68
C GLY C 307 61.90 7.93 -18.75
N VAL C 308 60.94 8.77 -18.34
CA VAL C 308 59.54 8.33 -18.43
C VAL C 308 59.06 8.37 -19.87
N VAL C 309 59.43 9.41 -20.63
CA VAL C 309 58.96 9.47 -22.01
C VAL C 309 59.71 8.44 -22.84
N ALA C 310 60.96 8.10 -22.48
CA ALA C 310 61.64 7.01 -23.13
C ALA C 310 61.05 5.65 -22.80
N GLN C 311 60.46 5.51 -21.60
CA GLN C 311 59.67 4.32 -21.30
C GLN C 311 58.36 4.30 -22.09
N ALA C 312 57.80 5.48 -22.34
CA ALA C 312 56.56 5.56 -23.09
C ALA C 312 56.79 5.24 -24.56
N VAL C 313 57.82 5.83 -25.16
CA VAL C 313 58.07 5.56 -26.57
C VAL C 313 58.70 4.18 -26.76
N HIS C 314 59.25 3.58 -25.69
CA HIS C 314 59.63 2.17 -25.73
C HIS C 314 58.40 1.29 -25.89
N GLU C 315 57.32 1.62 -25.17
CA GLU C 315 56.07 0.89 -25.38
C GLU C 315 55.43 1.26 -26.72
N LEU C 316 55.56 2.53 -27.11
CA LEU C 316 54.84 3.09 -28.25
C LEU C 316 55.40 2.65 -29.59
N LEU C 317 56.70 2.34 -29.68
CA LEU C 317 57.25 1.90 -30.95
C LEU C 317 56.95 0.44 -31.25
N GLU C 318 56.21 -0.23 -30.37
CA GLU C 318 55.77 -1.61 -30.58
C GLU C 318 54.25 -1.65 -30.71
N LYS C 319 53.66 -0.61 -31.29
CA LYS C 319 52.22 -0.49 -31.44
C LYS C 319 51.84 -0.35 -32.92
N GLU C 320 50.55 -0.16 -33.15
CA GLU C 320 49.96 0.00 -34.47
C GLU C 320 49.33 1.37 -34.61
N ASN C 321 49.14 1.78 -35.87
CA ASN C 321 48.45 3.01 -36.28
C ASN C 321 49.11 4.24 -35.65
N ILE C 322 50.35 4.51 -36.07
CA ILE C 322 51.12 5.61 -35.49
C ILE C 322 50.47 6.95 -35.84
N THR C 323 50.36 7.24 -37.14
CA THR C 323 49.62 8.39 -37.71
C THR C 323 50.13 9.72 -37.14
N ASP C 324 51.37 10.05 -37.51
CA ASP C 324 52.13 11.22 -37.07
C ASP C 324 51.37 12.55 -37.15
N PRO C 325 51.72 13.55 -36.33
CA PRO C 325 51.07 14.87 -36.43
C PRO C 325 51.38 15.55 -37.75
N PRO C 326 50.63 16.58 -38.12
CA PRO C 326 51.01 17.36 -39.31
C PRO C 326 52.28 18.16 -39.07
N ARG C 327 53.11 18.24 -40.10
CA ARG C 327 54.28 19.11 -40.07
C ARG C 327 53.83 20.56 -40.18
N GLY C 328 54.13 21.33 -39.17
CA GLY C 328 53.55 22.64 -39.01
C GLY C 328 52.28 22.58 -38.20
N CYS C 329 51.96 23.70 -37.55
CA CYS C 329 50.77 23.74 -36.71
C CYS C 329 49.49 23.78 -37.54
N VAL C 330 49.55 24.28 -38.77
CA VAL C 330 48.33 24.64 -39.49
C VAL C 330 48.31 24.20 -40.93
N GLY C 331 47.28 24.66 -41.65
CA GLY C 331 47.06 24.25 -43.03
C GLY C 331 46.56 22.84 -43.14
N ASN C 332 46.05 22.28 -42.06
CA ASN C 332 45.65 20.89 -42.01
C ASN C 332 44.59 20.72 -40.93
N THR C 333 44.11 19.49 -40.79
CA THR C 333 43.18 19.13 -39.73
C THR C 333 43.86 19.25 -38.37
N ASN C 334 43.03 19.37 -37.34
CA ASN C 334 43.51 19.57 -35.98
C ASN C 334 42.98 18.51 -35.00
N ILE C 335 42.51 17.39 -35.52
CA ILE C 335 41.87 16.36 -34.73
C ILE C 335 42.74 15.11 -34.83
N TRP C 336 44.06 15.32 -34.73
CA TRP C 336 45.05 14.25 -34.69
C TRP C 336 44.73 13.23 -33.60
N LYS C 337 44.38 12.01 -34.04
CA LYS C 337 43.63 11.09 -33.20
C LYS C 337 44.49 10.29 -32.23
N THR C 338 45.76 10.07 -32.53
CA THR C 338 46.59 9.31 -31.61
C THR C 338 47.15 10.14 -30.47
N GLY C 339 46.81 11.42 -30.38
CA GLY C 339 47.06 12.29 -29.25
C GLY C 339 46.63 11.74 -27.89
N PRO C 340 45.31 11.58 -27.69
CA PRO C 340 44.85 11.08 -26.38
C PRO C 340 45.25 9.65 -26.14
N LEU C 341 45.44 8.87 -27.20
CA LEU C 341 45.85 7.48 -27.01
C LEU C 341 47.28 7.42 -26.49
N PHE C 342 48.12 8.37 -26.92
CA PHE C 342 49.46 8.47 -26.37
C PHE C 342 49.42 8.96 -24.94
N LYS C 343 48.45 9.82 -24.62
CA LYS C 343 48.30 10.18 -23.22
C LYS C 343 47.79 9.02 -22.36
N ARG C 344 46.97 8.14 -22.93
CA ARG C 344 46.58 6.90 -22.25
C ARG C 344 47.77 6.00 -21.99
N VAL C 345 48.67 5.91 -22.97
CA VAL C 345 49.90 5.15 -22.79
C VAL C 345 50.79 5.80 -21.74
N LEU C 346 50.87 7.13 -21.73
CA LEU C 346 51.62 7.82 -20.71
C LEU C 346 50.96 7.70 -19.33
N MET C 347 49.64 7.56 -19.29
CA MET C 347 48.94 7.27 -18.05
C MET C 347 49.30 5.89 -17.51
N SER C 348 49.44 4.91 -18.40
CA SER C 348 49.86 3.58 -18.00
C SER C 348 51.38 3.41 -17.93
N SER C 349 52.15 4.38 -18.40
CA SER C 349 53.61 4.31 -18.26
C SER C 349 54.02 4.44 -16.81
N LYS C 350 55.02 3.67 -16.42
CA LYS C 350 55.51 3.68 -15.05
C LYS C 350 56.99 4.01 -15.07
N TYR C 351 57.58 4.05 -13.87
CA TYR C 351 59.01 4.31 -13.74
C TYR C 351 59.48 3.65 -12.45
N ALA C 352 60.46 2.77 -12.56
CA ALA C 352 60.88 1.98 -11.40
C ALA C 352 61.59 2.84 -10.37
N ASP C 353 62.62 3.56 -10.77
CA ASP C 353 63.39 4.35 -9.81
C ASP C 353 64.16 5.43 -10.57
N GLY C 354 64.32 6.57 -9.92
CA GLY C 354 65.11 7.65 -10.47
C GLY C 354 65.91 8.39 -9.42
N VAL C 355 66.50 9.52 -9.81
CA VAL C 355 67.23 10.35 -8.85
C VAL C 355 66.30 11.00 -7.84
N THR C 356 65.08 11.33 -8.25
CA THR C 356 64.05 11.75 -7.31
C THR C 356 63.28 10.59 -6.70
N GLY C 357 63.60 9.36 -7.09
CA GLY C 357 62.99 8.18 -6.53
C GLY C 357 62.08 7.48 -7.51
N ARG C 358 61.14 6.71 -6.97
CA ARG C 358 60.17 6.00 -7.81
C ARG C 358 59.09 6.97 -8.25
N VAL C 359 59.05 7.29 -9.54
CA VAL C 359 58.02 8.15 -10.10
C VAL C 359 56.85 7.28 -10.55
N GLU C 360 55.69 7.49 -9.94
CA GLU C 360 54.48 6.80 -10.36
C GLU C 360 53.35 7.83 -10.41
N PHE C 361 52.18 7.38 -10.87
CA PHE C 361 51.09 8.28 -11.23
C PHE C 361 49.82 7.90 -10.49
N ASN C 362 49.16 8.91 -9.94
CA ASN C 362 47.83 8.78 -9.36
C ASN C 362 46.80 9.11 -10.44
N GLU C 363 45.54 9.35 -10.05
CA GLU C 363 44.51 9.67 -11.04
C GLU C 363 44.78 11.01 -11.72
N ASP C 364 45.35 11.96 -11.01
CA ASP C 364 45.89 13.16 -11.62
C ASP C 364 47.32 12.95 -12.10
N GLY C 365 47.87 11.76 -11.90
CA GLY C 365 49.26 11.52 -12.20
C GLY C 365 50.23 11.93 -11.12
N ASP C 366 49.77 12.10 -9.89
CA ASP C 366 50.60 12.74 -8.88
C ASP C 366 51.65 11.78 -8.34
N ARG C 367 52.61 12.35 -7.64
CA ARG C 367 53.88 11.69 -7.35
C ARG C 367 53.83 11.05 -5.94
N LYS C 368 53.03 9.98 -5.86
CA LYS C 368 53.34 8.71 -5.20
C LYS C 368 54.24 8.84 -3.98
N PHE C 369 53.70 9.42 -2.92
CA PHE C 369 54.42 9.74 -1.67
C PHE C 369 55.55 10.71 -1.94
N ALA C 370 55.20 11.90 -2.43
CA ALA C 370 56.16 12.98 -2.52
C ALA C 370 56.61 13.36 -1.12
N GLN C 371 57.91 13.21 -0.86
CA GLN C 371 58.42 13.36 0.50
C GLN C 371 58.39 14.81 0.93
N TYR C 372 58.27 15.02 2.23
CA TYR C 372 58.02 16.36 2.76
C TYR C 372 58.95 16.60 3.94
N SER C 373 59.95 17.45 3.71
CA SER C 373 60.78 17.97 4.79
C SER C 373 59.98 18.97 5.63
N ILE C 374 59.97 18.77 6.94
CA ILE C 374 59.14 19.56 7.85
C ILE C 374 60.06 20.37 8.75
N MET C 375 59.76 21.65 8.88
CA MET C 375 60.61 22.59 9.61
C MET C 375 59.82 23.25 10.72
N ASN C 376 60.53 23.64 11.77
CA ASN C 376 59.95 24.43 12.86
C ASN C 376 60.77 25.71 12.99
N LEU C 377 60.11 26.84 12.83
CA LEU C 377 60.78 28.12 13.05
C LEU C 377 61.04 28.33 14.53
N GLN C 378 62.28 28.13 14.96
CA GLN C 378 62.69 28.31 16.35
C GLN C 378 63.82 29.34 16.38
N ASN C 379 63.47 30.56 16.81
CA ASN C 379 64.38 31.71 16.91
C ASN C 379 65.07 32.01 15.58
N ARG C 380 64.21 32.32 14.59
CA ARG C 380 64.48 32.73 13.21
C ARG C 380 65.02 31.60 12.33
N LYS C 381 65.35 30.45 12.91
CA LYS C 381 65.94 29.34 12.15
C LYS C 381 64.92 28.24 11.99
N LEU C 382 64.64 27.88 10.74
CA LEU C 382 63.80 26.73 10.45
C LEU C 382 64.50 25.41 10.74
N VAL C 383 64.38 24.89 11.97
CA VAL C 383 65.00 23.62 12.33
C VAL C 383 64.24 22.48 11.66
N GLN C 384 64.91 21.79 10.74
CA GLN C 384 64.28 20.72 9.97
C GLN C 384 63.91 19.57 10.91
N VAL C 385 62.60 19.39 11.10
CA VAL C 385 62.09 18.46 12.10
C VAL C 385 62.26 17.02 11.66
N GLY C 386 62.19 16.76 10.37
CA GLY C 386 62.34 15.42 9.86
C GLY C 386 61.48 15.23 8.63
N ILE C 387 61.48 13.99 8.14
CA ILE C 387 60.98 13.69 6.80
C ILE C 387 59.67 12.93 6.90
N TYR C 388 58.62 13.49 6.31
CA TYR C 388 57.41 12.75 6.05
C TYR C 388 57.61 11.90 4.81
N ASN C 389 57.37 10.60 4.92
CA ASN C 389 57.31 9.73 3.74
C ASN C 389 56.06 8.87 3.82
N GLY C 390 54.93 9.43 3.42
CA GLY C 390 53.70 8.68 3.28
C GLY C 390 53.16 8.01 4.52
N THR C 391 53.27 6.68 4.57
CA THR C 391 52.95 5.98 5.81
C THR C 391 53.99 6.26 6.88
N HIS C 392 55.24 6.46 6.48
CA HIS C 392 56.30 6.73 7.45
C HIS C 392 56.30 8.20 7.86
N VAL C 393 56.61 8.44 9.13
CA VAL C 393 56.37 9.72 9.77
C VAL C 393 57.73 10.35 10.04
N ILE C 394 57.70 11.64 10.40
CA ILE C 394 58.82 12.34 11.04
C ILE C 394 59.18 11.59 12.31
N PRO C 395 60.32 10.87 12.34
CA PRO C 395 60.51 9.81 13.33
C PRO C 395 60.64 10.27 14.77
N ASN C 396 61.77 10.86 15.14
CA ASN C 396 61.94 11.22 16.54
C ASN C 396 62.86 12.41 16.81
N ASP C 397 63.70 12.77 15.84
CA ASP C 397 65.06 13.21 16.19
C ASP C 397 65.11 14.59 16.82
N ARG C 398 64.23 15.50 16.45
CA ARG C 398 64.41 16.89 16.83
C ARG C 398 63.31 17.33 17.80
N LYS C 399 63.67 18.23 18.70
CA LYS C 399 62.72 18.74 19.70
C LYS C 399 61.80 19.81 19.14
N ILE C 400 60.53 19.74 19.51
CA ILE C 400 59.48 20.61 18.98
C ILE C 400 59.26 21.74 19.99
N ILE C 401 59.52 22.97 19.57
CA ILE C 401 59.12 24.16 20.32
C ILE C 401 57.77 24.63 19.83
N TRP C 402 56.82 24.74 20.74
CA TRP C 402 55.44 25.09 20.47
C TRP C 402 55.20 26.57 20.72
N PRO C 403 54.25 27.19 20.02
CA PRO C 403 54.10 28.65 20.09
C PRO C 403 53.47 29.22 21.35
N GLY C 404 53.86 28.74 22.52
CA GLY C 404 53.44 29.35 23.76
C GLY C 404 54.56 29.22 24.77
N GLY C 405 55.77 28.95 24.27
CA GLY C 405 56.90 28.62 25.09
C GLY C 405 56.88 27.20 25.60
N GLU C 406 55.98 26.38 25.09
CA GLU C 406 55.77 25.03 25.60
C GLU C 406 56.80 24.08 25.01
N THR C 407 56.98 22.95 25.68
CA THR C 407 57.81 21.85 25.23
C THR C 407 57.01 20.63 24.83
N GLU C 408 55.73 20.55 25.18
CA GLU C 408 54.92 19.39 24.84
C GLU C 408 53.76 19.77 23.96
N LYS C 409 53.17 18.76 23.34
CA LYS C 409 51.98 18.97 22.53
C LYS C 409 50.78 19.23 23.43
N PRO C 410 50.06 20.33 23.25
CA PRO C 410 48.85 20.55 24.03
C PRO C 410 47.71 19.65 23.58
N ARG C 411 47.47 18.61 24.38
CA ARG C 411 46.47 17.59 24.08
C ARG C 411 45.20 17.97 24.82
N GLY C 412 44.47 18.94 24.27
CA GLY C 412 43.28 19.39 24.96
C GLY C 412 42.64 20.57 24.28
N TYR C 413 41.68 21.15 25.00
CA TYR C 413 40.82 22.21 24.51
C TYR C 413 40.16 22.84 25.74
N GLN C 414 39.17 23.70 25.49
CA GLN C 414 38.58 24.56 26.52
C GLN C 414 37.08 24.34 26.51
N MET C 415 36.63 23.34 27.26
CA MET C 415 35.21 23.13 27.46
C MET C 415 34.70 24.23 28.37
N SER C 416 33.88 25.11 27.81
CA SER C 416 33.47 26.31 28.52
C SER C 416 32.40 26.03 29.56
N THR C 417 32.41 26.85 30.60
CA THR C 417 31.35 26.94 31.60
C THR C 417 30.51 28.18 31.38
N ARG C 418 30.24 28.49 30.11
CA ARG C 418 29.34 29.57 29.75
C ARG C 418 28.79 29.28 28.36
N LEU C 419 27.56 28.77 28.28
CA LEU C 419 26.98 28.44 26.99
C LEU C 419 25.72 29.26 26.78
N LYS C 420 25.39 29.44 25.50
CA LYS C 420 24.32 30.34 25.10
C LYS C 420 23.06 29.53 24.80
N ILE C 421 21.98 29.82 25.52
CA ILE C 421 20.72 29.08 25.38
C ILE C 421 19.70 30.03 24.76
N VAL C 422 19.51 29.91 23.45
CA VAL C 422 18.67 30.80 22.68
C VAL C 422 17.41 30.08 22.27
N THR C 423 16.26 30.75 22.43
CA THR C 423 14.96 30.18 22.07
C THR C 423 13.98 31.30 21.79
N ILE C 424 12.77 30.92 21.40
CA ILE C 424 11.75 31.88 21.06
C ILE C 424 10.74 31.99 22.19
N HIS C 425 9.85 32.98 22.08
CA HIS C 425 8.73 33.07 22.99
C HIS C 425 7.69 32.00 22.68
N GLN C 426 7.26 31.29 23.72
CA GLN C 426 6.15 30.34 23.57
C GLN C 426 5.43 30.24 24.91
N GLU C 427 4.27 30.87 24.99
CA GLU C 427 3.34 30.55 26.06
C GLU C 427 2.94 29.08 25.98
N PRO C 428 2.73 28.40 27.11
CA PRO C 428 2.88 28.88 28.49
C PRO C 428 4.32 28.85 28.97
N PHE C 429 5.20 28.24 28.20
CA PHE C 429 6.53 27.92 28.71
C PHE C 429 7.43 29.13 28.73
N VAL C 430 7.08 30.19 28.01
CA VAL C 430 7.79 31.45 28.01
C VAL C 430 6.76 32.56 28.04
N TYR C 431 6.86 33.46 29.01
CA TYR C 431 6.16 34.75 29.01
C TYR C 431 7.20 35.85 29.05
N VAL C 432 7.42 36.50 27.91
CA VAL C 432 8.39 37.58 27.81
C VAL C 432 7.87 38.80 28.59
N LYS C 433 8.53 39.10 29.70
CA LYS C 433 7.97 40.21 30.47
C LYS C 433 8.85 41.44 30.33
N PRO C 434 8.25 42.62 30.20
CA PRO C 434 9.05 43.85 30.19
C PRO C 434 9.69 44.08 31.55
N THR C 435 10.91 44.62 31.53
CA THR C 435 11.63 44.84 32.77
C THR C 435 11.03 46.02 33.53
N MET C 436 11.55 46.26 34.73
CA MET C 436 11.07 47.36 35.55
C MET C 436 11.71 48.67 35.09
N SER C 437 11.54 49.74 35.88
CA SER C 437 12.12 51.02 35.54
C SER C 437 13.64 51.01 35.65
N ASP C 438 14.18 50.21 36.57
CA ASP C 438 15.61 50.04 36.71
C ASP C 438 16.14 48.86 35.88
N GLY C 439 15.32 48.31 34.98
CA GLY C 439 15.72 47.14 34.23
C GLY C 439 15.60 45.84 34.98
N THR C 440 15.13 45.86 36.22
CA THR C 440 14.98 44.66 37.02
C THR C 440 13.62 44.01 36.76
N CYS C 441 13.29 43.00 37.56
CA CYS C 441 12.03 42.28 37.45
C CYS C 441 11.10 42.65 38.60
N LYS C 442 9.81 42.66 38.30
CA LYS C 442 8.80 42.72 39.34
C LYS C 442 8.77 41.43 40.14
N GLU C 443 8.77 41.55 41.47
CA GLU C 443 8.74 40.38 42.34
C GLU C 443 7.37 39.72 42.27
N GLU C 444 7.33 38.54 41.65
CA GLU C 444 6.08 37.82 41.43
C GLU C 444 6.03 36.59 42.33
N PHE C 445 4.88 36.37 42.97
CA PHE C 445 4.74 35.29 43.92
C PHE C 445 3.94 34.13 43.31
N THR C 446 4.03 32.97 43.95
CA THR C 446 3.25 31.81 43.56
C THR C 446 1.86 31.89 44.18
N VAL C 447 1.12 30.78 44.11
CA VAL C 447 -0.06 30.67 44.95
C VAL C 447 0.33 30.48 46.41
N ASN C 448 1.55 30.02 46.67
CA ASN C 448 2.09 29.92 48.02
C ASN C 448 3.08 31.04 48.32
N GLY C 449 3.09 32.10 47.52
CA GLY C 449 3.95 33.23 47.80
C GLY C 449 5.42 33.02 47.52
N ASP C 450 5.78 31.99 46.78
CA ASP C 450 7.19 31.73 46.52
C ASP C 450 7.70 32.59 45.37
N PRO C 451 8.85 33.24 45.51
CA PRO C 451 9.38 34.10 44.43
C PRO C 451 9.80 33.28 43.23
N VAL C 452 9.15 33.51 42.09
CA VAL C 452 9.43 32.76 40.88
C VAL C 452 10.68 33.32 40.21
N LYS C 453 11.51 32.43 39.69
CA LYS C 453 12.82 32.83 39.17
C LYS C 453 12.64 33.58 37.85
N LYS C 454 12.94 34.86 37.85
CA LYS C 454 12.89 35.69 36.65
C LYS C 454 14.30 36.05 36.24
N VAL C 455 14.82 35.35 35.24
CA VAL C 455 16.16 35.59 34.73
C VAL C 455 16.05 36.39 33.45
N ILE C 456 17.15 36.98 33.01
CA ILE C 456 17.13 37.91 31.88
C ILE C 456 17.07 37.13 30.57
N CYS C 457 15.90 37.13 29.93
CA CYS C 457 15.79 36.66 28.54
C CYS C 457 16.07 37.83 27.61
N THR C 458 17.35 38.02 27.28
CA THR C 458 17.81 39.15 26.48
C THR C 458 17.21 39.12 25.09
N GLY C 459 16.26 40.02 24.82
CA GLY C 459 15.49 39.97 23.62
C GLY C 459 16.28 40.39 22.39
N PRO C 460 15.61 40.36 21.25
CA PRO C 460 16.22 40.86 20.01
C PRO C 460 16.22 42.37 19.96
N ASN C 461 16.59 42.95 18.82
CA ASN C 461 16.44 44.38 18.64
C ASN C 461 14.99 44.79 18.35
N ASP C 462 14.05 43.85 18.39
CA ASP C 462 12.65 44.12 18.11
C ASP C 462 11.88 44.17 19.43
N THR C 463 11.08 45.21 19.59
CA THR C 463 9.87 45.12 20.39
C THR C 463 8.68 44.70 19.55
N SER C 464 8.70 45.05 18.26
CA SER C 464 7.74 44.67 17.24
C SER C 464 8.49 44.17 16.01
N PRO C 465 7.93 43.19 15.29
CA PRO C 465 8.61 42.70 14.08
C PRO C 465 8.60 43.70 12.94
N GLY C 466 9.75 44.31 12.68
CA GLY C 466 9.88 45.37 11.70
C GLY C 466 10.54 46.62 12.24
N SER C 467 10.78 46.66 13.55
CA SER C 467 11.49 47.74 14.21
C SER C 467 12.74 47.15 14.88
N PRO C 468 13.79 46.86 14.11
CA PRO C 468 14.96 46.18 14.67
C PRO C 468 15.93 47.15 15.35
N ARG C 469 15.47 47.79 16.41
CA ARG C 469 16.17 48.86 17.10
C ARG C 469 16.28 48.62 18.60
N HIS C 470 15.24 48.06 19.21
CA HIS C 470 15.10 48.03 20.67
C HIS C 470 15.71 46.73 21.19
N THR C 471 17.03 46.75 21.38
CA THR C 471 17.70 45.63 22.03
C THR C 471 17.30 45.62 23.50
N VAL C 472 16.33 44.79 23.83
CA VAL C 472 15.59 44.87 25.09
C VAL C 472 16.02 43.79 26.08
N PRO C 473 16.12 44.11 27.38
CA PRO C 473 16.55 43.11 28.36
C PRO C 473 15.53 42.01 28.61
N GLN C 474 14.26 42.38 28.87
CA GLN C 474 13.10 41.48 28.89
C GLN C 474 13.26 40.24 29.79
N CYS C 475 13.29 40.47 31.10
CA CYS C 475 13.59 39.35 31.99
C CYS C 475 12.41 38.39 32.06
N CYS C 476 12.73 37.11 32.20
CA CYS C 476 11.91 36.04 31.65
C CYS C 476 10.94 35.50 32.69
N TYR C 477 10.02 34.66 32.22
CA TYR C 477 8.97 34.10 33.05
C TYR C 477 8.41 32.88 32.34
N GLY C 478 8.51 31.71 32.94
CA GLY C 478 7.91 30.56 32.31
C GLY C 478 8.31 29.24 32.94
N PHE C 479 7.73 28.19 32.37
CA PHE C 479 7.80 26.84 32.92
C PHE C 479 9.21 26.27 32.85
N CYS C 480 9.81 26.24 31.66
CA CYS C 480 11.11 25.62 31.48
C CYS C 480 12.24 26.48 32.01
N ILE C 481 11.95 27.73 32.37
CA ILE C 481 12.91 28.59 33.04
C ILE C 481 13.37 27.94 34.34
N ASP C 482 12.41 27.45 35.12
CA ASP C 482 12.74 26.80 36.38
C ASP C 482 13.39 25.44 36.14
N LEU C 483 13.14 24.83 34.98
CA LEU C 483 13.78 23.58 34.65
C LEU C 483 15.28 23.78 34.42
N LEU C 484 15.62 24.83 33.68
CA LEU C 484 17.03 25.19 33.51
C LEU C 484 17.66 25.65 34.81
N ILE C 485 16.90 26.35 35.66
CA ILE C 485 17.39 26.71 36.98
C ILE C 485 17.70 25.46 37.81
N LYS C 486 16.84 24.45 37.72
CA LYS C 486 17.08 23.16 38.38
C LYS C 486 18.33 22.48 37.84
N LEU C 487 18.51 22.52 36.52
CA LEU C 487 19.63 21.80 35.92
C LEU C 487 20.95 22.51 36.23
N ALA C 488 20.96 23.83 36.16
CA ALA C 488 22.16 24.59 36.48
C ALA C 488 22.50 24.50 37.97
N ARG C 489 21.49 24.38 38.84
CA ARG C 489 21.77 24.05 40.24
C ARG C 489 22.40 22.68 40.40
N THR C 490 21.90 21.68 39.65
CA THR C 490 22.40 20.32 39.83
C THR C 490 23.80 20.15 39.30
N MET C 491 24.05 20.62 38.08
CA MET C 491 25.22 20.19 37.34
C MET C 491 26.07 21.33 36.79
N GLN C 492 25.45 22.46 36.45
CA GLN C 492 25.94 23.26 35.34
C GLN C 492 26.11 24.73 35.72
N PHE C 493 26.24 25.55 34.69
CA PHE C 493 27.06 26.74 34.66
C PHE C 493 26.24 28.03 34.74
N THR C 494 26.94 29.14 34.55
CA THR C 494 26.33 30.45 34.32
C THR C 494 26.04 30.59 32.84
N TYR C 495 24.77 30.57 32.47
CA TYR C 495 24.41 30.50 31.06
C TYR C 495 24.41 31.90 30.44
N GLU C 496 23.98 31.97 29.18
CA GLU C 496 23.61 33.21 28.50
C GLU C 496 22.32 32.93 27.75
N VAL C 497 21.40 33.89 27.74
CA VAL C 497 20.08 33.67 27.17
C VAL C 497 19.82 34.76 26.14
N HIS C 498 19.45 34.35 24.93
CA HIS C 498 19.00 35.28 23.90
C HIS C 498 17.65 34.83 23.36
N LEU C 499 16.90 35.78 22.81
CA LEU C 499 15.65 35.52 22.11
C LEU C 499 15.83 35.70 20.60
N VAL C 500 15.25 34.77 19.84
CA VAL C 500 15.44 34.74 18.39
C VAL C 500 14.62 35.86 17.75
N ALA C 501 15.17 36.43 16.67
CA ALA C 501 14.55 37.57 16.02
C ALA C 501 13.30 37.17 15.24
N ASP C 502 13.42 36.20 14.34
CA ASP C 502 12.27 35.88 13.50
C ASP C 502 11.19 35.10 14.25
N GLY C 503 11.54 34.48 15.37
CA GLY C 503 10.55 33.79 16.17
C GLY C 503 10.01 32.53 15.54
N LYS C 504 10.73 31.96 14.59
CA LYS C 504 10.26 30.80 13.87
C LYS C 504 10.92 29.54 14.41
N PHE C 505 10.19 28.43 14.37
CA PHE C 505 10.83 27.12 14.43
C PHE C 505 11.80 26.94 13.27
N GLY C 506 11.33 27.16 12.05
CA GLY C 506 12.18 27.15 10.87
C GLY C 506 12.39 25.80 10.21
N THR C 507 12.22 25.79 8.90
CA THR C 507 12.32 24.59 8.07
C THR C 507 13.53 24.72 7.16
N GLN C 508 13.92 23.60 6.56
CA GLN C 508 15.05 23.61 5.63
C GLN C 508 14.57 24.12 4.27
N GLU C 509 14.55 25.44 4.11
CA GLU C 509 14.06 26.06 2.88
C GLU C 509 15.19 26.18 1.86
N ARG C 510 14.83 26.01 0.58
CA ARG C 510 15.83 26.02 -0.47
C ARG C 510 16.26 27.45 -0.78
N VAL C 511 17.55 27.73 -0.60
CA VAL C 511 18.10 29.01 -1.02
C VAL C 511 18.21 28.97 -2.54
N GLN C 512 17.99 30.11 -3.20
CA GLN C 512 17.98 30.21 -4.66
C GLN C 512 19.36 30.44 -5.29
N ASN C 513 20.43 29.93 -4.71
CA ASN C 513 21.79 30.28 -5.12
C ASN C 513 22.53 29.06 -5.67
N SER C 514 21.94 28.38 -6.65
CA SER C 514 22.44 27.13 -7.24
C SER C 514 22.52 26.01 -6.20
N ASN C 515 21.31 25.63 -5.77
CA ASN C 515 21.01 24.39 -5.04
C ASN C 515 21.64 24.32 -3.65
N LYS C 516 21.46 25.37 -2.87
CA LYS C 516 21.78 25.32 -1.45
C LYS C 516 20.48 25.24 -0.68
N LYS C 517 20.50 24.53 0.45
CA LYS C 517 19.31 24.36 1.27
C LYS C 517 19.71 24.63 2.71
N GLU C 518 19.12 25.64 3.32
CA GLU C 518 19.58 26.11 4.62
C GLU C 518 18.44 26.11 5.62
N TRP C 519 18.71 25.52 6.79
CA TRP C 519 17.83 25.63 7.93
C TRP C 519 17.68 27.07 8.38
N ASN C 520 16.48 27.43 8.80
CA ASN C 520 16.17 28.79 9.22
C ASN C 520 15.91 28.80 10.72
N GLY C 521 15.74 30.01 11.25
CA GLY C 521 15.30 30.16 12.63
C GLY C 521 16.35 29.75 13.65
N MET C 522 15.87 29.03 14.67
CA MET C 522 16.80 28.51 15.67
C MET C 522 17.62 27.38 15.10
N MET C 523 17.08 26.67 14.11
CA MET C 523 17.82 25.57 13.54
C MET C 523 19.00 26.09 12.76
N GLY C 524 18.82 27.27 12.13
CA GLY C 524 19.93 27.97 11.51
C GLY C 524 20.89 28.51 12.54
N GLU C 525 20.39 28.86 13.72
CA GLU C 525 21.26 29.53 14.67
C GLU C 525 22.17 28.50 15.33
N LEU C 526 21.59 27.37 15.73
CA LEU C 526 22.35 26.30 16.36
C LEU C 526 23.32 25.68 15.36
N LEU C 527 22.89 25.50 14.10
CA LEU C 527 23.82 24.99 13.10
C LEU C 527 24.94 25.96 12.79
N SER C 528 24.69 27.26 12.86
CA SER C 528 25.77 28.24 12.70
C SER C 528 26.52 28.52 13.99
N GLY C 529 26.24 27.80 15.08
CA GLY C 529 26.95 28.02 16.33
C GLY C 529 26.53 29.22 17.14
N GLN C 530 25.50 29.95 16.71
CA GLN C 530 25.04 31.10 17.49
C GLN C 530 24.38 30.66 18.79
N ALA C 531 23.79 29.47 18.82
CA ALA C 531 23.26 28.87 20.03
C ALA C 531 23.93 27.53 20.28
N ASP C 532 23.92 27.11 21.53
CA ASP C 532 24.51 25.82 21.90
C ASP C 532 23.51 24.81 22.42
N MET C 533 22.49 25.24 23.15
CA MET C 533 21.44 24.37 23.66
C MET C 533 20.11 24.96 23.26
N ILE C 534 19.23 24.12 22.72
CA ILE C 534 17.92 24.58 22.30
C ILE C 534 16.83 23.96 23.17
N VAL C 535 16.43 24.69 24.22
CA VAL C 535 15.24 24.32 24.98
C VAL C 535 14.03 25.04 24.38
N ALA C 536 13.08 24.25 23.90
CA ALA C 536 11.89 24.75 23.23
C ALA C 536 10.85 23.65 23.26
N PRO C 537 9.59 23.98 23.28
CA PRO C 537 8.57 22.98 23.00
C PRO C 537 8.53 22.60 21.52
N LEU C 538 9.54 21.88 21.04
CA LEU C 538 9.64 21.53 19.63
C LEU C 538 9.53 20.02 19.49
N THR C 539 8.73 19.60 18.52
CA THR C 539 8.61 18.19 18.18
C THR C 539 9.86 17.68 17.48
N ILE C 540 9.91 16.37 17.30
CA ILE C 540 11.06 15.70 16.74
C ILE C 540 10.63 14.98 15.48
N ASN C 541 11.16 15.41 14.34
CA ASN C 541 10.99 14.74 13.06
C ASN C 541 12.33 14.17 12.65
N ASN C 542 12.33 13.37 11.59
CA ASN C 542 13.60 12.86 11.06
C ASN C 542 14.44 13.98 10.48
N GLU C 543 13.81 15.03 9.97
CA GLU C 543 14.50 16.08 9.22
C GLU C 543 15.45 16.87 10.10
N ARG C 544 14.97 17.36 11.24
CA ARG C 544 15.87 17.97 12.20
C ARG C 544 16.82 16.95 12.82
N ALA C 545 16.39 15.70 12.96
CA ALA C 545 17.26 14.68 13.51
C ALA C 545 18.31 14.19 12.51
N GLN C 546 18.25 14.63 11.26
CA GLN C 546 19.30 14.27 10.31
C GLN C 546 20.66 14.85 10.71
N TYR C 547 20.68 16.00 11.37
CA TYR C 547 21.96 16.63 11.66
C TYR C 547 22.16 16.90 13.14
N ILE C 548 21.09 17.15 13.88
CA ILE C 548 21.15 17.71 15.22
C ILE C 548 20.85 16.62 16.24
N GLU C 549 21.73 16.49 17.22
CA GLU C 549 21.52 15.59 18.34
C GLU C 549 20.37 16.07 19.22
N PHE C 550 19.46 15.15 19.55
CA PHE C 550 18.33 15.41 20.43
C PHE C 550 18.51 14.69 21.75
N SER C 551 17.97 15.29 22.79
CA SER C 551 17.97 14.69 24.12
C SER C 551 16.77 13.75 24.25
N LYS C 552 16.52 13.29 25.46
CA LYS C 552 15.33 12.50 25.71
C LYS C 552 14.09 13.40 25.69
N PRO C 553 13.00 12.93 25.12
CA PRO C 553 11.79 13.75 25.04
C PRO C 553 11.13 13.98 26.38
N PHE C 554 11.14 15.23 26.86
CA PHE C 554 10.73 15.46 28.24
C PHE C 554 9.22 15.45 28.40
N LYS C 555 8.53 16.42 27.81
CA LYS C 555 7.08 16.50 27.97
C LYS C 555 6.40 15.76 26.82
N TYR C 556 5.83 14.61 27.10
CA TYR C 556 5.06 13.91 26.08
C TYR C 556 3.76 14.66 25.80
N GLN C 557 3.35 14.66 24.54
CA GLN C 557 2.18 15.44 24.14
C GLN C 557 1.63 14.91 22.83
N GLY C 558 0.54 15.53 22.39
CA GLY C 558 -0.08 15.18 21.13
C GLY C 558 -0.46 16.41 20.34
N LEU C 559 -0.95 16.17 19.13
CA LEU C 559 -1.26 17.21 18.16
C LEU C 559 -2.73 17.07 17.77
N THR C 560 -3.51 18.12 18.01
CA THR C 560 -4.96 18.07 17.84
C THR C 560 -5.44 19.32 17.10
N ILE C 561 -6.75 19.54 17.11
CA ILE C 561 -7.38 20.60 16.34
C ILE C 561 -8.03 21.57 17.31
N LEU C 562 -7.71 22.85 17.15
CA LEU C 562 -8.27 23.93 17.96
C LEU C 562 -9.52 24.48 17.28
N VAL C 563 -10.68 24.35 17.92
CA VAL C 563 -11.92 24.89 17.37
C VAL C 563 -12.62 25.72 18.45
N LYS C 564 -13.80 26.26 18.13
CA LYS C 564 -14.41 27.36 18.85
C LYS C 564 -15.71 26.94 19.52
N LYS C 565 -15.94 27.48 20.73
CA LYS C 565 -17.12 27.16 21.54
C LYS C 565 -18.42 27.62 20.90
N GLU C 566 -19.46 26.81 21.04
CA GLU C 566 -20.76 27.10 20.46
C GLU C 566 -21.57 27.93 21.45
N ILE C 567 -22.86 28.11 21.17
CA ILE C 567 -23.74 28.96 21.96
C ILE C 567 -24.84 28.05 22.52
N PRO C 568 -25.09 28.05 23.83
CA PRO C 568 -25.96 27.04 24.43
C PRO C 568 -27.44 27.27 24.17
N ARG C 569 -28.24 26.40 24.78
CA ARG C 569 -29.71 26.39 24.67
C ARG C 569 -30.35 27.07 25.87
N SER C 570 -29.76 28.18 26.30
CA SER C 570 -30.17 28.93 27.47
C SER C 570 -31.41 29.78 27.20
N THR C 571 -31.60 30.81 28.04
CA THR C 571 -32.71 31.76 27.99
C THR C 571 -34.05 31.03 28.18
N LEU C 572 -34.24 30.58 29.41
CA LEU C 572 -35.37 29.74 29.79
C LEU C 572 -36.58 30.59 30.14
N ASP C 573 -36.97 31.46 29.20
CA ASP C 573 -38.17 32.28 29.25
C ASP C 573 -39.34 31.59 28.59
N SER C 574 -39.38 30.26 28.70
CA SER C 574 -40.23 29.36 27.95
C SER C 574 -41.58 29.13 28.60
N PHE C 575 -42.13 30.14 29.28
CA PHE C 575 -43.32 29.94 30.11
C PHE C 575 -44.55 29.65 29.27
N MET C 576 -44.59 30.15 28.05
CA MET C 576 -45.68 29.86 27.14
C MET C 576 -45.20 29.12 25.90
N GLN C 577 -43.95 28.67 25.87
CA GLN C 577 -43.47 27.95 24.69
C GLN C 577 -44.05 26.54 24.66
N PRO C 578 -44.27 25.87 25.80
CA PRO C 578 -45.41 24.94 25.82
C PRO C 578 -46.66 25.75 25.57
N PHE C 579 -47.33 25.43 24.46
CA PHE C 579 -48.21 26.37 23.77
C PHE C 579 -49.48 26.62 24.57
N GLN C 580 -49.61 27.82 25.13
CA GLN C 580 -50.78 28.22 25.90
C GLN C 580 -51.55 29.37 25.28
N SER C 581 -50.87 30.27 24.56
CA SER C 581 -51.42 31.57 24.16
C SER C 581 -52.64 31.45 23.25
N THR C 582 -52.81 30.30 22.59
CA THR C 582 -54.08 29.93 22.00
C THR C 582 -54.81 28.86 22.80
N LEU C 583 -54.09 27.84 23.27
CA LEU C 583 -54.77 26.67 23.82
C LEU C 583 -55.34 26.94 25.20
N TRP C 584 -54.56 27.57 26.07
CA TRP C 584 -55.09 27.97 27.37
C TRP C 584 -56.18 29.03 27.21
N LEU C 585 -55.99 29.94 26.26
CA LEU C 585 -57.03 30.93 25.98
C LEU C 585 -58.29 30.29 25.42
N LEU C 586 -58.17 29.22 24.63
CA LEU C 586 -59.37 28.57 24.13
C LEU C 586 -60.12 27.86 25.27
N VAL C 587 -59.39 27.17 26.15
CA VAL C 587 -60.07 26.30 27.11
C VAL C 587 -60.61 27.09 28.30
N GLY C 588 -60.06 28.27 28.59
CA GLY C 588 -60.53 29.04 29.72
C GLY C 588 -61.92 29.62 29.50
N LEU C 589 -62.29 29.84 28.25
CA LEU C 589 -63.63 30.33 27.99
C LEU C 589 -64.62 29.17 28.02
N SER C 590 -64.17 27.98 27.62
CA SER C 590 -65.09 26.85 27.62
C SER C 590 -65.34 26.34 29.03
N VAL C 591 -64.47 26.73 29.98
CA VAL C 591 -64.76 26.50 31.39
C VAL C 591 -66.04 27.22 31.77
N HIS C 592 -66.15 28.49 31.36
CA HIS C 592 -67.26 29.30 31.82
C HIS C 592 -68.52 28.90 31.06
N VAL C 593 -68.36 28.59 29.77
CA VAL C 593 -69.54 28.35 28.95
C VAL C 593 -70.10 26.97 29.26
N VAL C 594 -69.32 26.07 29.87
CA VAL C 594 -69.93 24.82 30.27
C VAL C 594 -70.32 24.89 31.75
N ALA C 595 -69.78 25.83 32.51
CA ALA C 595 -70.18 25.97 33.90
C ALA C 595 -71.57 26.60 33.99
N VAL C 596 -71.92 27.43 33.01
CA VAL C 596 -73.23 28.08 33.06
C VAL C 596 -74.34 27.10 32.69
N MET C 597 -74.07 26.23 31.72
CA MET C 597 -75.07 25.25 31.33
C MET C 597 -75.17 24.16 32.39
N LEU C 598 -74.06 23.83 33.07
CA LEU C 598 -74.14 22.92 34.21
C LEU C 598 -74.92 23.53 35.37
N TYR C 599 -74.85 24.85 35.52
CA TYR C 599 -75.71 25.55 36.45
C TYR C 599 -77.17 25.48 36.04
N LEU C 600 -77.44 25.55 34.74
CA LEU C 600 -78.82 25.34 34.31
C LEU C 600 -79.25 23.89 34.50
N LEU C 601 -78.30 22.96 34.41
CA LEU C 601 -78.61 21.55 34.64
C LEU C 601 -78.94 21.30 36.10
N ASP C 602 -78.33 22.07 37.01
CA ASP C 602 -78.71 21.96 38.41
C ASP C 602 -79.78 22.97 38.79
N ARG C 603 -80.34 23.67 37.80
CA ARG C 603 -81.41 24.62 38.02
C ARG C 603 -82.78 24.02 37.75
N PHE C 604 -82.89 23.22 36.68
CA PHE C 604 -84.19 22.74 36.21
C PHE C 604 -84.58 21.38 36.77
N SER C 605 -83.84 20.84 37.72
CA SER C 605 -84.22 19.56 38.30
C SER C 605 -85.19 19.74 39.45
N THR C 623 -76.28 31.03 42.44
CA THR C 623 -74.84 30.86 42.50
C THR C 623 -74.28 30.71 41.09
N LEU C 624 -74.92 31.40 40.15
CA LEU C 624 -74.54 31.34 38.73
C LEU C 624 -73.14 31.88 38.53
N SER C 625 -72.88 33.08 39.05
CA SER C 625 -71.53 33.63 39.06
C SER C 625 -70.63 32.89 40.04
N SER C 626 -71.19 32.10 40.95
CA SER C 626 -70.41 31.41 41.95
C SER C 626 -70.01 30.00 41.52
N ALA C 627 -70.76 29.39 40.60
CA ALA C 627 -70.49 28.01 40.21
C ALA C 627 -69.20 27.87 39.40
N MET C 628 -68.71 28.94 38.80
CA MET C 628 -67.49 28.85 38.00
C MET C 628 -66.26 28.67 38.88
N TRP C 629 -66.32 29.21 40.10
CA TRP C 629 -65.19 29.15 41.01
C TRP C 629 -64.91 27.73 41.47
N PHE C 630 -65.92 26.87 41.46
CA PHE C 630 -65.69 25.45 41.73
C PHE C 630 -64.85 24.81 40.63
N SER C 631 -65.12 25.15 39.38
CA SER C 631 -64.27 24.65 38.30
C SER C 631 -62.89 25.28 38.32
N TRP C 632 -62.78 26.53 38.78
CA TRP C 632 -61.45 27.09 38.97
C TRP C 632 -60.73 26.45 40.14
N GLY C 633 -61.48 25.98 41.14
CA GLY C 633 -60.86 25.34 42.28
C GLY C 633 -60.34 23.98 41.93
N VAL C 634 -61.07 23.25 41.08
CA VAL C 634 -60.60 21.93 40.71
C VAL C 634 -59.51 22.06 39.65
N LEU C 635 -59.42 23.21 38.99
CA LEU C 635 -58.40 23.33 37.97
C LEU C 635 -57.06 23.75 38.56
N LEU C 636 -57.07 24.43 39.70
CA LEU C 636 -55.82 24.90 40.28
C LEU C 636 -55.39 24.18 41.56
N ASN C 637 -56.06 23.07 41.92
CA ASN C 637 -55.80 22.33 43.16
C ASN C 637 -55.88 23.24 44.39
N SER C 638 -56.93 24.07 44.43
CA SER C 638 -57.05 25.11 45.45
C SER C 638 -58.39 24.96 46.15
N GLY C 639 -58.35 24.80 47.46
CA GLY C 639 -59.53 24.42 48.21
C GLY C 639 -60.60 25.47 48.38
N ILE C 640 -61.18 25.93 47.29
CA ILE C 640 -62.35 26.80 47.32
C ILE C 640 -63.51 25.91 46.89
N GLY C 641 -64.30 25.44 47.86
CA GLY C 641 -65.35 24.51 47.51
C GLY C 641 -66.73 24.80 48.05
N GLU C 642 -67.65 25.08 47.13
CA GLU C 642 -69.02 25.44 47.47
C GLU C 642 -70.04 24.86 46.51
N GLY C 643 -69.62 24.19 45.45
CA GLY C 643 -70.51 23.80 44.38
C GLY C 643 -70.77 22.32 44.22
N ALA C 644 -71.02 21.63 45.34
CA ALA C 644 -71.34 20.21 45.35
C ALA C 644 -72.65 19.98 44.62
N PRO C 645 -72.62 19.32 43.46
CA PRO C 645 -73.80 19.26 42.60
C PRO C 645 -74.80 18.21 43.07
N ARG C 646 -76.04 18.65 43.29
CA ARG C 646 -77.12 17.73 43.65
C ARG C 646 -77.53 16.83 42.50
N SER C 647 -77.31 17.24 41.26
CA SER C 647 -77.41 16.33 40.13
C SER C 647 -76.14 15.48 40.05
N PHE C 648 -76.32 14.18 39.83
CA PHE C 648 -75.18 13.28 39.72
C PHE C 648 -74.38 13.54 38.44
N SER C 649 -75.05 13.99 37.38
CA SER C 649 -74.41 14.13 36.08
C SER C 649 -73.41 15.28 36.09
N ALA C 650 -73.65 16.30 36.90
CA ALA C 650 -72.66 17.36 36.95
C ALA C 650 -71.45 16.94 37.78
N ARG C 651 -71.63 15.96 38.68
CA ARG C 651 -70.46 15.35 39.31
C ARG C 651 -69.69 14.51 38.31
N ILE C 652 -70.40 13.93 37.32
CA ILE C 652 -69.70 13.22 36.26
C ILE C 652 -68.91 14.20 35.40
N LEU C 653 -69.47 15.39 35.20
CA LEU C 653 -68.72 16.44 34.50
C LEU C 653 -67.53 16.93 35.31
N GLY C 654 -67.65 16.92 36.64
CA GLY C 654 -66.49 17.21 37.45
C GLY C 654 -65.46 16.11 37.38
N MET C 655 -65.89 14.87 37.11
CA MET C 655 -64.92 13.81 36.92
C MET C 655 -64.18 14.01 35.61
N VAL C 656 -64.86 14.64 34.64
CA VAL C 656 -64.21 14.93 33.36
C VAL C 656 -63.20 16.05 33.59
N TRP C 657 -63.52 16.96 34.51
CA TRP C 657 -62.62 18.08 34.77
C TRP C 657 -61.36 17.62 35.47
N ALA C 658 -61.49 16.79 36.50
CA ALA C 658 -60.29 16.34 37.21
C ALA C 658 -59.45 15.40 36.34
N GLY C 659 -60.10 14.68 35.42
CA GLY C 659 -59.34 13.90 34.45
C GLY C 659 -58.58 14.78 33.47
N PHE C 660 -59.25 15.82 32.95
CA PHE C 660 -58.61 16.63 31.93
C PHE C 660 -57.53 17.49 32.54
N ALA C 661 -57.77 18.02 33.75
CA ALA C 661 -56.77 18.87 34.39
C ALA C 661 -55.53 18.07 34.79
N MET C 662 -55.70 16.82 35.23
CA MET C 662 -54.51 16.03 35.51
C MET C 662 -53.78 15.63 34.24
N ILE C 663 -54.52 15.43 33.14
CA ILE C 663 -53.90 15.19 31.84
C ILE C 663 -53.10 16.42 31.40
N ILE C 664 -53.65 17.61 31.67
CA ILE C 664 -53.03 18.85 31.23
C ILE C 664 -51.71 19.07 31.97
N VAL C 665 -51.74 18.91 33.30
CA VAL C 665 -50.54 19.22 34.06
C VAL C 665 -49.48 18.15 33.87
N ALA C 666 -49.89 16.91 33.56
CA ALA C 666 -48.92 15.87 33.27
C ALA C 666 -48.26 16.09 31.92
N SER C 667 -49.05 16.47 30.92
CA SER C 667 -48.50 16.72 29.60
C SER C 667 -47.62 17.95 29.60
N TYR C 668 -47.99 18.95 30.39
CA TYR C 668 -47.16 20.15 30.51
C TYR C 668 -45.85 19.85 31.19
N THR C 669 -45.85 19.02 32.22
CA THR C 669 -44.59 18.63 32.84
C THR C 669 -43.72 17.76 31.94
N ALA C 670 -44.32 16.89 31.12
CA ALA C 670 -43.54 16.16 30.14
C ALA C 670 -42.96 17.04 29.04
N ASN C 671 -43.70 18.07 28.61
CA ASN C 671 -43.14 19.02 27.65
C ASN C 671 -42.06 19.88 28.27
N LEU C 672 -42.16 20.11 29.58
CA LEU C 672 -41.15 20.91 30.27
C LEU C 672 -39.84 20.14 30.31
N ALA C 673 -39.88 18.90 30.83
CA ALA C 673 -38.65 18.17 31.05
C ALA C 673 -38.06 17.74 29.71
N ALA C 674 -38.91 17.49 28.72
CA ALA C 674 -38.43 17.12 27.39
C ALA C 674 -37.71 18.28 26.71
N PHE C 675 -38.31 19.47 26.73
CA PHE C 675 -37.63 20.63 26.18
C PHE C 675 -36.40 21.02 26.99
N LEU C 676 -36.38 20.67 28.28
CA LEU C 676 -35.20 20.92 29.09
C LEU C 676 -34.03 20.07 28.61
N VAL C 677 -34.23 18.77 28.47
CA VAL C 677 -33.16 17.87 28.04
C VAL C 677 -33.71 16.97 26.94
N LEU C 678 -33.48 17.35 25.69
CA LEU C 678 -33.77 16.49 24.55
C LEU C 678 -32.53 16.11 23.76
N ASP C 679 -31.79 17.09 23.24
CA ASP C 679 -30.66 16.85 22.34
C ASP C 679 -29.91 18.16 22.24
N ARG C 680 -28.89 18.19 21.37
CA ARG C 680 -28.18 19.38 20.99
C ARG C 680 -27.65 19.05 19.60
N PRO C 681 -27.90 19.93 18.62
CA PRO C 681 -27.30 19.71 17.29
C PRO C 681 -25.79 19.96 17.33
N GLU C 682 -25.04 19.06 16.69
CA GLU C 682 -23.60 19.12 16.80
C GLU C 682 -22.97 18.94 15.42
N GLU C 683 -22.12 19.89 15.06
CA GLU C 683 -21.33 19.87 13.84
C GLU C 683 -19.83 19.82 14.17
N ARG C 684 -19.48 19.15 15.26
CA ARG C 684 -18.09 19.06 15.67
C ARG C 684 -17.36 18.15 14.69
N ILE C 685 -16.21 18.61 14.20
CA ILE C 685 -15.43 17.81 13.28
C ILE C 685 -14.82 16.63 14.02
N THR C 686 -14.62 15.53 13.28
CA THR C 686 -14.01 14.34 13.86
C THR C 686 -12.51 14.51 14.05
N GLY C 687 -11.78 14.67 12.95
CA GLY C 687 -10.35 14.80 12.98
C GLY C 687 -9.82 14.87 11.58
N ILE C 688 -8.77 14.09 11.29
CA ILE C 688 -8.20 14.08 9.96
C ILE C 688 -9.08 13.36 8.95
N ASN C 689 -10.00 12.51 9.40
CA ASN C 689 -10.78 11.69 8.47
C ASN C 689 -12.19 12.23 8.24
N ASP C 690 -12.33 13.55 8.19
CA ASP C 690 -13.64 14.15 7.99
C ASP C 690 -13.73 14.80 6.63
N PRO C 691 -14.80 14.55 5.87
CA PRO C 691 -14.84 15.01 4.47
C PRO C 691 -14.96 16.52 4.30
N ARG C 692 -15.47 17.25 5.30
CA ARG C 692 -15.44 18.70 5.18
C ARG C 692 -14.03 19.26 5.40
N LEU C 693 -13.14 18.46 5.98
CA LEU C 693 -11.74 18.86 6.02
C LEU C 693 -11.04 18.48 4.73
N ARG C 694 -11.04 17.19 4.39
CA ARG C 694 -10.24 16.67 3.27
C ARG C 694 -10.69 17.21 1.92
N ASN C 695 -11.98 17.44 1.72
CA ASN C 695 -12.50 18.12 0.54
C ASN C 695 -13.13 19.43 0.98
N PRO C 696 -12.33 20.47 1.18
CA PRO C 696 -12.84 21.69 1.81
C PRO C 696 -13.64 22.57 0.86
N SER C 697 -14.57 23.30 1.47
CA SER C 697 -15.35 24.33 0.79
C SER C 697 -14.52 25.60 0.63
N ASP C 698 -15.10 26.59 -0.05
CA ASP C 698 -14.47 27.90 -0.14
C ASP C 698 -14.47 28.63 1.20
N LYS C 699 -15.41 28.30 2.09
CA LYS C 699 -15.51 28.95 3.39
C LYS C 699 -14.51 28.43 4.42
N PHE C 700 -13.61 27.53 4.05
CA PHE C 700 -12.87 26.74 5.03
C PHE C 700 -11.43 27.21 4.93
N ILE C 701 -11.10 28.26 5.67
CA ILE C 701 -9.75 28.41 6.18
C ILE C 701 -9.43 27.39 7.26
N TYR C 702 -8.83 26.28 6.84
CA TYR C 702 -8.09 25.37 7.70
C TYR C 702 -6.60 25.57 7.41
N ALA C 703 -6.12 26.78 7.66
CA ALA C 703 -4.69 27.05 7.74
C ALA C 703 -4.08 27.04 9.13
N THR C 704 -2.75 27.18 9.15
CA THR C 704 -1.91 27.04 10.33
C THR C 704 -0.82 28.10 10.31
N VAL C 705 0.21 27.92 11.14
CA VAL C 705 1.33 28.84 11.24
C VAL C 705 2.35 28.46 10.17
N LYS C 706 3.31 29.35 9.88
CA LYS C 706 4.36 29.05 8.92
C LYS C 706 5.58 28.46 9.62
N GLN C 707 6.42 27.80 8.81
CA GLN C 707 7.75 27.31 9.20
C GLN C 707 7.68 26.33 10.37
N SER C 708 6.59 25.59 10.44
CA SER C 708 6.39 24.58 11.46
C SER C 708 6.56 23.18 10.89
N SER C 709 6.66 22.23 11.81
CA SER C 709 6.75 20.83 11.43
C SER C 709 5.43 20.32 10.88
N VAL C 710 4.33 21.01 11.20
CA VAL C 710 3.04 20.71 10.59
C VAL C 710 3.10 20.90 9.08
N ASP C 711 3.78 21.96 8.65
CA ASP C 711 4.02 22.19 7.22
C ASP C 711 4.86 21.07 6.60
N ILE C 712 5.85 20.57 7.36
CA ILE C 712 6.67 19.46 6.87
C ILE C 712 5.84 18.20 6.72
N TYR C 713 5.00 17.91 7.72
CA TYR C 713 4.19 16.70 7.67
C TYR C 713 3.12 16.78 6.60
N PHE C 714 2.58 17.96 6.35
CA PHE C 714 1.56 18.05 5.31
C PHE C 714 2.15 18.24 3.93
N ARG C 715 3.44 18.56 3.82
CA ARG C 715 4.06 18.51 2.51
C ARG C 715 4.44 17.09 2.11
N ARG C 716 5.04 16.33 3.02
CA ARG C 716 5.49 14.99 2.67
C ARG C 716 4.36 13.97 2.49
N GLN C 717 3.16 14.25 2.98
CA GLN C 717 2.04 13.36 2.76
C GLN C 717 1.21 13.92 1.61
N VAL C 718 1.28 13.25 0.46
CA VAL C 718 0.69 13.77 -0.78
C VAL C 718 -0.80 13.58 -0.87
N GLU C 719 -1.41 12.90 0.09
CA GLU C 719 -2.82 12.57 -0.01
C GLU C 719 -3.70 13.76 0.33
N LEU C 720 -3.25 14.59 1.27
CA LEU C 720 -3.91 15.83 1.63
C LEU C 720 -3.20 17.05 1.05
N SER C 721 -2.35 16.82 0.04
CA SER C 721 -1.53 17.87 -0.57
C SER C 721 -2.37 18.95 -1.22
N THR C 722 -3.59 18.60 -1.66
CA THR C 722 -4.54 19.60 -2.14
C THR C 722 -4.93 20.58 -1.04
N MET C 723 -5.26 20.05 0.14
CA MET C 723 -5.58 20.94 1.26
C MET C 723 -4.32 21.63 1.78
N TYR C 724 -3.15 21.00 1.67
CA TYR C 724 -1.90 21.65 2.00
C TYR C 724 -1.59 22.84 1.08
N ARG C 725 -1.96 22.72 -0.18
CA ARG C 725 -1.93 23.87 -1.07
C ARG C 725 -2.99 24.89 -0.72
N HIS C 726 -4.14 24.44 -0.21
CA HIS C 726 -5.18 25.40 0.12
C HIS C 726 -4.83 26.17 1.38
N MET C 727 -4.29 25.49 2.38
CA MET C 727 -3.83 26.13 3.62
C MET C 727 -2.55 26.93 3.44
N GLU C 728 -1.83 26.74 2.32
CA GLU C 728 -0.65 27.57 2.08
C GLU C 728 -1.04 29.03 1.88
N LYS C 729 -2.23 29.29 1.37
CA LYS C 729 -2.65 30.64 1.03
C LYS C 729 -3.01 31.50 2.24
N HIS C 730 -3.18 30.92 3.43
CA HIS C 730 -3.64 31.72 4.56
C HIS C 730 -2.82 31.46 5.80
N ASN C 731 -1.55 31.09 5.62
CA ASN C 731 -0.70 30.69 6.72
C ASN C 731 -0.26 31.90 7.56
N TYR C 732 0.07 31.64 8.81
CA TYR C 732 0.34 32.68 9.81
C TYR C 732 1.79 32.67 10.27
N GLU C 733 2.19 33.77 10.90
CA GLU C 733 3.55 33.93 11.39
C GLU C 733 3.75 33.46 12.82
N SER C 734 2.85 33.81 13.73
CA SER C 734 2.94 33.35 15.12
C SER C 734 1.64 32.67 15.50
N ALA C 735 1.70 31.87 16.56
CA ALA C 735 0.49 31.26 17.08
C ALA C 735 -0.42 32.28 17.76
N ALA C 736 0.15 33.35 18.31
CA ALA C 736 -0.64 34.37 19.01
C ALA C 736 -1.60 35.11 18.09
N GLU C 737 -1.26 35.20 16.80
CA GLU C 737 -2.23 35.67 15.80
C GLU C 737 -3.44 34.76 15.71
N ALA C 738 -3.24 33.45 15.51
CA ALA C 738 -4.38 32.54 15.39
C ALA C 738 -5.14 32.39 16.70
N ILE C 739 -4.45 32.57 17.83
CA ILE C 739 -5.08 32.64 19.14
C ILE C 739 -6.05 33.80 19.21
N GLN C 740 -5.63 34.98 18.75
CA GLN C 740 -6.58 36.08 18.71
C GLN C 740 -7.64 35.88 17.62
N ALA C 741 -7.25 35.26 16.51
CA ALA C 741 -8.10 35.16 15.33
C ALA C 741 -9.29 34.22 15.50
N VAL C 742 -9.15 33.15 16.29
CA VAL C 742 -10.32 32.34 16.62
C VAL C 742 -11.37 33.17 17.37
N ARG C 743 -10.94 34.01 18.32
CA ARG C 743 -11.85 34.94 18.98
C ARG C 743 -12.31 36.07 18.05
N ASP C 744 -11.60 36.31 16.95
CA ASP C 744 -11.98 37.24 15.91
C ASP C 744 -13.08 36.69 15.03
N ASN C 745 -13.17 35.36 14.98
CA ASN C 745 -14.29 34.61 14.39
C ASN C 745 -14.40 34.91 12.91
N LYS C 746 -13.23 34.99 12.30
CA LYS C 746 -12.98 34.95 10.87
C LYS C 746 -12.20 33.70 10.49
N LEU C 747 -12.09 32.72 11.40
CA LEU C 747 -11.18 31.59 11.30
C LEU C 747 -11.88 30.37 11.88
N HIS C 748 -12.13 29.40 11.00
CA HIS C 748 -12.84 28.18 11.39
C HIS C 748 -12.03 27.27 12.31
N ALA C 749 -10.80 26.94 11.93
CA ALA C 749 -10.01 26.05 12.77
C ALA C 749 -8.52 26.28 12.59
N PHE C 750 -7.79 26.03 13.66
CA PHE C 750 -6.33 26.08 13.67
C PHE C 750 -5.78 24.77 14.24
N ILE C 751 -4.64 24.34 13.71
CA ILE C 751 -4.01 23.09 14.08
C ILE C 751 -2.76 23.35 14.90
N TRP C 752 -2.64 22.69 16.05
CA TRP C 752 -1.50 22.89 16.93
C TRP C 752 -1.33 21.68 17.84
N ASP C 753 -0.16 21.57 18.45
CA ASP C 753 0.05 20.59 19.51
C ASP C 753 -0.84 20.89 20.71
N SER C 754 -1.31 19.83 21.37
CA SER C 754 -2.23 19.93 22.49
C SER C 754 -1.63 20.60 23.73
N ALA C 755 -0.30 20.69 23.82
CA ALA C 755 0.35 21.23 25.01
C ALA C 755 -0.01 22.69 25.25
N VAL C 756 -0.25 23.44 24.18
CA VAL C 756 -0.62 24.84 24.32
C VAL C 756 -2.13 24.98 24.21
N LEU C 757 -2.75 24.07 23.45
CA LEU C 757 -4.18 24.15 23.21
C LEU C 757 -4.99 23.84 24.45
N GLU C 758 -4.64 22.78 25.17
CA GLU C 758 -5.39 22.48 26.39
C GLU C 758 -5.07 23.43 27.52
N PHE C 759 -3.90 24.06 27.49
CA PHE C 759 -3.64 25.18 28.39
C PHE C 759 -4.55 26.36 28.11
N GLU C 760 -4.71 26.73 26.83
CA GLU C 760 -5.52 27.92 26.56
C GLU C 760 -7.00 27.65 26.76
N ALA C 761 -7.42 26.40 26.54
CA ALA C 761 -8.78 25.99 26.86
C ALA C 761 -9.02 26.02 28.36
N SER C 762 -8.01 25.64 29.14
CA SER C 762 -8.16 25.69 30.60
C SER C 762 -8.14 27.12 31.11
N GLN C 763 -7.44 28.02 30.42
CA GLN C 763 -7.09 29.30 31.02
C GLN C 763 -8.11 30.38 30.66
N LYS C 764 -8.24 30.73 29.38
CA LYS C 764 -8.90 32.01 29.12
C LYS C 764 -10.41 31.88 29.20
N CYS C 765 -11.03 31.31 28.16
CA CYS C 765 -12.29 30.57 28.16
C CYS C 765 -12.64 30.22 26.72
N ASP C 766 -13.80 29.59 26.55
CA ASP C 766 -14.64 29.70 25.36
C ASP C 766 -14.04 29.08 24.11
N LEU C 767 -13.50 27.87 24.23
CA LEU C 767 -13.00 27.08 23.11
C LEU C 767 -13.06 25.62 23.52
N VAL C 768 -13.06 24.72 22.54
CA VAL C 768 -13.00 23.29 22.78
C VAL C 768 -11.98 22.69 21.82
N THR C 769 -11.68 21.41 22.02
CA THR C 769 -10.90 20.60 21.10
C THR C 769 -11.64 19.27 20.95
N THR C 770 -11.39 18.59 19.83
CA THR C 770 -12.07 17.32 19.55
C THR C 770 -11.19 16.11 19.75
N GLY C 771 -10.13 16.23 20.55
CA GLY C 771 -9.25 15.09 20.79
C GLY C 771 -8.44 14.74 19.56
N GLU C 772 -8.27 13.42 19.35
CA GLU C 772 -7.68 12.82 18.15
C GLU C 772 -6.26 13.33 17.94
N LEU C 773 -5.40 12.91 18.86
CA LEU C 773 -3.97 13.22 18.82
C LEU C 773 -3.31 12.53 17.64
N PHE C 774 -3.08 13.28 16.56
CA PHE C 774 -2.53 12.71 15.34
C PHE C 774 -1.05 12.35 15.53
N PHE C 775 -0.24 13.33 15.87
CA PHE C 775 1.09 13.01 16.36
C PHE C 775 1.03 12.69 17.84
N ARG C 776 2.02 11.94 18.29
CA ARG C 776 2.17 11.63 19.70
C ARG C 776 3.68 11.74 19.92
N SER C 777 4.13 12.93 20.29
CA SER C 777 5.55 13.25 20.29
C SER C 777 5.93 13.92 21.60
N GLY C 778 7.23 14.18 21.76
CA GLY C 778 7.75 14.80 22.95
C GLY C 778 8.57 16.04 22.61
N PHE C 779 9.08 16.66 23.67
CA PHE C 779 9.80 17.92 23.58
C PHE C 779 11.18 17.65 24.15
N GLY C 780 12.12 17.30 23.27
CA GLY C 780 13.52 17.16 23.61
C GLY C 780 14.24 18.49 23.61
N ILE C 781 15.55 18.40 23.83
CA ILE C 781 16.40 19.57 23.89
C ILE C 781 17.42 19.47 22.77
N GLY C 782 17.52 20.52 21.96
CA GLY C 782 18.44 20.55 20.84
C GLY C 782 19.88 20.94 21.12
N MET C 783 20.84 20.05 20.82
CA MET C 783 22.25 20.37 20.92
C MET C 783 22.95 20.02 19.62
N ARG C 784 24.17 20.53 19.46
CA ARG C 784 25.00 20.13 18.34
C ARG C 784 25.48 18.70 18.52
N LYS C 785 25.75 18.04 17.39
CA LYS C 785 26.15 16.65 17.42
C LYS C 785 27.53 16.49 18.01
N ASP C 786 27.75 15.33 18.62
CA ASP C 786 29.01 14.94 19.29
C ASP C 786 29.37 15.92 20.40
N SER C 787 28.36 16.45 21.07
CA SER C 787 28.57 17.22 22.27
C SER C 787 28.94 16.31 23.43
N PRO C 788 29.73 16.79 24.39
CA PRO C 788 29.93 16.06 25.65
C PRO C 788 28.78 16.20 26.63
N TRP C 789 27.62 16.72 26.21
CA TRP C 789 26.53 17.06 27.11
C TRP C 789 25.24 16.39 26.68
N LYS C 790 25.30 15.09 26.38
CA LYS C 790 24.07 14.35 26.08
C LYS C 790 23.65 13.45 27.23
N GLN C 791 24.58 12.64 27.71
CA GLN C 791 24.28 11.52 28.58
C GLN C 791 23.85 12.00 29.96
N GLN C 792 24.70 12.79 30.59
CA GLN C 792 24.44 13.33 31.92
C GLN C 792 23.25 14.26 31.92
N VAL C 793 23.02 14.98 30.82
CA VAL C 793 21.83 15.82 30.71
C VAL C 793 20.57 14.98 30.67
N SER C 794 20.56 13.92 29.86
CA SER C 794 19.39 13.04 29.85
C SER C 794 19.27 12.23 31.13
N LEU C 795 20.39 12.01 31.83
CA LEU C 795 20.33 11.43 33.16
C LEU C 795 19.63 12.36 34.14
N SER C 796 19.91 13.65 34.06
CA SER C 796 19.21 14.60 34.90
C SER C 796 17.75 14.74 34.50
N ILE C 797 17.44 14.47 33.23
CA ILE C 797 16.04 14.42 32.79
C ILE C 797 15.32 13.26 33.51
N LEU C 798 16.01 12.13 33.63
CA LEU C 798 15.44 11.02 34.41
C LEU C 798 15.34 11.39 35.88
N LYS C 799 16.33 12.12 36.41
CA LYS C 799 16.33 12.47 37.82
C LYS C 799 15.19 13.42 38.14
N SER C 800 14.92 14.37 37.24
CA SER C 800 13.77 15.24 37.33
C SER C 800 12.46 14.48 37.13
N HIS C 801 12.50 13.32 36.49
CA HIS C 801 11.30 12.51 36.47
C HIS C 801 11.15 11.66 37.73
N GLU C 802 12.25 11.22 38.33
CA GLU C 802 12.21 10.27 39.44
C GLU C 802 12.04 10.93 40.80
N ASN C 803 11.53 12.15 40.84
CA ASN C 803 11.11 12.75 42.10
C ASN C 803 9.75 13.41 42.01
N GLY C 804 9.10 13.37 40.84
CA GLY C 804 7.88 14.12 40.64
C GLY C 804 8.04 15.60 40.50
N PHE C 805 9.28 16.10 40.41
CA PHE C 805 9.52 17.53 40.30
C PHE C 805 9.01 18.08 38.97
N MET C 806 9.02 17.23 37.93
CA MET C 806 8.29 17.51 36.71
C MET C 806 6.82 17.75 36.99
N GLU C 807 6.22 16.89 37.81
CA GLU C 807 4.81 17.08 38.16
C GLU C 807 4.64 18.27 39.10
N ASP C 808 5.68 18.61 39.86
CA ASP C 808 5.60 19.79 40.72
C ASP C 808 5.51 21.05 39.87
N LEU C 809 6.38 21.18 38.87
CA LEU C 809 6.29 22.30 37.95
C LEU C 809 5.03 22.24 37.09
N ASP C 810 4.48 21.03 36.89
CA ASP C 810 3.20 20.88 36.21
C ASP C 810 2.09 21.49 37.03
N LYS C 811 2.14 21.31 38.35
CA LYS C 811 1.18 21.95 39.24
C LYS C 811 1.36 23.45 39.24
N THR C 812 2.61 23.90 39.23
CA THR C 812 2.84 25.33 39.40
C THR C 812 2.61 26.11 38.12
N TRP C 813 2.44 25.44 36.98
CA TRP C 813 2.28 26.23 35.77
C TRP C 813 0.97 25.98 35.04
N VAL C 814 0.60 24.74 34.73
CA VAL C 814 -0.53 24.52 33.82
C VAL C 814 -1.74 23.88 34.49
N ARG C 815 -1.63 23.44 35.73
CA ARG C 815 -2.73 22.77 36.43
C ARG C 815 -3.65 23.77 37.14
N TYR C 816 -4.18 24.71 36.35
CA TYR C 816 -5.01 25.80 36.86
C TYR C 816 -6.26 25.87 35.99
N GLN C 817 -7.27 25.08 36.32
CA GLN C 817 -8.53 25.12 35.58
C GLN C 817 -9.37 26.30 36.05
N GLU C 818 -9.76 27.15 35.10
CA GLU C 818 -10.60 28.31 35.41
C GLU C 818 -12.03 28.15 34.93
N CYS C 819 -12.23 27.90 33.65
CA CYS C 819 -13.57 27.70 33.10
C CYS C 819 -14.06 26.27 33.28
N ASP C 820 -15.37 26.12 33.13
CA ASP C 820 -16.04 24.84 33.32
C ASP C 820 -15.68 23.88 32.19
N SER C 821 -15.92 22.60 32.44
CA SER C 821 -15.72 21.53 31.46
C SER C 821 -16.90 21.47 30.49
N ARG C 822 -16.90 20.43 29.65
CA ARG C 822 -17.95 20.24 28.64
C ARG C 822 -19.26 19.80 29.31
N SER C 823 -19.14 19.33 30.56
CA SER C 823 -19.89 18.24 31.21
C SER C 823 -21.36 18.07 30.82
N ASN C 824 -22.13 19.17 30.93
CA ASN C 824 -23.54 19.25 30.58
C ASN C 824 -24.41 18.20 31.29
N ALA C 825 -23.01 20.40 34.84
CA ALA C 825 -24.43 20.45 35.15
C ALA C 825 -25.27 20.66 33.90
N PRO C 826 -26.32 19.86 33.73
CA PRO C 826 -27.19 20.04 32.56
C PRO C 826 -27.91 21.38 32.55
N ALA C 827 -28.34 21.85 33.72
CA ALA C 827 -29.00 23.14 33.82
C ALA C 827 -28.85 23.65 35.25
N THR C 828 -29.27 24.90 35.44
CA THR C 828 -29.39 25.50 36.75
C THR C 828 -30.54 26.51 36.73
N LEU C 829 -31.20 26.64 37.88
CA LEU C 829 -32.38 27.48 38.01
C LEU C 829 -32.24 28.33 39.27
N THR C 830 -31.56 29.46 39.15
CA THR C 830 -31.28 30.26 40.33
C THR C 830 -32.27 31.41 40.49
N CYS C 831 -32.17 32.41 39.63
CA CYS C 831 -33.00 33.60 39.75
C CYS C 831 -33.48 34.18 38.44
N GLU C 832 -32.80 33.90 37.33
CA GLU C 832 -32.75 34.84 36.22
C GLU C 832 -33.98 34.73 35.32
N ASN C 833 -34.33 33.51 34.91
CA ASN C 833 -35.35 33.36 33.89
C ASN C 833 -36.76 33.64 34.39
N MET C 834 -36.98 33.57 35.70
CA MET C 834 -38.33 33.64 36.28
C MET C 834 -38.93 35.04 36.28
N ALA C 835 -38.25 36.06 35.75
CA ALA C 835 -38.81 37.41 35.69
C ALA C 835 -40.02 37.53 34.78
N GLY C 836 -40.16 36.64 33.79
CA GLY C 836 -41.37 36.62 32.98
C GLY C 836 -42.61 36.19 33.73
N VAL C 837 -42.48 35.38 34.77
CA VAL C 837 -43.59 35.02 35.65
C VAL C 837 -43.50 35.68 37.00
N PHE C 838 -42.54 36.58 37.21
CA PHE C 838 -42.57 37.33 38.45
C PHE C 838 -43.54 38.51 38.41
N MET C 839 -44.09 38.85 37.25
CA MET C 839 -45.05 39.95 37.13
C MET C 839 -46.47 39.54 37.51
N LEU C 840 -46.69 38.26 37.83
CA LEU C 840 -48.03 37.78 38.11
C LEU C 840 -48.54 38.29 39.45
N VAL C 841 -47.64 38.70 40.35
CA VAL C 841 -48.03 39.05 41.70
C VAL C 841 -48.50 40.50 41.77
N ALA C 842 -48.06 41.33 40.82
CA ALA C 842 -48.39 42.75 40.80
C ALA C 842 -49.21 43.14 39.58
N GLY C 843 -49.47 42.21 38.65
CA GLY C 843 -50.20 42.56 37.45
C GLY C 843 -51.67 42.87 37.66
N GLY C 844 -52.26 42.42 38.77
CA GLY C 844 -53.67 42.63 39.00
C GLY C 844 -54.02 43.14 40.39
N ILE C 845 -53.01 43.19 41.27
CA ILE C 845 -53.30 43.57 42.65
C ILE C 845 -53.48 45.08 42.76
N VAL C 846 -52.98 45.85 41.80
CA VAL C 846 -53.11 47.31 41.89
C VAL C 846 -54.44 47.75 41.30
N ALA C 847 -55.08 46.90 40.48
CA ALA C 847 -56.40 47.18 39.95
C ALA C 847 -57.48 46.55 40.81
N GLY C 848 -57.11 45.63 41.70
CA GLY C 848 -58.10 45.07 42.59
C GLY C 848 -58.61 46.05 43.61
N ILE C 849 -57.87 47.13 43.86
CA ILE C 849 -58.36 48.24 44.68
C ILE C 849 -59.56 48.89 44.00
N PHE C 850 -59.47 49.09 42.68
CA PHE C 850 -60.63 49.59 41.95
C PHE C 850 -61.72 48.55 41.86
N LEU C 851 -61.35 47.26 41.91
CA LEU C 851 -62.36 46.22 41.96
C LEU C 851 -63.10 46.22 43.30
N ILE C 852 -62.42 46.60 44.38
CA ILE C 852 -63.09 46.87 45.65
C ILE C 852 -63.99 48.10 45.53
N PHE C 853 -63.54 49.12 44.81
CA PHE C 853 -64.40 50.30 44.60
C PHE C 853 -65.59 49.97 43.72
N ILE C 854 -65.41 49.03 42.79
CA ILE C 854 -66.51 48.55 41.96
C ILE C 854 -67.48 47.76 42.81
N GLU C 855 -66.96 46.94 43.73
CA GLU C 855 -67.84 46.10 44.54
C GLU C 855 -68.62 46.94 45.55
N ILE C 856 -67.98 47.96 46.15
CA ILE C 856 -68.71 48.85 47.03
C ILE C 856 -69.65 49.78 46.27
N ALA C 857 -69.40 50.03 44.97
CA ALA C 857 -70.41 50.68 44.15
C ALA C 857 -71.59 49.77 43.84
N TYR C 858 -71.33 48.47 43.68
CA TYR C 858 -72.41 47.54 43.44
C TYR C 858 -73.24 47.34 44.70
N LYS C 859 -72.57 47.29 45.85
CA LYS C 859 -73.29 47.17 47.11
C LYS C 859 -74.00 48.46 47.48
N SER C 860 -73.52 49.60 46.99
CA SER C 860 -74.31 50.82 47.12
C SER C 860 -75.48 50.86 46.15
N ARG C 861 -75.42 50.13 45.03
CA ARG C 861 -76.60 49.97 44.20
C ARG C 861 -77.47 48.82 44.67
N ALA C 862 -76.89 47.65 44.91
CA ALA C 862 -77.63 46.50 45.40
C ALA C 862 -77.51 46.35 46.90
N SER D 65 32.99 57.85 -34.81
CA SER D 65 33.95 57.28 -35.75
C SER D 65 34.61 56.03 -35.16
N ILE D 66 33.97 54.88 -35.37
CA ILE D 66 34.40 53.62 -34.77
C ILE D 66 34.77 52.67 -35.88
N GLY D 67 36.06 52.37 -36.00
CA GLY D 67 36.54 51.37 -36.93
C GLY D 67 36.09 49.97 -36.59
N ILE D 68 35.20 49.40 -37.41
CA ILE D 68 34.65 48.08 -37.15
C ILE D 68 35.01 47.14 -38.29
N ALA D 69 35.43 45.93 -37.95
CA ALA D 69 35.60 44.84 -38.90
C ALA D 69 34.52 43.78 -38.73
N VAL D 70 34.02 43.29 -39.84
CA VAL D 70 33.18 42.10 -39.86
C VAL D 70 33.93 41.04 -40.68
N ILE D 71 34.14 39.90 -40.07
CA ILE D 71 35.04 38.87 -40.57
C ILE D 71 34.26 37.58 -40.71
N LEU D 72 34.46 36.89 -41.84
CA LEU D 72 33.79 35.64 -42.10
C LEU D 72 34.79 34.65 -42.65
N VAL D 73 34.43 33.37 -42.58
CA VAL D 73 35.15 32.31 -43.24
C VAL D 73 34.17 31.59 -44.18
N GLY D 74 34.16 32.06 -45.42
CA GLY D 74 33.47 31.40 -46.52
C GLY D 74 31.96 31.57 -46.47
N THR D 75 31.34 31.33 -47.63
CA THR D 75 29.89 31.42 -47.86
C THR D 75 29.35 32.79 -47.43
N SER D 76 29.84 33.82 -48.12
CA SER D 76 29.48 35.20 -47.83
C SER D 76 28.31 35.65 -48.70
N ASP D 77 27.47 36.51 -48.12
CA ASP D 77 26.42 37.21 -48.85
C ASP D 77 26.69 38.70 -48.73
N GLU D 78 27.58 39.17 -49.61
CA GLU D 78 28.15 40.51 -49.54
C GLU D 78 27.16 41.61 -49.90
N VAL D 79 26.10 41.28 -50.63
CA VAL D 79 25.08 42.29 -50.90
C VAL D 79 24.19 42.50 -49.67
N ALA D 80 23.92 41.45 -48.89
CA ALA D 80 23.22 41.63 -47.63
C ALA D 80 24.09 42.39 -46.64
N ILE D 81 25.41 42.21 -46.75
CA ILE D 81 26.35 43.09 -46.06
C ILE D 81 26.21 44.50 -46.59
N LYS D 82 26.13 44.65 -47.90
CA LYS D 82 26.05 45.98 -48.50
C LYS D 82 24.71 46.64 -48.17
N ASP D 83 23.65 45.84 -48.00
CA ASP D 83 22.31 46.39 -47.86
C ASP D 83 21.95 46.74 -46.43
N ALA D 84 22.44 45.96 -45.43
CA ALA D 84 21.94 46.11 -44.08
C ALA D 84 22.25 47.47 -43.45
N HIS D 85 23.52 47.67 -43.06
CA HIS D 85 24.35 48.86 -43.29
C HIS D 85 23.64 50.19 -43.50
N GLU D 86 22.69 50.51 -42.65
CA GLU D 86 21.90 51.72 -42.81
C GLU D 86 22.44 52.80 -41.89
N LYS D 87 22.94 53.89 -42.48
CA LYS D 87 23.50 54.98 -41.69
C LYS D 87 22.42 55.78 -40.98
N ASP D 88 21.19 55.78 -41.51
CA ASP D 88 20.14 56.59 -40.93
C ASP D 88 19.58 55.96 -39.66
N ASP D 89 19.83 54.67 -39.44
CA ASP D 89 19.51 54.06 -38.16
C ASP D 89 20.59 54.31 -37.14
N PHE D 90 21.68 54.97 -37.55
CA PHE D 90 22.76 55.39 -36.67
C PHE D 90 22.77 56.91 -36.64
N HIS D 91 21.59 57.49 -36.44
CA HIS D 91 21.28 58.85 -36.87
C HIS D 91 22.01 59.93 -36.08
N HIS D 92 23.34 60.04 -36.27
CA HIS D 92 24.16 61.18 -35.84
C HIS D 92 24.10 61.37 -34.32
N LEU D 93 24.47 60.32 -33.59
CA LEU D 93 24.45 60.42 -32.12
C LEU D 93 25.81 60.88 -31.59
N SER D 94 26.82 60.05 -31.71
CA SER D 94 28.20 60.50 -31.53
C SER D 94 29.20 59.83 -32.45
N VAL D 95 28.81 58.74 -33.09
CA VAL D 95 29.73 57.80 -33.72
C VAL D 95 29.24 57.51 -35.13
N VAL D 96 30.16 57.13 -35.99
CA VAL D 96 29.76 56.59 -37.29
C VAL D 96 30.53 55.30 -37.49
N PRO D 97 29.90 54.27 -38.06
CA PRO D 97 30.57 52.99 -38.27
C PRO D 97 31.52 53.04 -39.44
N ARG D 98 32.82 53.07 -39.16
CA ARG D 98 33.88 52.90 -40.14
C ARG D 98 34.10 51.42 -40.40
N VAL D 99 33.32 50.85 -41.32
CA VAL D 99 33.21 49.41 -41.44
C VAL D 99 34.18 48.91 -42.48
N GLU D 100 34.77 47.74 -42.24
CA GLU D 100 35.67 47.09 -43.18
C GLU D 100 35.34 45.60 -43.19
N LEU D 101 35.41 44.99 -44.37
CA LEU D 101 34.96 43.61 -44.56
C LEU D 101 36.15 42.72 -44.78
N VAL D 102 36.19 41.59 -44.07
CA VAL D 102 37.21 40.56 -44.24
C VAL D 102 36.50 39.24 -44.51
N ALA D 103 36.99 38.50 -45.50
CA ALA D 103 36.53 37.14 -45.77
C ALA D 103 37.73 36.21 -45.79
N MET D 104 37.53 35.01 -45.25
CA MET D 104 38.59 34.02 -45.14
C MET D 104 38.09 32.67 -45.64
N ASN D 105 39.01 31.72 -45.71
CA ASN D 105 38.66 30.33 -45.99
C ASN D 105 39.55 29.39 -45.18
N GLU D 106 39.95 29.81 -43.99
CA GLU D 106 41.02 29.15 -43.27
C GLU D 106 40.50 28.10 -42.30
N THR D 107 41.24 26.99 -42.21
CA THR D 107 41.30 26.09 -41.05
C THR D 107 42.55 26.39 -40.23
N ASP D 108 42.91 27.67 -40.16
CA ASP D 108 44.25 28.11 -39.77
C ASP D 108 44.17 29.09 -38.60
N PRO D 109 43.99 28.60 -37.37
CA PRO D 109 43.86 29.52 -36.21
C PRO D 109 45.11 30.31 -35.91
N LYS D 110 46.28 29.80 -36.30
CA LYS D 110 47.54 30.52 -36.10
C LYS D 110 47.56 31.78 -36.96
N SER D 111 47.34 31.62 -38.26
CA SER D 111 47.33 32.79 -39.14
C SER D 111 46.11 33.65 -38.92
N ILE D 112 45.03 33.06 -38.38
CA ILE D 112 43.89 33.82 -37.88
C ILE D 112 44.33 34.80 -36.80
N ILE D 113 45.14 34.35 -35.85
CA ILE D 113 45.63 35.28 -34.84
C ILE D 113 46.64 36.27 -35.42
N THR D 114 47.53 35.80 -36.30
CA THR D 114 48.67 36.65 -36.69
C THR D 114 48.20 37.76 -37.64
N ARG D 115 47.39 37.43 -38.66
CA ARG D 115 47.03 38.47 -39.61
C ARG D 115 46.04 39.44 -38.99
N ILE D 116 45.29 39.01 -37.98
CA ILE D 116 44.36 39.95 -37.35
C ILE D 116 45.12 40.91 -36.47
N CYS D 117 46.17 40.41 -35.78
CA CYS D 117 47.18 41.27 -35.18
C CYS D 117 47.84 42.23 -36.17
N ASP D 118 48.21 41.72 -37.35
CA ASP D 118 48.79 42.58 -38.39
C ASP D 118 47.80 43.52 -39.04
N LEU D 119 46.52 43.30 -38.88
CA LEU D 119 45.52 44.19 -39.45
C LEU D 119 45.36 45.42 -38.56
N MET D 120 44.30 46.18 -38.83
CA MET D 120 44.09 47.47 -38.17
C MET D 120 43.62 47.33 -36.74
N SER D 121 43.51 46.09 -36.22
CA SER D 121 43.33 45.86 -34.79
C SER D 121 44.47 46.45 -34.00
N ASP D 122 45.67 46.45 -34.59
CA ASP D 122 46.77 47.20 -34.03
C ASP D 122 46.71 48.65 -34.50
N ARG D 123 46.31 48.88 -35.74
CA ARG D 123 46.43 50.20 -36.36
C ARG D 123 45.19 51.06 -36.16
N LYS D 124 44.04 50.64 -36.68
CA LYS D 124 42.88 51.53 -36.75
C LYS D 124 41.67 51.02 -35.97
N ILE D 125 41.23 49.78 -36.21
CA ILE D 125 39.91 49.34 -35.80
C ILE D 125 39.96 48.91 -34.33
N GLN D 126 39.03 49.42 -33.54
CA GLN D 126 39.02 49.10 -32.11
C GLN D 126 38.04 48.01 -31.77
N GLY D 127 37.14 47.63 -32.67
CA GLY D 127 36.12 46.66 -32.36
C GLY D 127 35.73 45.84 -33.56
N VAL D 128 35.53 44.54 -33.37
CA VAL D 128 35.38 43.61 -34.49
C VAL D 128 34.38 42.54 -34.07
N VAL D 129 33.56 42.09 -35.03
CA VAL D 129 32.73 40.92 -34.85
C VAL D 129 33.21 39.82 -35.78
N PHE D 130 32.78 38.59 -35.49
CA PHE D 130 33.27 37.45 -36.25
C PHE D 130 32.22 36.36 -36.36
N ALA D 131 32.09 35.82 -37.57
CA ALA D 131 31.17 34.75 -37.92
C ALA D 131 31.92 33.53 -38.44
N ASP D 132 31.30 32.37 -38.31
CA ASP D 132 31.87 31.13 -38.85
C ASP D 132 30.78 30.32 -39.52
N ASP D 133 31.17 29.15 -40.01
CA ASP D 133 30.25 28.19 -40.58
C ASP D 133 30.63 26.77 -40.18
N THR D 134 31.53 26.60 -39.23
CA THR D 134 32.12 25.33 -38.86
C THR D 134 31.66 24.93 -37.46
N ASP D 135 32.24 23.84 -36.95
CA ASP D 135 31.94 23.34 -35.61
C ASP D 135 33.19 23.26 -34.75
N GLN D 136 34.04 24.27 -34.80
CA GLN D 136 35.32 24.20 -34.11
C GLN D 136 35.17 24.66 -32.66
N GLU D 137 36.05 24.15 -31.80
CA GLU D 137 35.97 24.41 -30.37
C GLU D 137 37.05 25.33 -29.84
N ALA D 138 38.26 25.26 -30.39
CA ALA D 138 39.40 26.07 -29.96
C ALA D 138 39.23 27.55 -30.24
N ILE D 139 38.20 27.93 -30.99
CA ILE D 139 37.84 29.33 -31.19
C ILE D 139 37.48 29.97 -29.85
N ALA D 140 36.95 29.17 -28.91
CA ALA D 140 36.77 29.64 -27.54
C ALA D 140 38.09 30.05 -26.90
N GLN D 141 39.12 29.21 -27.02
CA GLN D 141 40.42 29.56 -26.45
C GLN D 141 41.05 30.73 -27.17
N ILE D 142 40.81 30.85 -28.48
CA ILE D 142 41.29 32.01 -29.22
C ILE D 142 40.62 33.28 -28.72
N LEU D 143 39.33 33.17 -28.38
CA LEU D 143 38.59 34.26 -27.77
C LEU D 143 39.18 34.61 -26.42
N ASP D 144 39.49 33.58 -25.63
CA ASP D 144 39.86 33.80 -24.25
C ASP D 144 41.23 34.46 -24.18
N PHE D 145 42.16 34.03 -25.04
CA PHE D 145 43.49 34.62 -25.03
C PHE D 145 43.51 36.03 -25.63
N ILE D 146 42.69 36.30 -26.65
CA ILE D 146 42.63 37.70 -27.10
C ILE D 146 41.91 38.58 -26.07
N SER D 147 40.93 38.03 -25.36
CA SER D 147 40.36 38.72 -24.21
C SER D 147 41.37 38.90 -23.08
N ALA D 148 42.29 37.95 -22.93
CA ALA D 148 43.29 38.02 -21.88
C ALA D 148 44.34 39.06 -22.17
N GLN D 149 44.63 39.33 -23.44
CA GLN D 149 45.73 40.25 -23.71
C GLN D 149 45.28 41.60 -24.24
N THR D 150 44.09 41.68 -24.83
CA THR D 150 43.68 42.88 -25.53
C THR D 150 42.25 43.21 -25.13
N LEU D 151 42.00 44.48 -24.78
CA LEU D 151 40.67 44.96 -24.47
C LEU D 151 39.78 45.17 -25.69
N THR D 152 40.31 44.95 -26.89
CA THR D 152 39.54 45.04 -28.13
C THR D 152 38.48 43.95 -28.18
N PRO D 153 37.21 44.28 -28.40
CA PRO D 153 36.18 43.25 -28.43
C PRO D 153 36.04 42.48 -29.72
N ILE D 154 35.91 41.17 -29.54
CA ILE D 154 35.55 40.23 -30.58
C ILE D 154 34.24 39.55 -30.20
N LEU D 155 33.36 39.35 -31.17
CA LEU D 155 32.02 38.86 -30.89
C LEU D 155 31.69 37.62 -31.70
N GLY D 156 30.70 36.87 -31.21
CA GLY D 156 30.28 35.62 -31.83
C GLY D 156 28.99 35.81 -32.59
N ILE D 157 28.97 35.32 -33.83
CA ILE D 157 27.82 35.57 -34.69
C ILE D 157 27.13 34.27 -35.10
N HIS D 158 27.88 33.35 -35.71
CA HIS D 158 27.28 32.15 -36.28
C HIS D 158 28.36 31.06 -36.41
N GLY D 159 27.89 29.83 -36.64
CA GLY D 159 28.79 28.70 -36.80
C GLY D 159 29.48 28.36 -35.49
N GLY D 160 30.80 28.19 -35.54
CA GLY D 160 31.54 27.94 -34.32
C GLY D 160 31.91 29.18 -33.54
N SER D 161 31.01 30.15 -33.55
CA SER D 161 31.09 31.37 -32.77
C SER D 161 29.96 31.47 -31.76
N SER D 162 28.72 31.19 -32.19
CA SER D 162 27.61 31.04 -31.26
C SER D 162 27.52 29.63 -30.65
N MET D 163 28.22 28.66 -31.23
CA MET D 163 28.25 27.33 -30.63
C MET D 163 29.25 27.26 -29.48
N ILE D 164 30.01 28.33 -29.29
CA ILE D 164 30.93 28.50 -28.18
C ILE D 164 30.12 28.79 -26.91
N MET D 165 30.11 27.82 -26.01
CA MET D 165 29.57 27.98 -24.66
C MET D 165 30.68 27.50 -23.72
N ALA D 166 31.55 28.41 -23.31
CA ALA D 166 32.68 28.03 -22.45
C ALA D 166 32.81 28.97 -21.27
N ASP D 167 32.98 28.38 -20.09
CA ASP D 167 33.21 29.16 -18.88
C ASP D 167 34.61 29.77 -18.92
N LYS D 168 34.75 30.94 -18.29
CA LYS D 168 36.02 31.64 -18.32
C LYS D 168 36.13 32.50 -17.06
N ASP D 169 37.36 32.89 -16.74
CA ASP D 169 37.68 33.94 -15.78
C ASP D 169 37.06 35.27 -16.21
N GLU D 170 37.04 36.23 -15.27
CA GLU D 170 36.58 37.58 -15.55
C GLU D 170 37.43 38.15 -16.68
N SER D 171 36.82 38.26 -17.85
CA SER D 171 37.56 38.48 -19.07
C SER D 171 37.42 39.91 -19.49
N SER D 172 38.06 40.26 -20.59
CA SER D 172 37.79 41.58 -21.09
C SER D 172 36.57 41.63 -21.96
N MET D 173 36.08 40.47 -22.46
CA MET D 173 35.01 40.37 -23.47
C MET D 173 34.56 38.92 -23.56
N PHE D 174 33.60 38.68 -24.46
CA PHE D 174 33.12 37.35 -24.79
C PHE D 174 32.47 37.35 -26.18
N PHE D 175 32.46 36.18 -26.83
CA PHE D 175 31.70 35.97 -28.07
C PHE D 175 30.20 35.92 -27.78
N GLN D 176 29.63 37.10 -27.57
CA GLN D 176 28.26 37.22 -27.07
C GLN D 176 27.26 36.80 -28.15
N PHE D 177 26.28 35.99 -27.75
CA PHE D 177 25.31 35.38 -28.66
C PHE D 177 24.01 35.19 -27.87
N GLY D 178 23.15 34.30 -28.36
CA GLY D 178 21.86 34.06 -27.75
C GLY D 178 21.92 33.21 -26.49
N PRO D 179 21.12 32.14 -26.45
CA PRO D 179 20.74 31.55 -25.16
C PRO D 179 21.86 30.76 -24.48
N SER D 180 21.56 30.37 -23.25
CA SER D 180 22.40 29.51 -22.41
C SER D 180 21.88 28.08 -22.45
N ILE D 181 22.51 27.22 -21.66
CA ILE D 181 22.02 25.86 -21.52
C ILE D 181 20.94 25.77 -20.44
N GLU D 182 21.00 26.62 -19.43
CA GLU D 182 19.96 26.65 -18.42
C GLU D 182 18.63 27.16 -18.96
N GLN D 183 18.67 28.12 -19.88
CA GLN D 183 17.45 28.51 -20.59
C GLN D 183 16.90 27.39 -21.45
N GLN D 184 17.77 26.57 -22.06
CA GLN D 184 17.29 25.40 -22.77
C GLN D 184 16.74 24.34 -21.83
N ALA D 185 17.29 24.21 -20.63
CA ALA D 185 16.75 23.25 -19.68
C ALA D 185 15.39 23.69 -19.17
N SER D 186 15.21 25.01 -19.05
CA SER D 186 13.95 25.52 -18.53
C SER D 186 12.86 25.35 -19.59
N VAL D 187 13.18 25.68 -20.85
CA VAL D 187 12.17 25.54 -21.88
C VAL D 187 11.89 24.05 -22.13
N MET D 188 12.87 23.17 -21.85
CA MET D 188 12.62 21.73 -21.90
C MET D 188 11.60 21.31 -20.86
N LEU D 189 11.64 21.97 -19.70
CA LEU D 189 10.57 21.77 -18.72
C LEU D 189 9.26 22.38 -19.19
N ASN D 190 9.32 23.55 -19.83
CA ASN D 190 8.10 24.23 -20.24
C ASN D 190 7.35 23.43 -21.31
N ILE D 191 8.10 22.75 -22.18
CA ILE D 191 7.51 21.86 -23.17
C ILE D 191 6.95 20.61 -22.50
N MET D 192 7.69 20.01 -21.57
CA MET D 192 7.11 18.90 -20.83
C MET D 192 5.94 19.27 -19.93
N GLU D 193 5.82 20.52 -19.50
CA GLU D 193 4.60 20.99 -18.86
C GLU D 193 3.45 21.14 -19.85
N GLU D 194 3.70 21.78 -21.00
CA GLU D 194 2.62 22.06 -21.94
C GLU D 194 2.17 20.80 -22.67
N TYR D 195 3.05 20.18 -23.45
CA TYR D 195 2.76 18.84 -23.93
C TYR D 195 2.88 17.94 -22.72
N ASP D 196 1.75 17.39 -22.28
CA ASP D 196 1.69 16.74 -20.98
C ASP D 196 2.45 15.42 -21.02
N TRP D 197 3.73 15.51 -20.67
CA TRP D 197 4.65 14.43 -20.85
C TRP D 197 5.74 14.59 -19.80
N TYR D 198 6.33 13.49 -19.36
CA TYR D 198 7.07 13.48 -18.10
C TYR D 198 8.47 12.91 -18.25
N ILE D 199 9.47 13.70 -17.88
CA ILE D 199 10.86 13.27 -17.82
C ILE D 199 11.07 12.39 -16.60
N PHE D 200 11.84 11.32 -16.77
CA PHE D 200 12.40 10.61 -15.62
C PHE D 200 13.84 10.18 -15.79
N SER D 201 14.49 10.43 -16.93
CA SER D 201 15.87 9.97 -17.07
C SER D 201 16.71 10.93 -17.90
N ILE D 202 17.93 11.16 -17.43
CA ILE D 202 18.92 11.97 -18.13
C ILE D 202 20.18 11.11 -18.26
N VAL D 203 20.98 11.37 -19.29
CA VAL D 203 22.33 10.80 -19.38
C VAL D 203 23.29 11.93 -19.71
N THR D 204 24.51 11.82 -19.24
CA THR D 204 25.51 12.83 -19.56
C THR D 204 26.88 12.21 -19.80
N THR D 205 27.71 12.96 -20.51
CA THR D 205 29.11 12.67 -20.70
C THR D 205 29.95 13.62 -19.84
N TYR D 206 31.27 13.43 -19.88
CA TYR D 206 32.19 14.26 -19.09
C TYR D 206 32.47 15.60 -19.74
N PHE D 207 31.45 16.32 -20.10
CA PHE D 207 31.58 17.68 -20.60
C PHE D 207 31.38 18.65 -19.44
N PRO D 208 32.29 19.61 -19.25
CA PRO D 208 32.23 20.49 -18.08
C PRO D 208 30.97 21.34 -18.09
N GLY D 209 30.24 21.29 -16.98
CA GLY D 209 28.94 21.91 -16.91
C GLY D 209 27.79 20.93 -16.88
N TYR D 210 28.07 19.64 -16.74
CA TYR D 210 27.00 18.67 -16.78
C TYR D 210 26.08 18.76 -15.55
N GLN D 211 26.66 18.89 -14.35
CA GLN D 211 25.88 18.68 -13.13
C GLN D 211 25.09 19.88 -12.64
N ASP D 212 25.41 21.09 -13.11
CA ASP D 212 24.75 22.28 -12.59
C ASP D 212 23.29 22.34 -13.04
N PHE D 213 23.04 22.25 -14.34
CA PHE D 213 21.67 22.23 -14.85
C PHE D 213 20.90 20.98 -14.43
N VAL D 214 21.60 19.89 -14.16
CA VAL D 214 20.97 18.70 -13.57
C VAL D 214 20.43 19.02 -12.19
N ASN D 215 21.26 19.65 -11.36
CA ASN D 215 20.82 19.99 -10.01
C ASN D 215 19.81 21.11 -10.01
N LYS D 216 19.89 21.97 -11.04
CA LYS D 216 18.93 23.06 -11.21
C LYS D 216 17.56 22.49 -11.50
N ILE D 217 17.46 21.64 -12.52
CA ILE D 217 16.17 21.18 -12.99
C ILE D 217 15.53 20.27 -11.95
N ARG D 218 16.32 19.41 -11.32
CA ARG D 218 15.78 18.51 -10.31
C ARG D 218 15.28 19.28 -9.09
N SER D 219 16.05 20.29 -8.64
CA SER D 219 15.56 21.12 -7.55
C SER D 219 14.41 22.01 -7.98
N THR D 220 14.28 22.32 -9.27
CA THR D 220 13.14 23.10 -9.72
C THR D 220 11.88 22.27 -9.66
N ILE D 221 12.00 20.97 -9.97
CA ILE D 221 10.85 20.08 -9.87
C ILE D 221 10.46 19.89 -8.42
N GLU D 222 11.45 19.88 -7.51
CA GLU D 222 11.15 19.69 -6.09
C GLU D 222 10.38 20.84 -5.46
N ASN D 223 10.33 22.02 -6.09
CA ASN D 223 9.54 23.13 -5.56
C ASN D 223 8.18 23.30 -6.23
N SER D 224 7.88 22.57 -7.30
CA SER D 224 6.60 22.71 -7.96
C SER D 224 5.51 21.95 -7.20
N PHE D 225 4.27 22.21 -7.59
CA PHE D 225 3.14 21.51 -6.99
C PHE D 225 3.00 20.11 -7.58
N VAL D 226 2.75 20.03 -8.88
CA VAL D 226 2.80 18.72 -9.53
C VAL D 226 4.26 18.36 -9.78
N GLY D 227 4.54 17.07 -9.88
CA GLY D 227 5.93 16.67 -9.89
C GLY D 227 6.33 15.59 -10.86
N TRP D 228 7.29 15.95 -11.71
CA TRP D 228 8.08 14.99 -12.43
C TRP D 228 8.90 14.16 -11.44
N GLU D 229 9.27 12.96 -11.84
CA GLU D 229 10.15 12.16 -11.00
C GLU D 229 11.44 11.90 -11.77
N LEU D 230 12.32 11.08 -11.19
CA LEU D 230 13.61 10.80 -11.81
C LEU D 230 13.97 9.35 -11.56
N GLU D 231 14.18 8.60 -12.63
CA GLU D 231 14.77 7.27 -12.49
C GLU D 231 16.26 7.34 -12.22
N GLU D 232 17.04 7.95 -13.12
CA GLU D 232 18.49 7.85 -13.02
C GLU D 232 19.14 8.97 -13.82
N VAL D 233 20.22 9.51 -13.28
CA VAL D 233 21.19 10.30 -14.03
C VAL D 233 22.43 9.43 -14.26
N LEU D 234 22.81 9.27 -15.52
CA LEU D 234 23.91 8.39 -15.91
C LEU D 234 25.09 9.23 -16.37
N LEU D 235 26.00 9.52 -15.46
CA LEU D 235 27.27 10.12 -15.83
C LEU D 235 28.19 9.05 -16.40
N LEU D 236 28.47 9.14 -17.70
CA LEU D 236 29.18 8.08 -18.42
C LEU D 236 30.17 8.67 -19.41
N ASP D 237 30.82 7.78 -20.15
CA ASP D 237 31.72 8.14 -21.25
C ASP D 237 31.87 6.96 -22.21
N ASP D 244 34.17 -2.45 -22.76
CA ASP D 244 33.07 -2.60 -21.83
C ASP D 244 31.76 -2.10 -22.45
N SER D 245 31.08 -2.97 -23.18
CA SER D 245 29.79 -2.64 -23.77
C SER D 245 28.62 -3.07 -22.91
N LYS D 246 28.79 -3.06 -21.59
CA LYS D 246 27.70 -3.25 -20.64
C LYS D 246 26.98 -1.95 -20.33
N ILE D 247 27.33 -0.88 -21.05
CA ILE D 247 26.56 0.36 -21.04
C ILE D 247 25.13 0.10 -21.47
N GLN D 248 24.95 -0.84 -22.42
CA GLN D 248 23.61 -1.29 -22.82
C GLN D 248 22.82 -1.85 -21.65
N ASN D 249 23.49 -2.55 -20.73
CA ASN D 249 22.83 -3.04 -19.53
C ASN D 249 22.49 -1.90 -18.57
N GLN D 250 23.32 -0.86 -18.52
CA GLN D 250 22.94 0.35 -17.80
C GLN D 250 21.86 1.14 -18.52
N LEU D 251 21.83 1.07 -19.85
CA LEU D 251 20.72 1.65 -20.60
C LEU D 251 19.45 0.82 -20.54
N LYS D 252 19.57 -0.45 -20.13
CA LYS D 252 18.40 -1.31 -19.98
C LYS D 252 17.50 -0.86 -18.83
N LYS D 253 18.07 -0.22 -17.81
CA LYS D 253 17.33 0.21 -16.63
C LYS D 253 16.52 1.49 -16.84
N LEU D 254 16.58 2.11 -18.01
CA LEU D 254 15.86 3.34 -18.28
C LEU D 254 14.45 3.05 -18.78
N GLN D 255 13.44 3.43 -18.00
CA GLN D 255 12.06 3.14 -18.33
C GLN D 255 11.26 4.39 -18.66
N SER D 256 11.91 5.54 -18.72
CA SER D 256 11.26 6.81 -19.02
C SER D 256 10.94 6.93 -20.51
N PRO D 257 9.85 7.60 -20.85
CA PRO D 257 9.67 8.01 -22.25
C PRO D 257 10.60 9.12 -22.70
N ILE D 258 11.28 9.80 -21.78
CA ILE D 258 12.18 10.90 -22.12
C ILE D 258 13.59 10.54 -21.67
N ILE D 259 14.53 10.59 -22.61
CA ILE D 259 15.95 10.41 -22.32
C ILE D 259 16.66 11.70 -22.76
N LEU D 260 16.99 12.55 -21.79
CA LEU D 260 17.81 13.74 -22.06
C LEU D 260 19.28 13.38 -22.07
N LEU D 261 20.06 14.08 -22.90
CA LEU D 261 21.45 13.73 -23.13
C LEU D 261 22.30 14.97 -23.37
N TYR D 262 23.47 14.99 -22.72
CA TYR D 262 24.51 15.99 -22.93
C TYR D 262 25.74 15.27 -23.47
N CYS D 263 26.06 15.48 -24.75
CA CYS D 263 27.19 14.82 -25.41
C CYS D 263 27.52 15.59 -26.69
N THR D 264 28.33 14.98 -27.55
CA THR D 264 28.64 15.52 -28.87
C THR D 264 27.96 14.71 -29.95
N LYS D 265 28.03 15.23 -31.18
CA LYS D 265 27.34 14.60 -32.31
C LYS D 265 27.95 13.24 -32.66
N GLU D 266 29.27 13.11 -32.63
CA GLU D 266 29.87 11.80 -32.83
C GLU D 266 29.60 10.88 -31.66
N GLU D 267 29.53 11.46 -30.46
CA GLU D 267 29.11 10.71 -29.29
C GLU D 267 27.66 10.31 -29.42
N ALA D 268 26.82 11.21 -29.96
CA ALA D 268 25.40 10.91 -30.06
C ALA D 268 25.17 9.79 -31.06
N THR D 269 25.87 9.82 -32.19
CA THR D 269 25.70 8.76 -33.19
C THR D 269 26.20 7.41 -32.67
N TYR D 270 27.29 7.42 -31.89
CA TYR D 270 27.72 6.18 -31.23
C TYR D 270 26.71 5.67 -30.21
N ILE D 271 26.16 6.56 -29.40
CA ILE D 271 25.14 6.15 -28.44
C ILE D 271 23.84 5.77 -29.16
N PHE D 272 23.56 6.35 -30.31
CA PHE D 272 22.42 5.90 -31.11
C PHE D 272 22.62 4.50 -31.68
N GLU D 273 23.86 4.14 -32.00
CA GLU D 273 24.16 2.75 -32.32
C GLU D 273 24.04 1.85 -31.11
N VAL D 274 24.37 2.38 -29.94
CA VAL D 274 24.31 1.57 -28.73
C VAL D 274 22.86 1.38 -28.31
N ALA D 275 22.08 2.45 -28.31
CA ALA D 275 20.69 2.40 -27.86
C ALA D 275 19.82 1.66 -28.86
N ASN D 276 20.17 1.69 -30.16
CA ASN D 276 19.44 0.82 -31.05
C ASN D 276 19.93 -0.61 -30.93
N SER D 277 21.14 -0.81 -30.41
CA SER D 277 21.53 -2.16 -30.03
C SER D 277 20.92 -2.56 -28.68
N VAL D 278 20.46 -1.62 -27.87
CA VAL D 278 19.69 -1.97 -26.67
C VAL D 278 18.32 -2.50 -27.05
N GLY D 279 17.60 -1.78 -27.90
CA GLY D 279 16.22 -2.08 -28.22
C GLY D 279 15.25 -1.02 -27.74
N LEU D 280 15.75 0.14 -27.32
CA LEU D 280 14.98 1.25 -26.78
C LEU D 280 14.82 2.37 -27.80
N THR D 281 14.57 2.01 -29.05
CA THR D 281 14.73 2.91 -30.19
C THR D 281 13.64 3.98 -30.25
N GLY D 282 13.67 4.73 -31.36
CA GLY D 282 12.95 5.97 -31.59
C GLY D 282 11.44 5.89 -31.48
N TYR D 283 10.86 4.70 -31.59
CA TYR D 283 9.41 4.65 -31.49
C TYR D 283 8.99 4.56 -30.03
N GLY D 284 9.63 3.67 -29.28
CA GLY D 284 9.28 3.49 -27.89
C GLY D 284 9.74 4.67 -27.07
N TYR D 285 11.06 4.92 -27.03
CA TYR D 285 11.64 5.91 -26.14
C TYR D 285 12.34 7.02 -26.94
N THR D 286 11.72 8.20 -26.97
CA THR D 286 12.22 9.32 -27.75
C THR D 286 13.25 10.14 -26.98
N TRP D 287 14.29 10.58 -27.67
CA TRP D 287 15.35 11.41 -27.11
C TRP D 287 15.09 12.88 -27.38
N ILE D 288 15.72 13.73 -26.55
CA ILE D 288 15.60 15.18 -26.62
C ILE D 288 16.99 15.77 -26.42
N VAL D 289 17.44 16.58 -27.37
CA VAL D 289 18.78 17.13 -27.32
C VAL D 289 18.69 18.65 -27.31
N PRO D 290 19.76 19.33 -26.93
CA PRO D 290 20.02 20.67 -27.43
C PRO D 290 20.88 20.59 -28.70
N SER D 291 21.01 21.76 -29.36
CA SER D 291 21.75 21.83 -30.62
C SER D 291 23.23 21.54 -30.46
N LEU D 292 23.78 21.76 -29.27
CA LEU D 292 25.19 21.44 -29.03
C LEU D 292 25.40 19.93 -29.07
N VAL D 293 24.42 19.17 -28.59
CA VAL D 293 24.45 17.72 -28.78
C VAL D 293 24.23 17.37 -30.24
N ALA D 294 23.34 18.12 -30.93
CA ALA D 294 23.14 17.90 -32.35
C ALA D 294 24.32 18.38 -33.19
N GLY D 295 25.17 19.25 -32.62
CA GLY D 295 26.30 19.79 -33.35
C GLY D 295 25.86 20.70 -34.48
N ASP D 296 26.13 20.28 -35.71
CA ASP D 296 25.55 20.94 -36.86
C ASP D 296 24.06 20.63 -36.94
N THR D 297 23.26 21.65 -37.19
CA THR D 297 21.82 21.48 -37.34
C THR D 297 21.40 21.21 -38.77
N ASP D 298 22.32 20.66 -39.59
CA ASP D 298 22.04 20.43 -41.00
C ASP D 298 22.61 19.10 -41.45
N THR D 299 22.46 18.05 -40.64
CA THR D 299 22.98 16.74 -40.99
C THR D 299 22.23 15.64 -40.24
N VAL D 300 22.04 14.51 -40.93
CA VAL D 300 21.90 13.22 -40.27
C VAL D 300 23.17 12.47 -40.65
N PRO D 301 24.15 12.37 -39.75
CA PRO D 301 25.41 11.73 -40.11
C PRO D 301 25.28 10.24 -40.34
N SER D 302 24.88 9.51 -39.31
CA SER D 302 24.75 8.07 -39.49
C SER D 302 23.44 7.50 -38.95
N GLU D 303 23.03 7.93 -37.77
CA GLU D 303 22.17 7.08 -36.95
C GLU D 303 21.11 7.88 -36.20
N PHE D 304 20.65 8.99 -36.76
CA PHE D 304 19.71 9.83 -36.06
C PHE D 304 18.31 9.24 -36.10
N PRO D 305 17.71 8.89 -34.97
CA PRO D 305 16.36 8.34 -34.98
C PRO D 305 15.33 9.43 -35.24
N THR D 306 14.14 8.97 -35.63
CA THR D 306 13.13 9.86 -36.17
C THR D 306 12.47 10.69 -35.07
N GLY D 307 12.21 11.96 -35.37
CA GLY D 307 11.40 12.79 -34.50
C GLY D 307 12.04 13.18 -33.19
N LEU D 308 13.27 13.69 -33.24
CA LEU D 308 13.92 14.19 -32.05
C LEU D 308 13.82 15.71 -31.97
N ILE D 309 14.17 16.23 -30.80
CA ILE D 309 13.75 17.56 -30.36
C ILE D 309 15.00 18.38 -30.08
N SER D 310 15.02 19.63 -30.56
CA SER D 310 16.21 20.48 -30.44
C SER D 310 15.85 21.94 -30.60
N VAL D 311 16.69 22.82 -30.04
CA VAL D 311 16.58 24.27 -30.13
C VAL D 311 17.97 24.84 -30.38
N SER D 312 18.10 25.80 -31.31
CA SER D 312 19.14 26.82 -31.15
C SER D 312 18.62 28.27 -31.17
N TYR D 313 17.70 28.70 -32.04
CA TYR D 313 17.50 28.39 -33.46
C TYR D 313 17.14 29.68 -34.23
N ASP D 314 16.91 30.77 -33.50
CA ASP D 314 16.42 32.00 -34.12
C ASP D 314 17.43 32.67 -35.04
N GLU D 315 18.72 32.32 -34.93
CA GLU D 315 19.73 32.80 -35.87
C GLU D 315 19.53 32.21 -37.26
N TRP D 316 18.89 31.05 -37.37
CA TRP D 316 18.50 30.52 -38.68
C TRP D 316 17.45 31.41 -39.33
N ASP D 317 16.52 31.96 -38.54
CA ASP D 317 15.58 32.94 -39.06
C ASP D 317 16.26 34.27 -39.39
N TYR D 318 17.39 34.57 -38.74
CA TYR D 318 18.11 35.80 -39.01
C TYR D 318 18.79 35.76 -40.37
N GLY D 319 19.58 34.73 -40.63
CA GLY D 319 20.45 34.80 -41.76
C GLY D 319 21.57 35.79 -41.49
N LEU D 320 22.25 36.17 -42.58
CA LEU D 320 23.40 37.06 -42.45
C LEU D 320 23.01 38.47 -42.01
N PRO D 321 22.25 39.27 -42.79
CA PRO D 321 22.20 40.72 -42.50
C PRO D 321 21.44 41.10 -41.25
N ALA D 322 20.55 40.23 -40.74
CA ALA D 322 19.97 40.47 -39.42
C ALA D 322 21.00 40.35 -38.30
N ARG D 323 21.90 39.35 -38.37
CA ARG D 323 22.95 39.27 -37.38
C ARG D 323 24.04 40.32 -37.60
N VAL D 324 24.18 40.81 -38.83
CA VAL D 324 25.03 41.96 -39.08
C VAL D 324 24.46 43.21 -38.43
N ARG D 325 23.14 43.41 -38.57
CA ARG D 325 22.48 44.53 -37.91
C ARG D 325 22.45 44.33 -36.41
N ASP D 326 22.58 43.09 -35.95
CA ASP D 326 22.65 42.80 -34.54
C ASP D 326 23.97 43.34 -34.00
N GLY D 327 25.09 42.80 -34.50
CA GLY D 327 26.36 43.08 -33.86
C GLY D 327 26.86 44.47 -34.14
N ILE D 328 26.47 45.06 -35.29
CA ILE D 328 26.97 46.38 -35.64
C ILE D 328 26.30 47.40 -34.75
N ALA D 329 24.98 47.29 -34.62
CA ALA D 329 24.25 48.26 -33.82
C ALA D 329 24.53 48.07 -32.34
N ILE D 330 24.84 46.84 -31.91
CA ILE D 330 25.23 46.66 -30.51
C ILE D 330 26.57 47.35 -30.20
N ILE D 331 27.55 47.22 -31.10
CA ILE D 331 28.80 47.97 -30.93
C ILE D 331 28.58 49.48 -30.96
N THR D 332 27.78 49.98 -31.90
CA THR D 332 27.56 51.43 -31.99
C THR D 332 26.74 51.96 -30.82
N THR D 333 25.81 51.15 -30.31
CA THR D 333 25.01 51.57 -29.17
C THR D 333 25.85 51.60 -27.92
N ALA D 334 26.63 50.55 -27.66
CA ALA D 334 27.37 50.50 -26.40
C ALA D 334 28.52 51.50 -26.43
N ALA D 335 29.01 51.81 -27.63
CA ALA D 335 29.95 52.91 -27.78
C ALA D 335 29.29 54.24 -27.42
N SER D 336 28.07 54.47 -27.90
CA SER D 336 27.41 55.70 -27.50
C SER D 336 26.91 55.64 -26.06
N ASP D 337 26.83 54.45 -25.48
CA ASP D 337 26.53 54.29 -24.06
C ASP D 337 27.65 54.87 -23.22
N MET D 338 28.88 54.46 -23.52
CA MET D 338 30.03 55.07 -22.86
C MET D 338 30.14 56.56 -23.21
N LEU D 339 30.22 56.87 -24.50
CA LEU D 339 30.42 58.23 -25.01
C LEU D 339 29.23 59.17 -24.79
N SER D 340 28.14 58.75 -24.15
CA SER D 340 27.07 59.67 -23.80
C SER D 340 27.55 60.77 -22.87
N GLU D 341 28.44 60.45 -21.95
CA GLU D 341 28.99 61.45 -21.05
C GLU D 341 30.49 61.44 -20.99
N HIS D 342 31.14 60.33 -21.36
CA HIS D 342 32.58 60.31 -21.48
C HIS D 342 32.97 61.07 -22.73
N SER D 343 34.13 61.72 -22.66
CA SER D 343 34.53 62.61 -23.75
C SER D 343 35.12 61.84 -24.92
N PHE D 344 35.67 60.66 -24.71
CA PHE D 344 36.45 60.01 -25.77
C PHE D 344 36.30 58.50 -25.65
N ILE D 345 37.20 57.77 -26.30
CA ILE D 345 37.24 56.30 -26.30
C ILE D 345 38.71 55.90 -26.31
N PRO D 346 39.09 54.82 -25.62
CA PRO D 346 40.49 54.35 -25.69
C PRO D 346 40.91 53.89 -27.08
N GLU D 347 42.08 54.38 -27.47
CA GLU D 347 42.68 54.16 -28.78
C GLU D 347 43.19 52.72 -28.90
N PRO D 348 43.25 52.16 -30.11
CA PRO D 348 43.76 50.79 -30.25
C PRO D 348 45.27 50.77 -30.13
N LYS D 349 45.78 49.74 -29.47
CA LYS D 349 47.19 49.68 -29.17
C LYS D 349 47.99 49.23 -30.37
N SER D 350 49.13 49.90 -30.59
CA SER D 350 49.84 49.88 -31.86
C SER D 350 50.41 48.52 -32.24
N SER D 351 50.59 47.63 -31.26
CA SER D 351 51.20 46.33 -31.53
C SER D 351 50.66 45.34 -30.52
N CYS D 352 50.06 44.26 -31.00
CA CYS D 352 49.33 43.36 -30.11
C CYS D 352 50.29 42.60 -29.20
N TYR D 353 51.31 41.98 -29.79
CA TYR D 353 52.25 41.19 -29.02
C TYR D 353 53.40 42.01 -28.44
N ASN D 354 53.41 43.33 -28.67
CA ASN D 354 54.38 44.19 -28.00
C ASN D 354 53.72 45.41 -27.36
N THR D 355 52.48 45.30 -26.89
CA THR D 355 51.94 46.44 -26.15
C THR D 355 52.52 46.51 -24.73
N HIS D 356 52.07 45.61 -23.85
CA HIS D 356 52.72 45.20 -22.61
C HIS D 356 52.95 46.30 -21.56
N GLU D 357 52.66 47.55 -21.90
CA GLU D 357 52.71 48.67 -20.97
C GLU D 357 51.47 49.53 -21.11
N LYS D 358 50.93 49.59 -22.32
CA LYS D 358 49.78 50.45 -22.57
C LYS D 358 48.46 49.77 -22.29
N ARG D 359 48.44 48.43 -22.22
CA ARG D 359 47.20 47.71 -21.95
C ARG D 359 46.75 47.90 -20.50
N ILE D 360 47.68 48.14 -19.58
CA ILE D 360 47.32 48.33 -18.18
C ILE D 360 46.84 49.74 -17.89
N TYR D 361 46.89 50.64 -18.88
CA TYR D 361 46.40 52.00 -18.70
C TYR D 361 44.89 52.04 -18.50
N GLN D 362 44.17 51.02 -18.95
CA GLN D 362 42.71 50.99 -18.88
C GLN D 362 42.29 49.76 -18.08
N SER D 363 41.93 49.98 -16.83
CA SER D 363 40.94 49.09 -16.25
C SER D 363 39.67 49.34 -17.04
N ASN D 364 39.33 48.39 -17.91
CA ASN D 364 38.37 48.60 -18.98
C ASN D 364 36.94 48.89 -18.50
N MET D 365 36.31 47.90 -17.88
CA MET D 365 35.04 47.98 -17.14
C MET D 365 33.87 48.53 -17.98
N LEU D 366 33.92 48.43 -19.30
CA LEU D 366 32.82 48.93 -20.11
C LEU D 366 31.72 47.91 -20.31
N ASN D 367 31.84 46.73 -19.70
CA ASN D 367 30.78 45.73 -19.78
C ASN D 367 29.57 46.11 -18.95
N ARG D 368 29.70 47.08 -18.03
CA ARG D 368 28.52 47.76 -17.48
C ARG D 368 27.66 48.36 -18.59
N TYR D 369 28.28 48.85 -19.65
CA TYR D 369 27.53 49.48 -20.73
C TYR D 369 27.28 48.50 -21.86
N LEU D 370 28.04 47.41 -21.93
CA LEU D 370 27.86 46.41 -22.96
C LEU D 370 26.77 45.43 -22.60
N ILE D 371 26.54 45.19 -21.30
CA ILE D 371 25.55 44.19 -20.91
C ILE D 371 24.13 44.73 -21.06
N ASN D 372 23.94 46.05 -21.09
CA ASN D 372 22.61 46.63 -21.17
C ASN D 372 22.55 47.47 -22.45
N VAL D 373 22.17 46.82 -23.55
CA VAL D 373 22.05 47.47 -24.85
C VAL D 373 20.70 47.13 -25.43
N THR D 374 19.91 48.14 -25.78
CA THR D 374 18.61 47.95 -26.38
C THR D 374 18.58 48.64 -27.74
N PHE D 375 18.23 47.88 -28.78
CA PHE D 375 18.15 48.43 -30.13
C PHE D 375 16.83 48.03 -30.73
N GLU D 376 16.11 49.03 -31.28
CA GLU D 376 14.79 48.87 -31.88
C GLU D 376 13.79 48.23 -30.91
N GLY D 377 13.85 48.66 -29.65
CA GLY D 377 12.99 48.12 -28.62
C GLY D 377 13.30 46.71 -28.17
N ARG D 378 14.44 46.16 -28.58
CA ARG D 378 14.84 44.81 -28.20
C ARG D 378 16.05 44.89 -27.29
N ASP D 379 15.86 44.57 -26.02
CA ASP D 379 16.93 44.64 -25.01
C ASP D 379 17.85 43.46 -25.22
N LEU D 380 18.90 43.65 -26.00
CA LEU D 380 19.91 42.60 -26.14
C LEU D 380 20.77 42.64 -24.88
N SER D 381 20.23 42.03 -23.82
CA SER D 381 20.85 42.03 -22.50
C SER D 381 21.48 40.69 -22.21
N PHE D 382 22.71 40.71 -21.74
CA PHE D 382 23.44 39.48 -21.50
C PHE D 382 23.52 39.20 -20.00
N SER D 383 24.10 38.05 -19.68
CA SER D 383 24.52 37.76 -18.33
C SER D 383 25.99 38.14 -18.21
N GLU D 384 26.62 37.77 -17.09
CA GLU D 384 28.05 38.04 -16.93
C GLU D 384 28.90 37.19 -17.87
N ASP D 385 28.40 36.00 -18.27
CA ASP D 385 29.07 35.16 -19.24
C ASP D 385 28.52 35.35 -20.64
N GLY D 386 27.92 36.50 -20.93
CA GLY D 386 27.49 36.84 -22.27
C GLY D 386 26.35 36.00 -22.82
N TYR D 387 25.58 35.35 -21.97
CA TYR D 387 24.40 34.62 -22.42
C TYR D 387 23.22 35.56 -22.41
N GLN D 388 22.52 35.64 -23.54
CA GLN D 388 21.46 36.62 -23.72
C GLN D 388 20.27 36.29 -22.83
N MET D 389 19.81 37.29 -22.08
CA MET D 389 18.69 37.07 -21.17
C MET D 389 17.35 37.01 -21.89
N HIS D 390 17.23 37.65 -23.04
CA HIS D 390 16.00 37.64 -23.83
C HIS D 390 16.25 37.25 -25.28
N PRO D 391 16.62 35.99 -25.56
CA PRO D 391 16.67 35.58 -26.96
C PRO D 391 15.35 34.95 -27.41
N LYS D 392 15.29 34.49 -28.65
CA LYS D 392 14.14 33.73 -29.12
C LYS D 392 14.58 32.29 -29.36
N LEU D 393 13.69 31.36 -29.02
CA LEU D 393 13.98 29.94 -29.12
C LEU D 393 12.98 29.28 -30.04
N VAL D 394 13.47 28.70 -31.14
CA VAL D 394 12.62 28.03 -32.10
C VAL D 394 12.77 26.52 -31.88
N ILE D 395 11.71 25.88 -31.43
CA ILE D 395 11.72 24.45 -31.14
C ILE D 395 11.36 23.68 -32.40
N ILE D 396 12.16 22.67 -32.73
CA ILE D 396 12.13 21.99 -34.02
C ILE D 396 12.15 20.47 -33.80
N LEU D 397 11.29 19.75 -34.51
CA LEU D 397 11.31 18.29 -34.55
C LEU D 397 12.17 17.83 -35.73
N LEU D 398 12.66 16.60 -35.63
CA LEU D 398 13.25 15.91 -36.78
C LEU D 398 12.17 15.35 -37.69
N ASN D 399 12.61 14.50 -38.64
CA ASN D 399 11.74 13.78 -39.54
C ASN D 399 12.40 12.44 -39.81
N LYS D 400 11.62 11.47 -40.31
CA LYS D 400 12.21 10.22 -40.76
C LYS D 400 13.16 10.41 -41.94
N GLU D 401 12.83 11.34 -42.83
CA GLU D 401 13.63 11.57 -44.03
C GLU D 401 14.52 12.79 -43.92
N ARG D 402 14.11 13.78 -43.13
CA ARG D 402 14.87 15.01 -42.99
C ARG D 402 15.63 15.00 -41.67
N LYS D 403 16.47 16.01 -41.53
CA LYS D 403 17.31 16.21 -40.36
C LYS D 403 16.71 17.13 -39.31
N TRP D 404 15.65 17.87 -39.65
CA TRP D 404 14.86 18.71 -38.77
C TRP D 404 13.66 19.22 -39.55
N GLU D 405 12.49 19.32 -38.91
CA GLU D 405 11.36 19.98 -39.56
C GLU D 405 10.87 21.19 -38.78
N ARG D 406 10.18 21.00 -37.63
CA ARG D 406 9.51 22.05 -36.87
C ARG D 406 8.78 21.51 -35.63
N VAL D 407 8.68 22.33 -34.57
CA VAL D 407 7.67 22.14 -33.53
C VAL D 407 6.91 23.45 -33.31
N GLY D 408 7.65 24.54 -33.13
CA GLY D 408 7.04 25.83 -32.87
C GLY D 408 8.03 26.89 -32.48
N LYS D 409 7.79 27.62 -31.39
CA LYS D 409 8.72 28.66 -30.98
C LYS D 409 8.57 28.94 -29.50
N TRP D 410 9.53 29.71 -28.96
CA TRP D 410 9.56 30.12 -27.57
C TRP D 410 10.21 31.49 -27.51
N LYS D 411 9.57 32.42 -26.78
CA LYS D 411 10.11 33.78 -26.70
C LYS D 411 9.79 34.34 -25.31
N ASP D 412 10.73 34.14 -24.37
CA ASP D 412 10.79 34.83 -23.09
C ASP D 412 9.51 34.63 -22.27
N LYS D 413 9.35 33.37 -21.82
CA LYS D 413 8.17 32.89 -21.08
C LYS D 413 6.90 33.02 -21.91
N SER D 414 7.01 32.67 -23.19
CA SER D 414 5.87 32.55 -24.09
C SER D 414 6.10 31.33 -24.97
N LEU D 415 5.23 30.33 -24.85
CA LEU D 415 5.35 29.08 -25.59
C LEU D 415 4.29 29.04 -26.68
N GLN D 416 4.73 28.84 -27.93
CA GLN D 416 3.85 28.78 -29.08
C GLN D 416 4.20 27.51 -29.87
N MET D 417 3.36 26.49 -29.75
CA MET D 417 3.61 25.20 -30.39
C MET D 417 2.53 24.93 -31.43
N LYS D 418 2.79 23.93 -32.28
CA LYS D 418 1.90 23.60 -33.38
C LYS D 418 0.88 22.57 -32.90
N TYR D 419 -0.40 22.93 -33.04
CA TYR D 419 -1.60 22.07 -33.03
C TYR D 419 -1.96 21.52 -31.67
N TYR D 420 -1.08 21.70 -30.67
CA TYR D 420 -1.22 21.15 -29.32
C TYR D 420 -1.48 19.65 -29.32
N VAL D 421 -0.89 18.96 -30.29
CA VAL D 421 -1.03 17.51 -30.48
C VAL D 421 0.35 16.91 -30.32
N TRP D 422 0.47 15.91 -29.45
CA TRP D 422 1.71 15.16 -29.35
C TRP D 422 1.97 14.44 -30.67
N PRO D 423 3.08 14.73 -31.35
CA PRO D 423 3.36 14.05 -32.62
C PRO D 423 3.75 12.60 -32.38
N ARG D 424 3.24 11.72 -33.22
CA ARG D 424 3.37 10.29 -33.01
C ARG D 424 3.62 9.59 -34.34
N MET D 425 3.84 8.27 -34.26
CA MET D 425 4.10 7.46 -35.43
C MET D 425 2.97 6.46 -35.66
N ASP D 434 -3.41 -0.38 -30.77
CA ASP D 434 -3.87 0.82 -30.11
C ASP D 434 -3.87 0.67 -28.60
N ASP D 435 -3.57 1.75 -27.90
CA ASP D 435 -3.62 1.76 -26.44
C ASP D 435 -4.46 2.93 -25.95
N HIS D 436 -4.45 4.03 -26.71
CA HIS D 436 -5.15 5.23 -26.30
C HIS D 436 -6.59 5.14 -26.77
N LEU D 437 -7.51 5.61 -25.94
CA LEU D 437 -8.93 5.61 -26.26
C LEU D 437 -9.53 6.94 -25.90
N SER D 438 -10.08 7.62 -26.89
CA SER D 438 -10.73 8.90 -26.66
C SER D 438 -12.01 8.72 -25.84
N ILE D 439 -12.03 9.31 -24.65
CA ILE D 439 -13.11 9.15 -23.68
C ILE D 439 -13.89 10.45 -23.64
N VAL D 440 -15.18 10.38 -23.96
CA VAL D 440 -16.10 11.50 -23.82
C VAL D 440 -16.84 11.39 -22.49
N THR D 441 -17.02 12.51 -21.81
CA THR D 441 -17.65 12.51 -20.50
C THR D 441 -18.23 13.89 -20.19
N LEU D 442 -19.10 13.91 -19.18
CA LEU D 442 -19.71 15.13 -18.66
C LEU D 442 -19.36 15.29 -17.19
N GLU D 443 -19.14 16.54 -16.76
CA GLU D 443 -18.78 16.77 -15.36
C GLU D 443 -20.02 16.62 -14.48
N GLU D 444 -19.96 15.71 -13.51
CA GLU D 444 -20.98 15.64 -12.48
C GLU D 444 -20.33 15.29 -11.15
N ALA D 445 -20.32 16.25 -10.23
CA ALA D 445 -19.82 16.02 -8.89
C ALA D 445 -20.73 15.04 -8.14
N PRO D 446 -20.17 14.19 -7.27
CA PRO D 446 -18.77 14.06 -6.86
C PRO D 446 -17.94 13.17 -7.76
N PHE D 447 -18.58 12.62 -8.78
CA PHE D 447 -17.91 11.66 -9.65
C PHE D 447 -16.88 12.33 -10.56
N VAL D 448 -17.28 13.43 -11.20
CA VAL D 448 -16.37 14.22 -12.03
C VAL D 448 -16.35 15.64 -11.49
N ILE D 449 -15.17 16.14 -11.18
CA ILE D 449 -14.96 17.52 -10.73
C ILE D 449 -13.95 18.16 -11.66
N VAL D 450 -14.35 19.25 -12.32
CA VAL D 450 -13.48 19.97 -13.23
C VAL D 450 -13.08 21.29 -12.58
N GLU D 451 -11.81 21.38 -12.19
CA GLU D 451 -11.23 22.65 -11.82
C GLU D 451 -10.57 23.25 -13.06
N SER D 452 -10.03 24.44 -12.91
CA SER D 452 -9.21 25.03 -13.95
C SER D 452 -7.75 24.76 -13.61
N VAL D 453 -6.87 25.13 -14.52
CA VAL D 453 -5.45 24.96 -14.26
C VAL D 453 -4.97 26.04 -13.30
N ASP D 454 -3.82 25.77 -12.68
CA ASP D 454 -3.21 26.72 -11.77
C ASP D 454 -2.71 27.91 -12.58
N PRO D 455 -3.00 29.14 -12.16
CA PRO D 455 -2.51 30.31 -12.90
C PRO D 455 -1.00 30.46 -12.88
N LEU D 456 -0.31 29.95 -11.86
CA LEU D 456 1.14 30.08 -11.83
C LEU D 456 1.81 29.14 -12.83
N SER D 457 1.31 27.93 -13.00
CA SER D 457 1.96 27.00 -13.93
C SER D 457 1.20 26.85 -15.24
N GLY D 458 -0.08 26.53 -15.17
CA GLY D 458 -0.84 26.22 -16.36
C GLY D 458 -1.16 24.75 -16.52
N THR D 459 -1.01 23.96 -15.47
CA THR D 459 -1.20 22.51 -15.56
C THR D 459 -2.10 22.02 -14.44
N CYS D 460 -2.24 20.71 -14.35
CA CYS D 460 -2.99 20.10 -13.28
C CYS D 460 -2.07 19.68 -12.14
N MET D 461 -2.67 19.38 -11.00
CA MET D 461 -1.93 19.05 -9.79
C MET D 461 -1.66 17.55 -9.72
N ARG D 462 -1.19 17.09 -8.58
CA ARG D 462 -1.12 15.65 -8.32
C ARG D 462 -2.53 15.08 -8.21
N ASN D 463 -2.71 13.87 -8.74
CA ASN D 463 -3.99 13.13 -8.72
C ASN D 463 -5.09 13.88 -9.45
N THR D 464 -4.72 14.66 -10.46
CA THR D 464 -5.66 15.29 -11.37
C THR D 464 -5.21 15.06 -12.80
N VAL D 465 -6.17 15.07 -13.71
CA VAL D 465 -5.91 14.77 -15.13
C VAL D 465 -6.38 15.96 -15.97
N PRO D 466 -5.79 16.19 -17.14
CA PRO D 466 -6.21 17.33 -17.96
C PRO D 466 -7.54 17.09 -18.66
N CYS D 467 -8.34 18.14 -18.74
CA CYS D 467 -9.58 18.11 -19.48
C CYS D 467 -9.34 18.59 -20.90
N GLN D 468 -10.23 18.18 -21.80
CA GLN D 468 -10.25 18.67 -23.17
C GLN D 468 -11.69 18.99 -23.54
N LYS D 469 -11.97 20.28 -23.74
CA LYS D 469 -13.31 20.74 -24.07
C LYS D 469 -13.24 21.72 -25.22
N ARG D 470 -14.22 21.64 -26.12
CA ARG D 470 -14.17 22.41 -27.36
C ARG D 470 -14.41 23.90 -27.09
N ILE D 471 -13.47 24.71 -27.53
CA ILE D 471 -13.66 26.16 -27.55
C ILE D 471 -14.69 26.48 -28.64
N ILE D 472 -15.89 26.86 -28.22
CA ILE D 472 -17.01 27.03 -29.14
C ILE D 472 -17.09 28.48 -29.63
N PRO D 481 -10.15 25.61 -31.64
CA PRO D 481 -9.05 24.68 -31.39
C PRO D 481 -9.40 23.61 -30.36
N GLY D 482 -10.35 23.93 -29.48
CA GLY D 482 -10.70 23.01 -28.43
C GLY D 482 -9.71 22.87 -27.31
N TYR D 483 -8.71 23.74 -27.22
CA TYR D 483 -7.74 23.67 -26.13
C TYR D 483 -8.08 24.75 -25.11
N ILE D 484 -9.10 24.46 -24.32
CA ILE D 484 -9.48 25.28 -23.20
C ILE D 484 -8.94 24.71 -21.89
N LYS D 485 -7.98 23.79 -22.01
CA LYS D 485 -7.63 22.69 -21.12
C LYS D 485 -7.73 22.99 -19.63
N LYS D 486 -8.51 22.19 -18.93
CA LYS D 486 -8.84 22.39 -17.53
C LYS D 486 -8.32 21.21 -16.71
N CYS D 487 -8.64 21.22 -15.42
CA CYS D 487 -8.15 20.20 -14.48
C CYS D 487 -9.30 19.30 -14.04
N CYS D 488 -9.42 18.14 -14.67
CA CYS D 488 -10.42 17.18 -14.28
C CYS D 488 -9.94 16.38 -13.08
N LYS D 489 -10.90 16.00 -12.23
CA LYS D 489 -10.68 15.06 -11.13
C LYS D 489 -12.03 14.52 -10.69
N GLY D 490 -12.06 13.87 -9.55
CA GLY D 490 -13.31 13.35 -9.05
C GLY D 490 -13.18 11.91 -8.64
N PHE D 491 -14.34 11.30 -8.35
CA PHE D 491 -14.36 9.97 -7.76
C PHE D 491 -14.02 8.89 -8.79
N CYS D 492 -14.76 8.84 -9.90
CA CYS D 492 -14.57 7.77 -10.87
C CYS D 492 -13.31 7.91 -11.70
N ILE D 493 -12.65 9.08 -11.65
CA ILE D 493 -11.37 9.26 -12.30
C ILE D 493 -10.30 8.31 -11.76
N ASP D 494 -10.22 8.13 -10.44
CA ASP D 494 -9.21 7.21 -9.90
C ASP D 494 -9.54 5.77 -10.25
N ILE D 495 -10.83 5.46 -10.41
CA ILE D 495 -11.25 4.15 -10.90
C ILE D 495 -10.72 3.93 -12.30
N LEU D 496 -10.89 4.94 -13.16
CA LEU D 496 -10.32 4.86 -14.49
C LEU D 496 -8.80 4.76 -14.47
N LYS D 497 -8.15 5.42 -13.50
CA LYS D 497 -6.70 5.29 -13.33
C LYS D 497 -6.27 3.86 -12.98
N LYS D 498 -7.04 3.18 -12.13
CA LYS D 498 -6.75 1.78 -11.86
C LYS D 498 -7.07 0.90 -13.05
N ILE D 499 -8.08 1.27 -13.83
CA ILE D 499 -8.40 0.46 -15.00
C ILE D 499 -7.30 0.60 -16.03
N SER D 500 -6.79 1.82 -16.22
CA SER D 500 -5.70 2.08 -17.15
C SER D 500 -4.40 1.47 -16.67
N LYS D 501 -4.28 1.15 -15.38
CA LYS D 501 -3.10 0.42 -14.94
C LYS D 501 -3.29 -1.08 -15.12
N SER D 502 -4.53 -1.54 -14.99
CA SER D 502 -4.79 -2.98 -15.03
C SER D 502 -4.73 -3.51 -16.46
N VAL D 503 -5.42 -2.83 -17.38
CA VAL D 503 -5.46 -3.23 -18.78
C VAL D 503 -4.41 -2.50 -19.63
N LYS D 504 -3.59 -1.64 -19.01
CA LYS D 504 -2.41 -1.02 -19.62
C LYS D 504 -2.77 -0.13 -20.81
N PHE D 505 -3.83 0.66 -20.67
CA PHE D 505 -4.30 1.48 -21.77
C PHE D 505 -4.08 2.94 -21.42
N THR D 506 -3.71 3.75 -22.41
CA THR D 506 -3.75 5.19 -22.24
C THR D 506 -5.09 5.70 -22.76
N TYR D 507 -5.26 7.02 -22.86
CA TYR D 507 -6.56 7.57 -23.21
C TYR D 507 -6.41 9.02 -23.66
N ASP D 508 -7.54 9.67 -23.88
CA ASP D 508 -7.65 11.11 -24.03
C ASP D 508 -8.96 11.55 -23.36
N LEU D 509 -8.91 12.61 -22.56
CA LEU D 509 -10.06 13.01 -21.75
C LEU D 509 -10.82 14.17 -22.41
N TYR D 510 -11.64 13.81 -23.40
CA TYR D 510 -12.50 14.77 -24.08
C TYR D 510 -13.80 14.97 -23.31
N LEU D 511 -14.37 16.17 -23.40
CA LEU D 511 -15.58 16.52 -22.69
C LEU D 511 -16.80 16.68 -23.60
N VAL D 512 -17.98 16.45 -22.99
CA VAL D 512 -19.26 16.65 -23.64
C VAL D 512 -19.48 18.13 -23.88
N THR D 513 -19.71 18.51 -25.13
CA THR D 513 -19.98 19.90 -25.47
C THR D 513 -21.40 20.14 -25.94
N ASN D 514 -22.08 19.14 -26.46
CA ASN D 514 -23.40 19.30 -27.05
C ASN D 514 -24.34 18.24 -26.49
N GLY D 515 -25.50 18.68 -26.00
CA GLY D 515 -26.40 17.81 -25.28
C GLY D 515 -25.92 17.54 -23.87
N LYS D 516 -26.70 16.75 -23.15
CA LYS D 516 -26.39 16.41 -21.77
C LYS D 516 -26.08 14.93 -21.58
N HIS D 517 -27.01 14.05 -21.93
CA HIS D 517 -26.84 12.64 -21.59
C HIS D 517 -27.35 11.68 -22.65
N GLY D 518 -27.75 12.16 -23.83
CA GLY D 518 -28.43 11.28 -24.75
C GLY D 518 -29.95 11.35 -24.71
N LYS D 519 -30.50 12.53 -24.92
CA LYS D 519 -31.93 12.65 -25.16
C LYS D 519 -32.18 12.41 -26.63
N LYS D 520 -33.00 11.41 -26.93
CA LYS D 520 -33.24 11.02 -28.32
C LYS D 520 -34.23 11.96 -28.99
N ILE D 521 -33.80 12.56 -30.10
CA ILE D 521 -34.60 13.54 -30.83
C ILE D 521 -34.78 13.02 -32.24
N ASN D 522 -36.04 12.69 -32.59
CA ASN D 522 -36.43 12.09 -33.86
C ASN D 522 -35.65 10.83 -34.15
N GLY D 523 -35.43 10.02 -33.12
CA GLY D 523 -34.60 8.84 -33.25
C GLY D 523 -33.11 9.07 -33.15
N THR D 524 -32.67 10.32 -32.99
CA THR D 524 -31.25 10.62 -32.94
C THR D 524 -30.89 11.14 -31.56
N TRP D 525 -29.96 10.46 -30.90
CA TRP D 525 -29.48 10.89 -29.59
C TRP D 525 -28.59 12.11 -29.72
N ASN D 526 -28.70 13.02 -28.78
CA ASN D 526 -27.68 14.04 -28.57
C ASN D 526 -26.68 13.49 -27.55
N GLY D 527 -25.87 14.37 -26.96
CA GLY D 527 -25.20 14.05 -25.71
C GLY D 527 -24.08 13.04 -25.89
N MET D 528 -23.79 12.32 -24.80
CA MET D 528 -22.74 11.32 -24.81
C MET D 528 -23.15 10.09 -25.61
N ILE D 529 -24.44 9.79 -25.62
CA ILE D 529 -24.93 8.65 -26.38
C ILE D 529 -24.87 8.95 -27.87
N GLY D 530 -25.31 10.14 -28.29
CA GLY D 530 -25.16 10.52 -29.68
C GLY D 530 -23.72 10.70 -30.11
N GLU D 531 -22.84 10.99 -29.14
CA GLU D 531 -21.40 10.96 -29.40
C GLU D 531 -20.92 9.56 -29.69
N VAL D 532 -21.27 8.60 -28.84
CA VAL D 532 -20.68 7.27 -29.02
C VAL D 532 -21.36 6.54 -30.19
N VAL D 533 -22.64 6.85 -30.46
CA VAL D 533 -23.30 6.22 -31.59
C VAL D 533 -22.77 6.81 -32.89
N MET D 534 -22.23 8.03 -32.87
CA MET D 534 -21.29 8.37 -33.94
C MET D 534 -20.06 7.49 -33.76
N LYS D 535 -19.83 6.57 -34.70
CA LYS D 535 -18.94 5.43 -34.46
C LYS D 535 -17.47 5.86 -34.45
N ARG D 536 -17.07 6.45 -33.32
CA ARG D 536 -15.69 6.85 -33.10
C ARG D 536 -14.92 5.89 -32.19
N ALA D 537 -15.51 4.72 -31.87
CA ALA D 537 -15.01 3.78 -30.84
C ALA D 537 -14.77 4.48 -29.50
N TYR D 538 -15.70 5.37 -29.16
CA TYR D 538 -15.64 6.23 -27.99
C TYR D 538 -15.78 5.43 -26.70
N MET D 539 -15.43 6.07 -25.59
CA MET D 539 -15.67 5.53 -24.25
C MET D 539 -16.51 6.49 -23.43
N ALA D 540 -17.55 5.95 -22.78
CA ALA D 540 -18.48 6.69 -21.93
C ALA D 540 -18.22 6.34 -20.47
N VAL D 541 -17.77 7.31 -19.68
CA VAL D 541 -17.52 7.10 -18.26
C VAL D 541 -18.45 7.95 -17.40
N GLY D 542 -19.40 8.64 -18.01
CA GLY D 542 -20.35 9.44 -17.23
C GLY D 542 -21.32 8.59 -16.45
N SER D 543 -21.86 9.19 -15.40
CA SER D 543 -22.77 8.53 -14.47
C SER D 543 -24.16 8.39 -15.09
N LEU D 544 -24.32 7.36 -15.91
CA LEU D 544 -25.59 7.11 -16.58
C LEU D 544 -25.99 5.65 -16.44
N THR D 545 -27.29 5.41 -16.29
CA THR D 545 -27.84 4.07 -16.28
C THR D 545 -28.35 3.71 -17.67
N ILE D 546 -29.06 2.59 -17.77
CA ILE D 546 -29.77 2.21 -18.99
C ILE D 546 -31.26 2.12 -18.76
N ASN D 547 -32.01 2.42 -19.82
CA ASN D 547 -33.34 1.88 -20.04
C ASN D 547 -33.26 0.90 -21.21
N GLU D 548 -34.42 0.40 -21.63
CA GLU D 548 -34.45 -0.60 -22.69
C GLU D 548 -34.08 -0.03 -24.04
N GLU D 549 -34.31 1.26 -24.26
CA GLU D 549 -33.90 1.88 -25.49
C GLU D 549 -32.46 2.38 -25.47
N ARG D 550 -31.85 2.49 -24.31
CA ARG D 550 -30.41 2.71 -24.30
C ARG D 550 -29.68 1.42 -24.63
N SER D 551 -30.10 0.31 -24.00
CA SER D 551 -29.34 -0.94 -24.06
C SER D 551 -29.33 -1.57 -25.44
N GLU D 552 -30.28 -1.22 -26.32
CA GLU D 552 -30.16 -1.65 -27.70
C GLU D 552 -29.10 -0.84 -28.44
N VAL D 553 -28.97 0.45 -28.12
CA VAL D 553 -28.00 1.30 -28.79
C VAL D 553 -26.65 1.23 -28.10
N VAL D 554 -26.63 1.37 -26.78
CA VAL D 554 -25.40 1.44 -26.02
C VAL D 554 -25.17 0.07 -25.42
N ASP D 555 -23.92 -0.20 -25.01
CA ASP D 555 -23.49 -1.50 -24.54
C ASP D 555 -22.73 -1.31 -23.22
N PHE D 556 -23.45 -1.43 -22.10
CA PHE D 556 -22.80 -1.25 -20.80
C PHE D 556 -21.85 -2.40 -20.48
N SER D 557 -21.01 -2.14 -19.48
CA SER D 557 -20.27 -3.19 -18.78
C SER D 557 -21.08 -3.64 -17.57
N VAL D 558 -20.43 -4.38 -16.67
CA VAL D 558 -21.06 -4.71 -15.39
C VAL D 558 -21.28 -3.43 -14.59
N PRO D 559 -22.42 -3.25 -13.93
CA PRO D 559 -22.63 -2.07 -13.07
C PRO D 559 -21.77 -2.12 -11.82
N PHE D 560 -20.94 -1.10 -11.65
CA PHE D 560 -20.02 -1.06 -10.51
C PHE D 560 -20.70 -0.52 -9.25
N ILE D 561 -21.62 0.43 -9.39
CA ILE D 561 -22.30 1.02 -8.25
C ILE D 561 -23.80 0.81 -8.48
N GLU D 562 -24.57 0.85 -7.40
CA GLU D 562 -26.02 0.74 -7.48
C GLU D 562 -26.71 1.99 -7.00
N THR D 563 -27.75 2.39 -7.71
CA THR D 563 -28.52 3.58 -7.36
C THR D 563 -29.97 3.35 -7.75
N GLY D 564 -30.80 4.36 -7.50
CA GLY D 564 -32.21 4.24 -7.77
C GLY D 564 -32.86 5.60 -7.93
N ILE D 565 -34.19 5.59 -7.97
CA ILE D 565 -34.97 6.79 -8.19
C ILE D 565 -35.65 7.15 -6.87
N SER D 566 -35.38 8.36 -6.39
CA SER D 566 -35.91 8.84 -5.12
C SER D 566 -36.54 10.20 -5.32
N VAL D 567 -37.19 10.68 -4.26
CA VAL D 567 -37.66 12.06 -4.21
C VAL D 567 -36.98 12.69 -2.99
N MET D 568 -36.93 14.02 -2.99
CA MET D 568 -36.33 14.79 -1.90
C MET D 568 -37.37 15.73 -1.30
N VAL D 569 -37.54 15.63 0.02
CA VAL D 569 -38.41 16.52 0.75
C VAL D 569 -37.60 17.14 1.88
N SER D 570 -38.24 17.91 2.75
CA SER D 570 -37.57 18.51 3.88
C SER D 570 -38.19 18.00 5.19
N ARG D 571 -37.74 18.59 6.28
CA ARG D 571 -38.19 18.19 7.61
C ARG D 571 -39.52 18.83 7.98
N SER D 572 -40.22 18.15 8.88
CA SER D 572 -41.28 18.74 9.66
C SER D 572 -40.71 19.06 11.04
N ASN D 573 -41.57 19.48 11.96
CA ASN D 573 -41.12 19.80 13.32
C ASN D 573 -42.16 19.22 14.28
N GLY D 574 -41.83 18.08 14.88
CA GLY D 574 -42.72 17.43 15.82
C GLY D 574 -43.43 16.24 15.19
N THR D 575 -44.26 15.59 16.01
CA THR D 575 -45.06 14.46 15.56
C THR D 575 -46.41 14.50 16.27
N VAL D 576 -47.33 13.66 15.79
CA VAL D 576 -48.64 13.53 16.40
C VAL D 576 -48.57 12.41 17.42
N SER D 577 -49.12 12.66 18.61
CA SER D 577 -49.26 11.67 19.68
C SER D 577 -50.34 12.19 20.61
N PRO D 578 -51.61 11.95 20.30
CA PRO D 578 -52.70 12.70 20.97
C PRO D 578 -52.94 12.33 22.43
N SER D 579 -51.89 12.44 23.26
CA SER D 579 -51.89 12.25 24.72
C SER D 579 -52.40 10.89 25.16
N ALA D 580 -52.49 9.93 24.26
CA ALA D 580 -53.14 8.66 24.52
C ALA D 580 -52.13 7.60 24.12
N PHE D 581 -51.26 7.25 25.06
CA PHE D 581 -50.38 6.13 24.86
C PHE D 581 -50.76 4.99 25.80
N LEU D 582 -50.74 5.24 27.10
CA LEU D 582 -51.16 4.24 28.07
C LEU D 582 -52.67 4.27 28.34
N GLU D 583 -53.43 5.09 27.60
CA GLU D 583 -54.87 5.19 27.85
C GLU D 583 -55.66 3.91 27.54
N PRO D 584 -55.42 3.15 26.45
CA PRO D 584 -56.01 1.80 26.40
C PRO D 584 -55.23 0.79 27.25
N PHE D 585 -53.96 1.07 27.53
CA PHE D 585 -53.17 0.14 28.34
C PHE D 585 -53.59 0.17 29.80
N SER D 586 -53.62 1.37 30.40
CA SER D 586 -54.04 1.52 31.79
C SER D 586 -55.54 1.29 31.97
N ALA D 587 -56.33 1.27 30.88
CA ALA D 587 -57.76 1.02 31.02
C ALA D 587 -58.05 -0.39 31.51
N CYS D 588 -57.11 -1.32 31.27
CA CYS D 588 -57.21 -2.67 31.80
C CYS D 588 -57.09 -2.66 33.31
N VAL D 589 -56.40 -1.68 33.89
CA VAL D 589 -56.39 -1.54 35.33
C VAL D 589 -57.20 -0.33 35.78
N TRP D 590 -57.60 0.56 34.85
CA TRP D 590 -58.48 1.67 35.21
C TRP D 590 -59.86 1.18 35.61
N VAL D 591 -60.48 0.35 34.78
CA VAL D 591 -61.80 -0.14 35.17
C VAL D 591 -61.70 -1.18 36.28
N MET D 592 -60.51 -1.75 36.48
CA MET D 592 -60.26 -2.62 37.62
C MET D 592 -60.27 -1.83 38.92
N MET D 593 -59.55 -0.71 38.98
CA MET D 593 -59.61 0.09 40.19
C MET D 593 -60.92 0.84 40.30
N PHE D 594 -61.64 1.00 39.18
CA PHE D 594 -62.94 1.65 39.25
C PHE D 594 -63.92 0.74 39.97
N VAL D 595 -63.88 -0.56 39.68
CA VAL D 595 -64.76 -1.45 40.41
C VAL D 595 -64.22 -1.72 41.80
N MET D 596 -62.91 -1.52 42.04
CA MET D 596 -62.43 -1.55 43.42
C MET D 596 -62.95 -0.36 44.23
N LEU D 597 -63.09 0.79 43.57
CA LEU D 597 -63.75 1.93 44.21
C LEU D 597 -65.22 1.65 44.47
N LEU D 598 -65.86 0.87 43.59
CA LEU D 598 -67.25 0.52 43.85
C LEU D 598 -67.33 -0.48 44.99
N ILE D 599 -66.28 -1.30 45.13
CA ILE D 599 -66.28 -2.34 46.15
C ILE D 599 -66.11 -1.69 47.52
N VAL D 600 -65.16 -0.75 47.61
CA VAL D 600 -64.89 -0.16 48.92
C VAL D 600 -66.02 0.79 49.29
N SER D 601 -66.72 1.36 48.30
CA SER D 601 -67.88 2.17 48.62
C SER D 601 -69.03 1.29 49.11
N ALA D 602 -69.17 0.08 48.57
CA ALA D 602 -70.14 -0.87 49.09
C ALA D 602 -69.79 -1.34 50.50
N VAL D 603 -68.48 -1.48 50.78
CA VAL D 603 -68.04 -1.80 52.14
C VAL D 603 -68.35 -0.64 53.08
N ALA D 604 -68.08 0.60 52.66
CA ALA D 604 -68.38 1.77 53.47
C ALA D 604 -69.87 1.97 53.69
N VAL D 605 -70.70 1.44 52.78
CA VAL D 605 -72.14 1.40 53.02
C VAL D 605 -72.50 0.31 54.02
N PHE D 606 -71.96 -0.89 53.84
CA PHE D 606 -72.44 -2.05 54.61
C PHE D 606 -71.89 -2.05 56.03
N VAL D 607 -70.56 -2.02 56.19
CA VAL D 607 -69.95 -2.21 57.50
C VAL D 607 -70.10 -0.99 58.40
N PHE D 608 -70.49 0.15 57.85
CA PHE D 608 -70.74 1.35 58.64
C PHE D 608 -72.23 1.61 58.84
N GLU D 609 -73.04 0.55 58.85
CA GLU D 609 -74.41 0.67 59.32
C GLU D 609 -74.35 0.86 60.83
N TYR D 610 -74.27 2.11 61.25
CA TYR D 610 -73.68 2.46 62.53
C TYR D 610 -74.36 3.70 63.12
N VAL D 631 -75.65 9.41 53.09
CA VAL D 631 -74.37 10.11 53.07
C VAL D 631 -73.39 9.32 52.23
N THR D 632 -73.78 8.10 51.84
CA THR D 632 -72.95 7.23 51.02
C THR D 632 -73.68 6.67 49.81
N ILE D 633 -74.76 7.32 49.36
CA ILE D 633 -75.50 6.83 48.21
C ILE D 633 -74.72 7.04 46.92
N GLY D 634 -74.46 8.30 46.59
CA GLY D 634 -73.61 8.61 45.46
C GLY D 634 -72.40 9.42 45.87
N LYS D 635 -72.47 10.00 47.08
CA LYS D 635 -71.39 10.85 47.56
C LYS D 635 -70.15 10.04 47.86
N ALA D 636 -70.35 8.77 48.21
CA ALA D 636 -69.25 7.87 48.52
C ALA D 636 -68.46 7.51 47.29
N ILE D 637 -69.04 7.71 46.11
CA ILE D 637 -68.32 7.39 44.89
C ILE D 637 -67.40 8.55 44.54
N TRP D 638 -67.99 9.70 44.23
CA TRP D 638 -67.20 10.72 43.56
C TRP D 638 -66.34 11.50 44.55
N LEU D 639 -66.78 11.63 45.83
CA LEU D 639 -65.90 12.20 46.84
C LEU D 639 -64.70 11.29 47.10
N LEU D 640 -64.91 9.98 47.06
CA LEU D 640 -63.80 9.06 47.23
C LEU D 640 -63.23 8.63 45.90
N TRP D 641 -63.53 9.35 44.83
CA TRP D 641 -62.96 9.11 43.52
C TRP D 641 -62.00 10.21 43.14
N GLY D 642 -62.38 11.47 43.38
CA GLY D 642 -61.60 12.61 42.97
C GLY D 642 -60.30 12.79 43.72
N LEU D 643 -60.12 12.06 44.81
CA LEU D 643 -58.92 12.13 45.63
C LEU D 643 -57.70 11.53 44.94
N VAL D 644 -57.89 10.75 43.87
CA VAL D 644 -56.75 10.35 43.05
C VAL D 644 -56.22 11.51 42.21
N PHE D 645 -57.01 12.56 41.99
CA PHE D 645 -56.61 13.62 41.10
C PHE D 645 -56.31 14.92 41.83
N ASN D 646 -56.29 14.87 43.16
CA ASN D 646 -56.08 16.01 44.07
C ASN D 646 -57.06 17.13 43.79
N ASN D 647 -58.33 16.81 44.02
CA ASN D 647 -59.45 17.69 43.75
C ASN D 647 -59.50 18.80 44.80
N SER D 648 -60.33 19.81 44.54
CA SER D 648 -60.55 20.83 45.57
C SER D 648 -61.59 20.35 46.59
N VAL D 649 -62.84 20.28 46.16
CA VAL D 649 -63.90 19.31 46.49
C VAL D 649 -63.89 18.89 47.97
N PRO D 650 -64.42 19.71 48.86
CA PRO D 650 -64.53 19.30 50.27
C PRO D 650 -65.46 18.11 50.47
N VAL D 651 -64.87 16.99 50.84
CA VAL D 651 -65.61 15.74 50.96
C VAL D 651 -66.20 15.65 52.36
N GLN D 652 -67.18 14.76 52.51
CA GLN D 652 -67.77 14.52 53.82
C GLN D 652 -66.80 13.72 54.66
N ASN D 653 -66.27 14.33 55.71
CA ASN D 653 -65.30 13.67 56.56
C ASN D 653 -65.94 12.57 57.39
N PRO D 654 -65.50 11.32 57.28
CA PRO D 654 -66.16 10.23 58.01
C PRO D 654 -65.70 10.14 59.46
N LYS D 655 -66.15 9.10 60.17
CA LYS D 655 -65.65 8.85 61.51
C LYS D 655 -64.20 8.39 61.48
N GLY D 656 -63.57 8.42 62.64
CA GLY D 656 -62.23 7.87 62.74
C GLY D 656 -62.35 6.38 62.96
N THR D 657 -62.31 5.65 61.86
CA THR D 657 -62.64 4.24 61.77
C THR D 657 -61.75 3.64 60.69
N THR D 658 -62.13 2.45 60.20
CA THR D 658 -61.48 1.86 59.04
C THR D 658 -61.80 2.60 57.74
N SER D 659 -62.76 3.53 57.78
CA SER D 659 -63.04 4.43 56.67
C SER D 659 -61.79 5.20 56.26
N LYS D 660 -61.27 6.05 57.17
CA LYS D 660 -60.11 6.87 56.86
C LYS D 660 -58.85 6.04 56.71
N ILE D 661 -58.86 4.80 57.23
CA ILE D 661 -57.74 3.91 57.02
C ILE D 661 -57.72 3.49 55.57
N MET D 662 -58.87 3.09 55.04
CA MET D 662 -58.91 2.63 53.66
C MET D 662 -58.77 3.80 52.69
N VAL D 663 -59.08 5.02 53.15
CA VAL D 663 -58.76 6.21 52.36
C VAL D 663 -57.25 6.37 52.22
N SER D 664 -56.52 6.23 53.32
CA SER D 664 -55.05 6.32 53.24
C SER D 664 -54.44 5.18 52.44
N VAL D 665 -55.04 3.99 52.51
CA VAL D 665 -54.66 2.87 51.68
C VAL D 665 -54.86 3.17 50.20
N TRP D 666 -55.99 3.77 49.85
CA TRP D 666 -56.20 4.15 48.46
C TRP D 666 -55.31 5.33 48.06
N ALA D 667 -54.95 6.18 49.02
CA ALA D 667 -54.09 7.33 48.73
C ALA D 667 -52.67 6.91 48.39
N PHE D 668 -52.23 5.76 48.90
CA PHE D 668 -50.94 5.21 48.47
C PHE D 668 -50.97 4.85 47.00
N PHE D 669 -52.04 4.18 46.56
CA PHE D 669 -52.15 3.81 45.16
C PHE D 669 -52.42 5.03 44.29
N ALA D 670 -52.98 6.09 44.88
CA ALA D 670 -53.21 7.32 44.15
C ALA D 670 -51.89 7.99 43.81
N VAL D 671 -51.00 8.10 44.80
CA VAL D 671 -49.80 8.86 44.50
C VAL D 671 -48.84 8.00 43.69
N ILE D 672 -48.95 6.67 43.83
CA ILE D 672 -47.99 5.85 43.11
C ILE D 672 -48.45 5.71 41.66
N PHE D 673 -49.75 5.90 41.40
CA PHE D 673 -50.18 5.86 40.02
C PHE D 673 -49.92 7.19 39.34
N LEU D 674 -49.96 8.28 40.11
CA LEU D 674 -49.68 9.59 39.52
C LEU D 674 -48.20 9.67 39.14
N ALA D 675 -47.34 9.13 40.01
CA ALA D 675 -45.91 9.16 39.73
C ALA D 675 -45.56 8.24 38.60
N SER D 676 -46.27 7.12 38.47
CA SER D 676 -45.86 6.16 37.48
C SER D 676 -46.31 6.63 36.11
N TYR D 677 -47.51 7.22 36.03
CA TYR D 677 -47.99 7.73 34.75
C TYR D 677 -47.17 8.92 34.28
N THR D 678 -46.77 9.81 35.20
CA THR D 678 -45.93 10.93 34.79
C THR D 678 -44.54 10.50 34.36
N ALA D 679 -43.96 9.52 35.06
CA ALA D 679 -42.67 8.98 34.65
C ALA D 679 -42.72 8.22 33.32
N ASN D 680 -43.86 7.61 33.00
CA ASN D 680 -44.00 7.03 31.67
C ASN D 680 -44.15 8.11 30.62
N LEU D 681 -44.97 9.13 30.91
CA LEU D 681 -45.38 10.10 29.92
C LEU D 681 -44.20 10.93 29.46
N ALA D 682 -43.38 11.40 30.41
CA ALA D 682 -42.18 12.13 30.01
C ALA D 682 -41.18 11.21 29.30
N ALA D 683 -41.18 9.92 29.63
CA ALA D 683 -40.36 8.97 28.90
C ALA D 683 -40.88 8.65 27.50
N PHE D 684 -42.13 8.97 27.20
CA PHE D 684 -42.58 8.88 25.81
C PHE D 684 -42.24 10.10 24.97
N MET D 685 -42.01 11.25 25.60
CA MET D 685 -41.50 12.40 24.85
C MET D 685 -40.06 12.21 24.40
N ILE D 686 -39.31 11.34 25.05
CA ILE D 686 -37.94 11.04 24.65
C ILE D 686 -37.97 9.64 24.04
N GLN D 687 -36.92 9.33 23.26
CA GLN D 687 -36.69 8.01 22.64
C GLN D 687 -37.82 7.63 21.69
N GLU D 688 -38.34 8.61 20.97
CA GLU D 688 -39.48 8.43 20.08
C GLU D 688 -39.07 8.68 18.64
N GLU D 689 -39.42 7.77 17.75
CA GLU D 689 -39.13 7.92 16.34
C GLU D 689 -40.22 8.75 15.67
N TYR D 690 -39.80 9.59 14.73
CA TYR D 690 -40.66 10.57 14.08
C TYR D 690 -40.73 10.25 12.59
N VAL D 691 -41.92 9.89 12.15
CA VAL D 691 -42.14 9.27 10.85
C VAL D 691 -42.71 10.32 9.90
N ASP D 692 -42.25 10.29 8.64
CA ASP D 692 -42.79 11.11 7.58
C ASP D 692 -43.64 10.24 6.66
N GLN D 693 -44.26 10.87 5.67
CA GLN D 693 -45.36 10.26 4.93
C GLN D 693 -45.06 10.21 3.45
N VAL D 694 -43.80 9.96 3.09
CA VAL D 694 -43.40 10.16 1.71
C VAL D 694 -43.75 8.95 0.83
N SER D 695 -44.03 7.79 1.43
CA SER D 695 -44.28 6.62 0.59
C SER D 695 -45.70 6.57 0.05
N GLY D 696 -46.68 7.01 0.85
CA GLY D 696 -48.05 7.06 0.35
C GLY D 696 -48.29 8.18 -0.62
N LEU D 697 -47.61 9.32 -0.42
CA LEU D 697 -47.73 10.45 -1.32
C LEU D 697 -47.02 10.21 -2.65
N SER D 698 -46.13 9.21 -2.71
CA SER D 698 -45.66 8.67 -3.99
C SER D 698 -46.79 8.08 -4.81
N ASP D 699 -47.89 7.68 -4.17
CA ASP D 699 -49.15 7.40 -4.84
C ASP D 699 -50.17 8.51 -4.66
N LYS D 700 -50.39 8.96 -3.42
CA LYS D 700 -51.50 9.85 -3.11
C LYS D 700 -51.34 11.23 -3.72
N LYS D 701 -50.16 11.85 -3.56
CA LYS D 701 -49.95 13.13 -4.24
C LYS D 701 -49.73 12.93 -5.73
N PHE D 702 -49.38 11.73 -6.17
CA PHE D 702 -49.36 11.43 -7.59
C PHE D 702 -50.77 11.38 -8.16
N GLN D 703 -51.67 10.66 -7.49
CA GLN D 703 -53.03 10.57 -7.97
C GLN D 703 -53.79 11.88 -7.71
N ARG D 704 -53.57 12.49 -6.55
CA ARG D 704 -54.32 13.67 -6.14
C ARG D 704 -53.35 14.76 -5.69
N PRO D 705 -52.77 15.51 -6.64
CA PRO D 705 -51.90 16.62 -6.24
C PRO D 705 -52.66 17.86 -5.81
N ASN D 706 -53.92 18.00 -6.22
CA ASN D 706 -54.72 19.18 -5.94
C ASN D 706 -55.66 18.98 -4.76
N ASP D 707 -55.63 17.81 -4.13
CA ASP D 707 -56.61 17.47 -3.11
C ASP D 707 -56.44 18.29 -1.84
N PHE D 708 -55.22 18.37 -1.33
CA PHE D 708 -54.98 19.15 -0.12
C PHE D 708 -54.62 20.60 -0.42
N SER D 709 -53.57 20.83 -1.21
CA SER D 709 -53.22 22.20 -1.44
C SER D 709 -52.68 22.32 -2.86
N PRO D 710 -53.12 23.30 -3.64
CA PRO D 710 -52.42 23.66 -4.90
C PRO D 710 -50.98 24.12 -4.72
N PRO D 711 -50.57 24.69 -3.54
CA PRO D 711 -49.12 24.72 -3.28
C PRO D 711 -48.53 23.34 -3.02
N PHE D 712 -48.29 22.61 -4.11
CA PHE D 712 -47.52 21.35 -4.10
C PHE D 712 -46.61 21.49 -5.30
N ARG D 713 -45.42 22.02 -5.06
CA ARG D 713 -44.47 22.40 -6.11
C ARG D 713 -43.45 21.29 -6.26
N PHE D 714 -43.50 20.61 -7.40
CA PHE D 714 -42.81 19.37 -7.67
C PHE D 714 -41.46 19.62 -8.33
N GLY D 715 -40.58 18.63 -8.25
CA GLY D 715 -39.28 18.70 -8.90
C GLY D 715 -39.27 18.05 -10.27
N THR D 716 -38.09 18.09 -10.90
CA THR D 716 -37.91 17.51 -12.22
C THR D 716 -36.43 17.23 -12.46
N VAL D 717 -36.18 16.38 -13.45
CA VAL D 717 -34.85 16.15 -14.00
C VAL D 717 -34.92 16.55 -15.46
N PRO D 718 -34.77 17.82 -15.80
CA PRO D 718 -35.10 18.29 -17.15
C PRO D 718 -34.11 17.78 -18.19
N ASN D 719 -34.65 17.39 -19.36
CA ASN D 719 -33.93 16.63 -20.39
C ASN D 719 -33.28 15.37 -19.82
N GLY D 720 -34.00 14.68 -18.94
CA GLY D 720 -33.42 13.54 -18.28
C GLY D 720 -34.04 12.25 -18.76
N SER D 721 -33.29 11.15 -18.64
CA SER D 721 -33.79 9.85 -19.05
C SER D 721 -34.91 9.35 -18.14
N THR D 722 -34.89 9.77 -16.88
CA THR D 722 -35.92 9.39 -15.93
C THR D 722 -37.29 9.96 -16.26
N GLU D 723 -37.34 11.12 -16.94
CA GLU D 723 -38.63 11.71 -17.32
C GLU D 723 -39.45 10.82 -18.26
N ARG D 724 -38.81 10.17 -19.24
CA ARG D 724 -39.60 9.37 -20.16
C ARG D 724 -40.04 8.11 -19.45
N ASN D 725 -39.15 7.59 -18.59
CA ASN D 725 -39.34 6.29 -17.98
C ASN D 725 -40.51 6.36 -17.02
N ILE D 726 -40.64 7.47 -16.29
CA ILE D 726 -41.86 7.57 -15.50
C ILE D 726 -43.02 7.90 -16.43
N ARG D 727 -42.76 8.66 -17.52
CA ARG D 727 -43.84 9.06 -18.43
C ARG D 727 -44.43 7.86 -19.15
N ASN D 728 -43.61 6.84 -19.40
CA ASN D 728 -44.15 5.61 -19.96
C ASN D 728 -44.87 4.80 -18.90
N ASN D 729 -44.51 4.94 -17.63
CA ASN D 729 -45.09 4.08 -16.61
C ASN D 729 -45.93 4.85 -15.61
N TYR D 730 -45.36 5.81 -14.90
CA TYR D 730 -45.96 6.29 -13.66
C TYR D 730 -45.86 7.81 -13.58
N ALA D 731 -46.19 8.51 -14.68
CA ALA D 731 -46.16 9.97 -14.69
C ALA D 731 -47.42 10.53 -15.36
N GLU D 732 -48.57 10.21 -14.80
CA GLU D 732 -49.73 11.12 -14.93
C GLU D 732 -49.42 12.52 -14.42
N MET D 733 -48.45 12.65 -13.51
CA MET D 733 -47.79 13.91 -13.20
C MET D 733 -46.69 14.28 -14.18
N HIS D 734 -46.75 13.79 -15.44
CA HIS D 734 -46.08 14.58 -16.45
C HIS D 734 -46.99 15.69 -16.96
N ALA D 735 -48.24 15.69 -16.55
CA ALA D 735 -49.01 16.91 -16.47
C ALA D 735 -48.67 17.60 -15.17
N TYR D 736 -49.16 18.83 -15.00
CA TYR D 736 -49.11 19.63 -13.77
C TYR D 736 -47.66 20.02 -13.40
N MET D 737 -46.66 19.61 -14.19
CA MET D 737 -45.26 19.67 -13.84
C MET D 737 -44.44 20.45 -14.86
N GLY D 738 -45.03 20.83 -16.00
CA GLY D 738 -44.36 21.72 -16.92
C GLY D 738 -44.07 23.10 -16.36
N LYS D 739 -44.92 23.57 -15.45
CA LYS D 739 -44.62 24.75 -14.67
C LYS D 739 -43.51 24.53 -13.66
N PHE D 740 -43.14 23.29 -13.38
CA PHE D 740 -42.20 22.95 -12.32
C PHE D 740 -40.87 22.46 -12.88
N ASN D 741 -40.40 23.12 -13.93
CA ASN D 741 -39.17 22.76 -14.63
C ASN D 741 -38.04 23.68 -14.17
N GLN D 742 -36.96 23.09 -13.67
CA GLN D 742 -35.81 23.84 -13.18
C GLN D 742 -34.54 23.21 -13.74
N ARG D 743 -33.92 23.89 -14.71
CA ARG D 743 -32.62 23.50 -15.23
C ARG D 743 -31.54 24.09 -14.34
N GLY D 744 -30.68 23.24 -13.79
CA GLY D 744 -29.76 23.66 -12.76
C GLY D 744 -30.22 23.14 -11.41
N VAL D 745 -29.50 22.15 -10.88
CA VAL D 745 -29.96 21.45 -9.70
C VAL D 745 -29.81 22.30 -8.43
N ASP D 746 -28.76 23.12 -8.35
CA ASP D 746 -28.55 23.92 -7.14
C ASP D 746 -29.55 25.06 -7.00
N ASP D 747 -30.10 25.54 -8.11
CA ASP D 747 -31.21 26.48 -8.05
C ASP D 747 -32.43 25.82 -7.45
N ALA D 748 -32.71 24.57 -7.82
CA ALA D 748 -33.81 23.84 -7.20
C ALA D 748 -33.52 23.52 -5.75
N LEU D 749 -32.23 23.42 -5.41
CA LEU D 749 -31.82 23.17 -4.03
C LEU D 749 -32.16 24.37 -3.17
N LEU D 750 -31.68 25.53 -3.56
CA LEU D 750 -31.93 26.71 -2.75
C LEU D 750 -33.38 27.14 -2.80
N SER D 751 -34.11 26.83 -3.88
CA SER D 751 -35.56 27.06 -3.91
C SER D 751 -36.30 26.23 -2.88
N LEU D 752 -36.06 24.91 -2.85
CA LEU D 752 -36.71 24.11 -1.81
C LEU D 752 -36.17 24.40 -0.42
N LYS D 753 -34.94 24.90 -0.30
CA LYS D 753 -34.46 25.32 1.01
C LYS D 753 -35.18 26.55 1.53
N THR D 754 -35.62 27.44 0.64
CA THR D 754 -36.55 28.49 1.04
C THR D 754 -38.00 28.06 0.87
N GLY D 755 -38.24 26.78 0.58
CA GLY D 755 -39.58 26.26 0.43
C GLY D 755 -40.26 26.49 -0.90
N LYS D 756 -39.57 27.03 -1.90
CA LYS D 756 -40.23 27.29 -3.18
C LYS D 756 -40.47 26.02 -3.98
N LEU D 757 -39.98 24.87 -3.53
CA LEU D 757 -40.46 23.58 -4.00
C LEU D 757 -40.92 22.74 -2.82
N ASP D 758 -41.93 21.91 -3.05
CA ASP D 758 -42.35 20.92 -2.07
C ASP D 758 -41.49 19.67 -2.14
N ALA D 759 -41.41 19.07 -3.31
CA ALA D 759 -40.67 17.83 -3.49
C ALA D 759 -39.81 17.93 -4.73
N PHE D 760 -38.76 17.11 -4.76
CA PHE D 760 -37.81 17.12 -5.87
C PHE D 760 -37.38 15.69 -6.17
N ILE D 761 -37.82 15.17 -7.31
CA ILE D 761 -37.47 13.81 -7.71
C ILE D 761 -36.12 13.83 -8.42
N TYR D 762 -35.26 12.84 -8.12
CA TYR D 762 -33.94 12.74 -8.72
C TYR D 762 -33.43 11.31 -8.56
N ASP D 763 -32.27 11.05 -9.17
CA ASP D 763 -31.46 9.89 -8.83
C ASP D 763 -31.12 9.89 -7.33
N ALA D 764 -31.04 8.68 -6.77
CA ALA D 764 -30.85 8.52 -5.33
C ALA D 764 -29.49 8.99 -4.85
N ALA D 765 -28.42 8.59 -5.56
CA ALA D 765 -27.08 8.66 -5.01
C ALA D 765 -26.60 10.10 -4.82
N VAL D 766 -26.97 10.97 -5.76
CA VAL D 766 -26.62 12.38 -5.65
C VAL D 766 -27.42 13.04 -4.55
N LEU D 767 -28.66 12.59 -4.35
CA LEU D 767 -29.46 13.10 -3.24
C LEU D 767 -28.85 12.72 -1.91
N ASN D 768 -28.39 11.47 -1.77
CA ASN D 768 -27.88 11.03 -0.48
C ASN D 768 -26.54 11.68 -0.18
N TYR D 769 -25.73 11.88 -1.23
CA TYR D 769 -24.44 12.52 -1.03
C TYR D 769 -24.59 13.98 -0.70
N MET D 770 -25.48 14.70 -1.41
CA MET D 770 -25.65 16.10 -1.06
C MET D 770 -26.49 16.27 0.21
N ALA D 771 -27.19 15.23 0.63
CA ALA D 771 -27.85 15.23 1.92
C ALA D 771 -26.83 15.20 3.04
N GLY D 772 -25.75 14.45 2.85
CA GLY D 772 -24.67 14.52 3.81
C GLY D 772 -23.88 15.80 3.79
N ARG D 773 -23.95 16.58 2.71
CA ARG D 773 -23.30 17.87 2.64
C ARG D 773 -24.31 19.01 2.71
N ASP D 774 -25.46 18.77 3.35
CA ASP D 774 -26.57 19.72 3.31
C ASP D 774 -26.52 20.74 4.45
N GLU D 775 -25.79 21.85 4.23
CA GLU D 775 -25.99 23.14 4.90
C GLU D 775 -25.76 23.10 6.40
N GLY D 776 -25.06 22.11 6.94
CA GLY D 776 -25.19 22.00 8.38
C GLY D 776 -25.86 20.71 8.74
N CYS D 777 -27.09 20.77 9.22
CA CYS D 777 -27.79 19.60 9.72
C CYS D 777 -29.26 19.58 9.33
N LYS D 778 -29.59 20.10 8.15
CA LYS D 778 -30.97 20.01 7.71
C LYS D 778 -31.19 18.62 7.12
N LEU D 779 -32.16 17.88 7.65
CA LEU D 779 -32.44 16.55 7.16
C LEU D 779 -33.30 16.65 5.91
N VAL D 780 -32.81 16.08 4.80
CA VAL D 780 -33.53 16.21 3.53
C VAL D 780 -33.74 14.87 2.83
N THR D 781 -33.69 13.77 3.57
CA THR D 781 -33.71 12.46 2.93
C THR D 781 -35.15 12.07 2.58
N ILE D 782 -35.36 10.80 2.23
CA ILE D 782 -36.68 10.32 1.82
C ILE D 782 -37.12 9.24 2.82
N GLY D 783 -37.72 9.69 3.91
CA GLY D 783 -38.54 8.84 4.76
C GLY D 783 -37.81 7.76 5.53
N SER D 784 -37.33 6.76 4.81
CA SER D 784 -36.57 5.67 5.39
C SER D 784 -35.38 5.28 4.54
N GLY D 785 -35.04 6.04 3.50
CA GLY D 785 -34.01 5.62 2.60
C GLY D 785 -34.39 4.52 1.64
N LYS D 786 -35.68 4.24 1.47
CA LYS D 786 -36.12 3.21 0.54
C LYS D 786 -36.42 3.86 -0.80
N VAL D 787 -35.80 3.37 -1.86
CA VAL D 787 -35.93 3.97 -3.17
C VAL D 787 -36.79 3.09 -4.06
N PHE D 788 -37.16 3.62 -5.22
CA PHE D 788 -38.13 2.99 -6.10
C PHE D 788 -37.50 2.41 -7.37
N ALA D 789 -36.20 2.15 -7.36
CA ALA D 789 -35.55 1.56 -8.52
C ALA D 789 -34.33 0.77 -8.06
N SER D 790 -33.96 -0.21 -8.86
CA SER D 790 -32.71 -0.95 -8.74
C SER D 790 -31.92 -0.76 -10.03
N THR D 791 -31.16 0.32 -10.09
CA THR D 791 -30.42 0.72 -11.27
C THR D 791 -28.94 0.74 -10.97
N GLY D 792 -28.14 0.87 -12.03
CA GLY D 792 -26.70 0.78 -11.87
C GLY D 792 -25.93 1.54 -12.92
N TYR D 793 -24.95 2.34 -12.49
CA TYR D 793 -24.08 3.03 -13.43
C TYR D 793 -23.08 2.05 -14.01
N GLY D 794 -22.84 2.18 -15.30
CA GLY D 794 -21.88 1.31 -15.97
C GLY D 794 -21.08 2.01 -17.04
N ILE D 795 -19.81 1.62 -17.16
CA ILE D 795 -18.95 2.19 -18.17
C ILE D 795 -19.33 1.59 -19.51
N ALA D 796 -19.31 2.41 -20.56
CA ALA D 796 -19.83 2.06 -21.86
C ALA D 796 -18.72 2.21 -22.88
N ILE D 797 -18.53 1.17 -23.68
CA ILE D 797 -17.81 1.22 -24.93
C ILE D 797 -18.67 0.48 -25.94
N GLN D 798 -18.97 1.13 -27.05
CA GLN D 798 -19.87 0.53 -28.01
C GLN D 798 -19.20 -0.64 -28.72
N LYS D 799 -19.83 -1.83 -28.59
CA LYS D 799 -19.53 -3.09 -29.28
C LYS D 799 -18.24 -3.77 -28.81
N ASP D 800 -17.41 -3.04 -28.05
CA ASP D 800 -16.39 -3.45 -27.10
C ASP D 800 -15.63 -4.73 -27.44
N SER D 801 -14.99 -4.72 -28.60
CA SER D 801 -14.51 -5.94 -29.26
C SER D 801 -13.35 -6.50 -28.45
N GLY D 802 -13.65 -7.51 -27.64
CA GLY D 802 -12.66 -8.20 -26.82
C GLY D 802 -12.38 -7.52 -25.49
N TRP D 803 -12.38 -6.19 -25.46
CA TRP D 803 -12.01 -5.47 -24.26
C TRP D 803 -13.09 -5.53 -23.19
N LYS D 804 -14.32 -5.91 -23.56
CA LYS D 804 -15.37 -6.10 -22.58
C LYS D 804 -15.00 -7.20 -21.58
N ARG D 805 -14.40 -8.29 -22.09
CA ARG D 805 -13.97 -9.37 -21.22
C ARG D 805 -12.84 -8.92 -20.30
N GLN D 806 -11.99 -8.01 -20.79
CA GLN D 806 -10.90 -7.54 -19.94
C GLN D 806 -11.43 -6.61 -18.86
N VAL D 807 -12.33 -5.69 -19.24
CA VAL D 807 -12.72 -4.65 -18.29
C VAL D 807 -13.65 -5.22 -17.24
N ASP D 808 -14.41 -6.27 -17.54
CA ASP D 808 -15.39 -6.68 -16.55
C ASP D 808 -14.68 -7.48 -15.46
N LEU D 809 -13.70 -8.30 -15.85
CA LEU D 809 -12.90 -9.00 -14.87
C LEU D 809 -12.04 -8.03 -14.10
N ALA D 810 -11.62 -6.92 -14.72
CA ALA D 810 -10.89 -5.91 -13.96
C ALA D 810 -11.79 -5.22 -12.93
N ILE D 811 -13.07 -5.02 -13.24
CA ILE D 811 -14.01 -4.46 -12.28
C ILE D 811 -14.25 -5.43 -11.13
N LEU D 812 -14.45 -6.71 -11.44
CA LEU D 812 -14.58 -7.72 -10.39
C LEU D 812 -13.30 -7.91 -9.59
N GLN D 813 -12.14 -7.64 -10.20
CA GLN D 813 -10.89 -7.57 -9.46
C GLN D 813 -10.89 -6.40 -8.50
N LEU D 814 -11.37 -5.24 -8.96
CA LEU D 814 -11.39 -4.05 -8.12
C LEU D 814 -12.39 -4.20 -6.97
N PHE D 815 -13.54 -4.81 -7.23
CA PHE D 815 -14.43 -5.16 -6.13
C PHE D 815 -13.87 -6.28 -5.26
N GLY D 816 -13.01 -7.15 -5.81
CA GLY D 816 -12.39 -8.20 -5.03
C GLY D 816 -11.37 -7.80 -4.00
N ASP D 817 -11.00 -6.52 -3.91
CA ASP D 817 -10.00 -6.11 -2.93
C ASP D 817 -10.51 -5.12 -1.88
N GLY D 818 -11.66 -4.46 -2.11
CA GLY D 818 -12.21 -3.47 -1.20
C GLY D 818 -11.62 -2.09 -1.18
N GLU D 819 -10.73 -1.75 -2.11
CA GLU D 819 -10.27 -0.36 -2.23
C GLU D 819 -11.39 0.56 -2.72
N MET D 820 -12.36 0.01 -3.44
CA MET D 820 -13.58 0.76 -3.79
C MET D 820 -14.28 1.30 -2.55
N GLU D 821 -14.29 0.52 -1.46
CA GLU D 821 -14.87 1.01 -0.22
C GLU D 821 -14.07 2.15 0.36
N GLU D 822 -12.75 2.10 0.19
CA GLU D 822 -11.92 3.20 0.67
C GLU D 822 -12.12 4.42 -0.19
N LEU D 823 -12.44 4.23 -1.48
CA LEU D 823 -12.71 5.37 -2.33
C LEU D 823 -14.02 6.03 -1.94
N GLU D 824 -14.96 5.24 -1.43
CA GLU D 824 -16.16 5.83 -0.84
C GLU D 824 -15.83 6.63 0.41
N ALA D 825 -14.88 6.15 1.23
CA ALA D 825 -14.40 6.98 2.34
C ALA D 825 -13.70 8.26 1.89
N LEU D 826 -13.08 8.28 0.71
CA LEU D 826 -12.54 9.53 0.16
C LEU D 826 -13.59 10.42 -0.49
N TRP D 827 -14.64 9.85 -1.01
CA TRP D 827 -15.49 10.71 -1.83
C TRP D 827 -16.94 10.68 -1.39
N LEU D 828 -17.48 9.53 -1.02
CA LEU D 828 -18.92 9.35 -0.97
C LEU D 828 -19.38 9.18 0.47
N THR D 829 -18.82 9.98 1.37
CA THR D 829 -19.17 9.95 2.78
C THR D 829 -19.72 11.31 3.17
N GLY D 830 -20.91 11.33 3.74
CA GLY D 830 -21.48 12.53 4.30
C GLY D 830 -21.31 12.59 5.80
N ILE D 831 -21.71 13.73 6.36
CA ILE D 831 -21.53 14.00 7.79
C ILE D 831 -22.95 13.94 8.36
N CYS D 832 -23.85 14.80 7.91
CA CYS D 832 -25.21 14.80 8.41
C CYS D 832 -26.02 13.90 7.51
N HIS D 833 -26.03 12.62 7.86
CA HIS D 833 -27.17 11.72 7.82
C HIS D 833 -27.58 11.18 9.19
N ASN D 834 -26.69 10.48 9.90
CA ASN D 834 -26.77 9.13 10.42
C ASN D 834 -28.12 8.43 10.64
N GLU D 835 -29.23 9.15 10.82
CA GLU D 835 -30.57 8.61 11.07
C GLU D 835 -31.57 9.70 11.36
N LYS D 836 -32.83 9.28 11.47
CA LYS D 836 -33.95 10.02 12.03
C LYS D 836 -34.02 9.90 13.55
N ASN D 837 -33.10 10.55 14.26
CA ASN D 837 -32.93 10.25 15.67
C ASN D 837 -34.03 11.01 16.41
N GLU D 838 -34.00 12.33 16.36
CA GLU D 838 -34.88 13.14 17.18
C GLU D 838 -35.02 14.51 16.52
N VAL D 839 -36.25 14.99 16.42
CA VAL D 839 -36.54 16.39 16.17
C VAL D 839 -36.57 17.07 17.52
N MET D 840 -36.53 18.40 17.54
CA MET D 840 -36.59 19.17 18.78
C MET D 840 -37.89 19.98 18.75
N SER D 841 -38.66 19.90 19.83
CA SER D 841 -39.95 20.57 19.89
C SER D 841 -40.22 21.08 21.29
N SER D 842 -40.89 22.24 21.36
CA SER D 842 -41.39 22.77 22.62
C SER D 842 -42.87 23.13 22.52
N GLN D 843 -43.33 23.45 21.32
CA GLN D 843 -44.73 23.80 21.12
C GLN D 843 -45.66 22.62 21.31
N LEU D 844 -46.79 22.87 21.96
CA LEU D 844 -47.80 21.85 22.13
C LEU D 844 -48.46 21.56 20.78
N ASP D 845 -48.55 20.29 20.44
CA ASP D 845 -49.22 19.87 19.22
C ASP D 845 -50.72 20.11 19.36
N ILE D 846 -51.24 21.09 18.63
CA ILE D 846 -52.67 21.38 18.70
C ILE D 846 -53.49 20.35 17.98
N ASP D 847 -52.86 19.46 17.20
CA ASP D 847 -53.53 18.30 16.64
C ASP D 847 -53.55 17.14 17.62
N ASN D 848 -52.76 17.22 18.68
CA ASN D 848 -52.86 16.30 19.80
C ASN D 848 -53.95 16.70 20.80
N MET D 849 -54.68 17.76 20.50
CA MET D 849 -55.83 18.18 21.30
C MET D 849 -57.06 17.32 21.05
N ALA D 850 -56.97 16.33 20.15
CA ALA D 850 -58.09 15.43 19.91
C ALA D 850 -58.39 14.58 21.13
N GLY D 851 -57.38 14.29 21.95
CA GLY D 851 -57.67 13.67 23.23
C GLY D 851 -58.27 14.61 24.25
N VAL D 852 -58.20 15.91 24.01
CA VAL D 852 -58.78 16.90 24.91
C VAL D 852 -60.24 17.15 24.58
N PHE D 853 -60.56 17.39 23.32
CA PHE D 853 -61.97 17.38 22.91
C PHE D 853 -62.45 15.99 22.49
N TYR D 854 -61.81 14.94 23.00
CA TYR D 854 -62.47 13.64 23.14
C TYR D 854 -63.74 13.84 23.97
N MET D 855 -64.72 12.94 23.77
CA MET D 855 -66.13 13.33 23.70
C MET D 855 -66.67 13.87 25.03
N LEU D 856 -66.29 15.11 25.32
CA LEU D 856 -66.90 15.84 26.43
C LEU D 856 -68.36 16.14 26.15
N GLY D 857 -68.65 16.75 25.00
CA GLY D 857 -70.01 17.20 24.75
C GLY D 857 -70.98 16.08 24.44
N ALA D 858 -70.46 14.95 23.95
CA ALA D 858 -71.31 13.79 23.67
C ALA D 858 -71.79 13.16 24.95
N ALA D 859 -70.89 13.00 25.92
CA ALA D 859 -71.32 12.52 27.22
C ALA D 859 -72.14 13.57 27.95
N MET D 860 -71.92 14.84 27.64
CA MET D 860 -72.81 15.85 28.17
C MET D 860 -74.22 15.73 27.57
N ALA D 861 -74.31 15.36 26.30
CA ALA D 861 -75.63 15.13 25.73
C ALA D 861 -76.28 13.88 26.30
N LEU D 862 -75.48 12.87 26.66
CA LEU D 862 -76.10 11.70 27.29
C LEU D 862 -76.58 12.08 28.69
N SER D 863 -75.89 13.01 29.34
CA SER D 863 -76.35 13.51 30.64
C SER D 863 -77.62 14.34 30.50
N LEU D 864 -77.80 15.00 29.36
CA LEU D 864 -79.06 15.70 29.09
C LEU D 864 -80.21 14.71 28.88
N ILE D 865 -79.96 13.64 28.13
CA ILE D 865 -80.95 12.59 27.96
C ILE D 865 -81.21 11.88 29.29
N THR D 866 -80.18 11.78 30.14
CA THR D 866 -80.37 11.30 31.51
C THR D 866 -81.29 12.22 32.30
N PHE D 867 -81.20 13.53 32.06
CA PHE D 867 -82.08 14.47 32.76
C PHE D 867 -83.51 14.40 32.21
N ILE D 868 -83.65 14.14 30.91
CA ILE D 868 -84.98 14.02 30.32
C ILE D 868 -85.64 12.72 30.79
N SER D 869 -84.85 11.65 30.92
CA SER D 869 -85.38 10.42 31.48
C SER D 869 -85.70 10.58 32.95
N GLU D 870 -84.96 11.44 33.67
CA GLU D 870 -85.36 11.81 35.02
C GLU D 870 -86.71 12.53 35.02
N HIS D 871 -86.95 13.39 34.04
CA HIS D 871 -88.26 14.06 33.92
C HIS D 871 -89.39 13.08 33.60
N LEU D 872 -89.09 12.02 32.85
CA LEU D 872 -90.11 10.98 32.67
C LEU D 872 -90.22 10.08 33.89
N PHE D 873 -89.16 9.96 34.69
CA PHE D 873 -89.31 9.25 35.95
C PHE D 873 -90.06 10.11 36.96
N TYR D 874 -90.04 11.44 36.77
CA TYR D 874 -90.94 12.31 37.51
C TYR D 874 -92.38 12.10 37.04
N TRP D 875 -92.55 11.67 35.79
CA TRP D 875 -93.90 11.30 35.36
C TRP D 875 -94.33 9.96 35.96
N GLN D 876 -93.40 9.16 36.47
CA GLN D 876 -93.72 7.89 37.08
C GLN D 876 -93.40 7.88 38.56
N LYS E 3 -11.88 -85.65 -26.03
CA LYS E 3 -10.52 -85.55 -25.53
C LYS E 3 -10.41 -86.16 -24.15
N LEU E 4 -11.21 -85.66 -23.22
CA LEU E 4 -11.17 -86.07 -21.83
C LEU E 4 -12.47 -86.78 -21.47
N GLN E 5 -12.35 -87.89 -20.73
CA GLN E 5 -13.50 -88.68 -20.32
C GLN E 5 -13.24 -89.24 -18.92
N GLU E 6 -14.11 -88.86 -17.99
CA GLU E 6 -14.01 -89.33 -16.61
C GLU E 6 -14.28 -90.83 -16.54
N SER E 7 -13.38 -91.56 -15.90
CA SER E 7 -13.44 -93.02 -15.85
C SER E 7 -13.61 -93.45 -14.40
N GLY E 8 -14.79 -93.96 -14.06
CA GLY E 8 -15.03 -94.47 -12.73
C GLY E 8 -16.09 -93.73 -11.95
N GLY E 9 -15.79 -93.43 -10.69
CA GLY E 9 -16.77 -92.78 -9.82
C GLY E 9 -17.66 -93.82 -9.18
N GLY E 10 -18.97 -93.69 -9.40
CA GLY E 10 -19.91 -94.65 -8.86
C GLY E 10 -20.34 -94.36 -7.44
N SER E 11 -20.71 -95.39 -6.69
CA SER E 11 -21.17 -95.25 -5.32
C SER E 11 -20.04 -95.60 -4.35
N VAL E 12 -19.82 -94.74 -3.36
CA VAL E 12 -18.81 -94.95 -2.34
C VAL E 12 -19.51 -94.93 -0.99
N LYS E 13 -18.97 -95.68 -0.03
CA LYS E 13 -19.53 -95.70 1.30
C LYS E 13 -19.02 -94.51 2.12
N LEU E 14 -19.61 -94.34 3.30
CA LEU E 14 -19.23 -93.25 4.19
C LEU E 14 -17.85 -93.51 4.77
N GLY E 15 -16.94 -92.55 4.55
CA GLY E 15 -15.55 -92.73 4.93
C GLY E 15 -14.76 -93.63 4.00
N GLY E 16 -15.30 -93.97 2.83
CA GLY E 16 -14.64 -94.91 1.96
C GLY E 16 -13.61 -94.26 1.05
N SER E 17 -12.87 -95.13 0.37
CA SER E 17 -11.85 -94.72 -0.59
C SER E 17 -12.33 -95.03 -2.00
N LEU E 18 -11.92 -94.18 -2.94
CA LEU E 18 -12.31 -94.37 -4.34
C LEU E 18 -11.19 -93.85 -5.23
N LYS E 19 -10.86 -94.62 -6.26
CA LYS E 19 -9.94 -94.19 -7.30
C LYS E 19 -10.72 -93.52 -8.42
N LEU E 20 -10.35 -92.27 -8.72
CA LEU E 20 -11.02 -91.48 -9.76
C LEU E 20 -10.06 -91.35 -10.94
N SER E 21 -10.43 -91.92 -12.07
CA SER E 21 -9.59 -91.95 -13.25
C SER E 21 -10.19 -91.13 -14.37
N CYS E 22 -9.35 -90.79 -15.35
CA CYS E 22 -9.78 -90.00 -16.49
C CYS E 22 -8.84 -90.28 -17.66
N VAL E 23 -9.36 -90.91 -18.69
CA VAL E 23 -8.60 -91.17 -19.90
C VAL E 23 -8.46 -89.87 -20.69
N VAL E 24 -7.25 -89.61 -21.19
CA VAL E 24 -6.93 -88.38 -21.90
C VAL E 24 -6.37 -88.75 -23.26
N SER E 25 -6.95 -88.17 -24.32
CA SER E 25 -6.50 -88.42 -25.68
C SER E 25 -6.40 -87.09 -26.41
N GLY E 26 -5.21 -86.76 -26.89
CA GLY E 26 -5.04 -85.56 -27.70
C GLY E 26 -3.82 -84.72 -27.40
N PHE E 27 -3.30 -84.82 -26.17
CA PHE E 27 -2.17 -83.98 -25.78
C PHE E 27 -1.35 -84.72 -24.73
N THR E 28 -0.17 -84.16 -24.44
CA THR E 28 0.76 -84.75 -23.50
C THR E 28 0.53 -84.21 -22.10
N PHE E 29 1.12 -84.91 -21.12
CA PHE E 29 0.95 -84.54 -19.72
C PHE E 29 2.12 -83.75 -19.16
N SER E 30 3.34 -84.02 -19.63
CA SER E 30 4.53 -83.53 -18.96
C SER E 30 4.79 -82.04 -19.19
N THR E 31 3.95 -81.35 -19.96
CA THR E 31 4.02 -79.91 -20.07
C THR E 31 2.65 -79.25 -19.97
N TYR E 32 1.59 -80.03 -19.79
CA TYR E 32 0.25 -79.48 -19.82
C TYR E 32 -0.47 -79.68 -18.49
N TYR E 33 -1.56 -78.94 -18.35
CA TYR E 33 -2.11 -78.56 -17.06
C TYR E 33 -3.59 -78.89 -17.02
N MET E 34 -3.99 -79.66 -16.01
CA MET E 34 -5.37 -80.14 -15.90
C MET E 34 -5.89 -79.87 -14.50
N SER E 35 -7.08 -80.41 -14.21
CA SER E 35 -7.78 -80.06 -12.99
C SER E 35 -8.79 -81.16 -12.64
N TRP E 36 -9.47 -80.95 -11.51
CA TRP E 36 -10.60 -81.76 -11.09
C TRP E 36 -11.51 -80.88 -10.25
N VAL E 37 -12.71 -80.61 -10.75
CA VAL E 37 -13.65 -79.75 -10.03
C VAL E 37 -14.88 -80.55 -9.65
N ARG E 38 -15.73 -79.96 -8.81
CA ARG E 38 -16.86 -80.65 -8.20
C ARG E 38 -18.14 -79.88 -8.50
N GLN E 39 -19.17 -80.60 -8.95
CA GLN E 39 -20.48 -80.04 -9.20
C GLN E 39 -21.47 -80.74 -8.29
N THR E 40 -21.97 -80.01 -7.29
CA THR E 40 -22.93 -80.58 -6.38
C THR E 40 -24.29 -80.74 -7.06
N PRO E 41 -25.16 -81.58 -6.52
CA PRO E 41 -26.57 -81.54 -6.94
C PRO E 41 -27.26 -80.22 -6.64
N GLU E 42 -26.76 -79.46 -5.67
CA GLU E 42 -27.18 -78.08 -5.44
C GLU E 42 -26.45 -77.09 -6.32
N LYS E 43 -25.58 -77.57 -7.22
CA LYS E 43 -24.83 -76.76 -8.19
C LYS E 43 -23.94 -75.72 -7.52
N ARG E 44 -23.21 -76.17 -6.50
CA ARG E 44 -22.20 -75.35 -5.85
C ARG E 44 -20.84 -75.82 -6.31
N LEU E 45 -20.19 -75.00 -7.13
CA LEU E 45 -18.96 -75.41 -7.81
C LEU E 45 -17.80 -75.45 -6.82
N GLU E 46 -17.27 -76.65 -6.59
CA GLU E 46 -16.17 -76.83 -5.65
C GLU E 46 -14.98 -77.46 -6.38
N LEU E 47 -14.02 -77.92 -5.59
CA LEU E 47 -12.73 -78.36 -6.09
C LEU E 47 -12.50 -79.80 -5.69
N VAL E 48 -11.77 -80.54 -6.52
CA VAL E 48 -11.33 -81.87 -6.12
C VAL E 48 -9.81 -81.92 -6.05
N ALA E 49 -9.14 -81.70 -7.18
CA ALA E 49 -7.71 -81.95 -7.26
C ALA E 49 -7.01 -80.85 -8.05
N VAL E 50 -5.84 -80.43 -7.56
CA VAL E 50 -4.99 -79.46 -8.24
C VAL E 50 -3.64 -80.10 -8.49
N ILE E 51 -3.19 -80.05 -9.74
CA ILE E 51 -1.99 -80.76 -10.17
C ILE E 51 -0.94 -79.75 -10.62
N ASN E 52 0.22 -80.25 -11.08
CA ASN E 52 1.20 -79.41 -11.78
C ASN E 52 1.06 -79.60 -13.28
N SER E 53 1.76 -78.75 -14.03
CA SER E 53 1.80 -78.90 -15.48
C SER E 53 2.78 -79.96 -15.94
N ASN E 54 3.71 -80.38 -15.09
CA ASN E 54 4.73 -81.35 -15.49
C ASN E 54 4.72 -82.60 -14.60
N GLY E 55 3.55 -82.95 -14.05
CA GLY E 55 3.50 -83.95 -13.02
C GLY E 55 3.87 -83.30 -11.71
N GLY E 56 5.19 -83.09 -11.52
CA GLY E 56 5.76 -82.16 -10.56
C GLY E 56 5.30 -82.26 -9.13
N ASN E 57 4.58 -81.24 -8.67
CA ASN E 57 3.95 -81.25 -7.36
C ASN E 57 2.44 -81.19 -7.55
N THR E 58 1.71 -81.01 -6.46
CA THR E 58 0.26 -80.85 -6.52
C THR E 58 -0.13 -79.75 -5.55
N TYR E 59 -1.44 -79.47 -5.48
CA TYR E 59 -1.97 -78.60 -4.46
C TYR E 59 -3.28 -79.18 -3.92
N TYR E 60 -3.51 -78.93 -2.63
CA TYR E 60 -4.65 -79.48 -1.93
C TYR E 60 -5.62 -78.36 -1.56
N PRO E 61 -6.87 -78.44 -1.98
CA PRO E 61 -7.88 -77.53 -1.43
C PRO E 61 -8.09 -77.81 0.05
N ASP E 62 -8.46 -76.75 0.78
CA ASP E 62 -8.24 -76.72 2.23
C ASP E 62 -9.14 -77.68 2.99
N ASN E 63 -10.42 -77.74 2.63
CA ASN E 63 -11.33 -78.61 3.38
C ASN E 63 -11.15 -80.08 3.02
N VAL E 64 -10.84 -80.36 1.76
CA VAL E 64 -10.62 -81.74 1.30
C VAL E 64 -9.16 -82.15 1.45
N LYS E 65 -8.32 -81.33 2.09
CA LYS E 65 -6.91 -81.62 2.25
C LYS E 65 -6.70 -82.84 3.15
N GLY E 66 -5.91 -83.78 2.67
CA GLY E 66 -5.69 -85.03 3.37
C GLY E 66 -6.71 -86.10 3.08
N ARG E 67 -7.65 -85.86 2.16
CA ARG E 67 -8.71 -86.79 1.85
C ARG E 67 -8.58 -87.34 0.44
N PHE E 68 -7.43 -87.14 -0.20
CA PHE E 68 -7.20 -87.54 -1.58
C PHE E 68 -5.71 -87.50 -1.86
N THR E 69 -5.31 -88.16 -2.95
CA THR E 69 -3.98 -88.05 -3.51
C THR E 69 -4.06 -88.09 -5.03
N ILE E 70 -3.05 -87.52 -5.68
CA ILE E 70 -3.02 -87.35 -7.13
C ILE E 70 -1.77 -88.03 -7.66
N SER E 71 -1.91 -88.75 -8.79
CA SER E 71 -0.75 -89.29 -9.48
C SER E 71 -0.95 -89.13 -10.98
N ARG E 72 0.08 -88.67 -11.67
CA ARG E 72 0.04 -88.45 -13.11
C ARG E 72 0.98 -89.43 -13.79
N ASP E 73 0.40 -90.37 -14.53
CA ASP E 73 1.16 -91.28 -15.40
C ASP E 73 1.19 -90.62 -16.77
N ASN E 74 2.31 -89.97 -17.07
CA ASN E 74 2.38 -89.07 -18.21
C ASN E 74 2.52 -89.80 -19.54
N ALA E 75 3.09 -91.00 -19.55
CA ALA E 75 3.33 -91.71 -20.79
C ALA E 75 2.05 -92.28 -21.38
N GLU E 76 1.14 -92.77 -20.53
CA GLU E 76 -0.06 -93.45 -21.01
C GLU E 76 -1.28 -92.55 -21.08
N ASN E 77 -1.15 -91.29 -20.64
CA ASN E 77 -2.15 -90.22 -20.80
C ASN E 77 -3.47 -90.57 -20.11
N THR E 78 -3.38 -90.84 -18.81
CA THR E 78 -4.54 -91.02 -17.96
C THR E 78 -4.16 -90.63 -16.54
N LEU E 79 -4.86 -89.63 -16.01
CA LEU E 79 -4.58 -89.15 -14.67
C LEU E 79 -5.28 -90.03 -13.64
N TYR E 80 -4.69 -90.14 -12.46
CA TYR E 80 -5.25 -90.93 -11.38
C TYR E 80 -5.46 -90.07 -10.15
N LEU E 81 -6.49 -90.41 -9.39
CA LEU E 81 -6.90 -89.61 -8.24
C LEU E 81 -7.55 -90.55 -7.22
N GLN E 82 -6.85 -90.84 -6.14
CA GLN E 82 -7.32 -91.78 -5.12
C GLN E 82 -7.77 -90.98 -3.90
N MET E 83 -9.08 -90.93 -3.69
CA MET E 83 -9.62 -90.20 -2.57
C MET E 83 -9.71 -91.10 -1.33
N SER E 84 -9.98 -90.49 -0.19
CA SER E 84 -10.06 -91.22 1.06
C SER E 84 -10.99 -90.49 2.02
N SER E 85 -11.62 -91.27 2.90
CA SER E 85 -12.50 -90.77 3.98
C SER E 85 -13.67 -89.95 3.44
N LEU E 86 -14.32 -90.46 2.40
CA LEU E 86 -15.39 -89.74 1.74
C LEU E 86 -16.65 -89.76 2.59
N LYS E 87 -17.06 -88.59 3.07
CA LYS E 87 -18.22 -88.44 3.94
C LYS E 87 -19.47 -88.21 3.11
N SER E 88 -20.55 -87.81 3.79
CA SER E 88 -21.82 -87.52 3.12
C SER E 88 -21.79 -86.23 2.32
N GLU E 89 -20.83 -85.34 2.58
CA GLU E 89 -20.75 -84.06 1.91
C GLU E 89 -19.82 -84.07 0.71
N ASP E 90 -19.56 -85.25 0.14
CA ASP E 90 -18.83 -85.39 -1.11
C ASP E 90 -19.67 -86.06 -2.19
N THR E 91 -20.96 -86.25 -1.93
CA THR E 91 -21.89 -86.76 -2.92
C THR E 91 -22.14 -85.68 -3.95
N ALA E 92 -21.36 -85.69 -5.04
CA ALA E 92 -21.41 -84.64 -6.03
C ALA E 92 -20.83 -85.15 -7.34
N LEU E 93 -21.29 -84.56 -8.43
CA LEU E 93 -20.76 -84.87 -9.75
C LEU E 93 -19.41 -84.19 -9.90
N TYR E 94 -18.41 -84.95 -10.34
CA TYR E 94 -17.06 -84.43 -10.43
C TYR E 94 -16.66 -84.35 -11.90
N TYR E 95 -16.05 -83.23 -12.28
CA TYR E 95 -15.61 -83.00 -13.64
C TYR E 95 -14.10 -82.93 -13.66
N CYS E 96 -13.50 -83.58 -14.65
CA CYS E 96 -12.09 -83.38 -14.97
C CYS E 96 -11.97 -82.40 -16.12
N ALA E 97 -11.06 -81.43 -15.99
CA ALA E 97 -10.95 -80.37 -16.98
C ALA E 97 -9.49 -80.02 -17.19
N ARG E 98 -9.08 -79.97 -18.45
CA ARG E 98 -7.77 -79.43 -18.78
C ARG E 98 -7.77 -77.92 -18.56
N ARG E 99 -6.64 -77.40 -18.10
CA ARG E 99 -6.52 -76.00 -17.74
C ARG E 99 -5.84 -75.21 -18.86
N ASP E 100 -5.63 -73.92 -18.61
CA ASP E 100 -5.09 -73.01 -19.61
C ASP E 100 -3.56 -72.96 -19.52
N TYR E 101 -2.97 -72.04 -20.27
CA TYR E 101 -1.54 -71.77 -20.16
C TYR E 101 -1.21 -70.69 -19.15
N ASP E 102 -2.20 -69.90 -18.75
CA ASP E 102 -2.02 -68.97 -17.63
C ASP E 102 -1.62 -69.67 -16.31
N GLY E 103 -2.35 -70.71 -15.82
CA GLY E 103 -3.44 -71.50 -16.37
C GLY E 103 -4.63 -71.69 -15.48
N PHE E 104 -5.02 -70.65 -14.74
CA PHE E 104 -6.12 -70.81 -13.80
C PHE E 104 -7.49 -70.75 -14.48
N ALA E 105 -7.54 -70.62 -15.80
CA ALA E 105 -8.75 -70.96 -16.54
C ALA E 105 -8.68 -72.41 -17.01
N MET E 106 -9.79 -72.89 -17.55
CA MET E 106 -9.87 -74.21 -18.13
C MET E 106 -10.33 -74.13 -19.57
N ASP E 107 -9.66 -74.86 -20.47
CA ASP E 107 -9.99 -74.85 -21.88
C ASP E 107 -10.78 -76.08 -22.32
N TYR E 108 -10.38 -77.26 -21.86
CA TYR E 108 -11.05 -78.49 -22.22
C TYR E 108 -11.73 -79.08 -21.00
N TRP E 109 -12.63 -80.02 -21.24
CA TRP E 109 -13.40 -80.64 -20.18
C TRP E 109 -13.60 -82.11 -20.48
N GLY E 110 -13.74 -82.89 -19.39
CA GLY E 110 -14.32 -84.20 -19.47
C GLY E 110 -15.83 -84.11 -19.38
N GLN E 111 -16.49 -85.26 -19.60
CA GLN E 111 -17.95 -85.25 -19.58
C GLN E 111 -18.49 -85.13 -18.17
N GLY E 112 -18.00 -85.97 -17.26
CA GLY E 112 -18.37 -85.86 -15.86
C GLY E 112 -18.67 -87.19 -15.22
N THR E 113 -18.00 -87.50 -14.12
CA THR E 113 -18.33 -88.68 -13.35
C THR E 113 -19.30 -88.31 -12.24
N SER E 114 -19.92 -89.33 -11.66
CA SER E 114 -20.94 -89.16 -10.64
C SER E 114 -20.54 -89.99 -9.42
N VAL E 115 -20.09 -89.30 -8.37
CA VAL E 115 -19.67 -89.95 -7.14
C VAL E 115 -20.73 -89.73 -6.08
N THR E 116 -21.37 -90.81 -5.65
CA THR E 116 -22.42 -90.75 -4.65
C THR E 116 -21.93 -91.31 -3.32
N ASP F 1 -11.84 -64.84 2.48
CA ASP F 1 -11.77 -65.32 1.10
C ASP F 1 -12.76 -64.56 0.21
N ILE F 2 -12.34 -64.32 -1.03
CA ILE F 2 -13.25 -63.75 -2.02
C ILE F 2 -14.26 -64.83 -2.42
N GLN F 3 -15.50 -64.42 -2.67
CA GLN F 3 -16.52 -65.34 -3.10
C GLN F 3 -17.37 -64.70 -4.19
N LEU F 4 -17.39 -65.33 -5.35
CA LEU F 4 -18.25 -64.88 -6.43
C LEU F 4 -19.69 -65.32 -6.19
N THR F 5 -20.62 -64.44 -6.51
CA THR F 5 -22.04 -64.79 -6.50
C THR F 5 -22.70 -64.21 -7.74
N GLN F 6 -23.72 -64.89 -8.24
CA GLN F 6 -24.32 -64.57 -9.52
C GLN F 6 -25.78 -64.16 -9.33
N SER F 7 -26.23 -63.26 -10.20
CA SER F 7 -27.58 -62.72 -10.10
C SER F 7 -28.08 -62.29 -11.47
N PRO F 8 -29.28 -62.71 -11.88
CA PRO F 8 -30.17 -63.64 -11.18
C PRO F 8 -29.91 -65.09 -11.56
N ALA F 9 -29.97 -65.99 -10.59
CA ALA F 9 -29.60 -67.39 -10.81
C ALA F 9 -30.64 -68.15 -11.63
N SER F 10 -31.83 -67.59 -11.84
CA SER F 10 -32.86 -68.26 -12.63
C SER F 10 -33.82 -67.22 -13.20
N LEU F 11 -33.98 -67.25 -14.52
CA LEU F 11 -34.89 -66.35 -15.22
C LEU F 11 -35.16 -66.91 -16.60
N ALA F 12 -36.06 -66.24 -17.33
CA ALA F 12 -36.43 -66.63 -18.69
C ALA F 12 -37.04 -65.44 -19.39
N VAL F 13 -36.41 -64.98 -20.46
CA VAL F 13 -36.87 -63.82 -21.22
C VAL F 13 -37.15 -64.32 -22.64
N SER F 14 -37.86 -63.52 -23.43
CA SER F 14 -38.26 -63.88 -24.78
C SER F 14 -37.08 -63.76 -25.76
N LEU F 15 -37.38 -63.91 -27.05
CA LEU F 15 -36.34 -63.92 -28.06
C LEU F 15 -35.91 -62.51 -28.41
N GLY F 16 -34.63 -62.36 -28.72
CA GLY F 16 -34.09 -61.10 -29.21
C GLY F 16 -34.03 -60.00 -28.18
N GLN F 17 -33.54 -60.30 -26.98
CA GLN F 17 -33.53 -59.34 -25.88
C GLN F 17 -32.11 -59.08 -25.41
N ARG F 18 -32.00 -58.13 -24.48
CA ARG F 18 -30.73 -57.76 -23.85
C ARG F 18 -30.65 -58.54 -22.53
N ALA F 19 -30.18 -59.79 -22.61
CA ALA F 19 -30.13 -60.67 -21.46
C ALA F 19 -28.85 -60.40 -20.70
N THR F 20 -28.94 -59.55 -19.69
CA THR F 20 -27.78 -59.13 -18.89
C THR F 20 -27.75 -59.92 -17.60
N ILE F 21 -26.59 -60.52 -17.30
CA ILE F 21 -26.40 -61.32 -16.09
C ILE F 21 -25.20 -60.75 -15.34
N SER F 22 -25.44 -60.28 -14.13
CA SER F 22 -24.39 -59.67 -13.32
C SER F 22 -23.81 -60.67 -12.34
N CYS F 23 -22.55 -60.44 -11.96
CA CYS F 23 -21.89 -61.25 -10.95
C CYS F 23 -21.15 -60.33 -9.99
N ARG F 24 -21.25 -60.63 -8.69
CA ARG F 24 -20.66 -59.80 -7.66
C ARG F 24 -19.71 -60.62 -6.81
N ALA F 25 -18.80 -59.91 -6.12
CA ALA F 25 -17.86 -60.55 -5.21
C ALA F 25 -17.49 -59.53 -4.15
N SER F 26 -16.51 -59.89 -3.32
CA SER F 26 -16.13 -59.03 -2.20
C SER F 26 -15.03 -58.06 -2.57
N GLN F 27 -13.86 -58.56 -2.96
CA GLN F 27 -12.69 -57.74 -3.21
C GLN F 27 -12.55 -57.45 -4.69
N SER F 28 -11.92 -56.33 -5.00
CA SER F 28 -11.56 -56.02 -6.38
C SER F 28 -10.42 -56.92 -6.82
N VAL F 29 -10.58 -57.56 -7.96
CA VAL F 29 -9.55 -58.47 -8.47
C VAL F 29 -8.91 -57.98 -9.76
N SER F 30 -9.55 -57.08 -10.50
CA SER F 30 -9.14 -56.70 -11.84
C SER F 30 -8.43 -55.36 -11.74
N THR F 31 -7.09 -55.39 -11.70
CA THR F 31 -6.33 -54.22 -11.28
C THR F 31 -5.47 -53.60 -12.36
N SER F 32 -4.51 -54.35 -12.92
CA SER F 32 -3.38 -53.69 -13.58
C SER F 32 -3.71 -53.28 -15.02
N ARG F 33 -3.82 -54.26 -15.91
CA ARG F 33 -4.29 -54.01 -17.27
C ARG F 33 -5.20 -55.09 -17.81
N TYR F 34 -5.24 -56.26 -17.20
CA TYR F 34 -6.14 -57.33 -17.58
C TYR F 34 -7.24 -57.46 -16.54
N SER F 35 -8.44 -57.82 -16.99
CA SER F 35 -9.48 -58.13 -16.04
C SER F 35 -9.38 -59.59 -15.64
N TYR F 36 -10.14 -59.97 -14.61
CA TYR F 36 -10.00 -61.31 -14.05
C TYR F 36 -11.40 -61.86 -13.77
N MET F 37 -11.95 -62.59 -14.74
CA MET F 37 -12.94 -63.65 -14.56
C MET F 37 -13.11 -64.36 -15.89
N HIS F 38 -13.31 -65.67 -15.83
CA HIS F 38 -13.58 -66.48 -17.02
C HIS F 38 -15.03 -66.92 -16.96
N TRP F 39 -15.85 -66.43 -17.88
CA TRP F 39 -17.24 -66.85 -17.96
C TRP F 39 -17.29 -68.25 -18.54
N TYR F 40 -17.89 -69.17 -17.79
CA TYR F 40 -18.21 -70.48 -18.34
C TYR F 40 -19.71 -70.58 -18.59
N GLN F 41 -20.06 -71.22 -19.70
CA GLN F 41 -21.46 -71.51 -19.93
C GLN F 41 -21.55 -72.89 -20.59
N HIS F 42 -22.54 -73.66 -20.14
CA HIS F 42 -22.83 -74.96 -20.73
C HIS F 42 -24.23 -75.39 -20.32
N LYS F 43 -24.80 -76.27 -21.13
CA LYS F 43 -26.09 -76.87 -20.85
C LYS F 43 -25.96 -77.84 -19.68
N PRO F 44 -27.07 -78.19 -19.03
CA PRO F 44 -27.03 -79.24 -18.00
C PRO F 44 -26.67 -80.60 -18.59
N GLY F 45 -25.57 -81.17 -18.08
CA GLY F 45 -25.09 -82.47 -18.50
C GLY F 45 -23.89 -82.44 -19.43
N GLN F 46 -23.90 -81.55 -20.43
CA GLN F 46 -22.85 -81.35 -21.42
C GLN F 46 -21.92 -80.21 -21.01
N PRO F 47 -20.62 -80.32 -21.25
CA PRO F 47 -19.71 -79.18 -21.03
C PRO F 47 -19.36 -78.43 -22.29
N PRO F 48 -20.23 -77.56 -22.84
CA PRO F 48 -19.72 -76.40 -23.58
C PRO F 48 -18.72 -75.59 -22.78
N LYS F 49 -17.77 -75.01 -23.50
CA LYS F 49 -16.51 -74.55 -22.93
C LYS F 49 -16.65 -73.15 -22.34
N LEU F 50 -15.49 -72.56 -22.06
CA LEU F 50 -15.41 -71.14 -21.79
C LEU F 50 -15.82 -70.34 -23.02
N LEU F 51 -16.35 -69.15 -22.78
CA LEU F 51 -16.70 -68.25 -23.86
C LEU F 51 -16.00 -66.91 -23.77
N ILE F 52 -15.61 -66.49 -22.58
CA ILE F 52 -14.95 -65.21 -22.36
C ILE F 52 -13.75 -65.49 -21.46
N LYS F 53 -12.56 -65.03 -21.88
CA LYS F 53 -11.36 -65.33 -21.12
C LYS F 53 -11.21 -64.40 -19.93
N TYR F 54 -11.06 -63.09 -20.17
CA TYR F 54 -10.82 -62.17 -19.08
C TYR F 54 -11.97 -61.18 -18.87
N ALA F 55 -12.32 -60.40 -19.87
CA ALA F 55 -13.51 -59.57 -19.74
C ALA F 55 -14.42 -59.67 -20.95
N SER F 56 -13.87 -59.69 -22.15
CA SER F 56 -14.67 -59.88 -23.35
C SER F 56 -13.96 -60.72 -24.39
N ASN F 57 -12.85 -61.37 -24.04
CA ASN F 57 -12.03 -62.09 -25.00
C ASN F 57 -12.73 -63.37 -25.40
N LEU F 58 -13.29 -63.37 -26.60
CA LEU F 58 -14.02 -64.52 -27.11
C LEU F 58 -13.05 -65.63 -27.51
N GLU F 59 -13.57 -66.85 -27.52
CA GLU F 59 -12.79 -68.03 -27.83
C GLU F 59 -13.11 -68.50 -29.25
N SER F 60 -12.60 -69.68 -29.60
CA SER F 60 -12.77 -70.21 -30.94
C SER F 60 -14.17 -70.79 -31.13
N GLY F 61 -14.83 -70.36 -32.19
CA GLY F 61 -16.13 -70.92 -32.54
C GLY F 61 -17.26 -70.51 -31.63
N VAL F 62 -17.34 -69.22 -31.30
CA VAL F 62 -18.37 -68.73 -30.40
C VAL F 62 -19.39 -67.91 -31.19
N PRO F 63 -20.62 -67.74 -30.70
CA PRO F 63 -21.54 -66.80 -31.34
C PRO F 63 -21.11 -65.36 -31.07
N ALA F 64 -21.84 -64.45 -31.72
CA ALA F 64 -21.62 -63.02 -31.51
C ALA F 64 -22.78 -62.36 -30.79
N ARG F 65 -23.66 -63.15 -30.17
CA ARG F 65 -24.86 -62.62 -29.54
C ARG F 65 -24.70 -62.41 -28.04
N PHE F 66 -23.49 -62.12 -27.58
CA PHE F 66 -23.25 -61.87 -26.17
C PHE F 66 -22.06 -60.95 -26.02
N SER F 67 -21.92 -60.39 -24.81
CA SER F 67 -20.78 -59.56 -24.47
C SER F 67 -20.61 -59.59 -22.96
N GLY F 68 -19.43 -59.16 -22.51
CA GLY F 68 -19.14 -59.15 -21.09
C GLY F 68 -18.37 -57.89 -20.73
N SER F 69 -18.76 -57.28 -19.62
CA SER F 69 -18.14 -56.04 -19.17
C SER F 69 -18.09 -56.06 -17.64
N GLY F 70 -17.75 -54.93 -17.06
CA GLY F 70 -17.72 -54.78 -15.61
C GLY F 70 -16.30 -54.71 -15.09
N SER F 71 -16.18 -54.15 -13.88
CA SER F 71 -14.89 -53.95 -13.25
C SER F 71 -15.07 -53.89 -11.74
N GLY F 72 -13.94 -53.84 -11.04
CA GLY F 72 -13.95 -53.76 -9.59
C GLY F 72 -14.43 -55.04 -8.94
N THR F 73 -15.53 -54.94 -8.20
CA THR F 73 -16.18 -56.10 -7.61
C THR F 73 -17.47 -56.46 -8.33
N ASP F 74 -17.72 -55.86 -9.50
CA ASP F 74 -18.96 -56.10 -10.23
C ASP F 74 -18.65 -56.23 -11.71
N PHE F 75 -18.53 -57.47 -12.17
CA PHE F 75 -18.53 -57.77 -13.59
C PHE F 75 -19.91 -58.22 -14.01
N THR F 76 -20.11 -58.37 -15.31
CA THR F 76 -21.37 -58.84 -15.84
C THR F 76 -21.16 -59.44 -17.22
N LEU F 77 -22.16 -60.20 -17.65
CA LEU F 77 -22.26 -60.64 -19.03
C LEU F 77 -23.61 -60.24 -19.57
N ASN F 78 -23.65 -59.84 -20.85
CA ASN F 78 -24.88 -59.43 -21.48
C ASN F 78 -25.05 -60.19 -22.79
N ILE F 79 -26.03 -61.08 -22.83
CA ILE F 79 -26.42 -61.73 -24.08
C ILE F 79 -27.39 -60.83 -24.81
N HIS F 80 -26.98 -60.37 -25.99
CA HIS F 80 -27.89 -59.58 -26.82
C HIS F 80 -27.50 -59.74 -28.28
N PRO F 81 -28.42 -60.19 -29.15
CA PRO F 81 -29.76 -60.63 -28.78
C PRO F 81 -29.81 -62.08 -28.33
N VAL F 82 -31.01 -62.59 -28.08
CA VAL F 82 -31.23 -63.86 -27.40
C VAL F 82 -31.45 -64.95 -28.44
N GLU F 83 -30.65 -66.01 -28.37
CA GLU F 83 -30.82 -67.14 -29.26
C GLU F 83 -31.86 -68.12 -28.74
N GLU F 84 -32.07 -69.19 -29.49
CA GLU F 84 -33.03 -70.23 -29.15
C GLU F 84 -32.42 -71.41 -28.43
N GLU F 85 -31.09 -71.54 -28.45
CA GLU F 85 -30.39 -72.59 -27.73
C GLU F 85 -29.88 -72.09 -26.39
N ASP F 86 -30.63 -71.20 -25.74
CA ASP F 86 -30.20 -70.55 -24.51
C ASP F 86 -30.76 -71.23 -23.27
N THR F 87 -30.92 -72.55 -23.31
CA THR F 87 -31.32 -73.32 -22.12
C THR F 87 -30.09 -73.97 -21.50
N ALA F 88 -29.26 -73.11 -20.92
CA ALA F 88 -27.98 -73.51 -20.34
C ALA F 88 -27.80 -72.79 -19.01
N THR F 89 -26.83 -73.26 -18.23
CA THR F 89 -26.47 -72.61 -16.98
C THR F 89 -25.12 -71.94 -17.16
N TYR F 90 -24.99 -70.72 -16.66
CA TYR F 90 -23.81 -69.91 -16.90
C TYR F 90 -23.06 -69.71 -15.59
N TYR F 91 -21.73 -69.61 -15.68
CA TYR F 91 -20.88 -69.72 -14.51
C TYR F 91 -19.76 -68.70 -14.55
N CYS F 92 -19.18 -68.45 -13.37
CA CYS F 92 -18.14 -67.44 -13.18
C CYS F 92 -16.90 -68.06 -12.54
N GLN F 93 -15.73 -67.63 -13.02
CA GLN F 93 -14.48 -68.06 -12.40
C GLN F 93 -13.39 -67.00 -12.61
N HIS F 94 -13.03 -66.32 -11.54
CA HIS F 94 -11.65 -65.92 -11.30
C HIS F 94 -11.26 -66.48 -9.95
N SER F 95 -10.06 -67.07 -9.85
CA SER F 95 -9.82 -67.74 -8.59
C SER F 95 -9.33 -66.80 -7.51
N TRP F 96 -8.00 -66.67 -7.42
CA TRP F 96 -7.18 -65.76 -6.62
C TRP F 96 -5.77 -66.33 -6.71
N GLU F 97 -4.83 -65.78 -5.95
CA GLU F 97 -3.78 -66.62 -5.38
C GLU F 97 -4.41 -67.86 -4.76
N ASN F 98 -5.25 -67.63 -3.74
CA ASN F 98 -6.07 -68.59 -3.01
C ASN F 98 -6.81 -69.50 -3.98
N PRO F 99 -6.66 -70.87 -3.84
CA PRO F 99 -6.64 -71.79 -4.99
C PRO F 99 -7.66 -71.59 -6.10
N TYR F 100 -8.95 -71.73 -5.80
CA TYR F 100 -9.98 -71.50 -6.80
C TYR F 100 -11.27 -71.02 -6.14
N THR F 101 -11.77 -69.88 -6.61
CA THR F 101 -13.01 -69.29 -6.14
C THR F 101 -14.06 -69.41 -7.24
N PHE F 102 -15.21 -69.99 -6.91
CA PHE F 102 -16.29 -70.17 -7.86
C PHE F 102 -17.51 -69.35 -7.47
N GLY F 103 -18.38 -69.16 -8.44
CA GLY F 103 -19.66 -68.55 -8.24
C GLY F 103 -20.76 -69.59 -8.13
N GLY F 104 -21.99 -69.16 -8.38
CA GLY F 104 -23.13 -70.05 -8.29
C GLY F 104 -23.48 -70.65 -9.63
N GLY F 105 -24.51 -70.10 -10.26
CA GLY F 105 -24.92 -70.54 -11.57
C GLY F 105 -26.24 -69.93 -11.98
N THR F 106 -26.36 -69.52 -13.24
CA THR F 106 -27.56 -68.84 -13.72
C THR F 106 -28.18 -69.67 -14.84
N LYS F 107 -29.28 -70.35 -14.52
CA LYS F 107 -30.03 -71.11 -15.51
C LYS F 107 -31.05 -70.21 -16.19
N LEU F 108 -31.04 -70.23 -17.52
CA LEU F 108 -31.88 -69.36 -18.32
C LEU F 108 -32.74 -70.20 -19.26
N GLU F 109 -33.98 -69.77 -19.48
CA GLU F 109 -34.84 -70.41 -20.46
C GLU F 109 -35.34 -69.36 -21.45
N ILE F 110 -36.04 -69.84 -22.47
CA ILE F 110 -36.61 -68.98 -23.52
C ILE F 110 -38.11 -68.91 -23.29
N LYS F 111 -38.63 -67.69 -23.14
CA LYS F 111 -40.07 -67.51 -23.03
C LYS F 111 -40.74 -67.85 -24.34
N ARG F 112 -41.94 -68.44 -24.24
CA ARG F 112 -42.73 -68.77 -25.40
C ARG F 112 -44.21 -68.81 -25.05
N LYS G 3 55.23 70.85 -11.42
CA LYS G 3 54.80 70.40 -12.74
C LYS G 3 53.78 71.34 -13.33
N LEU G 4 52.68 71.54 -12.60
CA LEU G 4 51.56 72.33 -13.06
C LEU G 4 51.42 73.58 -12.18
N GLN G 5 51.17 74.71 -12.82
CA GLN G 5 51.04 75.98 -12.11
C GLN G 5 49.99 76.82 -12.80
N GLU G 6 48.92 77.16 -12.07
CA GLU G 6 47.84 77.97 -12.61
C GLU G 6 48.34 79.38 -12.88
N SER G 7 48.07 79.88 -14.08
CA SER G 7 48.59 81.18 -14.53
C SER G 7 47.41 82.10 -14.82
N GLY G 8 47.22 83.10 -13.96
CA GLY G 8 46.19 84.09 -14.18
C GLY G 8 45.10 84.13 -13.11
N GLY G 9 43.85 84.16 -13.54
CA GLY G 9 42.75 84.29 -12.60
C GLY G 9 42.50 85.73 -12.26
N GLY G 10 42.56 86.06 -10.97
CA GLY G 10 42.38 87.43 -10.53
C GLY G 10 40.94 87.81 -10.32
N SER G 11 40.63 89.09 -10.49
CA SER G 11 39.28 89.61 -10.30
C SER G 11 38.59 89.79 -11.64
N VAL G 12 37.37 89.30 -11.75
CA VAL G 12 36.57 89.44 -12.96
C VAL G 12 35.27 90.14 -12.58
N LYS G 13 34.71 90.88 -13.52
CA LYS G 13 33.46 91.57 -13.29
C LYS G 13 32.28 90.62 -13.51
N LEU G 14 31.09 91.11 -13.16
CA LEU G 14 29.88 90.31 -13.31
C LEU G 14 29.52 90.18 -14.78
N GLY G 15 29.41 88.94 -15.26
CA GLY G 15 29.21 88.67 -16.67
C GLY G 15 30.46 88.83 -17.52
N GLY G 16 31.63 88.95 -16.90
CA GLY G 16 32.84 89.21 -17.64
C GLY G 16 33.49 87.96 -18.19
N SER G 17 34.49 88.18 -19.04
CA SER G 17 35.28 87.11 -19.63
C SER G 17 36.67 87.09 -19.02
N LEU G 18 37.24 85.89 -18.91
CA LEU G 18 38.57 85.73 -18.34
C LEU G 18 39.26 84.56 -19.01
N LYS G 19 40.53 84.75 -19.38
CA LYS G 19 41.36 83.67 -19.87
C LYS G 19 42.10 83.02 -18.69
N LEU G 20 41.93 81.72 -18.55
CA LEU G 20 42.53 80.95 -17.46
C LEU G 20 43.62 80.07 -18.05
N SER G 21 44.86 80.33 -17.68
CA SER G 21 46.01 79.64 -18.24
C SER G 21 46.70 78.79 -17.17
N CYS G 22 47.51 77.84 -17.64
CA CYS G 22 48.23 76.94 -16.75
C CYS G 22 49.47 76.44 -17.46
N VAL G 23 50.64 76.84 -16.98
CA VAL G 23 51.91 76.35 -17.54
C VAL G 23 52.14 74.93 -17.07
N VAL G 24 52.56 74.06 -17.99
CA VAL G 24 52.77 72.65 -17.72
C VAL G 24 54.21 72.30 -18.09
N SER G 25 54.91 71.67 -17.16
CA SER G 25 56.29 71.25 -17.37
C SER G 25 56.46 69.83 -16.87
N GLY G 26 56.85 68.91 -17.76
CA GLY G 26 57.14 67.56 -17.34
C GLY G 26 56.61 66.46 -18.24
N PHE G 27 55.56 66.75 -19.00
CA PHE G 27 54.93 65.72 -19.83
C PHE G 27 54.30 66.38 -21.05
N THR G 28 53.89 65.54 -22.00
CA THR G 28 53.31 66.00 -23.25
C THR G 28 51.80 66.10 -23.14
N PHE G 29 51.20 66.79 -24.10
CA PHE G 29 49.76 67.01 -24.11
C PHE G 29 49.01 66.06 -25.03
N SER G 30 49.61 65.66 -26.15
CA SER G 30 48.88 65.00 -27.22
C SER G 30 48.53 63.55 -26.91
N THR G 31 48.93 63.03 -25.75
CA THR G 31 48.48 61.72 -25.30
C THR G 31 48.05 61.73 -23.84
N TYR G 32 48.12 62.87 -23.15
CA TYR G 32 47.86 62.91 -21.73
C TYR G 32 46.66 63.79 -21.42
N TYR G 33 46.18 63.63 -20.19
CA TYR G 33 44.81 63.94 -19.81
C TYR G 33 44.82 64.83 -18.57
N MET G 34 44.17 65.98 -18.66
CA MET G 34 44.17 66.96 -17.58
C MET G 34 42.74 67.40 -17.29
N SER G 35 42.61 68.42 -16.44
CA SER G 35 41.31 68.81 -15.92
C SER G 35 41.35 70.25 -15.43
N TRP G 36 40.19 70.71 -14.97
CA TRP G 36 40.04 71.99 -14.29
C TRP G 36 38.87 71.87 -13.32
N VAL G 37 39.15 71.94 -12.03
CA VAL G 37 38.11 71.80 -11.02
C VAL G 37 37.99 73.10 -10.23
N ARG G 38 36.94 73.19 -9.41
CA ARG G 38 36.58 74.42 -8.74
C ARG G 38 36.48 74.18 -7.24
N GLN G 39 37.10 75.04 -6.45
CA GLN G 39 37.05 74.99 -5.00
C GLN G 39 36.42 76.28 -4.51
N THR G 40 35.19 76.17 -4.01
CA THR G 40 34.50 77.34 -3.50
C THR G 40 35.12 77.78 -2.17
N PRO G 41 34.89 79.03 -1.76
CA PRO G 41 35.18 79.40 -0.37
C PRO G 41 34.35 78.63 0.65
N GLU G 42 33.20 78.10 0.26
CA GLU G 42 32.43 77.17 1.06
C GLU G 42 32.89 75.73 0.90
N LYS G 43 33.96 75.50 0.12
CA LYS G 43 34.60 74.20 -0.10
C LYS G 43 33.63 73.19 -0.70
N ARG G 44 32.91 73.62 -1.73
CA ARG G 44 32.05 72.75 -2.51
C ARG G 44 32.75 72.46 -3.83
N LEU G 45 33.23 71.23 -3.99
CA LEU G 45 34.07 70.88 -5.11
C LEU G 45 33.25 70.80 -6.39
N GLU G 46 33.52 71.69 -7.34
CA GLU G 46 32.81 71.74 -8.59
C GLU G 46 33.78 71.57 -9.75
N LEU G 47 33.30 71.86 -10.95
CA LEU G 47 34.00 71.57 -12.18
C LEU G 47 34.20 72.85 -12.97
N VAL G 48 35.29 72.92 -13.73
CA VAL G 48 35.47 74.03 -14.65
C VAL G 48 35.51 73.50 -16.08
N ALA G 49 36.51 72.67 -16.39
CA ALA G 49 36.77 72.30 -17.78
C ALA G 49 37.11 70.82 -17.90
N VAL G 50 36.57 70.17 -18.93
CA VAL G 50 36.86 68.78 -19.24
C VAL G 50 37.43 68.73 -20.65
N ILE G 51 38.59 68.10 -20.81
CA ILE G 51 39.34 68.08 -22.05
C ILE G 51 39.42 66.66 -22.59
N ASN G 52 40.11 66.48 -23.72
CA ASN G 52 40.49 65.16 -24.20
C ASN G 52 41.94 64.88 -23.84
N SER G 53 42.34 63.62 -24.04
CA SER G 53 43.72 63.24 -23.83
C SER G 53 44.62 63.62 -25.01
N ASN G 54 44.06 63.91 -26.17
CA ASN G 54 44.86 64.22 -27.36
C ASN G 54 44.51 65.59 -27.94
N GLY G 55 44.08 66.52 -27.10
CA GLY G 55 43.51 67.74 -27.60
C GLY G 55 42.07 67.48 -27.99
N GLY G 56 41.90 66.85 -29.16
CA GLY G 56 40.69 66.15 -29.57
C GLY G 56 39.38 66.90 -29.47
N ASN G 57 38.52 66.44 -28.56
CA ASN G 57 37.29 67.14 -28.24
C ASN G 57 37.35 67.61 -26.80
N THR G 58 36.23 68.11 -26.28
CA THR G 58 36.14 68.51 -24.89
C THR G 58 34.80 68.04 -24.34
N TYR G 59 34.55 68.32 -23.07
CA TYR G 59 33.23 68.13 -22.48
C TYR G 59 32.88 69.31 -21.60
N TYR G 60 31.60 69.63 -21.55
CA TYR G 60 31.08 70.77 -20.83
C TYR G 60 30.26 70.31 -19.64
N PRO G 61 30.59 70.73 -18.42
CA PRO G 61 29.68 70.52 -17.29
C PRO G 61 28.41 71.33 -17.50
N ASP G 62 27.31 70.81 -16.96
CA ASP G 62 25.98 71.18 -17.43
C ASP G 62 25.60 72.62 -17.09
N ASN G 63 25.87 73.05 -15.86
CA ASN G 63 25.45 74.39 -15.46
C ASN G 63 26.36 75.46 -16.05
N VAL G 64 27.66 75.16 -16.18
CA VAL G 64 28.62 76.10 -16.75
C VAL G 64 28.73 75.95 -18.27
N LYS G 65 27.87 75.13 -18.88
CA LYS G 65 27.92 74.89 -20.32
C LYS G 65 27.57 76.14 -21.10
N GLY G 66 28.44 76.49 -22.05
CA GLY G 66 28.28 77.71 -22.82
C GLY G 66 28.89 78.93 -22.18
N ARG G 67 29.59 78.78 -21.06
CA ARG G 67 30.18 79.90 -20.34
C ARG G 67 31.70 79.84 -20.35
N PHE G 68 32.27 79.00 -21.22
CA PHE G 68 33.71 78.81 -21.29
C PHE G 68 34.05 78.09 -22.58
N THR G 69 35.33 78.15 -22.95
CA THR G 69 35.88 77.34 -24.03
C THR G 69 37.29 76.91 -23.66
N ILE G 70 37.73 75.81 -24.27
CA ILE G 70 39.01 75.17 -23.94
C ILE G 70 39.83 75.09 -25.22
N SER G 71 41.13 75.38 -25.11
CA SER G 71 42.05 75.16 -26.21
C SER G 71 43.36 74.61 -25.67
N ARG G 72 43.88 73.58 -26.33
CA ARG G 72 45.12 72.92 -25.93
C ARG G 72 46.18 73.17 -26.98
N ASP G 73 47.19 73.96 -26.62
CA ASP G 73 48.37 74.15 -27.44
C ASP G 73 49.40 73.12 -26.98
N ASN G 74 49.49 72.02 -27.73
CA ASN G 74 50.20 70.84 -27.26
C ASN G 74 51.71 70.98 -27.36
N ALA G 75 52.20 71.79 -28.30
CA ALA G 75 53.64 71.88 -28.50
C ALA G 75 54.33 72.68 -27.40
N GLU G 76 53.68 73.73 -26.91
CA GLU G 76 54.31 74.62 -25.94
C GLU G 76 53.95 74.30 -24.49
N ASN G 77 53.07 73.31 -24.28
CA ASN G 77 52.75 72.73 -22.96
C ASN G 77 52.16 73.77 -22.00
N THR G 78 51.09 74.40 -22.46
CA THR G 78 50.30 75.30 -21.60
C THR G 78 48.87 75.28 -22.10
N LEU G 79 47.95 74.88 -21.24
CA LEU G 79 46.54 74.80 -21.60
C LEU G 79 45.89 76.17 -21.46
N TYR G 80 44.89 76.44 -22.28
CA TYR G 80 44.16 77.69 -22.24
C TYR G 80 42.68 77.44 -22.01
N LEU G 81 42.05 78.39 -21.33
CA LEU G 81 40.66 78.24 -20.92
C LEU G 81 40.05 79.65 -20.84
N GLN G 82 39.20 79.97 -21.80
CA GLN G 82 38.60 81.30 -21.90
C GLN G 82 37.15 81.20 -21.45
N MET G 83 36.85 81.74 -20.27
CA MET G 83 35.49 81.71 -19.77
C MET G 83 34.70 82.92 -20.24
N SER G 84 33.40 82.88 -20.00
CA SER G 84 32.52 83.96 -20.43
C SER G 84 31.30 84.00 -19.53
N SER G 85 30.75 85.22 -19.38
CA SER G 85 29.52 85.49 -18.62
C SER G 85 29.63 85.06 -17.17
N LEU G 86 30.74 85.41 -16.52
CA LEU G 86 31.01 84.98 -15.16
C LEU G 86 30.15 85.78 -14.18
N LYS G 87 29.24 85.09 -13.51
CA LYS G 87 28.32 85.70 -12.57
C LYS G 87 28.91 85.72 -11.17
N SER G 88 28.06 86.02 -10.18
CA SER G 88 28.49 86.04 -8.79
C SER G 88 28.74 84.66 -8.21
N GLU G 89 28.23 83.61 -8.85
CA GLU G 89 28.34 82.25 -8.34
C GLU G 89 29.51 81.50 -8.97
N ASP G 90 30.51 82.22 -9.49
CA ASP G 90 31.75 81.63 -9.95
C ASP G 90 32.95 82.18 -9.19
N THR G 91 32.71 82.93 -8.12
CA THR G 91 33.77 83.41 -7.24
C THR G 91 34.28 82.22 -6.44
N ALA G 92 35.34 81.58 -6.94
CA ALA G 92 35.84 80.35 -6.35
C ALA G 92 37.28 80.13 -6.78
N LEU G 93 38.03 79.43 -5.94
CA LEU G 93 39.39 79.06 -6.27
C LEU G 93 39.36 77.91 -7.25
N TYR G 94 40.11 78.02 -8.34
CA TYR G 94 40.09 77.01 -9.39
C TYR G 94 41.42 76.30 -9.43
N TYR G 95 41.37 74.98 -9.53
CA TYR G 95 42.57 74.15 -9.58
C TYR G 95 42.65 73.49 -10.95
N CYS G 96 43.84 73.49 -11.53
CA CYS G 96 44.14 72.66 -12.69
C CYS G 96 44.84 71.39 -12.23
N ALA G 97 44.40 70.26 -12.76
CA ALA G 97 44.92 68.98 -12.31
C ALA G 97 45.06 68.03 -13.50
N ARG G 98 46.23 67.41 -13.60
CA ARG G 98 46.40 66.32 -14.55
C ARG G 98 45.62 65.10 -14.09
N ARG G 99 45.07 64.37 -15.04
CA ARG G 99 44.20 63.24 -14.75
C ARG G 99 44.96 61.93 -14.89
N ASP G 100 44.25 60.82 -14.70
CA ASP G 100 44.85 59.49 -14.68
C ASP G 100 44.85 58.88 -16.09
N TYR G 101 45.21 57.61 -16.17
CA TYR G 101 45.11 56.86 -17.41
C TYR G 101 43.78 56.14 -17.56
N ASP G 102 43.03 55.98 -16.46
CA ASP G 102 41.66 55.50 -16.54
C ASP G 102 40.74 56.37 -17.41
N GLY G 103 40.64 57.71 -17.19
CA GLY G 103 41.39 58.62 -16.33
C GLY G 103 40.57 59.56 -15.49
N PHE G 104 39.47 59.06 -14.93
CA PHE G 104 38.60 59.94 -14.15
C PHE G 104 39.12 60.19 -12.74
N ALA G 105 40.28 59.66 -12.38
CA ALA G 105 41.01 60.18 -11.24
C ALA G 105 42.01 61.24 -11.70
N MET G 106 42.62 61.90 -10.72
CA MET G 106 43.68 62.88 -11.00
C MET G 106 44.95 62.50 -10.25
N ASP G 107 46.08 62.58 -10.93
CA ASP G 107 47.36 62.22 -10.34
C ASP G 107 48.19 63.43 -9.94
N TYR G 108 48.24 64.45 -10.81
CA TYR G 108 49.01 65.65 -10.52
C TYR G 108 48.07 66.83 -10.34
N TRP G 109 48.60 67.90 -9.79
CA TRP G 109 47.81 69.09 -9.50
C TRP G 109 48.64 70.33 -9.76
N GLY G 110 47.93 71.41 -10.11
CA GLY G 110 48.48 72.74 -10.00
C GLY G 110 48.28 73.28 -8.61
N GLN G 111 48.86 74.45 -8.34
CA GLN G 111 48.77 75.02 -7.00
C GLN G 111 47.39 75.60 -6.75
N GLY G 112 46.89 76.43 -7.66
CA GLY G 112 45.54 76.94 -7.56
C GLY G 112 45.46 78.42 -7.87
N THR G 113 44.60 78.78 -8.81
CA THR G 113 44.31 80.18 -9.07
C THR G 113 43.10 80.62 -8.27
N SER G 114 42.92 81.92 -8.17
CA SER G 114 41.85 82.52 -7.37
C SER G 114 41.07 83.48 -8.26
N VAL G 115 39.88 83.06 -8.67
CA VAL G 115 39.02 83.87 -9.53
C VAL G 115 37.89 84.44 -8.68
N THR G 116 37.88 85.76 -8.55
CA THR G 116 36.86 86.45 -7.76
C THR G 116 35.87 87.18 -8.67
N ASP H 1 20.74 62.20 -9.75
CA ASP H 1 22.20 62.16 -9.72
C ASP H 1 22.70 61.57 -8.40
N ILE H 2 23.78 60.80 -8.48
CA ILE H 2 24.44 60.32 -7.28
C ILE H 2 25.16 61.49 -6.63
N GLN H 3 25.18 61.53 -5.29
CA GLN H 3 25.87 62.58 -4.56
C GLN H 3 26.61 61.97 -3.37
N LEU H 4 27.92 62.15 -3.36
CA LEU H 4 28.72 61.72 -2.22
C LEU H 4 28.58 62.73 -1.07
N THR H 5 28.51 62.20 0.15
CA THR H 5 28.56 63.04 1.34
C THR H 5 29.46 62.37 2.36
N GLN H 6 30.13 63.19 3.18
CA GLN H 6 31.17 62.72 4.07
C GLN H 6 30.77 62.95 5.51
N SER H 7 31.22 62.06 6.40
CA SER H 7 30.87 62.13 7.80
C SER H 7 31.96 61.48 8.65
N PRO H 8 32.44 62.17 9.71
CA PRO H 8 32.08 63.53 10.09
C PRO H 8 32.99 64.58 9.44
N ALA H 9 32.40 65.71 9.03
CA ALA H 9 33.13 66.71 8.27
C ALA H 9 34.13 67.50 9.13
N SER H 10 34.06 67.38 10.45
CA SER H 10 34.99 68.09 11.33
C SER H 10 35.09 67.35 12.65
N LEU H 11 36.32 67.02 13.04
CA LEU H 11 36.59 66.34 14.31
C LEU H 11 38.07 66.48 14.62
N ALA H 12 38.45 66.00 15.79
CA ALA H 12 39.84 66.04 16.26
C ALA H 12 40.03 65.00 17.35
N VAL H 13 40.88 64.01 17.10
CA VAL H 13 41.15 62.93 18.04
C VAL H 13 42.63 63.01 18.39
N SER H 14 43.03 62.32 19.46
CA SER H 14 44.40 62.35 19.95
C SER H 14 45.32 61.50 19.08
N LEU H 15 46.56 61.32 19.53
CA LEU H 15 47.56 60.61 18.75
C LEU H 15 47.40 59.11 18.88
N GLY H 16 47.69 58.40 17.79
CA GLY H 16 47.70 56.95 17.80
C GLY H 16 46.34 56.30 17.92
N GLN H 17 45.36 56.77 17.15
CA GLN H 17 44.00 56.29 17.26
C GLN H 17 43.53 55.68 15.94
N ARG H 18 42.32 55.12 15.98
CA ARG H 18 41.67 54.52 14.81
C ARG H 18 40.74 55.60 14.25
N ALA H 19 41.29 56.49 13.42
CA ALA H 19 40.55 57.61 12.87
C ALA H 19 39.81 57.15 11.63
N THR H 20 38.55 56.77 11.81
CA THR H 20 37.71 56.23 10.74
C THR H 20 36.80 57.33 10.21
N ILE H 21 36.79 57.51 8.90
CA ILE H 21 35.98 58.53 8.24
C ILE H 21 35.14 57.83 7.19
N SER H 22 33.82 57.91 7.34
CA SER H 22 32.91 57.24 6.42
C SER H 22 32.39 58.22 5.38
N CYS H 23 32.01 57.68 4.22
CA CYS H 23 31.40 58.47 3.16
C CYS H 23 30.20 57.70 2.61
N ARG H 24 29.10 58.41 2.37
CA ARG H 24 27.87 57.81 1.91
C ARG H 24 27.43 58.44 0.60
N ALA H 25 26.59 57.72 -0.13
CA ALA H 25 26.01 58.21 -1.37
C ALA H 25 24.67 57.53 -1.58
N SER H 26 24.08 57.75 -2.74
CA SER H 26 22.75 57.23 -3.02
C SER H 26 22.78 55.85 -3.66
N GLN H 27 23.39 55.73 -4.83
CA GLN H 27 23.38 54.50 -5.60
C GLN H 27 24.67 53.71 -5.37
N SER H 28 24.56 52.41 -5.53
CA SER H 28 25.76 51.56 -5.52
C SER H 28 26.54 51.77 -6.79
N VAL H 29 27.84 52.02 -6.66
CA VAL H 29 28.69 52.27 -7.81
C VAL H 29 29.73 51.18 -8.01
N SER H 30 30.06 50.40 -6.98
CA SER H 30 31.19 49.47 -7.01
C SER H 30 30.64 48.08 -7.25
N THR H 31 30.68 47.63 -8.50
CA THR H 31 29.90 46.46 -8.89
C THR H 31 30.73 45.25 -9.30
N SER H 32 31.57 45.37 -10.34
CA SER H 32 32.00 44.16 -11.03
C SER H 32 33.16 43.46 -10.34
N ARG H 33 34.34 44.06 -10.41
CA ARG H 33 35.48 43.58 -9.64
C ARG H 33 36.35 44.69 -9.07
N TYR H 34 36.20 45.93 -9.51
CA TYR H 34 36.91 47.06 -8.96
C TYR H 34 35.93 47.92 -8.18
N SER H 35 36.42 48.52 -7.11
CA SER H 35 35.60 49.50 -6.40
C SER H 35 35.76 50.86 -7.06
N TYR H 36 34.91 51.80 -6.66
CA TYR H 36 34.89 53.11 -7.33
C TYR H 36 34.76 54.19 -6.27
N MET H 37 35.91 54.72 -5.83
CA MET H 37 36.08 56.06 -5.28
C MET H 37 37.57 56.31 -5.13
N HIS H 38 37.98 57.55 -5.37
CA HIS H 38 39.37 57.96 -5.18
C HIS H 38 39.41 58.91 -3.98
N TRP H 39 40.03 58.48 -2.90
CA TRP H 39 40.20 59.34 -1.74
C TRP H 39 41.25 60.39 -2.05
N TYR H 40 40.86 61.65 -1.93
CA TYR H 40 41.84 62.73 -1.96
C TYR H 40 42.03 63.29 -0.57
N GLN H 41 43.28 63.63 -0.25
CA GLN H 41 43.54 64.33 0.99
C GLN H 41 44.65 65.34 0.75
N HIS H 42 44.46 66.53 1.33
CA HIS H 42 45.47 67.57 1.28
C HIS H 42 45.18 68.61 2.36
N LYS H 43 46.23 69.31 2.75
CA LYS H 43 46.11 70.40 3.69
C LYS H 43 45.40 71.59 3.04
N PRO H 44 44.85 72.51 3.85
CA PRO H 44 44.29 73.74 3.28
C PRO H 44 45.36 74.60 2.60
N GLY H 45 45.15 74.86 1.30
CA GLY H 45 46.04 75.67 0.50
C GLY H 45 46.96 74.90 -0.43
N GLN H 46 47.54 73.81 0.04
CA GLN H 46 48.46 72.91 -0.68
C GLN H 46 47.69 71.72 -1.25
N PRO H 47 48.03 71.25 -2.44
CA PRO H 47 47.45 70.00 -2.95
C PRO H 47 48.36 68.79 -2.80
N PRO H 48 48.51 68.20 -1.61
CA PRO H 48 48.80 66.76 -1.58
C PRO H 48 47.80 65.94 -2.38
N LYS H 49 48.31 64.85 -2.94
CA LYS H 49 47.68 64.17 -4.05
C LYS H 49 46.62 63.18 -3.57
N LEU H 50 46.18 62.33 -4.50
CA LEU H 50 45.42 61.15 -4.17
C LEU H 50 46.25 60.22 -3.30
N LEU H 51 45.56 59.45 -2.46
CA LEU H 51 46.23 58.44 -1.64
C LEU H 51 45.68 57.04 -1.87
N ILE H 52 44.43 56.93 -2.29
CA ILE H 52 43.79 55.65 -2.54
C ILE H 52 43.13 55.72 -3.91
N LYS H 53 43.41 54.75 -4.77
CA LYS H 53 42.87 54.82 -6.13
C LYS H 53 41.42 54.33 -6.17
N TYR H 54 41.18 53.07 -5.84
CA TYR H 54 39.84 52.52 -5.95
C TYR H 54 39.22 52.16 -4.60
N ALA H 55 39.85 51.29 -3.84
CA ALA H 55 39.37 51.04 -2.49
C ALA H 55 40.48 51.08 -1.45
N SER H 56 41.63 50.51 -1.76
CA SER H 56 42.78 50.57 -0.86
C SER H 56 44.09 50.70 -1.62
N ASN H 57 44.05 50.98 -2.92
CA ASN H 57 45.25 50.98 -3.74
C ASN H 57 46.06 52.23 -3.44
N LEU H 58 47.15 52.06 -2.70
CA LEU H 58 48.01 53.16 -2.32
C LEU H 58 48.83 53.64 -3.51
N GLU H 59 49.25 54.89 -3.42
CA GLU H 59 50.03 55.51 -4.48
C GLU H 59 51.49 55.59 -4.08
N SER H 60 52.28 56.31 -4.88
CA SER H 60 53.72 56.41 -4.66
C SER H 60 54.03 57.37 -3.52
N GLY H 61 54.83 56.90 -2.57
CA GLY H 61 55.29 57.75 -1.49
C GLY H 61 54.24 58.10 -0.46
N VAL H 62 53.46 57.12 -0.02
CA VAL H 62 52.39 57.37 0.93
C VAL H 62 52.78 56.78 2.28
N PRO H 63 52.20 57.24 3.38
CA PRO H 63 52.39 56.56 4.66
C PRO H 63 51.64 55.24 4.70
N ALA H 64 51.86 54.51 5.78
CA ALA H 64 51.17 53.25 6.02
C ALA H 64 50.19 53.33 7.18
N ARG H 65 49.86 54.54 7.62
CA ARG H 65 49.02 54.75 8.79
C ARG H 65 47.58 54.98 8.44
N PHE H 66 47.09 54.43 7.33
CA PHE H 66 45.71 54.58 6.94
C PHE H 66 45.28 53.38 6.12
N SER H 67 43.97 53.23 5.96
CA SER H 67 43.40 52.20 5.11
C SER H 67 42.02 52.65 4.67
N GLY H 68 41.50 52.00 3.64
CA GLY H 68 40.19 52.32 3.11
C GLY H 68 39.43 51.07 2.75
N SER H 69 38.16 51.04 3.12
CA SER H 69 37.31 49.88 2.85
C SER H 69 35.91 50.37 2.54
N GLY H 70 34.97 49.45 2.49
CA GLY H 70 33.58 49.78 2.26
C GLY H 70 33.12 49.35 0.87
N SER H 71 31.81 49.22 0.73
CA SER H 71 31.22 48.76 -0.52
C SER H 71 29.77 49.27 -0.60
N GLY H 72 29.16 49.03 -1.75
CA GLY H 72 27.79 49.44 -1.99
C GLY H 72 27.63 50.93 -2.07
N THR H 73 26.85 51.50 -1.16
CA THR H 73 26.70 52.94 -1.04
C THR H 73 27.43 53.49 0.18
N ASP H 74 28.28 52.70 0.80
CA ASP H 74 28.99 53.12 2.02
C ASP H 74 30.43 52.65 1.94
N PHE H 75 31.31 53.53 1.51
CA PHE H 75 32.74 53.33 1.66
C PHE H 75 33.22 54.11 2.88
N THR H 76 34.49 53.87 3.23
CA THR H 76 35.08 54.59 4.34
C THR H 76 36.59 54.59 4.20
N LEU H 77 37.23 55.47 4.95
CA LEU H 77 38.68 55.45 5.15
C LEU H 77 38.96 55.43 6.64
N ASN H 78 39.99 54.69 7.02
CA ASN H 78 40.36 54.57 8.43
C ASN H 78 41.85 54.88 8.56
N ILE H 79 42.17 56.00 9.18
CA ILE H 79 43.55 56.32 9.55
C ILE H 79 43.85 55.65 10.89
N HIS H 80 44.79 54.71 10.87
CA HIS H 80 45.24 54.10 12.11
C HIS H 80 46.68 53.62 11.97
N PRO H 81 47.59 54.06 12.83
CA PRO H 81 47.35 55.07 13.87
C PRO H 81 47.46 56.50 13.35
N VAL H 82 47.36 57.47 14.25
CA VAL H 82 47.18 58.87 13.91
C VAL H 82 48.53 59.57 13.95
N GLU H 83 48.90 60.22 12.84
CA GLU H 83 50.14 60.98 12.79
C GLU H 83 49.95 62.39 13.33
N GLU H 84 51.03 63.15 13.31
CA GLU H 84 51.04 64.51 13.81
C GLU H 84 50.84 65.55 12.72
N GLU H 85 50.97 65.16 11.45
CA GLU H 85 50.73 66.05 10.32
C GLU H 85 49.31 65.87 9.77
N ASP H 86 48.36 65.57 10.64
CA ASP H 86 46.99 65.26 10.25
C ASP H 86 46.07 66.45 10.31
N THR H 87 46.57 67.65 10.04
CA THR H 87 45.74 68.86 9.94
C THR H 87 45.46 69.15 8.46
N ALA H 88 44.65 68.29 7.88
CA ALA H 88 44.31 68.36 6.46
C ALA H 88 42.83 68.09 6.29
N THR H 89 42.32 68.39 5.09
CA THR H 89 40.93 68.10 4.76
C THR H 89 40.92 66.95 3.75
N TYR H 90 40.02 66.00 3.95
CA TYR H 90 40.01 64.78 3.15
C TYR H 90 38.75 64.75 2.30
N TYR H 91 38.87 64.15 1.11
CA TYR H 91 37.87 64.31 0.07
C TYR H 91 37.59 62.98 -0.62
N CYS H 92 36.43 62.94 -1.30
CA CYS H 92 35.92 61.74 -1.95
C CYS H 92 35.62 62.01 -3.41
N GLN H 93 35.97 61.06 -4.27
CA GLN H 93 35.61 61.16 -5.68
C GLN H 93 35.47 59.78 -6.30
N HIS H 94 34.25 59.39 -6.62
CA HIS H 94 33.96 58.61 -7.81
C HIS H 94 32.93 59.39 -8.59
N SER H 95 33.10 59.49 -9.91
CA SER H 95 32.20 60.39 -10.59
C SER H 95 30.86 59.73 -10.93
N TRP H 96 30.80 59.16 -12.14
CA TRP H 96 29.77 58.32 -12.74
C TRP H 96 30.13 58.27 -14.22
N GLU H 97 29.26 57.70 -15.05
CA GLU H 97 29.09 58.22 -16.40
C GLU H 97 28.94 59.73 -16.34
N ASN H 98 27.87 60.18 -15.66
CA ASN H 98 27.50 61.55 -15.35
C ASN H 98 28.70 62.31 -14.79
N PRO H 99 29.08 63.48 -15.39
CA PRO H 99 30.49 63.90 -15.51
C PRO H 99 31.39 63.75 -14.30
N TYR H 100 31.10 64.46 -13.21
CA TYR H 100 31.89 64.31 -11.99
C TYR H 100 31.04 64.58 -10.77
N THR H 101 31.04 63.63 -9.84
CA THR H 101 30.33 63.71 -8.58
C THR H 101 31.33 63.86 -7.45
N PHE H 102 31.18 64.90 -6.63
CA PHE H 102 32.08 65.15 -5.53
C PHE H 102 31.35 65.02 -4.20
N GLY H 103 32.14 64.84 -3.15
CA GLY H 103 31.67 64.86 -1.78
C GLY H 103 31.89 66.21 -1.14
N GLY H 104 31.92 66.21 0.19
CA GLY H 104 32.10 67.44 0.94
C GLY H 104 33.55 67.66 1.31
N GLY H 105 33.88 67.35 2.56
CA GLY H 105 35.24 67.48 3.03
C GLY H 105 35.33 67.30 4.53
N THR H 106 36.34 66.57 5.00
CA THR H 106 36.48 66.27 6.42
C THR H 106 37.79 66.86 6.92
N LYS H 107 37.69 67.96 7.66
CA LYS H 107 38.85 68.59 8.28
C LYS H 107 39.10 67.96 9.64
N LEU H 108 40.34 67.54 9.87
CA LEU H 108 40.73 66.84 11.09
C LEU H 108 41.87 67.59 11.76
N GLU H 109 41.85 67.60 13.10
CA GLU H 109 42.95 68.16 13.87
C GLU H 109 43.46 67.11 14.85
N ILE H 110 44.54 67.46 15.53
CA ILE H 110 45.19 66.59 16.52
C ILE H 110 44.88 67.16 17.90
N LYS H 111 44.26 66.34 18.74
CA LYS H 111 44.01 66.74 20.12
C LYS H 111 45.33 66.87 20.87
N ARG H 112 45.40 67.86 21.76
CA ARG H 112 46.56 68.07 22.60
C ARG H 112 46.17 68.77 23.89
#